data_4Z7O
#
_entry.id   4Z7O
#
_cell.length_a   259.918
_cell.length_b   144.524
_cell.length_c   104.650
_cell.angle_alpha   90.00
_cell.angle_beta   90.00
_cell.angle_gamma   90.00
#
_symmetry.space_group_name_H-M   'P 21 21 2'
#
loop_
_entity.id
_entity.type
_entity.pdbx_description
1 polymer 'Integrin alpha-IIb'
2 polymer 'Integrin beta-3'
3 polymer 'Monoclonal antibody 10E5 Fab heavy chain'
4 polymer 'Monoclonal antibody 10E5 Fab light chain'
5 polymer 'Tetrapeptide ALA-GLY-ASP-VAL'
6 branched alpha-D-mannopyranose-(1-3)-[alpha-D-mannopyranose-(1-6)]beta-D-mannopyranose-(1-4)-2-acetamido-2-deoxy-beta-D-glucopyranose-(1-4)-2-acetamido-2-deoxy-beta-D-glucopyranose
7 branched 2-acetamido-2-deoxy-beta-D-glucopyranose-(1-4)-2-acetamido-2-deoxy-beta-D-glucopyranose
8 branched alpha-D-mannopyranose-(1-3)-beta-D-mannopyranose-(1-4)-2-acetamido-2-deoxy-beta-D-glucopyranose-(1-4)-2-acetamido-2-deoxy-beta-D-glucopyranose
9 non-polymer 'SULFATE ION'
10 non-polymer 'CALCIUM ION'
11 non-polymer 'MANGANESE (II) ION'
12 non-polymer 2-acetamido-2-deoxy-beta-D-glucopyranose
13 non-polymer 'CHLORIDE ION'
14 water water
#
loop_
_entity_poly.entity_id
_entity_poly.type
_entity_poly.pdbx_seq_one_letter_code
_entity_poly.pdbx_strand_id
1 'polypeptide(L)'
;LNLDPVQLTFYAGPNGSQFGFSLDFHKDSHGRVAIVVGAPRTLGPSQEETGGVFLCPWRAEGGQCPSLLFDLRDETRNVG
SQTLQTFKARQGLGASVVSWSDVIVACAPWQHWNVLEKTEEAEKTPVGSCFLAQPESGRRAEYSPCRGNTLSRIYVENDF
SWDKRYCEAGFSSVVTQAGELVLGAPGGYYFLGLLAQAPVADIFSSYRPGILLWHVSSQSLSFDSSNPEYFDGYWGYSVA
VGEFDGDLNTTEYVVGAPTWSWTLGAVEILDSYYQRLHRLRGEQMASYFGHSVAVTDVNGDGRHDLLVGAPLYMESRADR
KLAEVGRVYLFLQPRGPHALGAPSLLLTGTQLYGRFGSAIAPLGDLDRDGYNDIAVAAPYGGPSGRGQVLVFLGQSEGLR
SRPSQVLDSPFPTGSAFGFSLRGAVDIDDNGYPDLIVGAYGANQVAVYRAQPVVK
;
A,C
2 'polypeptide(L)'
;NICTTRGVSSCQQCLAVSPMCAWCSDEALPLGSPRCDLKENLLKDNCAPESIEFPVSEARVLEDRPLSDKGSGDSSQVTQ
VSPQRIALRLRPDDSKNFSIQVRQVEDYPVDIYYLMDLSYSMKDDLWSIQNLGTKLATQMRKLTSNLRIGFGAFVDKPVS
PYMYISPPEALENPCYDMKTTCLPMFGYKHVLTLTDQVTRFNEEVKKQSVSRNRDAPEGGFDAIMQATVCDEKIGWRNDA
SHLLVFTTDAKTHIALDGRLAGIVQPNDGQCHVGSDNHYSASTTMDYPSLGLMTEKLSQKNINLIFAVTENVVNLYQNYS
ELIPGTTVGVLSMDSSNVLQLIVDAYGKIRSKVELEVRDLPEELSLSFNATCLNNEVIPGLKSCMGLKIGDTVSFSIEAK
VRGCPQEKEKSFTIKPVGFKDSLIVQVTFDCDCACQAQAEPNSHRCNNGNGTFECGVCRCGPGWLGSQC
;
B,D
3 'polypeptide(L)'
;EVQLQQSGAELVKPGASVKLSCTASGFNIKDTYVHWVKQRPEQGLEWIGRIDPANGYTKYDPKFQGKATITADTSSNTAY
LQLSSLTSEDTAVYYCVRPLYDYYAMDYWGQGTSVTVSSAKTTAPSVYPLAPVCGDTTGSSVTLGCLVKGYFPEPVTLTW
NSGSLSSGVHTFPAVLQSDLYTLSSSVTVTSSTWPSQSITCNVAHPASSTKVDKKIEPRGP
;
E,H
4 'polypeptide(L)'
;DILMTQSPSSMSVSLGDTVSITCHASQGISSNIGWLQQKPGKSFMGLIYYGTNLVDGVPSRFSGSGSGADYSLTISSLDS
EDFADYYCVQYAQLPYTFGGGTKLEIKRADAAPTVSIFPPSSEQLTSGGASVVCFLNNFYPKDINVKWKIDGSERQNGVL
NSWTDQDSKDSTYSMSSTLTLTKDEYERHNSYTCEATHKTSTSPIVKSFNRNEC
;
F,L
5 'polypeptide(L)' AGDV G,I
#
loop_
_chem_comp.id
_chem_comp.type
_chem_comp.name
_chem_comp.formula
BMA D-saccharide, beta linking beta-D-mannopyranose 'C6 H12 O6'
CA non-polymer 'CALCIUM ION' 'Ca 2'
CL non-polymer 'CHLORIDE ION' 'Cl -1'
MAN D-saccharide, alpha linking alpha-D-mannopyranose 'C6 H12 O6'
MN non-polymer 'MANGANESE (II) ION' 'Mn 2'
NAG D-saccharide, beta linking 2-acetamido-2-deoxy-beta-D-glucopyranose 'C8 H15 N O6'
SO4 non-polymer 'SULFATE ION' 'O4 S -2'
#
# COMPACT_ATOMS: atom_id res chain seq x y z
N LEU A 1 27.24 4.79 39.37
CA LEU A 1 28.18 4.03 40.23
C LEU A 1 28.69 4.89 41.38
N ASN A 2 29.43 5.96 41.03
CA ASN A 2 30.08 6.81 42.01
C ASN A 2 29.40 8.17 42.12
N LEU A 3 28.07 8.18 42.16
CA LEU A 3 27.32 9.37 42.53
C LEU A 3 27.02 9.29 44.01
N ASP A 4 27.23 10.40 44.72
CA ASP A 4 27.06 10.43 46.16
C ASP A 4 25.58 10.54 46.53
N PRO A 5 24.94 9.47 47.01
CA PRO A 5 23.53 9.54 47.36
C PRO A 5 23.25 9.96 48.80
N VAL A 6 24.28 10.23 49.58
CA VAL A 6 24.14 10.57 51.00
C VAL A 6 24.01 12.08 51.15
N GLN A 7 25.00 12.82 50.68
CA GLN A 7 25.05 14.28 50.84
C GLN A 7 24.61 14.93 49.53
N LEU A 8 23.31 15.19 49.41
CA LEU A 8 22.77 15.86 48.24
C LEU A 8 22.67 17.37 48.48
N THR A 9 22.29 18.08 47.43
CA THR A 9 22.02 19.51 47.51
C THR A 9 20.60 19.73 47.01
N PHE A 10 19.84 20.55 47.74
CA PHE A 10 18.43 20.76 47.43
C PHE A 10 18.17 22.23 47.20
N TYR A 11 17.81 22.57 45.96
CA TYR A 11 17.26 23.88 45.62
C TYR A 11 15.74 23.78 45.62
N ALA A 12 15.08 24.89 45.90
CA ALA A 12 13.64 24.88 46.04
C ALA A 12 13.05 26.20 45.55
N GLY A 13 11.77 26.14 45.19
CA GLY A 13 11.06 27.30 44.71
C GLY A 13 9.66 27.38 45.26
N PRO A 14 8.90 28.39 44.84
CA PRO A 14 7.55 28.59 45.38
C PRO A 14 6.71 27.32 45.28
N ASN A 15 5.76 27.18 46.18
CA ASN A 15 4.86 26.03 46.19
CA ASN A 15 4.87 26.03 46.18
C ASN A 15 3.89 26.12 45.02
N GLY A 16 3.68 24.99 44.35
CA GLY A 16 2.78 24.95 43.22
C GLY A 16 3.31 25.58 41.96
N SER A 17 4.59 25.94 41.92
CA SER A 17 5.20 26.53 40.73
C SER A 17 5.79 25.47 39.80
N GLN A 18 5.79 24.20 40.19
CA GLN A 18 6.41 23.15 39.40
C GLN A 18 7.88 23.45 39.12
N PHE A 19 8.52 24.15 40.05
CA PHE A 19 9.96 24.39 40.01
C PHE A 19 10.70 23.07 39.83
N GLY A 20 11.51 22.99 38.78
CA GLY A 20 12.20 21.76 38.44
C GLY A 20 11.57 20.99 37.29
N PHE A 21 10.52 21.52 36.69
CA PHE A 21 9.93 20.89 35.51
C PHE A 21 10.95 20.78 34.38
N SER A 22 11.94 21.67 34.37
CA SER A 22 12.99 21.68 33.37
C SER A 22 14.24 22.28 34.00
N LEU A 23 15.39 21.85 33.52
CA LEU A 23 16.64 22.37 34.06
C LEU A 23 17.77 22.11 33.07
N ASP A 24 18.91 22.77 33.33
CA ASP A 24 20.11 22.61 32.54
C ASP A 24 21.23 23.37 33.23
N PHE A 25 22.46 22.93 33.00
CA PHE A 25 23.63 23.63 33.52
C PHE A 25 23.88 24.90 32.70
N HIS A 26 24.56 25.86 33.31
CA HIS A 26 24.80 27.14 32.66
C HIS A 26 26.14 27.70 33.11
N LYS A 27 27.05 27.91 32.16
CA LYS A 27 28.34 28.52 32.42
C LYS A 27 28.32 29.97 31.95
N ASP A 28 28.73 30.89 32.82
CA ASP A 28 28.81 32.29 32.44
C ASP A 28 30.09 32.51 31.62
N SER A 29 30.41 33.78 31.36
CA SER A 29 31.60 34.10 30.58
C SER A 29 32.87 33.57 31.23
N HIS A 30 32.85 33.36 32.55
CA HIS A 30 34.03 32.94 33.30
C HIS A 30 34.05 31.44 33.57
N GLY A 31 33.10 30.70 33.03
CA GLY A 31 33.03 29.26 33.24
C GLY A 31 32.38 28.85 34.54
N ARG A 32 31.92 29.80 35.35
CA ARG A 32 31.26 29.49 36.62
C ARG A 32 29.94 28.77 36.33
N VAL A 33 29.87 27.49 36.67
CA VAL A 33 28.67 26.71 36.38
C VAL A 33 27.55 27.11 37.32
N ALA A 34 26.34 27.23 36.78
CA ALA A 34 25.14 27.45 37.57
C ALA A 34 24.08 26.45 37.15
N ILE A 35 22.86 26.60 37.66
CA ILE A 35 21.75 25.74 37.28
C ILE A 35 20.56 26.63 36.96
N VAL A 36 20.08 26.57 35.73
CA VAL A 36 18.86 27.26 35.35
C VAL A 36 17.70 26.30 35.51
N VAL A 37 16.64 26.76 36.16
CA VAL A 37 15.48 25.92 36.47
C VAL A 37 14.23 26.63 35.99
N GLY A 38 13.31 25.87 35.44
CA GLY A 38 12.04 26.40 34.96
C GLY A 38 10.91 26.03 35.90
N ALA A 39 10.01 26.98 36.11
CA ALA A 39 8.85 26.78 36.99
C ALA A 39 7.61 27.21 36.20
N PRO A 40 7.03 26.30 35.41
CA PRO A 40 5.98 26.71 34.47
C PRO A 40 4.65 27.11 35.08
N ARG A 41 4.56 27.20 36.41
CA ARG A 41 3.32 27.63 37.04
C ARG A 41 3.55 28.75 38.06
N THR A 42 4.73 29.37 38.05
CA THR A 42 5.00 30.49 38.93
C THR A 42 3.98 31.60 38.68
N LEU A 43 3.59 32.29 39.76
CA LEU A 43 2.64 33.38 39.63
C LEU A 43 3.27 34.57 38.94
N GLY A 44 2.45 35.32 38.22
CA GLY A 44 2.90 36.49 37.51
C GLY A 44 2.56 37.76 38.25
N PRO A 45 2.40 38.87 37.52
CA PRO A 45 2.05 40.12 38.21
C PRO A 45 0.62 40.15 38.70
N SER A 46 -0.33 39.62 37.91
CA SER A 46 -1.74 39.63 38.27
C SER A 46 -2.14 38.40 39.09
N GLN A 47 -1.19 37.81 39.81
CA GLN A 47 -1.47 36.63 40.65
C GLN A 47 -2.12 35.52 39.82
N GLU A 48 -1.61 35.34 38.60
CA GLU A 48 -2.09 34.32 37.69
C GLU A 48 -0.90 33.55 37.14
N GLU A 49 -1.08 32.24 36.97
CA GLU A 49 0.02 31.38 36.52
C GLU A 49 0.51 31.82 35.16
N THR A 50 1.79 32.19 35.08
CA THR A 50 2.45 32.47 33.81
C THR A 50 3.78 31.75 33.66
N GLY A 51 4.29 31.11 34.71
CA GLY A 51 5.59 30.48 34.65
C GLY A 51 6.71 31.44 34.97
N GLY A 52 7.90 30.88 35.11
CA GLY A 52 9.08 31.68 35.41
C GLY A 52 10.33 30.83 35.36
N VAL A 53 11.47 31.52 35.41
CA VAL A 53 12.77 30.88 35.31
C VAL A 53 13.66 31.39 36.44
N PHE A 54 14.38 30.47 37.07
CA PHE A 54 15.31 30.78 38.15
C PHE A 54 16.72 30.37 37.76
N LEU A 55 17.69 31.15 38.20
CA LEU A 55 19.11 30.88 37.90
C LEU A 55 19.84 30.66 39.23
N CYS A 56 19.99 29.39 39.61
CA CYS A 56 20.55 29.02 40.90
C CYS A 56 22.07 28.98 40.84
N PRO A 57 22.77 29.76 41.65
CA PRO A 57 24.22 29.57 41.75
C PRO A 57 24.56 28.29 42.50
N TRP A 58 25.78 27.82 42.31
CA TRP A 58 26.23 26.58 42.94
C TRP A 58 26.57 26.84 44.40
N ARG A 59 25.88 26.13 45.30
CA ARG A 59 26.16 26.21 46.72
C ARG A 59 25.91 24.84 47.32
N ALA A 60 26.94 24.24 47.92
CA ALA A 60 26.82 22.88 48.41
C ALA A 60 25.62 22.69 49.33
N GLU A 61 25.10 23.76 49.93
CA GLU A 61 23.91 23.69 50.76
C GLU A 61 22.64 23.99 49.99
N GLY A 62 22.74 24.54 48.79
CA GLY A 62 21.56 24.78 47.99
C GLY A 62 20.81 26.01 48.46
N GLY A 63 19.50 25.87 48.59
CA GLY A 63 18.65 26.94 49.09
C GLY A 63 17.78 27.55 48.00
N GLN A 64 17.35 28.79 48.26
CA GLN A 64 16.51 29.51 47.33
C GLN A 64 17.34 30.12 46.21
N CYS A 65 16.67 30.43 45.09
CA CYS A 65 17.32 30.92 43.90
C CYS A 65 16.72 32.25 43.45
N PRO A 66 17.49 33.08 42.77
CA PRO A 66 16.94 34.32 42.23
C PRO A 66 16.23 34.10 40.92
N SER A 67 15.29 35.00 40.62
CA SER A 67 14.51 34.90 39.39
C SER A 67 15.30 35.46 38.22
N LEU A 68 15.12 34.85 37.06
CA LEU A 68 15.61 35.38 35.79
C LEU A 68 14.42 36.08 35.15
N LEU A 69 14.40 37.41 35.26
CA LEU A 69 13.18 38.16 34.99
C LEU A 69 12.91 38.29 33.49
N PHE A 70 11.65 38.11 33.12
CA PHE A 70 11.18 38.28 31.76
C PHE A 70 9.91 39.13 31.78
N ASP A 71 9.56 39.65 30.61
CA ASP A 71 8.33 40.42 30.49
C ASP A 71 7.13 39.49 30.51
N LEU A 72 6.19 39.75 31.43
CA LEU A 72 5.01 38.91 31.59
C LEU A 72 3.72 39.67 31.32
N ARG A 73 3.82 40.84 30.70
CA ARG A 73 2.64 41.63 30.36
C ARG A 73 2.14 41.24 28.98
N ASP A 74 0.82 41.14 28.85
CA ASP A 74 0.22 40.92 27.54
C ASP A 74 0.46 42.14 26.66
N GLU A 75 0.67 41.88 25.37
CA GLU A 75 1.03 42.92 24.42
C GLU A 75 -0.07 43.08 23.37
N THR A 76 -0.11 44.27 22.77
CA THR A 76 -1.10 44.57 21.73
C THR A 76 -0.50 45.59 20.78
N ARG A 77 -0.64 45.34 19.48
CA ARG A 77 -0.13 46.25 18.46
C ARG A 77 -1.17 46.39 17.36
N ASN A 78 -1.67 47.60 17.15
CA ASN A 78 -2.58 47.90 16.06
C ASN A 78 -1.77 48.39 14.88
N VAL A 79 -1.70 47.58 13.83
CA VAL A 79 -0.82 47.87 12.70
C VAL A 79 -1.36 47.14 11.48
N GLY A 80 -1.15 47.74 10.31
CA GLY A 80 -1.60 47.12 9.07
C GLY A 80 -3.08 46.85 9.04
N SER A 81 -3.88 47.74 9.65
CA SER A 81 -5.32 47.55 9.75
C SER A 81 -5.67 46.24 10.46
N GLN A 82 -4.75 45.75 11.29
CA GLN A 82 -4.96 44.55 12.08
C GLN A 82 -4.61 44.85 13.53
N THR A 83 -5.01 43.94 14.42
CA THR A 83 -4.72 44.05 15.84
C THR A 83 -4.05 42.75 16.30
N LEU A 84 -2.77 42.85 16.64
CA LEU A 84 -2.01 41.71 17.12
C LEU A 84 -2.14 41.59 18.63
N GLN A 85 -2.17 40.35 19.12
CA GLN A 85 -2.39 40.10 20.55
C GLN A 85 -1.54 38.94 21.02
N THR A 86 -0.99 39.07 22.22
CA THR A 86 -0.27 37.99 22.90
C THR A 86 -0.89 37.81 24.28
N PHE A 87 -1.16 36.56 24.64
CA PHE A 87 -1.77 36.22 25.93
C PHE A 87 -0.84 35.27 26.67
N LYS A 88 -0.19 35.77 27.71
CA LYS A 88 0.80 35.00 28.45
C LYS A 88 0.19 34.24 29.62
N ALA A 89 -1.11 34.39 29.86
CA ALA A 89 -1.77 33.64 30.92
C ALA A 89 -1.65 32.15 30.67
N ARG A 90 -1.22 31.42 31.70
CA ARG A 90 -1.11 29.96 31.58
CA ARG A 90 -1.03 29.96 31.65
C ARG A 90 -0.12 29.55 30.50
N GLN A 91 0.80 30.45 30.12
CA GLN A 91 1.70 30.17 29.01
C GLN A 91 2.68 29.07 29.34
N GLY A 92 3.00 28.87 30.61
CA GLY A 92 3.92 27.82 31.00
C GLY A 92 5.38 28.16 30.78
N LEU A 93 5.75 29.42 30.95
CA LEU A 93 7.14 29.83 30.79
C LEU A 93 8.04 29.01 31.69
N GLY A 94 9.04 28.38 31.11
CA GLY A 94 9.91 27.47 31.84
C GLY A 94 9.55 26.01 31.70
N ALA A 95 8.57 25.68 30.85
CA ALA A 95 8.26 24.29 30.55
C ALA A 95 9.40 23.60 29.82
N SER A 96 10.43 24.34 29.40
CA SER A 96 11.63 23.76 28.83
C SER A 96 12.70 24.84 28.82
N VAL A 97 13.86 24.52 29.40
CA VAL A 97 15.00 25.43 29.43
C VAL A 97 16.20 24.72 28.86
N VAL A 98 17.11 25.49 28.25
CA VAL A 98 18.34 24.95 27.69
C VAL A 98 19.34 26.09 27.65
N SER A 99 20.61 25.76 27.84
CA SER A 99 21.67 26.74 27.91
C SER A 99 22.71 26.47 26.82
N TRP A 100 23.22 27.55 26.24
CA TRP A 100 24.31 27.48 25.27
C TRP A 100 25.15 28.73 25.42
N SER A 101 26.47 28.55 25.53
CA SER A 101 27.40 29.67 25.73
C SER A 101 26.94 30.40 26.98
N ASP A 102 26.87 31.73 26.98
CA ASP A 102 26.39 32.51 28.11
C ASP A 102 24.94 32.97 27.92
N VAL A 103 24.14 32.16 27.24
CA VAL A 103 22.77 32.52 26.89
C VAL A 103 21.84 31.44 27.40
N ILE A 104 20.69 31.85 27.91
CA ILE A 104 19.65 30.94 28.40
C ILE A 104 18.44 31.09 27.51
N VAL A 105 17.80 29.97 27.20
CA VAL A 105 16.60 29.94 26.36
C VAL A 105 15.51 29.24 27.15
N ALA A 106 14.49 29.99 27.55
CA ALA A 106 13.35 29.46 28.29
C ALA A 106 12.09 29.71 27.49
N CYS A 107 11.26 28.67 27.35
CA CYS A 107 10.16 28.68 26.41
C CYS A 107 8.82 28.52 27.12
N ALA A 108 7.78 29.06 26.50
CA ALA A 108 6.41 29.02 27.02
C ALA A 108 5.53 28.34 25.99
N PRO A 109 5.49 27.01 25.99
CA PRO A 109 4.83 26.30 24.88
C PRO A 109 3.37 26.64 24.67
N TRP A 110 2.69 27.24 25.64
CA TRP A 110 1.25 27.49 25.54
C TRP A 110 0.92 28.96 25.58
N GLN A 111 1.84 29.82 25.16
CA GLN A 111 1.53 31.22 25.00
C GLN A 111 0.60 31.41 23.82
N HIS A 112 -0.54 32.05 24.04
CA HIS A 112 -1.56 32.17 23.02
C HIS A 112 -1.39 33.44 22.20
N TRP A 113 -1.97 33.43 21.01
CA TRP A 113 -1.78 34.48 20.02
C TRP A 113 -3.07 34.62 19.22
N ASN A 114 -3.41 35.84 18.86
CA ASN A 114 -4.62 36.08 18.08
C ASN A 114 -4.50 37.40 17.34
N VAL A 115 -5.03 37.43 16.12
CA VAL A 115 -5.01 38.61 15.25
C VAL A 115 -6.44 38.97 14.91
N LEU A 116 -6.82 40.22 15.17
CA LEU A 116 -8.16 40.71 14.90
C LEU A 116 -8.15 41.67 13.73
N GLU A 117 -9.12 41.50 12.82
CA GLU A 117 -9.28 42.40 11.68
C GLU A 117 -10.79 42.61 11.50
N LYS A 118 -11.29 43.72 12.05
CA LYS A 118 -12.72 44.04 12.01
C LYS A 118 -13.51 43.00 12.80
N THR A 119 -14.35 42.22 12.13
CA THR A 119 -15.14 41.19 12.79
C THR A 119 -14.51 39.80 12.68
N GLU A 120 -13.46 39.64 11.88
CA GLU A 120 -12.81 38.35 11.71
C GLU A 120 -11.67 38.22 12.71
N GLU A 121 -11.04 37.04 12.72
CA GLU A 121 -9.89 36.79 13.58
C GLU A 121 -9.13 35.60 13.03
N ALA A 122 -7.94 35.39 13.56
CA ALA A 122 -7.12 34.22 13.26
C ALA A 122 -7.32 33.10 14.28
N GLU A 123 -8.24 33.29 15.22
CA GLU A 123 -8.46 32.35 16.33
C GLU A 123 -7.37 32.48 17.37
N LYS A 124 -7.75 32.44 18.65
CA LYS A 124 -6.80 32.50 19.75
C LYS A 124 -6.24 31.10 19.97
N THR A 125 -4.96 30.90 19.66
CA THR A 125 -4.37 29.57 19.65
C THR A 125 -2.98 29.61 20.26
N PRO A 126 -2.50 28.48 20.78
CA PRO A 126 -1.19 28.45 21.46
C PRO A 126 0.00 28.28 20.51
N VAL A 127 0.50 29.37 19.94
CA VAL A 127 1.64 29.26 19.05
C VAL A 127 2.93 29.01 19.81
N GLY A 128 2.97 29.35 21.09
CA GLY A 128 4.17 29.22 21.88
C GLY A 128 5.15 30.33 21.60
N SER A 129 6.17 30.42 22.46
CA SER A 129 7.18 31.45 22.35
C SER A 129 8.35 31.07 23.24
N CYS A 130 9.52 31.59 22.89
CA CYS A 130 10.73 31.34 23.67
C CYS A 130 11.38 32.67 24.02
N PHE A 131 11.77 32.81 25.28
CA PHE A 131 12.44 34.00 25.78
C PHE A 131 13.93 33.71 25.93
N LEU A 132 14.75 34.54 25.31
CA LEU A 132 16.20 34.38 25.35
C LEU A 132 16.80 35.48 26.20
N ALA A 133 17.85 35.14 26.95
CA ALA A 133 18.45 36.08 27.88
C ALA A 133 19.95 35.85 27.98
N GLN A 134 20.68 36.95 28.11
CA GLN A 134 22.12 36.92 28.40
C GLN A 134 22.31 37.49 29.81
N PRO A 135 22.30 36.65 30.84
CA PRO A 135 22.25 37.18 32.22
C PRO A 135 23.31 38.22 32.53
N GLU A 136 24.55 38.03 32.08
CA GLU A 136 25.62 38.95 32.43
C GLU A 136 25.37 40.35 31.87
N SER A 137 24.90 40.43 30.63
CA SER A 137 24.70 41.72 29.97
C SER A 137 23.30 42.27 30.15
N GLY A 138 22.35 41.43 30.56
CA GLY A 138 20.97 41.86 30.71
C GLY A 138 20.16 41.89 29.43
N ARG A 139 20.76 41.52 28.30
CA ARG A 139 20.05 41.53 27.03
C ARG A 139 18.89 40.54 27.06
N ARG A 140 17.84 40.87 26.32
CA ARG A 140 16.66 40.04 26.21
C ARG A 140 16.21 39.97 24.76
N ALA A 141 15.50 38.90 24.43
CA ALA A 141 15.00 38.70 23.08
C ALA A 141 13.94 37.61 23.12
N GLU A 142 13.19 37.51 22.02
CA GLU A 142 12.11 36.53 21.91
C GLU A 142 12.16 35.88 20.54
N TYR A 143 11.46 34.76 20.41
CA TYR A 143 11.40 34.03 19.15
C TYR A 143 10.10 33.23 19.13
N SER A 144 9.18 33.62 18.24
CA SER A 144 7.88 32.98 18.12
C SER A 144 7.64 32.72 16.64
N PRO A 145 8.22 31.66 16.08
CA PRO A 145 8.17 31.46 14.63
C PRO A 145 6.79 31.11 14.10
N CYS A 146 5.88 30.66 14.94
CA CYS A 146 4.59 30.18 14.48
C CYS A 146 3.50 31.25 14.53
N ARG A 147 3.85 32.48 14.91
CA ARG A 147 2.90 33.57 14.83
C ARG A 147 2.59 33.89 13.36
N GLY A 148 1.36 34.30 13.12
CA GLY A 148 0.94 34.68 11.78
C GLY A 148 -0.14 35.74 11.85
N ASN A 149 -0.46 36.28 10.67
CA ASN A 149 -1.50 37.29 10.54
C ASN A 149 -2.58 36.86 9.55
N THR A 150 -2.69 35.56 9.28
CA THR A 150 -3.72 35.04 8.40
C THR A 150 -5.01 34.84 9.18
N LEU A 151 -6.12 35.22 8.57
CA LEU A 151 -7.41 35.14 9.23
C LEU A 151 -7.95 33.71 9.19
N SER A 152 -8.99 33.48 9.99
CA SER A 152 -9.56 32.14 10.11
C SER A 152 -10.11 31.64 8.79
N ARG A 153 -10.77 32.52 8.04
CA ARG A 153 -11.41 32.12 6.80
C ARG A 153 -10.39 31.58 5.79
N ILE A 154 -9.22 32.20 5.72
CA ILE A 154 -8.23 31.81 4.73
C ILE A 154 -7.85 30.34 4.92
N TYR A 155 -7.59 29.93 6.16
CA TYR A 155 -7.21 28.55 6.41
C TYR A 155 -8.29 27.59 5.93
N VAL A 156 -9.56 27.93 6.16
CA VAL A 156 -10.65 27.05 5.77
C VAL A 156 -10.63 26.85 4.26
N GLU A 157 -10.44 27.93 3.50
CA GLU A 157 -10.41 27.81 2.05
C GLU A 157 -9.27 26.91 1.58
N ASN A 158 -8.10 27.05 2.20
CA ASN A 158 -6.93 26.28 1.81
C ASN A 158 -6.91 24.88 2.42
N ASP A 159 -7.99 24.46 3.08
CA ASP A 159 -8.09 23.12 3.66
C ASP A 159 -7.16 22.95 4.85
N PHE A 160 -6.85 24.03 5.55
CA PHE A 160 -5.99 23.99 6.74
C PHE A 160 -4.63 23.41 6.40
N SER A 161 -3.99 23.97 5.37
CA SER A 161 -2.64 23.58 4.99
C SER A 161 -1.65 24.60 5.54
N TRP A 162 -0.54 24.11 6.07
CA TRP A 162 0.48 24.96 6.67
C TRP A 162 -0.12 25.80 7.80
N ASP A 163 -0.89 25.13 8.65
CA ASP A 163 -1.55 25.76 9.80
C ASP A 163 -0.59 25.70 10.98
N LYS A 164 0.04 26.83 11.29
CA LYS A 164 0.98 26.93 12.39
C LYS A 164 0.37 27.62 13.60
N ARG A 165 -0.96 27.56 13.74
CA ARG A 165 -1.63 28.28 14.81
C ARG A 165 -1.53 27.56 16.16
N TYR A 166 -1.26 26.26 16.16
CA TYR A 166 -1.21 25.47 17.39
C TYR A 166 0.16 24.83 17.60
N CYS A 167 1.21 25.43 17.02
CA CYS A 167 2.54 24.86 17.10
C CYS A 167 2.92 24.48 18.53
N GLU A 168 2.77 25.43 19.45
CA GLU A 168 3.33 25.31 20.79
C GLU A 168 4.86 25.21 20.71
N ALA A 169 5.47 26.18 20.04
CA ALA A 169 6.92 26.18 19.86
C ALA A 169 7.62 26.36 21.20
N GLY A 170 8.62 25.52 21.45
CA GLY A 170 9.31 25.49 22.73
C GLY A 170 8.95 24.29 23.58
N PHE A 171 7.95 23.52 23.18
CA PHE A 171 7.61 22.27 23.84
C PHE A 171 8.87 21.48 24.16
N SER A 172 9.73 21.31 23.17
CA SER A 172 11.07 20.77 23.36
C SER A 172 12.06 21.70 22.70
N SER A 173 13.32 21.60 23.10
CA SER A 173 14.32 22.53 22.59
C SER A 173 15.70 21.94 22.72
N VAL A 174 16.60 22.40 21.86
CA VAL A 174 18.00 22.02 21.88
C VAL A 174 18.76 23.09 21.12
N VAL A 175 20.06 23.18 21.35
CA VAL A 175 20.91 24.15 20.67
C VAL A 175 22.16 23.44 20.19
N THR A 176 22.48 23.61 18.91
CA THR A 176 23.68 23.01 18.33
C THR A 176 24.92 23.75 18.80
N GLN A 177 26.07 23.09 18.68
CA GLN A 177 27.32 23.74 19.04
C GLN A 177 27.54 25.02 18.24
N ALA A 178 27.11 25.03 16.98
CA ALA A 178 27.28 26.21 16.14
C ALA A 178 26.47 27.39 16.64
N GLY A 179 25.46 27.15 17.49
CA GLY A 179 24.63 28.21 18.00
C GLY A 179 23.27 28.31 17.36
N GLU A 180 22.76 27.24 16.77
CA GLU A 180 21.48 27.25 16.07
C GLU A 180 20.41 26.66 16.98
N LEU A 181 19.48 27.50 17.41
CA LEU A 181 18.37 27.05 18.25
C LEU A 181 17.39 26.22 17.42
N VAL A 182 16.96 25.10 17.98
CA VAL A 182 16.02 24.20 17.32
C VAL A 182 14.87 23.95 18.28
N LEU A 183 13.66 24.33 17.88
CA LEU A 183 12.48 24.24 18.72
C LEU A 183 11.54 23.17 18.18
N GLY A 184 11.15 22.24 19.03
CA GLY A 184 10.10 21.30 18.67
C GLY A 184 8.74 21.94 18.88
N ALA A 185 7.81 21.63 17.98
CA ALA A 185 6.46 22.20 18.01
C ALA A 185 5.47 21.11 17.65
N PRO A 186 5.11 20.26 18.62
CA PRO A 186 4.31 19.07 18.30
C PRO A 186 2.88 19.37 17.84
N GLY A 187 2.48 20.63 17.79
CA GLY A 187 1.13 20.97 17.37
C GLY A 187 1.11 21.69 16.04
N GLY A 188 2.28 21.87 15.44
CA GLY A 188 2.35 22.59 14.19
C GLY A 188 1.73 21.80 13.06
N TYR A 189 1.24 22.53 12.06
CA TYR A 189 0.64 21.92 10.88
C TYR A 189 -0.52 21.01 11.27
N TYR A 190 -1.40 21.54 12.12
CA TYR A 190 -2.57 20.82 12.61
C TYR A 190 -2.16 19.50 13.25
N PHE A 191 -1.30 19.61 14.26
CA PHE A 191 -0.92 18.49 15.13
C PHE A 191 -0.15 17.41 14.39
N LEU A 192 0.42 17.74 13.23
CA LEU A 192 1.43 16.89 12.62
C LEU A 192 2.77 17.07 13.32
N GLY A 193 3.10 18.30 13.66
CA GLY A 193 4.34 18.60 14.33
C GLY A 193 5.38 19.14 13.38
N LEU A 194 6.05 20.22 13.77
CA LEU A 194 7.10 20.81 12.98
C LEU A 194 8.27 21.18 13.87
N LEU A 195 9.42 21.35 13.25
CA LEU A 195 10.60 21.93 13.90
C LEU A 195 10.80 23.35 13.39
N ALA A 196 11.56 24.13 14.15
CA ALA A 196 11.84 25.51 13.77
C ALA A 196 13.24 25.85 14.24
N GLN A 197 14.13 26.16 13.30
CA GLN A 197 15.52 26.46 13.60
C GLN A 197 15.82 27.91 13.28
N ALA A 198 16.82 28.47 13.96
CA ALA A 198 17.24 29.84 13.71
C ALA A 198 18.48 30.16 14.56
N PRO A 199 19.50 30.82 13.99
CA PRO A 199 20.68 31.15 14.79
C PRO A 199 20.32 32.07 15.96
N VAL A 200 20.99 31.85 17.09
CA VAL A 200 20.75 32.69 18.26
C VAL A 200 21.17 34.13 17.97
N ALA A 201 22.32 34.30 17.31
CA ALA A 201 22.79 35.65 17.02
C ALA A 201 21.79 36.41 16.16
N ASP A 202 21.09 35.71 15.25
CA ASP A 202 20.13 36.35 14.38
C ASP A 202 18.80 36.62 15.09
N ILE A 203 18.46 35.80 16.10
CA ILE A 203 17.29 36.06 16.92
C ILE A 203 17.46 37.36 17.69
N PHE A 204 18.65 37.56 18.25
CA PHE A 204 18.89 38.76 19.06
C PHE A 204 18.95 40.01 18.19
N SER A 205 19.63 39.93 17.05
CA SER A 205 19.83 41.11 16.23
C SER A 205 18.57 41.54 15.48
N SER A 206 17.59 40.65 15.35
CA SER A 206 16.37 40.94 14.61
C SER A 206 15.17 41.21 15.52
N TYR A 207 15.35 41.14 16.84
CA TYR A 207 14.26 41.34 17.77
C TYR A 207 14.22 42.78 18.27
N ARG A 208 13.00 43.33 18.35
CA ARG A 208 12.76 44.60 19.00
C ARG A 208 11.42 44.48 19.73
N PRO A 209 11.31 45.03 20.94
CA PRO A 209 10.06 44.88 21.69
C PRO A 209 8.92 45.66 21.04
N GLY A 210 7.72 45.09 21.13
CA GLY A 210 6.53 45.71 20.60
C GLY A 210 6.19 45.32 19.18
N ILE A 211 7.16 44.81 18.41
CA ILE A 211 6.91 44.48 17.01
C ILE A 211 5.97 43.28 16.91
N LEU A 212 6.21 42.26 17.74
CA LEU A 212 5.37 41.06 17.79
C LEU A 212 5.53 40.19 16.56
N LEU A 213 5.46 40.77 15.36
CA LEU A 213 5.63 40.03 14.11
C LEU A 213 6.83 40.60 13.37
N TRP A 214 7.92 39.83 13.34
CA TRP A 214 9.13 40.25 12.65
C TRP A 214 9.73 39.05 11.92
N HIS A 215 10.59 39.34 10.95
CA HIS A 215 11.19 38.32 10.11
C HIS A 215 12.57 37.93 10.64
N VAL A 216 12.86 36.63 10.60
CA VAL A 216 14.18 36.11 10.90
C VAL A 216 14.62 35.32 9.67
N SER A 217 15.20 36.03 8.70
CA SER A 217 15.44 35.46 7.38
C SER A 217 16.19 34.13 7.44
N SER A 218 17.09 33.97 8.41
CA SER A 218 17.93 32.78 8.47
C SER A 218 17.24 31.60 9.14
N GLN A 219 15.98 31.72 9.51
CA GLN A 219 15.29 30.62 10.16
C GLN A 219 14.94 29.54 9.13
N SER A 220 14.40 28.42 9.62
CA SER A 220 14.16 27.26 8.77
C SER A 220 13.19 26.32 9.46
N LEU A 221 11.94 26.29 9.01
CA LEU A 221 10.92 25.41 9.54
C LEU A 221 10.77 24.16 8.69
N SER A 222 10.28 23.10 9.31
CA SER A 222 10.04 21.86 8.59
C SER A 222 8.76 22.01 7.76
N PHE A 223 8.29 20.91 7.18
CA PHE A 223 7.28 20.95 6.14
C PHE A 223 6.04 20.17 6.54
N ASP A 224 4.90 20.62 6.02
CA ASP A 224 3.64 19.92 6.21
C ASP A 224 3.69 18.57 5.49
N SER A 225 2.61 17.80 5.59
CA SER A 225 2.56 16.52 4.91
C SER A 225 1.12 16.09 4.72
N SER A 226 0.84 15.56 3.52
CA SER A 226 -0.45 14.97 3.20
C SER A 226 -0.51 13.50 3.58
N ASN A 227 0.51 12.99 4.29
CA ASN A 227 0.57 11.58 4.63
C ASN A 227 -0.18 11.32 5.93
N PRO A 228 -1.19 10.44 5.95
CA PRO A 228 -1.89 10.16 7.20
C PRO A 228 -1.02 9.50 8.26
N GLU A 229 0.15 8.96 7.88
CA GLU A 229 1.05 8.36 8.86
C GLU A 229 1.56 9.40 9.84
N TYR A 230 1.66 10.66 9.42
CA TYR A 230 2.15 11.73 10.27
C TYR A 230 1.03 12.46 11.01
N PHE A 231 -0.23 12.13 10.73
CA PHE A 231 -1.35 12.81 11.38
C PHE A 231 -1.35 12.55 12.87
N ASP A 232 -1.47 13.62 13.66
CA ASP A 232 -1.54 13.51 15.11
C ASP A 232 -0.36 12.72 15.66
N GLY A 233 0.82 12.98 15.11
CA GLY A 233 2.02 12.28 15.53
C GLY A 233 2.85 13.08 16.50
N TYR A 234 2.53 14.37 16.66
CA TYR A 234 3.25 15.23 17.58
C TYR A 234 4.74 15.24 17.29
N TRP A 235 5.08 15.31 16.01
CA TRP A 235 6.46 15.41 15.57
C TRP A 235 7.13 16.62 16.21
N GLY A 236 8.06 16.39 17.12
CA GLY A 236 8.70 17.47 17.83
C GLY A 236 8.40 17.44 19.31
N TYR A 237 7.80 16.34 19.77
CA TYR A 237 7.57 16.14 21.20
C TYR A 237 8.87 16.14 21.97
N SER A 238 9.97 15.72 21.34
CA SER A 238 11.29 15.67 21.94
C SER A 238 12.31 15.82 20.83
N VAL A 239 13.38 16.56 21.09
CA VAL A 239 14.39 16.87 20.08
CA VAL A 239 14.39 16.88 20.08
C VAL A 239 15.78 16.74 20.67
N ALA A 240 16.76 16.46 19.81
CA ALA A 240 18.17 16.39 20.16
C ALA A 240 18.97 16.50 18.89
N VAL A 241 20.30 16.61 19.04
CA VAL A 241 21.20 16.74 17.90
C VAL A 241 22.36 15.77 18.06
N GLY A 242 23.04 15.52 16.94
CA GLY A 242 24.18 14.63 16.95
C GLY A 242 24.82 14.56 15.59
N GLU A 243 25.77 13.62 15.45
CA GLU A 243 26.48 13.40 14.20
C GLU A 243 26.23 11.96 13.76
N PHE A 244 25.44 11.79 12.70
CA PHE A 244 25.00 10.47 12.24
C PHE A 244 25.24 10.25 10.75
N ASP A 245 25.95 11.15 10.07
CA ASP A 245 26.18 11.03 8.64
C ASP A 245 27.66 11.07 8.28
N GLY A 246 28.56 11.07 9.26
CA GLY A 246 29.98 11.08 8.99
C GLY A 246 30.51 12.47 8.71
N ASP A 247 29.78 13.25 7.93
CA ASP A 247 30.19 14.62 7.61
C ASP A 247 30.11 15.49 8.86
N LEU A 248 31.26 15.97 9.32
CA LEU A 248 31.31 16.73 10.56
C LEU A 248 30.92 18.18 10.39
N ASN A 249 30.86 18.68 9.16
CA ASN A 249 30.40 20.05 8.94
C ASN A 249 28.90 20.17 9.09
N THR A 250 28.16 19.10 8.84
CA THR A 250 26.71 19.09 8.99
C THR A 250 26.32 18.66 10.40
N THR A 251 25.18 19.17 10.86
CA THR A 251 24.60 18.77 12.13
C THR A 251 23.27 18.09 11.86
N GLU A 252 23.10 16.88 12.38
CA GLU A 252 21.89 16.09 12.18
C GLU A 252 20.96 16.26 13.37
N TYR A 253 19.67 16.38 13.08
CA TYR A 253 18.65 16.54 14.11
C TYR A 253 17.98 15.20 14.40
N VAL A 254 17.65 14.97 15.67
CA VAL A 254 16.86 13.81 16.09
C VAL A 254 15.55 14.34 16.64
N VAL A 255 14.44 13.75 16.19
CA VAL A 255 13.11 14.21 16.54
C VAL A 255 12.28 13.02 17.01
N GLY A 256 11.39 13.27 17.94
CA GLY A 256 10.51 12.25 18.49
C GLY A 256 9.06 12.53 18.10
N ALA A 257 8.39 11.49 17.63
CA ALA A 257 6.98 11.55 17.25
C ALA A 257 6.27 10.42 17.96
N PRO A 258 5.86 10.62 19.21
CA PRO A 258 5.40 9.49 20.02
C PRO A 258 4.05 8.91 19.60
N THR A 259 3.24 9.64 18.82
CA THR A 259 1.97 9.12 18.34
C THR A 259 1.97 8.93 16.82
N TRP A 260 3.15 8.82 16.23
CA TRP A 260 3.28 8.66 14.79
C TRP A 260 2.67 7.35 14.33
N SER A 261 2.04 7.37 13.16
CA SER A 261 1.48 6.19 12.53
C SER A 261 0.47 5.49 13.45
N TRP A 262 -0.58 6.24 13.80
CA TRP A 262 -1.66 5.70 14.62
C TRP A 262 -1.12 5.18 15.96
N THR A 263 -0.46 6.07 16.69
CA THR A 263 0.08 5.80 18.03
C THR A 263 1.06 4.64 18.04
N LEU A 264 1.71 4.35 16.91
CA LEU A 264 2.83 3.43 16.94
C LEU A 264 4.09 4.11 17.43
N GLY A 265 4.21 5.42 17.21
CA GLY A 265 5.33 6.18 17.70
C GLY A 265 6.59 5.92 16.92
N ALA A 266 7.40 6.95 16.72
CA ALA A 266 8.63 6.81 15.97
C ALA A 266 9.54 7.99 16.26
N VAL A 267 10.77 7.89 15.79
CA VAL A 267 11.77 8.96 15.91
C VAL A 267 12.62 8.92 14.65
N GLU A 268 12.87 10.10 14.08
CA GLU A 268 13.57 10.23 12.81
C GLU A 268 14.85 11.02 12.99
N ILE A 269 15.90 10.62 12.28
CA ILE A 269 17.14 11.37 12.20
C ILE A 269 17.13 12.13 10.88
N LEU A 270 17.50 13.41 10.93
CA LEU A 270 17.41 14.28 9.76
C LEU A 270 18.72 15.04 9.60
N ASP A 271 18.80 15.78 8.50
CA ASP A 271 19.86 16.75 8.30
C ASP A 271 19.32 18.14 8.61
N SER A 272 20.19 19.15 8.48
CA SER A 272 19.77 20.52 8.76
C SER A 272 18.72 21.02 7.77
N TYR A 273 18.44 20.25 6.71
CA TYR A 273 17.41 20.58 5.75
C TYR A 273 16.16 19.73 5.91
N TYR A 274 16.09 18.94 7.00
CA TYR A 274 14.91 18.15 7.35
C TYR A 274 14.66 17.00 6.38
N GLN A 275 15.72 16.51 5.74
CA GLN A 275 15.62 15.34 4.88
C GLN A 275 15.90 14.08 5.70
N ARG A 276 14.91 13.23 5.82
CA ARG A 276 14.99 12.06 6.69
C ARG A 276 16.11 11.12 6.26
N LEU A 277 17.05 10.89 7.17
CA LEU A 277 18.13 9.94 6.95
C LEU A 277 17.77 8.54 7.46
N HIS A 278 17.20 8.46 8.66
CA HIS A 278 16.72 7.18 9.17
CA HIS A 278 16.77 7.20 9.24
C HIS A 278 15.43 7.41 9.94
N ARG A 279 14.70 6.33 10.13
CA ARG A 279 13.48 6.35 10.92
C ARG A 279 13.42 5.09 11.75
N LEU A 280 13.08 5.25 13.02
CA LEU A 280 13.00 4.15 13.97
C LEU A 280 11.56 4.04 14.44
N ARG A 281 10.99 2.85 14.29
CA ARG A 281 9.57 2.64 14.54
C ARG A 281 9.35 2.08 15.93
N GLY A 282 8.20 2.42 16.51
CA GLY A 282 7.87 1.89 17.81
C GLY A 282 7.64 0.40 17.78
N GLU A 283 7.84 -0.25 18.93
CA GLU A 283 7.61 -1.67 19.06
C GLU A 283 6.19 -2.00 19.48
N GLN A 284 5.51 -1.06 20.14
CA GLN A 284 4.19 -1.31 20.69
C GLN A 284 3.37 -0.03 20.63
N MET A 285 2.08 -0.19 20.40
CA MET A 285 1.19 0.96 20.24
C MET A 285 0.86 1.58 21.59
N ALA A 286 0.82 2.91 21.61
CA ALA A 286 0.54 3.70 22.81
C ALA A 286 1.64 3.60 23.85
N SER A 287 2.78 2.98 23.50
CA SER A 287 3.94 2.98 24.39
C SER A 287 4.63 4.34 24.43
N TYR A 288 4.20 5.28 23.59
CA TYR A 288 4.81 6.60 23.51
C TYR A 288 6.31 6.49 23.22
N PHE A 289 6.64 5.63 22.27
CA PHE A 289 8.00 5.48 21.78
C PHE A 289 8.44 6.77 21.10
N GLY A 290 9.40 7.46 21.70
CA GLY A 290 9.81 8.78 21.24
C GLY A 290 9.52 9.87 22.25
N HIS A 291 9.03 9.53 23.44
CA HIS A 291 8.75 10.51 24.47
C HIS A 291 10.01 11.26 24.89
N SER A 292 11.17 10.62 24.80
CA SER A 292 12.42 11.24 25.17
C SER A 292 13.54 10.57 24.39
N VAL A 293 14.44 11.39 23.84
CA VAL A 293 15.57 10.91 23.04
C VAL A 293 16.86 11.47 23.63
N ALA A 294 17.93 10.72 23.47
CA ALA A 294 19.24 11.11 23.95
C ALA A 294 20.31 10.66 22.97
N VAL A 295 21.36 11.46 22.83
CA VAL A 295 22.44 11.19 21.89
C VAL A 295 23.75 11.24 22.64
N THR A 296 24.51 10.14 22.59
CA THR A 296 25.82 10.10 23.21
C THR A 296 26.53 8.83 22.78
N ASP A 297 27.86 8.89 22.76
CA ASP A 297 28.70 7.77 22.36
C ASP A 297 28.98 6.91 23.58
N VAL A 298 28.30 5.76 23.68
CA VAL A 298 28.42 4.92 24.86
C VAL A 298 29.51 3.85 24.74
N ASN A 299 29.88 3.44 23.53
CA ASN A 299 30.87 2.39 23.34
C ASN A 299 32.24 2.93 22.96
N GLY A 300 32.46 4.23 23.10
CA GLY A 300 33.78 4.79 22.88
C GLY A 300 34.37 4.47 21.51
N ASP A 301 33.56 4.54 20.47
CA ASP A 301 34.04 4.41 19.10
C ASP A 301 33.91 5.71 18.32
N GLY A 302 33.81 6.84 19.03
CA GLY A 302 33.68 8.13 18.40
C GLY A 302 32.31 8.44 17.83
N ARG A 303 31.51 7.43 17.53
CA ARG A 303 30.24 7.61 16.83
C ARG A 303 29.10 7.73 17.84
N HIS A 304 28.37 8.84 17.77
CA HIS A 304 27.21 9.03 18.62
C HIS A 304 26.24 7.87 18.48
N ASP A 305 25.77 7.35 19.62
CA ASP A 305 24.73 6.35 19.64
C ASP A 305 23.42 6.99 20.13
N LEU A 306 22.31 6.36 19.77
CA LEU A 306 20.99 6.91 20.03
C LEU A 306 20.30 6.11 21.13
N LEU A 307 19.53 6.82 21.95
CA LEU A 307 18.76 6.21 23.03
C LEU A 307 17.35 6.79 23.00
N VAL A 308 16.35 5.91 23.00
CA VAL A 308 14.96 6.29 22.86
C VAL A 308 14.19 5.71 24.03
N GLY A 309 13.26 6.49 24.59
CA GLY A 309 12.48 6.08 25.75
C GLY A 309 11.01 5.91 25.39
N ALA A 310 10.46 4.78 25.80
CA ALA A 310 9.05 4.45 25.59
C ALA A 310 8.40 4.24 26.96
N PRO A 311 8.06 5.31 27.67
CA PRO A 311 7.69 5.18 29.09
C PRO A 311 6.54 4.22 29.36
N LEU A 312 5.62 4.04 28.41
CA LEU A 312 4.40 3.28 28.68
C LEU A 312 4.44 1.89 28.05
N TYR A 313 5.62 1.38 27.71
CA TYR A 313 5.71 0.05 27.15
C TYR A 313 5.18 -0.98 28.14
N MET A 314 4.40 -1.93 27.65
CA MET A 314 3.78 -2.95 28.48
C MET A 314 4.49 -4.27 28.24
N GLU A 315 5.27 -4.70 29.22
CA GLU A 315 6.05 -5.93 29.11
C GLU A 315 5.13 -7.15 29.20
N SER A 316 5.49 -8.19 28.46
CA SER A 316 4.73 -9.42 28.47
CA SER A 316 4.73 -9.43 28.46
C SER A 316 5.15 -10.28 29.65
N ARG A 317 4.16 -10.82 30.37
CA ARG A 317 4.40 -11.64 31.54
C ARG A 317 3.54 -12.89 31.48
N ALA A 318 3.64 -13.70 32.53
CA ALA A 318 3.01 -15.02 32.54
C ALA A 318 1.51 -14.91 32.34
N ASP A 319 0.94 -15.98 31.78
CA ASP A 319 -0.51 -16.12 31.63
C ASP A 319 -1.09 -15.05 30.69
N ARG A 320 -0.33 -14.66 29.67
CA ARG A 320 -0.81 -13.74 28.64
C ARG A 320 -1.30 -12.42 29.26
N LYS A 321 -0.47 -11.83 30.10
CA LYS A 321 -0.81 -10.57 30.75
C LYS A 321 0.31 -9.55 30.57
N LEU A 322 -0.09 -8.30 30.43
CA LEU A 322 0.80 -7.19 30.14
C LEU A 322 0.90 -6.26 31.33
N ALA A 323 2.08 -5.68 31.52
CA ALA A 323 2.34 -4.83 32.69
C ALA A 323 3.10 -3.59 32.24
N GLU A 324 2.45 -2.43 32.33
CA GLU A 324 3.09 -1.16 31.97
C GLU A 324 4.27 -0.89 32.87
N VAL A 325 5.48 -0.85 32.32
CA VAL A 325 6.68 -0.60 33.11
C VAL A 325 7.56 0.43 32.43
N GLY A 326 7.53 0.48 31.10
CA GLY A 326 8.39 1.35 30.32
C GLY A 326 9.59 0.60 29.77
N ARG A 327 10.29 1.25 28.84
CA ARG A 327 11.42 0.61 28.19
C ARG A 327 12.28 1.66 27.52
N VAL A 328 13.57 1.32 27.36
CA VAL A 328 14.55 2.18 26.70
C VAL A 328 15.27 1.35 25.66
N TYR A 329 15.47 1.93 24.47
CA TYR A 329 16.12 1.26 23.35
C TYR A 329 17.46 1.92 23.06
N LEU A 330 18.48 1.10 22.81
CA LEU A 330 19.81 1.58 22.44
C LEU A 330 20.09 1.22 20.99
N PHE A 331 20.46 2.22 20.20
CA PHE A 331 20.80 2.03 18.80
C PHE A 331 22.23 2.52 18.59
N LEU A 332 23.14 1.58 18.33
CA LEU A 332 24.54 1.93 18.12
C LEU A 332 24.77 2.31 16.66
N GLN A 333 25.49 3.40 16.45
CA GLN A 333 25.75 3.87 15.09
C GLN A 333 26.77 2.96 14.42
N PRO A 334 26.52 2.48 13.21
CA PRO A 334 27.47 1.59 12.54
C PRO A 334 28.60 2.38 11.89
N ARG A 335 29.63 1.65 11.48
CA ARG A 335 30.79 2.27 10.85
C ARG A 335 30.41 2.79 9.47
N GLY A 336 30.78 4.04 9.19
CA GLY A 336 30.58 4.64 7.89
C GLY A 336 29.11 4.75 7.53
N PRO A 337 28.83 4.99 6.24
CA PRO A 337 27.44 5.15 5.81
C PRO A 337 26.65 3.86 5.84
N HIS A 338 25.94 3.62 6.95
CA HIS A 338 25.11 2.44 7.09
C HIS A 338 23.92 2.77 7.97
N ALA A 339 22.83 2.02 7.78
CA ALA A 339 21.60 2.26 8.53
C ALA A 339 21.70 1.69 9.94
N LEU A 340 20.98 2.33 10.86
CA LEU A 340 20.90 1.85 12.24
C LEU A 340 20.00 0.63 12.29
N GLY A 341 20.58 -0.52 12.58
CA GLY A 341 19.83 -1.76 12.58
C GLY A 341 18.89 -1.89 13.76
N ALA A 342 18.59 -3.13 14.15
CA ALA A 342 17.76 -3.37 15.31
C ALA A 342 18.43 -2.81 16.55
N PRO A 343 17.67 -2.56 17.61
CA PRO A 343 18.27 -2.03 18.84
C PRO A 343 19.29 -3.01 19.41
N SER A 344 20.44 -2.46 19.83
CA SER A 344 21.52 -3.27 20.37
C SER A 344 21.23 -3.74 21.79
N LEU A 345 20.28 -3.11 22.48
CA LEU A 345 20.00 -3.46 23.87
C LEU A 345 18.62 -2.92 24.25
N LEU A 346 17.86 -3.74 24.96
CA LEU A 346 16.54 -3.37 25.46
C LEU A 346 16.57 -3.32 26.98
N LEU A 347 16.32 -2.15 27.55
CA LEU A 347 16.26 -1.95 28.99
C LEU A 347 14.79 -1.77 29.38
N THR A 348 14.24 -2.75 30.08
CA THR A 348 12.85 -2.75 30.48
C THR A 348 12.71 -2.41 31.97
N GLY A 349 11.66 -1.69 32.31
CA GLY A 349 11.40 -1.31 33.67
C GLY A 349 10.93 -2.49 34.50
N THR A 350 10.66 -2.19 35.78
CA THR A 350 10.25 -3.19 36.75
C THR A 350 8.96 -2.79 37.46
N GLN A 351 8.89 -1.53 37.89
CA GLN A 351 7.79 -1.07 38.73
C GLN A 351 6.59 -0.72 37.87
N LEU A 352 5.45 -1.35 38.16
CA LEU A 352 4.24 -1.10 37.39
C LEU A 352 3.90 0.39 37.42
N TYR A 353 3.47 0.92 36.28
CA TYR A 353 3.16 2.33 36.12
C TYR A 353 4.34 3.22 36.48
N GLY A 354 5.56 2.68 36.47
CA GLY A 354 6.74 3.44 36.84
C GLY A 354 7.25 4.37 35.77
N ARG A 355 6.88 4.13 34.51
CA ARG A 355 7.26 5.00 33.39
C ARG A 355 8.78 5.07 33.23
N PHE A 356 9.42 3.90 33.30
CA PHE A 356 10.86 3.79 33.05
C PHE A 356 11.18 4.21 31.63
N GLY A 357 11.91 5.31 31.49
CA GLY A 357 12.19 5.88 30.18
C GLY A 357 11.61 7.25 29.99
N SER A 358 10.93 7.81 30.99
CA SER A 358 10.36 9.15 30.88
C SER A 358 11.41 10.24 30.80
N ALA A 359 12.69 9.90 30.95
CA ALA A 359 13.77 10.85 30.75
C ALA A 359 15.07 10.08 30.66
N ILE A 360 15.98 10.60 29.83
CA ILE A 360 17.26 9.95 29.58
C ILE A 360 18.32 11.05 29.50
N ALA A 361 19.36 10.95 30.31
CA ALA A 361 20.36 12.01 30.41
C ALA A 361 21.75 11.42 30.22
N PRO A 362 22.48 11.81 29.17
CA PRO A 362 23.90 11.48 29.10
C PRO A 362 24.63 12.05 30.30
N LEU A 363 25.42 11.20 30.96
CA LEU A 363 26.20 11.61 32.12
C LEU A 363 27.64 11.93 31.79
N GLY A 364 28.08 11.71 30.56
CA GLY A 364 29.50 11.71 30.32
C GLY A 364 30.09 10.47 30.93
N ASP A 365 31.39 10.51 31.18
CA ASP A 365 32.08 9.38 31.80
C ASP A 365 32.05 9.59 33.31
N LEU A 366 31.18 8.84 33.97
CA LEU A 366 31.00 9.00 35.41
C LEU A 366 32.14 8.36 36.19
N ASP A 367 32.38 7.06 35.98
CA ASP A 367 33.43 6.34 36.67
C ASP A 367 34.78 6.46 36.00
N ARG A 368 34.89 7.26 34.94
CA ARG A 368 36.17 7.58 34.31
C ARG A 368 36.86 6.32 33.78
N ASP A 369 36.09 5.41 33.19
CA ASP A 369 36.62 4.19 32.62
C ASP A 369 36.80 4.28 31.11
N GLY A 370 36.54 5.45 30.51
CA GLY A 370 36.71 5.65 29.09
C GLY A 370 35.44 5.51 28.28
N TYR A 371 34.35 5.04 28.88
CA TYR A 371 33.08 4.88 28.20
C TYR A 371 32.06 5.80 28.83
N ASN A 372 31.31 6.53 28.01
CA ASN A 372 30.27 7.41 28.52
C ASN A 372 29.10 6.60 29.05
N ASP A 373 28.39 7.17 30.01
CA ASP A 373 27.31 6.50 30.72
C ASP A 373 26.06 7.35 30.64
N ILE A 374 24.94 6.80 31.12
CA ILE A 374 23.65 7.47 31.05
C ILE A 374 22.87 7.25 32.35
N ALA A 375 21.79 8.01 32.50
CA ALA A 375 20.89 7.89 33.64
C ALA A 375 19.46 7.88 33.14
N VAL A 376 18.67 6.88 33.57
CA VAL A 376 17.30 6.71 33.13
C VAL A 376 16.38 6.93 34.32
N ALA A 377 15.32 7.72 34.12
CA ALA A 377 14.39 8.07 35.17
C ALA A 377 13.16 7.18 35.13
N ALA A 378 12.60 6.91 36.31
CA ALA A 378 11.32 6.22 36.47
C ALA A 378 10.49 7.04 37.46
N PRO A 379 9.94 8.16 37.01
CA PRO A 379 9.34 9.13 37.94
C PRO A 379 8.32 8.56 38.92
N TYR A 380 7.85 7.34 38.70
CA TYR A 380 6.92 6.70 39.61
C TYR A 380 7.34 5.26 39.88
N GLY A 381 8.64 5.00 39.81
CA GLY A 381 9.18 3.69 40.06
C GLY A 381 9.72 3.53 41.46
N GLY A 382 10.45 2.44 41.66
CA GLY A 382 10.92 2.08 42.97
C GLY A 382 9.84 1.36 43.74
N PRO A 383 10.21 0.59 44.76
CA PRO A 383 9.20 -0.17 45.52
C PRO A 383 8.18 0.71 46.19
N SER A 384 8.49 1.97 46.43
CA SER A 384 7.55 2.91 47.04
C SER A 384 6.71 3.67 46.03
N GLY A 385 7.09 3.65 44.76
CA GLY A 385 6.40 4.45 43.76
C GLY A 385 6.64 5.94 43.90
N ARG A 386 7.73 6.33 44.54
CA ARG A 386 8.05 7.74 44.73
C ARG A 386 8.95 8.30 43.63
N GLY A 387 9.69 7.45 42.94
CA GLY A 387 10.62 7.89 41.93
C GLY A 387 11.90 7.07 41.98
N GLN A 388 12.71 7.14 40.92
CA GLN A 388 13.94 6.38 40.89
C GLN A 388 14.71 6.75 39.64
N VAL A 389 16.03 6.83 39.76
CA VAL A 389 16.93 7.12 38.65
C VAL A 389 18.00 6.04 38.62
N LEU A 390 18.11 5.32 37.50
CA LEU A 390 19.03 4.21 37.37
C LEU A 390 20.19 4.62 36.46
N VAL A 391 21.41 4.38 36.92
CA VAL A 391 22.62 4.69 36.15
C VAL A 391 23.09 3.42 35.47
N PHE A 392 23.26 3.49 34.15
CA PHE A 392 23.81 2.41 33.36
C PHE A 392 25.16 2.84 32.80
N LEU A 393 26.15 1.98 32.93
CA LEU A 393 27.51 2.31 32.54
C LEU A 393 27.82 1.83 31.13
N GLY A 394 28.66 2.59 30.42
CA GLY A 394 29.01 2.25 29.07
C GLY A 394 30.05 1.15 29.00
N GLN A 395 30.14 0.54 27.81
CA GLN A 395 31.12 -0.50 27.56
C GLN A 395 31.31 -0.65 26.07
N SER A 396 32.36 -1.39 25.70
CA SER A 396 32.67 -1.58 24.29
C SER A 396 31.48 -2.13 23.52
N GLU A 397 30.74 -3.06 24.13
CA GLU A 397 29.62 -3.71 23.47
C GLU A 397 28.33 -2.90 23.56
N GLY A 398 28.39 -1.68 24.06
CA GLY A 398 27.21 -0.84 24.19
C GLY A 398 26.98 -0.34 25.59
N LEU A 399 26.04 -0.96 26.29
CA LEU A 399 25.71 -0.59 27.66
C LEU A 399 25.60 -1.83 28.53
N ARG A 400 25.78 -1.64 29.83
CA ARG A 400 25.55 -2.72 30.78
C ARG A 400 24.06 -2.99 30.89
N SER A 401 23.70 -4.28 30.88
CA SER A 401 22.29 -4.64 30.96
C SER A 401 21.70 -4.37 32.33
N ARG A 402 22.52 -4.19 33.36
CA ARG A 402 22.06 -3.95 34.71
C ARG A 402 22.62 -2.64 35.26
N PRO A 403 21.91 -1.98 36.17
CA PRO A 403 22.34 -0.67 36.65
C PRO A 403 23.49 -0.78 37.64
N SER A 404 24.41 0.18 37.56
CA SER A 404 25.50 0.25 38.52
C SER A 404 25.06 0.91 39.81
N GLN A 405 24.05 1.77 39.74
CA GLN A 405 23.62 2.56 40.88
C GLN A 405 22.16 2.93 40.68
N VAL A 406 21.44 3.05 41.79
CA VAL A 406 20.04 3.45 41.78
C VAL A 406 19.86 4.56 42.80
N LEU A 407 19.25 5.67 42.37
CA LEU A 407 19.02 6.82 43.23
C LEU A 407 17.53 6.86 43.58
N ASP A 408 17.21 6.53 44.82
CA ASP A 408 15.84 6.61 45.29
C ASP A 408 15.47 8.05 45.63
N SER A 409 14.20 8.35 45.53
CA SER A 409 13.74 9.74 45.66
C SER A 409 13.82 10.19 47.11
N PRO A 410 14.52 11.29 47.42
CA PRO A 410 14.44 11.86 48.76
C PRO A 410 13.19 12.68 49.02
N PHE A 411 12.32 12.82 48.01
CA PHE A 411 11.11 13.62 48.14
C PHE A 411 9.93 12.74 48.50
N PRO A 412 8.75 13.30 48.75
CA PRO A 412 7.58 12.47 49.04
C PRO A 412 6.95 11.88 47.79
N THR A 413 5.79 11.25 47.95
CA THR A 413 5.06 10.71 46.81
C THR A 413 4.54 11.85 45.94
N GLY A 414 4.50 11.61 44.64
CA GLY A 414 3.97 12.58 43.70
C GLY A 414 4.93 13.68 43.32
N SER A 415 6.21 13.56 43.65
CA SER A 415 7.18 14.59 43.29
C SER A 415 7.64 14.49 41.85
N ALA A 416 7.34 13.39 41.16
CA ALA A 416 7.79 13.19 39.79
C ALA A 416 9.32 13.25 39.71
N PHE A 417 9.97 12.72 40.74
CA PHE A 417 11.42 12.69 40.81
C PHE A 417 12.00 11.97 39.60
N GLY A 418 12.72 12.68 38.75
CA GLY A 418 13.29 12.12 37.54
C GLY A 418 12.59 12.55 36.28
N PHE A 419 11.48 13.28 36.38
CA PHE A 419 10.79 13.78 35.20
C PHE A 419 11.72 14.60 34.33
N SER A 420 12.76 15.19 34.91
CA SER A 420 13.77 15.92 34.16
C SER A 420 15.14 15.54 34.71
N LEU A 421 16.13 15.52 33.83
CA LEU A 421 17.49 15.16 34.21
C LEU A 421 18.46 16.02 33.43
N ARG A 422 19.72 16.00 33.86
CA ARG A 422 20.80 16.66 33.13
C ARG A 422 22.12 16.28 33.76
N GLY A 423 23.09 15.87 32.95
CA GLY A 423 24.38 15.46 33.48
C GLY A 423 25.53 15.89 32.60
N ALA A 424 26.66 15.20 32.73
CA ALA A 424 27.84 15.44 31.91
C ALA A 424 28.46 16.81 32.16
N VAL A 425 28.20 17.43 33.30
CA VAL A 425 28.79 18.71 33.65
C VAL A 425 29.32 18.62 35.08
N ASP A 426 30.54 19.08 35.27
CA ASP A 426 31.21 19.07 36.57
C ASP A 426 30.93 20.40 37.25
N ILE A 427 29.98 20.42 38.19
CA ILE A 427 29.53 21.68 38.78
C ILE A 427 30.44 22.09 39.95
N ASP A 428 30.95 21.13 40.70
CA ASP A 428 31.80 21.42 41.86
C ASP A 428 33.28 21.47 41.52
N ASP A 429 33.64 21.22 40.27
CA ASP A 429 35.03 21.30 39.81
C ASP A 429 35.93 20.33 40.59
N ASN A 430 35.45 19.11 40.77
CA ASN A 430 36.23 18.06 41.41
C ASN A 430 36.71 17.00 40.43
N GLY A 431 36.54 17.24 39.12
CA GLY A 431 37.04 16.34 38.12
C GLY A 431 36.07 15.25 37.66
N TYR A 432 34.89 15.18 38.26
CA TYR A 432 33.91 14.16 37.89
C TYR A 432 32.60 14.82 37.49
N PRO A 433 31.92 14.29 36.46
CA PRO A 433 30.66 14.88 36.03
C PRO A 433 29.53 14.57 37.01
N ASP A 434 28.59 15.52 37.13
CA ASP A 434 27.57 15.48 38.15
C ASP A 434 26.18 15.47 37.52
N LEU A 435 25.18 15.11 38.34
CA LEU A 435 23.81 14.92 37.89
C LEU A 435 22.88 15.82 38.69
N ILE A 436 21.99 16.52 37.99
CA ILE A 436 20.91 17.28 38.62
C ILE A 436 19.59 16.63 38.22
N VAL A 437 18.69 16.50 39.18
CA VAL A 437 17.40 15.86 38.97
C VAL A 437 16.32 16.81 39.44
N GLY A 438 15.26 16.94 38.65
CA GLY A 438 14.14 17.79 38.99
C GLY A 438 13.00 16.98 39.58
N ALA A 439 12.19 17.65 40.41
CA ALA A 439 11.02 17.03 41.02
C ALA A 439 9.94 18.12 41.14
N TYR A 440 9.32 18.45 40.01
CA TYR A 440 8.39 19.57 39.98
C TYR A 440 7.19 19.33 40.89
N GLY A 441 6.83 18.07 41.13
CA GLY A 441 5.75 17.78 42.06
C GLY A 441 6.05 18.23 43.47
N ALA A 442 7.34 18.33 43.82
CA ALA A 442 7.78 18.84 45.10
C ALA A 442 8.47 20.19 44.99
N ASN A 443 8.53 20.76 43.79
CA ASN A 443 9.09 22.09 43.58
C ASN A 443 10.54 22.18 44.04
N GLN A 444 11.32 21.14 43.76
CA GLN A 444 12.72 21.12 44.18
C GLN A 444 13.59 20.46 43.11
N VAL A 445 14.90 20.63 43.28
CA VAL A 445 15.92 20.08 42.39
C VAL A 445 17.00 19.46 43.25
N ALA A 446 17.36 18.22 42.95
CA ALA A 446 18.33 17.46 43.73
C ALA A 446 19.62 17.28 42.94
N VAL A 447 20.71 17.88 43.43
CA VAL A 447 22.01 17.77 42.79
C VAL A 447 22.77 16.61 43.39
N TYR A 448 23.21 15.68 42.56
CA TYR A 448 24.04 14.55 42.98
C TYR A 448 25.47 14.81 42.50
N ARG A 449 26.40 14.86 43.44
CA ARG A 449 27.80 15.05 43.10
C ARG A 449 28.50 13.70 42.92
N ALA A 450 29.36 13.62 41.92
CA ALA A 450 30.12 12.41 41.65
C ALA A 450 31.45 12.47 42.37
N GLN A 451 31.74 11.44 43.15
CA GLN A 451 32.95 11.34 43.94
C GLN A 451 33.86 10.27 43.37
N PRO A 452 35.13 10.24 43.78
CA PRO A 452 36.03 9.18 43.32
C PRO A 452 35.45 7.80 43.58
N VAL A 453 35.78 6.86 42.71
CA VAL A 453 35.21 5.52 42.79
C VAL A 453 35.77 4.81 44.01
N VAL A 454 34.90 4.10 44.73
CA VAL A 454 35.29 3.46 45.97
C VAL A 454 35.94 2.10 45.70
N LYS A 455 35.36 1.33 44.77
CA LYS A 455 35.83 -0.03 44.51
C LYS A 455 37.28 -0.02 44.01
N ASN B 1 13.98 -51.77 46.40
CA ASN B 1 14.00 -51.11 47.71
C ASN B 1 14.43 -49.65 47.58
N ILE B 2 13.65 -48.76 48.17
CA ILE B 2 13.99 -47.33 48.19
C ILE B 2 13.65 -46.75 49.56
N CYS B 3 12.63 -47.30 50.22
CA CYS B 3 12.29 -46.83 51.56
C CYS B 3 13.30 -47.34 52.59
N THR B 4 13.82 -48.56 52.39
CA THR B 4 14.80 -49.14 53.31
C THR B 4 16.22 -48.69 52.99
N THR B 5 16.59 -48.65 51.70
CA THR B 5 17.94 -48.30 51.31
C THR B 5 18.29 -46.84 51.64
N ARG B 6 17.29 -46.01 51.90
CA ARG B 6 17.55 -44.63 52.30
C ARG B 6 18.00 -44.51 53.74
N GLY B 7 17.69 -45.50 54.58
CA GLY B 7 18.12 -45.48 55.97
C GLY B 7 17.61 -44.27 56.72
N VAL B 8 16.29 -44.16 56.87
CA VAL B 8 15.71 -43.01 57.55
C VAL B 8 15.91 -43.14 59.05
N SER B 9 15.73 -42.02 59.75
CA SER B 9 15.91 -41.96 61.20
C SER B 9 14.59 -41.87 61.97
N SER B 10 13.55 -41.28 61.38
CA SER B 10 12.30 -41.04 62.09
C SER B 10 11.12 -41.38 61.18
N CYS B 11 9.91 -41.30 61.75
CA CYS B 11 8.69 -41.46 60.97
C CYS B 11 8.52 -40.33 59.97
N GLN B 12 8.95 -39.12 60.34
CA GLN B 12 8.80 -37.97 59.46
C GLN B 12 9.68 -38.11 58.23
N GLN B 13 10.93 -38.54 58.41
CA GLN B 13 11.82 -38.73 57.27
C GLN B 13 11.35 -39.86 56.37
N CYS B 14 10.69 -40.87 56.93
CA CYS B 14 10.25 -42.01 56.14
C CYS B 14 9.21 -41.61 55.11
N LEU B 15 8.20 -40.84 55.52
CA LEU B 15 7.15 -40.44 54.59
C LEU B 15 7.68 -39.45 53.55
N ALA B 16 8.71 -38.67 53.89
CA ALA B 16 9.26 -37.72 52.93
C ALA B 16 9.98 -38.40 51.78
N VAL B 17 10.33 -39.69 51.94
CA VAL B 17 11.06 -40.39 50.89
C VAL B 17 10.20 -40.54 49.65
N SER B 18 9.02 -41.14 49.79
CA SER B 18 8.18 -41.43 48.64
C SER B 18 6.74 -41.58 49.10
N PRO B 19 5.76 -41.27 48.25
CA PRO B 19 4.36 -41.42 48.67
C PRO B 19 3.96 -42.84 49.00
N MET B 20 4.74 -43.84 48.61
CA MET B 20 4.40 -45.24 48.83
C MET B 20 5.12 -45.85 50.03
N CYS B 21 5.80 -45.04 50.84
CA CYS B 21 6.47 -45.55 52.02
C CYS B 21 5.53 -45.51 53.23
N ALA B 22 5.85 -46.33 54.22
CA ALA B 22 5.08 -46.42 55.46
C ALA B 22 6.02 -46.60 56.64
N TRP B 23 5.51 -46.36 57.84
CA TRP B 23 6.29 -46.46 59.06
C TRP B 23 5.55 -47.30 60.10
N CYS B 24 6.32 -48.09 60.86
CA CYS B 24 5.77 -48.97 61.90
C CYS B 24 6.30 -48.50 63.25
N SER B 25 5.39 -48.12 64.15
CA SER B 25 5.74 -47.68 65.48
C SER B 25 5.58 -48.78 66.52
N ASP B 26 5.53 -50.03 66.08
CA ASP B 26 5.29 -51.15 66.99
C ASP B 26 6.46 -51.34 67.94
N GLU B 27 6.16 -51.66 69.19
CA GLU B 27 7.21 -51.97 70.16
C GLU B 27 7.82 -53.34 69.88
N ALA B 28 6.98 -54.34 69.64
CA ALA B 28 7.45 -55.72 69.44
C ALA B 28 7.82 -55.94 67.97
N LEU B 29 8.81 -55.15 67.51
CA LEU B 29 9.35 -55.32 66.18
C LEU B 29 10.62 -56.16 66.22
N PRO B 30 10.89 -56.99 65.21
CA PRO B 30 12.10 -57.83 65.24
C PRO B 30 13.38 -57.03 65.42
N LEU B 31 14.50 -57.74 65.55
CA LEU B 31 15.77 -57.12 65.89
C LEU B 31 16.22 -56.14 64.82
N GLY B 32 16.37 -56.61 63.59
CA GLY B 32 16.89 -55.79 62.52
C GLY B 32 15.91 -55.57 61.38
N SER B 33 14.65 -55.31 61.74
CA SER B 33 13.63 -55.05 60.73
C SER B 33 13.58 -53.57 60.38
N PRO B 34 13.64 -53.20 59.11
CA PRO B 34 13.55 -51.78 58.74
C PRO B 34 12.14 -51.26 58.97
N ARG B 35 12.02 -50.19 59.76
CA ARG B 35 10.72 -49.61 60.07
C ARG B 35 10.12 -48.86 58.88
N CYS B 36 10.90 -48.58 57.85
CA CYS B 36 10.45 -47.80 56.70
C CYS B 36 10.41 -48.72 55.48
N ASP B 37 9.21 -49.19 55.13
CA ASP B 37 9.04 -50.11 54.01
C ASP B 37 7.61 -49.99 53.50
N LEU B 38 7.27 -50.82 52.51
CA LEU B 38 5.93 -50.82 51.95
C LEU B 38 4.93 -51.34 52.97
N LYS B 39 3.69 -50.87 52.84
CA LYS B 39 2.63 -51.31 53.75
C LYS B 39 2.45 -52.82 53.68
N GLU B 40 2.70 -53.43 52.52
CA GLU B 40 2.63 -54.88 52.40
C GLU B 40 3.77 -55.55 53.17
N ASN B 41 4.96 -54.96 53.13
CA ASN B 41 6.12 -55.56 53.76
C ASN B 41 6.05 -55.45 55.29
N LEU B 42 5.42 -54.39 55.80
CA LEU B 42 5.34 -54.21 57.25
C LEU B 42 4.39 -55.24 57.86
N LEU B 43 3.19 -55.39 57.28
CA LEU B 43 2.24 -56.37 57.79
C LEU B 43 2.76 -57.80 57.64
N LYS B 44 3.72 -58.02 56.74
CA LYS B 44 4.31 -59.35 56.59
C LYS B 44 5.23 -59.69 57.75
N ASP B 45 5.69 -58.69 58.50
CA ASP B 45 6.55 -58.91 59.65
C ASP B 45 5.79 -58.75 60.98
N ASN B 46 4.49 -59.02 60.97
CA ASN B 46 3.68 -59.03 62.19
C ASN B 46 3.68 -57.66 62.87
N CYS B 47 3.57 -56.59 62.08
CA CYS B 47 3.47 -55.23 62.64
C CYS B 47 2.01 -54.94 62.96
N ALA B 48 1.77 -54.37 64.13
CA ALA B 48 0.41 -54.11 64.59
C ALA B 48 -0.31 -53.18 63.62
N PRO B 49 -1.55 -53.49 63.20
CA PRO B 49 -2.23 -52.60 62.26
C PRO B 49 -2.32 -51.15 62.72
N GLU B 50 -2.57 -50.93 64.02
CA GLU B 50 -2.66 -49.57 64.53
C GLU B 50 -1.34 -48.82 64.38
N SER B 51 -0.22 -49.55 64.44
CA SER B 51 1.10 -48.92 64.42
C SER B 51 1.54 -48.47 63.02
N ILE B 52 0.75 -48.75 61.99
CA ILE B 52 1.11 -48.35 60.63
C ILE B 52 0.78 -46.88 60.45
N GLU B 53 1.77 -46.12 59.99
CA GLU B 53 1.60 -44.70 59.65
C GLU B 53 1.75 -44.58 58.14
N PHE B 54 0.62 -44.56 57.43
CA PHE B 54 0.63 -44.52 55.97
C PHE B 54 -0.44 -43.57 55.46
N PRO B 55 -0.11 -42.29 55.31
CA PRO B 55 -1.07 -41.33 54.74
C PRO B 55 -1.32 -41.60 53.27
N VAL B 56 -2.53 -41.26 52.82
CA VAL B 56 -2.95 -41.44 51.44
C VAL B 56 -3.54 -40.13 50.94
N SER B 57 -3.06 -39.67 49.78
CA SER B 57 -3.56 -38.44 49.17
C SER B 57 -4.97 -38.66 48.66
N GLU B 58 -5.95 -37.99 49.28
CA GLU B 58 -7.33 -38.06 48.87
C GLU B 58 -7.77 -36.70 48.32
N ALA B 59 -9.05 -36.61 47.96
CA ALA B 59 -9.60 -35.36 47.42
C ALA B 59 -11.12 -35.41 47.40
N ARG B 60 -11.74 -35.22 48.57
CA ARG B 60 -13.20 -35.25 48.67
C ARG B 60 -13.77 -33.85 48.54
N VAL B 61 -15.02 -33.77 48.09
CA VAL B 61 -15.68 -32.49 47.89
C VAL B 61 -16.35 -32.06 49.19
N LEU B 62 -16.61 -30.77 49.30
CA LEU B 62 -17.38 -30.22 50.42
C LEU B 62 -18.67 -29.57 49.93
N GLU B 63 -18.59 -28.63 49.01
CA GLU B 63 -19.76 -28.01 48.39
C GLU B 63 -19.85 -28.48 46.95
N ASP B 64 -20.96 -29.12 46.61
CA ASP B 64 -21.18 -29.65 45.25
C ASP B 64 -22.59 -29.28 44.79
N ARG B 65 -22.88 -27.98 44.77
CA ARG B 65 -24.16 -27.51 44.27
C ARG B 65 -24.33 -27.92 42.81
N PRO B 66 -25.56 -28.14 42.36
CA PRO B 66 -25.77 -28.49 40.95
C PRO B 66 -25.80 -27.24 40.07
N LEU B 67 -25.28 -27.38 38.86
CA LEU B 67 -25.26 -26.26 37.92
C LEU B 67 -26.69 -25.84 37.59
N SER B 68 -26.95 -24.53 37.69
CA SER B 68 -28.27 -24.02 37.41
C SER B 68 -28.59 -24.12 35.92
N ASP B 69 -29.87 -24.35 35.62
CA ASP B 69 -30.33 -24.42 34.23
C ASP B 69 -30.68 -23.05 33.67
N LYS B 70 -31.32 -22.21 34.48
CA LYS B 70 -31.72 -20.87 34.07
C LYS B 70 -31.13 -19.86 35.04
N GLY B 71 -30.38 -18.89 34.51
CA GLY B 71 -29.84 -17.81 35.30
C GLY B 71 -30.84 -16.73 35.68
N SER B 72 -32.08 -16.85 35.22
CA SER B 72 -33.11 -15.88 35.51
C SER B 72 -33.68 -16.11 36.91
N GLY B 73 -34.29 -15.06 37.45
CA GLY B 73 -34.93 -15.15 38.75
C GLY B 73 -33.95 -15.34 39.89
N ASP B 74 -34.52 -15.58 41.07
CA ASP B 74 -33.76 -15.85 42.29
C ASP B 74 -32.94 -14.64 42.71
N SER B 75 -32.43 -14.68 43.95
CA SER B 75 -31.61 -13.60 44.49
C SER B 75 -30.13 -13.88 44.23
N SER B 76 -29.79 -13.96 42.95
CA SER B 76 -28.42 -14.24 42.52
C SER B 76 -27.91 -15.57 43.10
N GLN B 77 -28.82 -16.52 43.30
CA GLN B 77 -28.46 -17.85 43.80
C GLN B 77 -28.13 -18.80 42.65
N VAL B 78 -27.48 -18.29 41.61
CA VAL B 78 -27.16 -19.07 40.42
C VAL B 78 -25.79 -19.70 40.60
N THR B 79 -25.66 -20.95 40.18
CA THR B 79 -24.41 -21.67 40.22
C THR B 79 -23.99 -22.01 38.80
N GLN B 80 -22.76 -21.63 38.44
CA GLN B 80 -22.20 -21.93 37.13
C GLN B 80 -20.82 -22.58 37.23
N VAL B 81 -20.38 -22.91 38.44
CA VAL B 81 -19.15 -23.66 38.67
C VAL B 81 -19.46 -24.79 39.64
N SER B 82 -18.96 -25.98 39.35
CA SER B 82 -19.18 -27.11 40.23
C SER B 82 -18.00 -28.10 40.16
N PRO B 83 -17.51 -28.57 41.32
CA PRO B 83 -17.94 -28.19 42.67
C PRO B 83 -17.49 -26.78 43.04
N GLN B 84 -18.01 -26.26 44.15
CA GLN B 84 -17.64 -24.94 44.61
C GLN B 84 -16.54 -24.96 45.67
N ARG B 85 -16.33 -26.09 46.33
CA ARG B 85 -15.31 -26.21 47.34
C ARG B 85 -14.95 -27.68 47.51
N ILE B 86 -13.66 -27.98 47.62
CA ILE B 86 -13.18 -29.33 47.83
C ILE B 86 -12.01 -29.28 48.78
N ALA B 87 -11.89 -30.33 49.62
CA ALA B 87 -10.78 -30.47 50.54
C ALA B 87 -9.73 -31.37 49.90
N LEU B 88 -8.50 -30.87 49.81
CA LEU B 88 -7.40 -31.60 49.18
C LEU B 88 -6.37 -31.95 50.24
N ARG B 89 -5.91 -33.20 50.22
CA ARG B 89 -4.90 -33.69 51.17
C ARG B 89 -3.80 -34.37 50.38
N LEU B 90 -2.55 -33.97 50.65
CA LEU B 90 -1.39 -34.49 49.93
C LEU B 90 -0.29 -34.84 50.93
N ARG B 91 0.68 -35.60 50.45
CA ARG B 91 1.87 -35.95 51.20
C ARG B 91 3.09 -35.60 50.36
N PRO B 92 4.28 -35.55 50.98
CA PRO B 92 5.46 -35.02 50.28
C PRO B 92 5.67 -35.66 48.91
N ASP B 93 5.87 -34.80 47.91
CA ASP B 93 6.22 -35.22 46.55
C ASP B 93 5.14 -36.09 45.91
N ASP B 94 3.94 -36.11 46.48
CA ASP B 94 2.82 -36.85 45.94
C ASP B 94 1.99 -35.93 45.05
N SER B 95 0.91 -36.47 44.48
CA SER B 95 0.01 -35.65 43.67
C SER B 95 -1.34 -36.31 43.61
N LYS B 96 -2.39 -35.49 43.72
CA LYS B 96 -3.76 -35.94 43.60
C LYS B 96 -4.46 -35.09 42.56
N ASN B 97 -5.55 -35.63 42.02
CA ASN B 97 -6.26 -35.02 40.91
C ASN B 97 -7.72 -34.78 41.24
N PHE B 98 -8.33 -33.84 40.52
CA PHE B 98 -9.73 -33.52 40.71
C PHE B 98 -10.24 -32.81 39.45
N SER B 99 -11.55 -32.68 39.35
CA SER B 99 -12.20 -32.13 38.18
C SER B 99 -13.08 -30.94 38.55
N ILE B 100 -13.36 -30.12 37.54
CA ILE B 100 -14.21 -28.94 37.70
C ILE B 100 -15.08 -28.80 36.46
N GLN B 101 -16.28 -28.25 36.64
CA GLN B 101 -17.22 -28.06 35.55
C GLN B 101 -17.70 -26.61 35.53
N VAL B 102 -17.81 -26.05 34.33
CA VAL B 102 -18.25 -24.67 34.13
C VAL B 102 -19.36 -24.66 33.09
N ARG B 103 -20.36 -23.80 33.30
CA ARG B 103 -21.49 -23.68 32.40
C ARG B 103 -21.76 -22.23 32.07
N GLN B 104 -21.96 -21.94 30.78
CA GLN B 104 -22.38 -20.62 30.32
C GLN B 104 -23.90 -20.58 30.42
N VAL B 105 -24.40 -20.05 31.53
CA VAL B 105 -25.82 -20.18 31.86
C VAL B 105 -26.67 -19.41 30.87
N GLU B 106 -27.86 -19.94 30.61
CA GLU B 106 -28.84 -19.26 29.77
C GLU B 106 -29.61 -18.22 30.57
N ASP B 107 -30.00 -17.14 29.88
CA ASP B 107 -30.87 -16.11 30.46
C ASP B 107 -30.20 -15.45 31.68
N TYR B 108 -28.93 -15.05 31.51
CA TYR B 108 -28.21 -14.38 32.57
C TYR B 108 -28.40 -12.87 32.45
N PRO B 109 -28.56 -12.15 33.56
CA PRO B 109 -28.77 -10.70 33.46
C PRO B 109 -27.62 -10.02 32.74
N VAL B 110 -27.94 -8.92 32.05
CA VAL B 110 -26.96 -8.19 31.25
C VAL B 110 -27.14 -6.70 31.48
N ASP B 111 -26.04 -6.01 31.73
CA ASP B 111 -26.00 -4.56 31.74
C ASP B 111 -25.33 -4.06 30.47
N ILE B 112 -25.84 -2.97 29.91
CA ILE B 112 -25.30 -2.40 28.69
C ILE B 112 -25.24 -0.89 28.83
N TYR B 113 -24.05 -0.36 29.10
CA TYR B 113 -23.84 1.08 29.18
C TYR B 113 -23.33 1.57 27.85
N TYR B 114 -24.06 2.49 27.23
CA TYR B 114 -23.74 2.99 25.90
C TYR B 114 -22.92 4.25 26.04
N LEU B 115 -21.65 4.18 25.66
CA LEU B 115 -20.73 5.31 25.73
C LEU B 115 -20.59 5.89 24.33
N MET B 116 -21.19 7.07 24.11
CA MET B 116 -21.38 7.62 22.78
C MET B 116 -20.45 8.79 22.56
N ASP B 117 -19.73 8.78 21.44
CA ASP B 117 -18.99 9.95 20.99
C ASP B 117 -19.99 10.96 20.45
N LEU B 118 -19.89 12.21 20.90
CA LEU B 118 -20.74 13.27 20.43
C LEU B 118 -19.93 14.49 20.01
N SER B 119 -18.75 14.27 19.46
CA SER B 119 -18.05 15.34 18.79
C SER B 119 -18.80 15.70 17.50
N TYR B 120 -18.40 16.81 16.88
CA TYR B 120 -19.10 17.25 15.68
C TYR B 120 -19.02 16.21 14.56
N SER B 121 -17.96 15.40 14.55
CA SER B 121 -17.81 14.37 13.52
C SER B 121 -18.87 13.28 13.64
N MET B 122 -19.57 13.21 14.78
CA MET B 122 -20.64 12.23 14.99
C MET B 122 -22.00 12.81 14.67
N LYS B 123 -22.05 13.80 13.78
CA LYS B 123 -23.30 14.48 13.48
C LYS B 123 -24.35 13.50 12.95
N ASP B 124 -24.02 12.79 11.87
CA ASP B 124 -24.98 11.92 11.22
C ASP B 124 -25.45 10.78 12.13
N ASP B 125 -24.58 10.32 13.03
CA ASP B 125 -24.86 9.08 13.76
C ASP B 125 -26.03 9.25 14.73
N LEU B 126 -26.16 10.43 15.34
CA LEU B 126 -27.13 10.59 16.43
C LEU B 126 -28.55 10.26 15.98
N TRP B 127 -28.92 10.63 14.75
CA TRP B 127 -30.29 10.40 14.29
C TRP B 127 -30.59 8.92 14.16
N SER B 128 -29.61 8.13 13.71
CA SER B 128 -29.86 6.73 13.40
C SER B 128 -30.28 5.93 14.63
N ILE B 129 -29.71 6.25 15.79
CA ILE B 129 -29.97 5.50 17.00
C ILE B 129 -31.09 6.17 17.79
N GLN B 130 -32.07 6.74 17.09
CA GLN B 130 -33.15 7.44 17.76
C GLN B 130 -33.97 6.48 18.59
N ASN B 131 -34.26 5.29 18.05
CA ASN B 131 -35.10 4.31 18.70
C ASN B 131 -34.27 3.09 19.13
N LEU B 132 -32.99 3.33 19.42
CA LEU B 132 -32.08 2.23 19.77
C LEU B 132 -32.58 1.45 20.97
N GLY B 133 -33.14 2.14 21.97
CA GLY B 133 -33.52 1.47 23.20
C GLY B 133 -34.50 0.33 22.99
N THR B 134 -35.44 0.51 22.06
CA THR B 134 -36.50 -0.48 21.89
C THR B 134 -36.17 -1.50 20.81
N LYS B 135 -35.83 -1.06 19.59
CA LYS B 135 -35.40 -2.02 18.58
C LYS B 135 -34.34 -2.97 19.13
N LEU B 136 -33.57 -2.51 20.12
CA LEU B 136 -32.57 -3.35 20.78
C LEU B 136 -33.25 -4.43 21.63
N ALA B 137 -33.71 -4.04 22.82
CA ALA B 137 -34.26 -4.98 23.80
C ALA B 137 -35.02 -6.13 23.14
N THR B 138 -35.70 -5.84 22.03
CA THR B 138 -36.43 -6.88 21.31
C THR B 138 -35.48 -7.99 20.86
N GLN B 139 -34.36 -7.63 20.23
CA GLN B 139 -33.38 -8.64 19.85
C GLN B 139 -32.69 -9.22 21.07
N MET B 140 -32.39 -8.39 22.06
CA MET B 140 -31.72 -8.86 23.27
C MET B 140 -32.62 -9.78 24.08
N ARG B 141 -33.94 -9.57 24.01
CA ARG B 141 -34.86 -10.37 24.81
C ARG B 141 -34.70 -11.87 24.57
N LYS B 142 -34.14 -12.26 23.43
CA LYS B 142 -33.99 -13.66 23.09
C LYS B 142 -32.77 -14.31 23.75
N LEU B 143 -31.96 -13.53 24.46
CA LEU B 143 -30.82 -14.05 25.19
C LEU B 143 -30.86 -13.73 26.68
N THR B 144 -31.74 -12.84 27.12
CA THR B 144 -31.84 -12.48 28.53
C THR B 144 -33.22 -11.91 28.79
N SER B 145 -33.80 -12.28 29.94
CA SER B 145 -35.08 -11.75 30.38
C SER B 145 -34.91 -10.66 31.43
N ASN B 146 -33.68 -10.19 31.66
CA ASN B 146 -33.39 -9.21 32.71
C ASN B 146 -32.28 -8.29 32.17
N LEU B 147 -32.68 -7.30 31.39
CA LEU B 147 -31.76 -6.37 30.75
C LEU B 147 -31.87 -4.98 31.38
N ARG B 148 -30.75 -4.28 31.44
CA ARG B 148 -30.70 -2.89 31.87
C ARG B 148 -29.76 -2.13 30.95
N ILE B 149 -30.12 -0.89 30.60
CA ILE B 149 -29.35 -0.10 29.65
C ILE B 149 -29.16 1.31 30.18
N GLY B 150 -28.00 1.90 29.86
CA GLY B 150 -27.70 3.26 30.24
C GLY B 150 -26.95 3.96 29.13
N PHE B 151 -26.71 5.26 29.33
CA PHE B 151 -26.16 6.08 28.26
C PHE B 151 -25.24 7.15 28.84
N GLY B 152 -24.08 7.32 28.18
CA GLY B 152 -23.18 8.39 28.50
C GLY B 152 -22.52 8.91 27.24
N ALA B 153 -22.00 10.14 27.33
CA ALA B 153 -21.48 10.83 26.16
C ALA B 153 -20.14 11.50 26.49
N PHE B 154 -19.33 11.70 25.44
CA PHE B 154 -18.01 12.29 25.61
C PHE B 154 -17.62 13.05 24.35
N VAL B 155 -16.68 13.99 24.52
CA VAL B 155 -16.09 14.73 23.41
C VAL B 155 -14.58 14.75 23.60
N ASP B 156 -14.08 15.75 24.32
CA ASP B 156 -12.66 15.90 24.58
C ASP B 156 -12.49 16.85 25.76
N LYS B 157 -11.24 17.02 26.18
CA LYS B 157 -10.94 17.90 27.30
C LYS B 157 -11.29 19.35 26.97
N PRO B 158 -12.31 19.93 27.60
CA PRO B 158 -12.66 21.32 27.27
C PRO B 158 -11.57 22.30 27.65
N VAL B 159 -10.48 22.32 26.88
CA VAL B 159 -9.36 23.21 27.16
C VAL B 159 -8.53 23.32 25.89
N SER B 160 -7.99 24.50 25.64
CA SER B 160 -7.17 24.74 24.46
C SER B 160 -5.96 23.80 24.47
N PRO B 161 -5.50 23.35 23.30
CA PRO B 161 -5.99 23.64 21.94
C PRO B 161 -7.16 22.78 21.48
N TYR B 162 -7.53 21.75 22.24
CA TYR B 162 -8.66 20.91 21.86
C TYR B 162 -9.93 21.72 21.67
N MET B 163 -10.12 22.77 22.45
CA MET B 163 -11.35 23.54 22.47
C MET B 163 -11.16 24.89 21.80
N TYR B 164 -12.19 25.35 21.11
CA TYR B 164 -12.18 26.69 20.53
C TYR B 164 -12.46 27.71 21.62
N ILE B 165 -11.57 28.70 21.76
CA ILE B 165 -11.64 29.66 22.85
C ILE B 165 -11.83 31.09 22.34
N SER B 166 -12.19 31.25 21.07
CA SER B 166 -12.43 32.57 20.52
C SER B 166 -13.32 32.49 19.29
N PRO B 167 -14.25 33.46 19.13
CA PRO B 167 -14.56 34.57 20.04
C PRO B 167 -15.30 34.12 21.28
N PRO B 168 -15.60 35.05 22.20
CA PRO B 168 -16.33 34.67 23.41
C PRO B 168 -17.61 33.91 23.13
N GLU B 169 -18.24 34.14 21.98
CA GLU B 169 -19.43 33.39 21.62
C GLU B 169 -19.12 31.96 21.22
N ALA B 170 -17.85 31.63 20.99
CA ALA B 170 -17.48 30.26 20.61
C ALA B 170 -17.46 29.32 21.80
N LEU B 171 -17.41 29.85 23.02
CA LEU B 171 -17.43 29.00 24.21
C LEU B 171 -18.84 28.47 24.47
N GLU B 172 -19.85 29.33 24.34
CA GLU B 172 -21.24 28.90 24.50
C GLU B 172 -21.73 28.14 23.27
N ASN B 173 -21.19 28.45 22.10
CA ASN B 173 -21.60 27.81 20.85
C ASN B 173 -20.36 27.57 20.00
N PRO B 174 -19.71 26.41 20.14
CA PRO B 174 -18.52 26.14 19.32
C PRO B 174 -18.77 26.21 17.84
N CYS B 175 -20.02 26.09 17.39
CA CYS B 175 -20.37 26.22 15.98
C CYS B 175 -20.69 27.66 15.60
N TYR B 176 -20.19 28.63 16.38
CA TYR B 176 -20.48 30.03 16.14
C TYR B 176 -19.90 30.48 14.80
N ASP B 177 -18.63 30.15 14.53
CA ASP B 177 -18.01 30.56 13.29
C ASP B 177 -18.64 29.92 12.06
N MET B 178 -19.52 28.94 12.25
CA MET B 178 -20.29 28.35 11.16
C MET B 178 -21.69 28.98 11.13
N LYS B 179 -22.59 28.36 10.37
CA LYS B 179 -23.95 28.85 10.24
C LYS B 179 -24.91 28.23 11.26
N THR B 180 -24.46 27.26 12.05
CA THR B 180 -25.34 26.46 12.89
C THR B 180 -25.05 26.71 14.37
N THR B 181 -25.59 25.84 15.21
CA THR B 181 -25.46 25.93 16.66
C THR B 181 -25.27 24.55 17.25
N CYS B 182 -24.44 24.45 18.29
CA CYS B 182 -24.16 23.18 18.95
C CYS B 182 -23.89 23.43 20.42
N LEU B 183 -23.73 22.34 21.18
CA LEU B 183 -23.57 22.41 22.62
C LEU B 183 -22.19 22.91 23.01
N PRO B 184 -22.04 23.51 24.19
CA PRO B 184 -20.71 23.79 24.69
C PRO B 184 -19.92 22.49 24.86
N MET B 185 -18.61 22.60 24.76
CA MET B 185 -17.77 21.42 24.83
C MET B 185 -17.78 20.83 26.23
N PHE B 186 -17.57 19.51 26.31
CA PHE B 186 -17.60 18.81 27.58
C PHE B 186 -16.76 17.55 27.48
N GLY B 187 -16.02 17.24 28.54
CA GLY B 187 -15.20 16.05 28.56
C GLY B 187 -16.02 14.78 28.52
N TYR B 188 -16.73 14.51 29.60
CA TYR B 188 -17.58 13.32 29.68
C TYR B 188 -18.74 13.63 30.62
N LYS B 189 -19.93 13.17 30.27
CA LYS B 189 -21.11 13.42 31.09
C LYS B 189 -21.98 12.17 31.14
N HIS B 190 -22.36 11.78 32.35
CA HIS B 190 -23.33 10.72 32.56
C HIS B 190 -24.72 11.25 32.27
N VAL B 191 -25.53 10.44 31.57
CA VAL B 191 -26.87 10.83 31.16
C VAL B 191 -27.94 9.94 31.80
N LEU B 192 -27.82 8.63 31.64
CA LEU B 192 -28.84 7.71 32.10
C LEU B 192 -28.19 6.56 32.85
N THR B 193 -28.56 6.39 34.11
CA THR B 193 -28.13 5.25 34.90
C THR B 193 -28.81 3.98 34.39
N LEU B 194 -28.10 2.87 34.48
CA LEU B 194 -28.61 1.59 34.00
C LEU B 194 -30.01 1.34 34.55
N THR B 195 -30.97 1.11 33.64
CA THR B 195 -32.36 0.94 34.02
C THR B 195 -33.00 -0.10 33.10
N ASP B 196 -34.04 -0.75 33.62
CA ASP B 196 -34.81 -1.70 32.81
C ASP B 196 -35.86 -1.03 31.94
N GLN B 197 -36.12 0.27 32.16
CA GLN B 197 -37.07 1.02 31.34
C GLN B 197 -36.36 1.46 30.07
N VAL B 198 -36.72 0.86 28.94
CA VAL B 198 -36.04 1.17 27.69
C VAL B 198 -36.48 2.54 27.16
N THR B 199 -37.75 2.91 27.36
CA THR B 199 -38.21 4.20 26.87
C THR B 199 -37.49 5.37 27.53
N ARG B 200 -36.85 5.13 28.67
CA ARG B 200 -35.99 6.16 29.25
C ARG B 200 -34.73 6.35 28.42
N PHE B 201 -34.27 5.29 27.76
CA PHE B 201 -33.13 5.42 26.86
C PHE B 201 -33.50 6.22 25.63
N ASN B 202 -34.59 5.84 24.96
CA ASN B 202 -35.00 6.52 23.73
C ASN B 202 -35.20 8.02 23.98
N GLU B 203 -35.94 8.37 25.03
CA GLU B 203 -36.25 9.76 25.29
C GLU B 203 -35.04 10.55 25.79
N GLU B 204 -34.05 9.88 26.36
CA GLU B 204 -32.83 10.57 26.75
C GLU B 204 -31.93 10.84 25.55
N VAL B 205 -31.90 9.89 24.61
CA VAL B 205 -31.16 10.10 23.36
C VAL B 205 -31.76 11.24 22.56
N LYS B 206 -33.09 11.26 22.45
CA LYS B 206 -33.77 12.26 21.62
C LYS B 206 -33.51 13.69 22.10
N LYS B 207 -32.95 13.88 23.29
CA LYS B 207 -32.61 15.20 23.78
C LYS B 207 -31.12 15.48 23.71
N GLN B 208 -30.32 14.58 23.15
CA GLN B 208 -28.88 14.77 23.02
C GLN B 208 -28.55 15.48 21.72
N SER B 209 -27.41 16.15 21.71
CA SER B 209 -26.91 16.81 20.51
C SER B 209 -25.39 16.84 20.59
N VAL B 210 -24.76 17.06 19.43
CA VAL B 210 -23.31 16.99 19.34
C VAL B 210 -22.70 18.30 19.83
N SER B 211 -21.40 18.25 20.12
CA SER B 211 -20.61 19.46 20.34
C SER B 211 -19.53 19.53 19.26
N ARG B 212 -18.49 20.32 19.49
CA ARG B 212 -17.46 20.49 18.47
C ARG B 212 -16.13 20.82 19.14
N ASN B 213 -15.05 20.22 18.63
CA ASN B 213 -13.72 20.49 19.12
C ASN B 213 -12.78 20.55 17.92
N ARG B 214 -11.51 20.88 18.19
CA ARG B 214 -10.56 21.21 17.13
C ARG B 214 -9.87 19.99 16.54
N ASP B 215 -9.36 19.09 17.38
CA ASP B 215 -8.50 18.01 16.91
C ASP B 215 -9.28 16.71 16.77
N ALA B 216 -9.04 16.01 15.65
CA ALA B 216 -9.81 14.82 15.32
C ALA B 216 -9.81 13.76 16.39
N PRO B 217 -8.71 13.46 17.07
CA PRO B 217 -8.77 12.50 18.17
C PRO B 217 -9.65 13.03 19.29
N GLU B 218 -10.26 12.12 20.03
CA GLU B 218 -11.22 12.48 21.06
C GLU B 218 -10.86 11.81 22.38
N GLY B 219 -11.27 12.45 23.47
CA GLY B 219 -10.99 11.95 24.80
C GLY B 219 -11.95 10.86 25.23
N GLY B 220 -12.05 9.80 24.43
CA GLY B 220 -12.96 8.73 24.76
C GLY B 220 -12.47 7.83 25.88
N PHE B 221 -11.15 7.77 26.07
CA PHE B 221 -10.62 6.92 27.12
C PHE B 221 -10.86 7.50 28.50
N ASP B 222 -10.87 8.83 28.64
CA ASP B 222 -11.29 9.44 29.89
C ASP B 222 -12.66 8.94 30.31
N ALA B 223 -13.54 8.70 29.33
CA ALA B 223 -14.90 8.27 29.64
C ALA B 223 -15.01 6.76 29.85
N ILE B 224 -14.06 5.97 29.32
CA ILE B 224 -14.07 4.55 29.62
C ILE B 224 -13.68 4.31 31.08
N MET B 225 -12.70 5.08 31.56
CA MET B 225 -12.30 4.97 32.96
C MET B 225 -13.47 5.26 33.88
N GLN B 226 -14.02 6.47 33.80
CA GLN B 226 -15.06 6.89 34.71
C GLN B 226 -16.26 5.95 34.66
N ALA B 227 -16.68 5.57 33.46
CA ALA B 227 -17.80 4.65 33.34
C ALA B 227 -17.51 3.29 33.96
N THR B 228 -16.25 3.00 34.27
CA THR B 228 -15.84 1.75 34.89
C THR B 228 -15.71 1.87 36.40
N VAL B 229 -15.00 2.90 36.88
CA VAL B 229 -14.73 3.03 38.30
C VAL B 229 -15.85 3.69 39.08
N CYS B 230 -16.82 4.31 38.40
CA CYS B 230 -17.97 4.90 39.09
C CYS B 230 -19.11 3.89 39.12
N ASP B 231 -18.94 2.88 39.96
CA ASP B 231 -19.91 1.80 40.07
C ASP B 231 -21.30 2.32 40.41
N GLU B 232 -21.42 3.01 41.54
CA GLU B 232 -22.74 3.39 42.05
C GLU B 232 -23.46 4.33 41.09
N LYS B 233 -22.71 5.13 40.33
CA LYS B 233 -23.33 6.09 39.42
C LYS B 233 -23.87 5.40 38.17
N ILE B 234 -23.02 4.64 37.48
CA ILE B 234 -23.46 3.93 36.28
C ILE B 234 -24.50 2.89 36.65
N GLY B 235 -24.30 2.20 37.77
CA GLY B 235 -25.28 1.24 38.23
C GLY B 235 -25.02 -0.19 37.84
N TRP B 236 -23.76 -0.58 37.68
CA TRP B 236 -23.46 -1.97 37.36
C TRP B 236 -24.00 -2.88 38.45
N ARG B 237 -24.66 -3.97 38.04
CA ARG B 237 -25.21 -4.93 38.98
C ARG B 237 -24.17 -6.00 39.31
N ASN B 238 -24.19 -6.45 40.57
CA ASN B 238 -23.16 -7.37 41.05
C ASN B 238 -23.20 -8.70 40.28
N ASP B 239 -24.40 -9.16 39.93
CA ASP B 239 -24.57 -10.46 39.26
C ASP B 239 -25.19 -10.21 37.89
N ALA B 240 -24.35 -9.78 36.95
CA ALA B 240 -24.82 -9.51 35.60
C ALA B 240 -23.61 -9.29 34.70
N SER B 241 -23.75 -9.70 33.45
CA SER B 241 -22.70 -9.47 32.46
C SER B 241 -22.63 -7.98 32.13
N HIS B 242 -21.45 -7.41 32.27
CA HIS B 242 -21.24 -5.97 32.08
C HIS B 242 -20.69 -5.73 30.69
N LEU B 243 -21.45 -4.98 29.88
CA LEU B 243 -21.04 -4.61 28.53
C LEU B 243 -20.94 -3.09 28.46
N LEU B 244 -19.76 -2.59 28.09
CA LEU B 244 -19.51 -1.16 27.93
C LEU B 244 -19.26 -0.90 26.44
N VAL B 245 -20.25 -0.35 25.76
CA VAL B 245 -20.16 -0.14 24.31
C VAL B 245 -19.56 1.24 24.06
N PHE B 246 -18.43 1.25 23.35
CA PHE B 246 -17.70 2.47 23.03
C PHE B 246 -17.88 2.78 21.55
N THR B 247 -18.52 3.91 21.25
CA THR B 247 -18.82 4.31 19.88
C THR B 247 -18.03 5.57 19.53
N THR B 248 -17.29 5.51 18.43
CA THR B 248 -16.58 6.68 17.94
C THR B 248 -16.27 6.48 16.46
N ASP B 249 -16.00 7.59 15.78
CA ASP B 249 -15.73 7.59 14.34
C ASP B 249 -14.34 8.15 14.03
N ALA B 250 -13.45 8.22 15.01
CA ALA B 250 -12.16 8.84 14.82
C ALA B 250 -11.14 8.17 15.75
N LYS B 251 -9.90 8.63 15.65
CA LYS B 251 -8.85 8.17 16.53
C LYS B 251 -9.15 8.63 17.97
N THR B 252 -8.31 8.19 18.90
CA THR B 252 -8.50 8.49 20.31
C THR B 252 -7.21 9.00 20.91
N HIS B 253 -7.36 9.86 21.92
CA HIS B 253 -6.22 10.32 22.70
C HIS B 253 -5.83 9.26 23.72
N ILE B 254 -4.54 9.22 24.04
CA ILE B 254 -3.98 8.23 24.95
C ILE B 254 -3.22 8.95 26.05
N ALA B 255 -2.59 8.16 26.93
CA ALA B 255 -1.81 8.74 28.01
C ALA B 255 -0.67 9.56 27.46
N LEU B 256 -0.30 10.60 28.19
CA LEU B 256 0.77 11.54 27.86
C LEU B 256 0.39 12.47 26.71
N ASP B 257 -0.80 12.32 26.12
CA ASP B 257 -1.25 13.27 25.12
C ASP B 257 -1.68 14.59 25.75
N GLY B 258 -2.14 14.55 27.00
CA GLY B 258 -2.65 15.74 27.64
C GLY B 258 -1.63 16.86 27.77
N ARG B 259 -0.34 16.53 27.65
CA ARG B 259 0.70 17.54 27.85
C ARG B 259 0.57 18.68 26.84
N LEU B 260 -0.13 18.47 25.73
CA LEU B 260 -0.40 19.55 24.78
C LEU B 260 -1.44 20.53 25.30
N ALA B 261 -2.03 20.26 26.46
CA ALA B 261 -2.93 21.20 27.12
C ALA B 261 -2.39 21.65 28.47
N GLY B 262 -1.12 21.37 28.77
CA GLY B 262 -0.55 21.65 30.07
C GLY B 262 -0.86 20.62 31.13
N ILE B 263 -1.57 19.55 30.78
CA ILE B 263 -1.95 18.53 31.74
C ILE B 263 -0.85 17.49 31.82
N VAL B 264 -0.24 17.35 33.00
CA VAL B 264 0.82 16.38 33.21
C VAL B 264 0.47 15.37 34.30
N GLN B 265 -0.49 15.66 35.17
CA GLN B 265 -0.80 14.78 36.28
C GLN B 265 -1.31 13.43 35.74
N PRO B 266 -0.65 12.32 36.06
CA PRO B 266 -1.17 11.03 35.60
C PRO B 266 -2.60 10.80 36.04
N ASN B 267 -3.26 9.85 35.37
CA ASN B 267 -4.59 9.44 35.77
C ASN B 267 -4.51 8.66 37.06
N ASP B 268 -5.37 9.00 38.02
CA ASP B 268 -5.34 8.36 39.33
C ASP B 268 -6.26 7.16 39.42
N GLY B 269 -7.05 6.88 38.39
CA GLY B 269 -7.91 5.73 38.40
C GLY B 269 -9.12 5.83 39.28
N GLN B 270 -9.35 6.99 39.89
CA GLN B 270 -10.47 7.18 40.79
C GLN B 270 -11.63 7.85 40.08
N CYS B 271 -12.81 7.77 40.69
CA CYS B 271 -13.99 8.40 40.12
C CYS B 271 -13.99 9.89 40.44
N HIS B 272 -14.43 10.69 39.47
CA HIS B 272 -14.48 12.13 39.62
C HIS B 272 -15.75 12.71 39.00
N VAL B 273 -16.82 11.93 39.00
CA VAL B 273 -18.11 12.34 38.46
C VAL B 273 -19.03 12.63 39.64
N GLY B 274 -19.34 13.91 39.85
CA GLY B 274 -20.12 14.35 40.98
C GLY B 274 -21.62 14.29 40.74
N SER B 275 -22.34 15.17 41.41
CA SER B 275 -23.79 15.25 41.26
C SER B 275 -24.21 15.91 39.95
N ASP B 276 -23.35 16.75 39.37
CA ASP B 276 -23.65 17.38 38.09
C ASP B 276 -23.44 16.44 36.92
N ASN B 277 -23.04 15.19 37.18
CA ASN B 277 -22.91 14.17 36.13
C ASN B 277 -21.87 14.55 35.08
N HIS B 278 -20.86 15.33 35.46
CA HIS B 278 -19.80 15.73 34.55
C HIS B 278 -18.44 15.37 35.14
N TYR B 279 -17.55 14.90 34.28
CA TYR B 279 -16.19 14.54 34.70
C TYR B 279 -15.41 15.80 35.04
N SER B 280 -15.00 15.90 36.30
CA SER B 280 -14.46 17.15 36.84
C SER B 280 -12.94 17.23 36.81
N ALA B 281 -12.26 16.10 36.64
CA ALA B 281 -10.81 16.08 36.46
C ALA B 281 -10.42 16.13 34.98
N SER B 282 -11.36 16.51 34.11
CA SER B 282 -11.11 16.45 32.68
C SER B 282 -9.99 17.41 32.28
N THR B 283 -9.97 18.60 32.85
CA THR B 283 -9.03 19.64 32.47
C THR B 283 -7.82 19.71 33.39
N THR B 284 -7.66 18.74 34.29
CA THR B 284 -6.55 18.72 35.23
C THR B 284 -5.81 17.40 35.28
N MET B 285 -6.38 16.31 34.75
CA MET B 285 -5.82 14.97 34.88
C MET B 285 -5.65 14.34 33.50
N ASP B 286 -4.47 13.81 33.23
CA ASP B 286 -4.13 13.28 31.93
C ASP B 286 -5.06 12.13 31.55
N TYR B 287 -5.00 11.72 30.27
CA TYR B 287 -5.75 10.58 29.80
C TYR B 287 -5.20 9.30 30.44
N PRO B 288 -6.00 8.25 30.49
CA PRO B 288 -5.53 6.99 31.08
C PRO B 288 -4.69 6.18 30.11
N SER B 289 -3.81 5.36 30.67
CA SER B 289 -3.03 4.42 29.88
C SER B 289 -3.80 3.13 29.70
N LEU B 290 -3.36 2.34 28.71
CA LEU B 290 -4.04 1.08 28.44
C LEU B 290 -3.87 0.10 29.59
N GLY B 291 -2.76 0.17 30.32
CA GLY B 291 -2.58 -0.70 31.46
C GLY B 291 -3.49 -0.33 32.62
N LEU B 292 -3.70 0.96 32.83
CA LEU B 292 -4.62 1.39 33.88
C LEU B 292 -6.07 1.09 33.52
N MET B 293 -6.42 1.18 32.23
CA MET B 293 -7.76 0.81 31.81
C MET B 293 -7.99 -0.69 31.97
N THR B 294 -6.98 -1.50 31.66
CA THR B 294 -7.11 -2.95 31.81
C THR B 294 -7.32 -3.33 33.27
N GLU B 295 -6.66 -2.61 34.19
CA GLU B 295 -6.76 -2.94 35.60
C GLU B 295 -8.18 -2.76 36.10
N LYS B 296 -8.81 -1.62 35.79
CA LYS B 296 -10.14 -1.34 36.30
C LYS B 296 -11.20 -2.17 35.58
N LEU B 297 -11.04 -2.38 34.28
CA LEU B 297 -11.97 -3.23 33.55
C LEU B 297 -11.97 -4.65 34.11
N SER B 298 -10.79 -5.16 34.45
CA SER B 298 -10.70 -6.48 35.04
C SER B 298 -11.18 -6.47 36.48
N GLN B 299 -10.95 -5.37 37.20
CA GLN B 299 -11.38 -5.26 38.59
C GLN B 299 -12.90 -5.18 38.70
N LYS B 300 -13.52 -4.29 37.93
CA LYS B 300 -14.98 -4.17 37.91
C LYS B 300 -15.63 -5.18 36.98
N ASN B 301 -14.86 -6.04 36.32
CA ASN B 301 -15.40 -7.12 35.50
C ASN B 301 -16.23 -6.57 34.34
N ILE B 302 -15.69 -5.55 33.67
CA ILE B 302 -16.36 -4.92 32.53
C ILE B 302 -15.82 -5.53 31.24
N ASN B 303 -16.72 -5.78 30.29
CA ASN B 303 -16.36 -6.25 28.96
C ASN B 303 -16.49 -5.08 27.98
N LEU B 304 -15.36 -4.59 27.50
CA LEU B 304 -15.35 -3.43 26.61
C LEU B 304 -15.62 -3.86 25.18
N ILE B 305 -16.40 -3.06 24.47
CA ILE B 305 -16.77 -3.32 23.08
C ILE B 305 -16.49 -2.07 22.26
N PHE B 306 -15.61 -2.19 21.28
CA PHE B 306 -15.23 -1.09 20.40
C PHE B 306 -16.11 -1.11 19.16
N ALA B 307 -17.26 -0.44 19.23
CA ALA B 307 -18.15 -0.31 18.07
C ALA B 307 -17.75 0.95 17.32
N VAL B 308 -16.82 0.81 16.38
CA VAL B 308 -16.26 1.93 15.66
C VAL B 308 -16.53 1.79 14.18
N THR B 309 -16.38 2.91 13.47
CA THR B 309 -16.52 2.91 12.01
C THR B 309 -15.38 2.12 11.37
N GLU B 310 -15.56 1.80 10.10
CA GLU B 310 -14.59 0.97 9.41
C GLU B 310 -13.31 1.71 9.08
N ASN B 311 -13.32 3.04 9.12
CA ASN B 311 -12.12 3.79 8.79
C ASN B 311 -11.09 3.77 9.92
N VAL B 312 -11.45 3.24 11.09
CA VAL B 312 -10.53 3.14 12.22
C VAL B 312 -10.61 1.75 12.84
N VAL B 313 -11.32 0.83 12.20
CA VAL B 313 -11.50 -0.51 12.77
C VAL B 313 -10.16 -1.17 13.01
N ASN B 314 -9.20 -0.95 12.12
CA ASN B 314 -7.89 -1.57 12.28
C ASN B 314 -7.14 -1.00 13.46
N LEU B 315 -7.38 0.28 13.79
CA LEU B 315 -6.76 0.90 14.95
C LEU B 315 -7.24 0.24 16.24
N TYR B 316 -8.56 0.25 16.46
CA TYR B 316 -9.11 -0.30 17.68
C TYR B 316 -9.00 -1.82 17.73
N GLN B 317 -8.91 -2.49 16.59
CA GLN B 317 -8.63 -3.92 16.60
CA GLN B 317 -8.63 -3.92 16.60
C GLN B 317 -7.24 -4.21 17.15
N ASN B 318 -6.33 -3.24 17.02
CA ASN B 318 -4.98 -3.40 17.56
C ASN B 318 -4.94 -3.04 19.04
N TYR B 319 -5.73 -2.05 19.45
CA TYR B 319 -5.88 -1.77 20.88
C TYR B 319 -6.56 -2.95 21.57
N SER B 320 -7.55 -3.55 20.93
CA SER B 320 -8.27 -4.67 21.53
C SER B 320 -7.33 -5.82 21.88
N GLU B 321 -6.20 -5.92 21.19
CA GLU B 321 -5.25 -6.99 21.47
C GLU B 321 -4.35 -6.66 22.65
N LEU B 322 -4.30 -5.40 23.06
CA LEU B 322 -3.58 -4.99 24.26
C LEU B 322 -4.49 -4.87 25.48
N ILE B 323 -5.79 -5.12 25.31
CA ILE B 323 -6.75 -5.09 26.40
C ILE B 323 -7.52 -6.40 26.38
N PRO B 324 -6.90 -7.50 26.82
CA PRO B 324 -7.55 -8.82 26.73
C PRO B 324 -9.01 -8.82 27.16
N GLY B 325 -9.83 -9.58 26.46
CA GLY B 325 -11.26 -9.62 26.70
C GLY B 325 -12.05 -8.57 25.97
N THR B 326 -11.40 -7.76 25.13
CA THR B 326 -12.07 -6.72 24.38
C THR B 326 -12.44 -7.25 23.00
N THR B 327 -13.61 -6.82 22.51
CA THR B 327 -14.11 -7.22 21.20
C THR B 327 -14.39 -5.98 20.36
N VAL B 328 -14.43 -6.17 19.04
CA VAL B 328 -14.62 -5.08 18.11
C VAL B 328 -15.76 -5.42 17.16
N GLY B 329 -16.53 -4.41 16.77
CA GLY B 329 -17.51 -4.56 15.73
C GLY B 329 -17.47 -3.35 14.82
N VAL B 330 -17.96 -3.55 13.59
CA VAL B 330 -17.88 -2.51 12.57
C VAL B 330 -19.17 -1.70 12.58
N LEU B 331 -19.04 -0.42 12.90
CA LEU B 331 -20.17 0.51 12.87
C LEU B 331 -20.40 0.94 11.43
N SER B 332 -21.53 0.52 10.86
CA SER B 332 -21.80 0.78 9.45
C SER B 332 -22.04 2.27 9.21
N MET B 333 -21.01 3.08 9.39
CA MET B 333 -21.04 4.49 9.00
C MET B 333 -22.02 5.31 9.82
N ASP B 334 -23.30 5.02 9.69
CA ASP B 334 -24.36 5.78 10.35
C ASP B 334 -24.86 5.10 11.62
N SER B 335 -24.13 4.11 12.13
CA SER B 335 -24.55 3.36 13.32
C SER B 335 -25.88 2.66 13.06
N SER B 336 -26.15 2.34 11.80
CA SER B 336 -27.40 1.66 11.45
C SER B 336 -27.43 0.25 12.05
N ASN B 337 -26.32 -0.47 11.97
CA ASN B 337 -26.26 -1.87 12.39
C ASN B 337 -25.67 -2.04 13.77
N VAL B 338 -25.63 -0.99 14.59
CA VAL B 338 -25.13 -1.14 15.96
C VAL B 338 -25.90 -2.23 16.67
N LEU B 339 -27.22 -2.28 16.47
CA LEU B 339 -28.08 -3.30 17.03
C LEU B 339 -27.48 -4.70 16.93
N GLN B 340 -27.24 -5.13 15.69
CA GLN B 340 -26.85 -6.52 15.46
C GLN B 340 -25.48 -6.83 16.03
N LEU B 341 -24.55 -5.86 15.98
CA LEU B 341 -23.19 -6.16 16.39
C LEU B 341 -23.06 -6.35 17.89
N ILE B 342 -23.91 -5.68 18.68
CA ILE B 342 -23.87 -5.89 20.13
C ILE B 342 -24.28 -7.31 20.47
N VAL B 343 -25.29 -7.84 19.77
CA VAL B 343 -25.68 -9.23 19.99
C VAL B 343 -24.57 -10.16 19.52
N ASP B 344 -23.97 -9.86 18.37
CA ASP B 344 -22.84 -10.65 17.91
C ASP B 344 -21.66 -10.53 18.86
N ALA B 345 -21.49 -9.36 19.49
CA ALA B 345 -20.41 -9.20 20.45
C ALA B 345 -20.70 -9.97 21.73
N TYR B 346 -21.94 -9.95 22.20
CA TYR B 346 -22.28 -10.68 23.41
C TYR B 346 -22.09 -12.17 23.23
N GLY B 347 -22.44 -12.71 22.06
CA GLY B 347 -22.17 -14.11 21.78
C GLY B 347 -20.68 -14.40 21.73
N LYS B 348 -19.91 -13.50 21.11
CA LYS B 348 -18.47 -13.64 21.10
C LYS B 348 -17.90 -13.63 22.51
N ILE B 349 -18.51 -12.84 23.40
CA ILE B 349 -18.03 -12.76 24.77
C ILE B 349 -18.26 -14.08 25.49
N ARG B 350 -19.49 -14.60 25.42
CA ARG B 350 -19.85 -15.84 26.11
C ARG B 350 -19.56 -17.08 25.27
N SER B 351 -18.56 -17.02 24.40
CA SER B 351 -18.13 -18.18 23.63
C SER B 351 -16.80 -18.73 24.10
N LYS B 352 -16.22 -18.17 25.16
CA LYS B 352 -14.95 -18.61 25.69
C LYS B 352 -15.07 -18.85 27.18
N VAL B 353 -14.39 -19.89 27.67
CA VAL B 353 -14.31 -20.22 29.08
C VAL B 353 -12.84 -20.48 29.38
N GLU B 354 -12.18 -19.51 30.01
CA GLU B 354 -10.76 -19.60 30.34
C GLU B 354 -10.60 -19.59 31.86
N LEU B 355 -9.94 -20.61 32.39
CA LEU B 355 -9.74 -20.71 33.83
C LEU B 355 -8.62 -19.77 34.28
N GLU B 356 -8.64 -19.45 35.57
CA GLU B 356 -7.65 -18.57 36.17
C GLU B 356 -7.44 -19.01 37.61
N VAL B 357 -6.18 -19.01 38.05
CA VAL B 357 -5.80 -19.48 39.37
C VAL B 357 -5.31 -18.30 40.21
N ARG B 358 -5.72 -18.28 41.47
CA ARG B 358 -5.34 -17.21 42.40
C ARG B 358 -4.81 -17.81 43.69
N ASP B 359 -3.76 -17.20 44.23
CA ASP B 359 -3.24 -17.53 45.55
C ASP B 359 -2.67 -18.95 45.59
N LEU B 360 -2.05 -19.36 44.49
CA LEU B 360 -1.46 -20.70 44.44
C LEU B 360 -0.13 -20.71 45.21
N PRO B 361 0.05 -21.62 46.18
CA PRO B 361 1.34 -21.68 46.88
C PRO B 361 2.50 -21.95 45.93
N GLU B 362 3.70 -21.59 46.39
CA GLU B 362 4.91 -21.85 45.61
C GLU B 362 5.13 -23.33 45.38
N GLU B 363 4.69 -24.17 46.31
CA GLU B 363 4.99 -25.60 46.24
C GLU B 363 4.10 -26.32 45.23
N LEU B 364 2.86 -25.87 45.07
CA LEU B 364 1.90 -26.56 44.22
C LEU B 364 2.03 -26.10 42.78
N SER B 365 1.94 -27.07 41.86
CA SER B 365 1.90 -26.82 40.43
C SER B 365 0.73 -27.61 39.84
N LEU B 366 0.03 -27.00 38.90
CA LEU B 366 -1.19 -27.57 38.35
C LEU B 366 -1.01 -27.90 36.87
N SER B 367 -1.80 -28.88 36.42
CA SER B 367 -1.84 -29.29 35.02
C SER B 367 -3.29 -29.53 34.64
N PHE B 368 -3.62 -29.27 33.37
CA PHE B 368 -5.01 -29.25 32.95
C PHE B 368 -5.21 -30.04 31.66
N ASN B 369 -6.35 -30.73 31.59
CA ASN B 369 -6.82 -31.37 30.37
C ASN B 369 -8.25 -30.92 30.13
N ALA B 370 -8.45 -30.07 29.13
CA ALA B 370 -9.75 -29.50 28.87
C ALA B 370 -10.64 -30.45 28.08
N THR B 371 -11.96 -30.35 28.30
CA THR B 371 -12.96 -31.16 27.61
C THR B 371 -13.97 -30.22 26.98
N CYS B 372 -13.65 -29.71 25.80
CA CYS B 372 -14.54 -28.81 25.06
C CYS B 372 -15.18 -29.59 23.91
N LEU B 373 -16.09 -28.91 23.20
CA LEU B 373 -16.86 -29.53 22.10
C LEU B 373 -17.62 -30.72 22.67
N ASN B 374 -17.53 -31.91 22.07
CA ASN B 374 -18.24 -33.10 22.54
C ASN B 374 -17.19 -34.07 23.09
N ASN B 375 -16.93 -33.97 24.40
CA ASN B 375 -16.07 -34.91 25.10
C ASN B 375 -14.68 -35.03 24.47
N GLU B 376 -14.24 -34.01 23.74
CA GLU B 376 -12.91 -34.01 23.11
C GLU B 376 -11.89 -33.52 24.14
N VAL B 377 -11.04 -34.41 24.61
CA VAL B 377 -10.04 -34.06 25.61
C VAL B 377 -8.87 -33.37 24.93
N ILE B 378 -8.39 -32.28 25.55
CA ILE B 378 -7.27 -31.51 25.01
C ILE B 378 -6.22 -31.37 26.11
N PRO B 379 -5.16 -32.17 26.13
CA PRO B 379 -4.18 -32.06 27.20
C PRO B 379 -3.48 -30.71 27.21
N GLY B 380 -3.00 -30.33 28.40
CA GLY B 380 -2.25 -29.08 28.54
C GLY B 380 -3.02 -27.87 28.08
N LEU B 381 -4.30 -27.77 28.44
CA LEU B 381 -5.13 -26.65 28.03
C LEU B 381 -6.15 -26.36 29.11
N LYS B 382 -6.29 -25.07 29.46
CA LYS B 382 -7.21 -24.65 30.50
C LYS B 382 -8.16 -23.58 30.00
N SER B 383 -8.53 -23.64 28.71
CA SER B 383 -9.44 -22.67 28.12
C SER B 383 -10.21 -23.34 26.98
N CYS B 384 -11.46 -22.93 26.82
CA CYS B 384 -12.33 -23.44 25.77
C CYS B 384 -12.76 -22.28 24.87
N MET B 385 -13.08 -22.61 23.62
CA MET B 385 -13.50 -21.60 22.65
C MET B 385 -14.50 -22.21 21.69
N GLY B 386 -15.25 -21.35 21.01
CA GLY B 386 -16.29 -21.79 20.11
C GLY B 386 -17.54 -22.27 20.80
N LEU B 387 -17.80 -21.78 22.01
CA LEU B 387 -18.92 -22.23 22.81
C LEU B 387 -20.16 -21.37 22.56
N LYS B 388 -21.31 -21.92 22.94
CA LYS B 388 -22.59 -21.23 22.85
C LYS B 388 -23.19 -21.13 24.24
N ILE B 389 -24.11 -20.17 24.41
CA ILE B 389 -24.78 -20.00 25.69
C ILE B 389 -25.62 -21.23 25.98
N GLY B 390 -25.41 -21.82 27.15
CA GLY B 390 -26.02 -23.07 27.53
C GLY B 390 -25.07 -24.25 27.52
N ASP B 391 -23.95 -24.14 26.81
CA ASP B 391 -22.98 -25.21 26.75
C ASP B 391 -22.32 -25.42 28.11
N THR B 392 -21.66 -26.56 28.25
CA THR B 392 -20.97 -26.91 29.48
C THR B 392 -19.68 -27.65 29.13
N VAL B 393 -18.62 -27.35 29.88
CA VAL B 393 -17.32 -27.98 29.69
C VAL B 393 -16.80 -28.43 31.06
N SER B 394 -15.66 -29.12 31.03
CA SER B 394 -15.04 -29.62 32.25
C SER B 394 -13.54 -29.70 32.04
N PHE B 395 -12.81 -29.77 33.15
CA PHE B 395 -11.36 -29.83 33.14
C PHE B 395 -10.88 -30.84 34.17
N SER B 396 -9.82 -31.57 33.83
CA SER B 396 -9.16 -32.48 34.76
C SER B 396 -7.92 -31.79 35.30
N ILE B 397 -7.79 -31.76 36.63
CA ILE B 397 -6.73 -31.00 37.29
C ILE B 397 -5.96 -31.94 38.21
N GLU B 398 -4.64 -31.75 38.26
CA GLU B 398 -3.77 -32.49 39.16
C GLU B 398 -2.82 -31.51 39.84
N ALA B 399 -2.75 -31.58 41.17
CA ALA B 399 -1.85 -30.75 41.96
C ALA B 399 -0.66 -31.59 42.39
N LYS B 400 0.55 -31.16 42.00
CA LYS B 400 1.79 -31.87 42.30
C LYS B 400 2.57 -31.03 43.30
N VAL B 401 2.56 -31.45 44.57
CA VAL B 401 3.29 -30.75 45.62
C VAL B 401 4.75 -31.15 45.56
N ARG B 402 5.63 -30.20 45.85
CA ARG B 402 7.08 -30.39 45.78
C ARG B 402 7.65 -30.24 47.18
N GLY B 403 8.04 -31.37 47.78
CA GLY B 403 8.51 -31.37 49.16
C GLY B 403 7.35 -31.32 50.14
N CYS B 404 7.65 -30.86 51.36
CA CYS B 404 6.60 -30.55 52.33
C CYS B 404 6.81 -29.12 52.80
N PRO B 405 5.81 -28.25 52.67
CA PRO B 405 5.97 -26.85 53.07
C PRO B 405 5.91 -26.67 54.58
N GLN B 406 6.24 -25.46 55.02
CA GLN B 406 6.16 -25.11 56.43
C GLN B 406 4.71 -25.06 56.90
N GLU B 407 3.90 -24.24 56.24
CA GLU B 407 2.49 -24.13 56.58
C GLU B 407 1.74 -25.35 56.07
N LYS B 408 0.99 -26.00 56.96
CA LYS B 408 0.25 -27.19 56.61
C LYS B 408 -1.19 -26.89 56.18
N GLU B 409 -1.62 -25.63 56.27
CA GLU B 409 -2.98 -25.24 55.92
C GLU B 409 -2.92 -24.03 55.00
N LYS B 410 -3.20 -24.24 53.72
CA LYS B 410 -3.30 -23.18 52.73
C LYS B 410 -4.56 -23.40 51.91
N SER B 411 -4.88 -22.43 51.05
CA SER B 411 -6.07 -22.54 50.21
C SER B 411 -5.96 -21.55 49.05
N PHE B 412 -6.24 -22.03 47.85
CA PHE B 412 -6.23 -21.21 46.64
C PHE B 412 -7.60 -21.31 45.95
N THR B 413 -7.72 -20.61 44.82
CA THR B 413 -8.99 -20.52 44.11
C THR B 413 -8.78 -20.71 42.62
N ILE B 414 -9.76 -21.35 41.98
CA ILE B 414 -9.78 -21.54 40.53
C ILE B 414 -11.08 -20.92 40.02
N LYS B 415 -10.96 -19.87 39.21
CA LYS B 415 -12.12 -19.12 38.75
C LYS B 415 -12.06 -18.93 37.24
N PRO B 416 -13.18 -19.03 36.53
CA PRO B 416 -13.20 -18.63 35.13
C PRO B 416 -13.25 -17.12 34.99
N VAL B 417 -12.50 -16.59 34.02
CA VAL B 417 -12.43 -15.15 33.85
C VAL B 417 -13.81 -14.59 33.54
N GLY B 418 -14.17 -13.50 34.22
CA GLY B 418 -15.46 -12.87 34.03
C GLY B 418 -16.59 -13.50 34.82
N PHE B 419 -16.41 -14.70 35.35
CA PHE B 419 -17.45 -15.39 36.08
C PHE B 419 -17.46 -15.00 37.54
N LYS B 420 -18.65 -15.06 38.14
CA LYS B 420 -18.80 -14.70 39.55
C LYS B 420 -18.35 -15.85 40.45
N ASP B 421 -18.81 -17.07 40.17
CA ASP B 421 -18.55 -18.21 41.01
C ASP B 421 -17.13 -18.74 40.80
N SER B 422 -16.68 -19.59 41.71
CA SER B 422 -15.31 -20.10 41.67
C SER B 422 -15.22 -21.37 42.50
N LEU B 423 -14.16 -22.13 42.24
CA LEU B 423 -13.85 -23.35 42.98
C LEU B 423 -12.73 -23.05 43.98
N ILE B 424 -12.99 -23.30 45.26
CA ILE B 424 -12.03 -23.08 46.33
C ILE B 424 -11.44 -24.42 46.72
N VAL B 425 -10.11 -24.53 46.67
CA VAL B 425 -9.40 -25.76 47.00
C VAL B 425 -8.71 -25.55 48.33
N GLN B 426 -9.19 -26.23 49.37
CA GLN B 426 -8.56 -26.18 50.69
C GLN B 426 -7.53 -27.31 50.77
N VAL B 427 -6.25 -26.95 50.70
CA VAL B 427 -5.18 -27.93 50.70
C VAL B 427 -4.71 -28.19 52.13
N THR B 428 -4.37 -29.44 52.41
CA THR B 428 -3.83 -29.83 53.71
C THR B 428 -2.62 -30.73 53.46
N PHE B 429 -1.47 -30.34 54.00
CA PHE B 429 -0.22 -31.06 53.80
C PHE B 429 0.00 -32.00 54.98
N ASP B 430 -0.19 -33.30 54.76
CA ASP B 430 -0.04 -34.32 55.79
C ASP B 430 1.33 -34.97 55.61
N CYS B 431 2.34 -34.46 56.32
CA CYS B 431 3.65 -35.11 56.37
C CYS B 431 4.08 -35.38 57.80
N ASP B 432 3.12 -35.58 58.69
CA ASP B 432 3.38 -35.93 60.08
C ASP B 432 2.58 -37.17 60.48
N CYS B 433 3.03 -37.83 61.53
CA CYS B 433 2.44 -39.07 62.02
C CYS B 433 1.69 -38.79 63.32
N ALA B 434 0.59 -39.52 63.54
CA ALA B 434 -0.17 -39.35 64.77
C ALA B 434 0.61 -39.76 66.00
N CYS B 435 1.62 -40.61 65.85
CA CYS B 435 2.46 -40.99 66.98
C CYS B 435 3.30 -39.82 67.47
N GLN B 436 3.58 -38.85 66.60
CA GLN B 436 4.32 -37.67 67.01
C GLN B 436 3.55 -36.83 68.01
N ALA B 437 2.22 -36.93 68.03
CA ALA B 437 1.42 -36.16 68.98
C ALA B 437 1.68 -36.60 70.41
N GLN B 438 2.09 -37.86 70.60
CA GLN B 438 2.27 -38.41 71.94
C GLN B 438 3.68 -38.93 72.12
N ALA B 439 4.66 -38.05 72.04
CA ALA B 439 6.07 -38.41 72.21
C ALA B 439 6.45 -38.34 73.68
N GLU B 440 7.67 -38.81 73.98
CA GLU B 440 8.22 -38.81 75.33
C GLU B 440 9.47 -37.95 75.35
N PRO B 441 9.34 -36.64 75.62
CA PRO B 441 10.55 -35.81 75.74
C PRO B 441 11.33 -36.15 77.00
N ASN B 442 12.65 -36.22 76.85
CA ASN B 442 13.53 -36.58 77.97
C ASN B 442 13.18 -37.97 78.51
N SER B 443 12.91 -38.89 77.60
CA SER B 443 12.47 -40.23 77.98
C SER B 443 13.59 -41.00 78.66
N HIS B 444 13.20 -42.01 79.44
CA HIS B 444 14.16 -42.90 80.10
C HIS B 444 14.78 -43.89 79.11
N ARG B 445 14.15 -44.11 77.96
CA ARG B 445 14.64 -45.06 76.99
C ARG B 445 15.80 -44.52 76.17
N CYS B 446 15.84 -43.20 75.96
CA CYS B 446 16.76 -42.60 74.99
C CYS B 446 17.92 -41.93 75.74
N ASN B 447 19.05 -42.63 75.81
CA ASN B 447 20.30 -42.07 76.32
C ASN B 447 20.13 -41.48 77.72
N ASN B 448 19.17 -41.99 78.47
CA ASN B 448 18.93 -41.58 79.86
C ASN B 448 18.60 -40.08 79.92
N GLY B 449 17.44 -39.74 79.36
CA GLY B 449 16.91 -38.40 79.45
C GLY B 449 17.45 -37.42 78.44
N ASN B 450 18.50 -37.76 77.71
CA ASN B 450 19.10 -36.85 76.74
C ASN B 450 18.45 -36.94 75.37
N GLY B 451 17.33 -37.66 75.24
CA GLY B 451 16.68 -37.83 73.96
C GLY B 451 15.17 -37.87 74.10
N THR B 452 14.51 -38.09 72.97
CA THR B 452 13.06 -38.14 72.89
C THR B 452 12.63 -39.44 72.23
N PHE B 453 11.62 -40.08 72.79
CA PHE B 453 11.10 -41.35 72.29
C PHE B 453 9.76 -41.08 71.61
N GLU B 454 9.72 -41.22 70.28
CA GLU B 454 8.49 -41.06 69.52
C GLU B 454 8.47 -42.07 68.38
N CYS B 455 7.29 -42.63 68.12
CA CYS B 455 7.07 -43.52 66.99
C CYS B 455 8.02 -44.71 67.00
N GLY B 456 8.53 -45.07 68.17
CA GLY B 456 9.34 -46.27 68.34
C GLY B 456 10.83 -46.00 68.51
N VAL B 457 11.36 -45.03 67.79
CA VAL B 457 12.78 -44.77 67.77
C VAL B 457 13.10 -43.66 68.77
N CYS B 458 14.40 -43.43 68.98
CA CYS B 458 14.90 -42.42 69.91
C CYS B 458 15.46 -41.25 69.11
N ARG B 459 14.82 -40.10 69.22
CA ARG B 459 15.26 -38.89 68.55
C ARG B 459 16.15 -38.06 69.47
N CYS B 460 17.08 -37.33 68.87
CA CYS B 460 17.94 -36.42 69.62
C CYS B 460 17.17 -35.15 69.94
N GLY B 461 16.95 -34.90 71.23
CA GLY B 461 16.09 -33.81 71.67
C GLY B 461 16.60 -32.44 71.27
N PRO B 462 15.80 -31.42 71.58
CA PRO B 462 16.17 -30.05 71.18
C PRO B 462 17.38 -29.56 71.97
N GLY B 463 18.31 -28.94 71.25
CA GLY B 463 19.54 -28.42 71.82
C GLY B 463 20.77 -29.20 71.43
N TRP B 464 20.62 -30.37 70.83
CA TRP B 464 21.75 -31.20 70.44
C TRP B 464 22.02 -31.08 68.94
N LEU C 1 3.76 -19.22 -53.06
CA LEU C 1 4.26 -19.08 -54.47
C LEU C 1 3.29 -19.72 -55.45
N ASN C 2 2.98 -21.00 -55.23
CA ASN C 2 2.16 -21.77 -56.14
C ASN C 2 0.82 -22.17 -55.52
N LEU C 3 0.30 -21.35 -54.61
CA LEU C 3 -1.06 -21.54 -54.13
C LEU C 3 -2.05 -20.89 -55.09
N ASP C 4 -3.17 -21.56 -55.33
CA ASP C 4 -4.15 -21.10 -56.29
C ASP C 4 -5.12 -20.16 -55.60
N PRO C 5 -5.06 -18.85 -55.85
CA PRO C 5 -6.01 -17.92 -55.24
C PRO C 5 -7.30 -17.73 -56.02
N VAL C 6 -7.51 -18.50 -57.08
CA VAL C 6 -8.63 -18.30 -58.00
C VAL C 6 -9.74 -19.29 -57.67
N GLN C 7 -9.44 -20.57 -57.75
CA GLN C 7 -10.40 -21.63 -57.45
C GLN C 7 -10.16 -22.12 -56.02
N LEU C 8 -10.92 -21.55 -55.08
CA LEU C 8 -10.86 -21.95 -53.68
C LEU C 8 -12.00 -22.89 -53.35
N THR C 9 -11.91 -23.51 -52.19
CA THR C 9 -12.95 -24.37 -51.65
C THR C 9 -13.41 -23.79 -50.33
N PHE C 10 -14.72 -23.56 -50.19
CA PHE C 10 -15.29 -22.92 -49.02
C PHE C 10 -16.21 -23.90 -48.30
N TYR C 11 -15.85 -24.23 -47.06
CA TYR C 11 -16.76 -24.91 -46.14
C TYR C 11 -17.39 -23.86 -45.23
N ALA C 12 -18.61 -24.12 -44.79
CA ALA C 12 -19.37 -23.14 -44.04
C ALA C 12 -20.19 -23.81 -42.95
N GLY C 13 -20.25 -23.15 -41.79
CA GLY C 13 -21.01 -23.65 -40.66
C GLY C 13 -22.16 -22.73 -40.31
N PRO C 14 -22.87 -23.05 -39.23
CA PRO C 14 -24.04 -22.25 -38.84
C PRO C 14 -23.66 -20.80 -38.55
N ASN C 15 -24.68 -19.96 -38.44
CA ASN C 15 -24.48 -18.54 -38.24
C ASN C 15 -24.16 -18.26 -36.78
N GLY C 16 -23.18 -17.39 -36.56
CA GLY C 16 -22.78 -17.06 -35.21
C GLY C 16 -22.18 -18.22 -34.44
N SER C 17 -21.77 -19.28 -35.13
CA SER C 17 -21.15 -20.42 -34.50
C SER C 17 -19.63 -20.29 -34.43
N GLN C 18 -19.06 -19.21 -34.97
CA GLN C 18 -17.61 -19.04 -35.01
C GLN C 18 -16.94 -20.25 -35.63
N PHE C 19 -17.64 -20.91 -36.56
CA PHE C 19 -17.09 -22.03 -37.32
C PHE C 19 -15.82 -21.58 -38.03
N GLY C 20 -14.68 -22.12 -37.62
CA GLY C 20 -13.40 -21.76 -38.20
C GLY C 20 -12.45 -21.16 -37.19
N PHE C 21 -12.86 -21.15 -35.92
CA PHE C 21 -11.99 -20.65 -34.86
C PHE C 21 -10.76 -21.53 -34.70
N SER C 22 -10.86 -22.80 -35.06
CA SER C 22 -9.75 -23.74 -34.95
C SER C 22 -9.94 -24.84 -35.98
N LEU C 23 -8.83 -25.39 -36.46
CA LEU C 23 -8.90 -26.42 -37.48
C LEU C 23 -7.58 -27.18 -37.55
N ASP C 24 -7.63 -28.35 -38.19
CA ASP C 24 -6.45 -29.18 -38.42
C ASP C 24 -6.81 -30.27 -39.42
N PHE C 25 -5.79 -30.85 -40.03
CA PHE C 25 -5.97 -31.95 -40.97
C PHE C 25 -6.08 -33.27 -40.22
N HIS C 26 -6.99 -34.14 -40.67
CA HIS C 26 -7.25 -35.40 -39.99
C HIS C 26 -7.18 -36.55 -40.99
N LYS C 27 -6.22 -37.45 -40.78
CA LYS C 27 -6.13 -38.69 -41.54
C LYS C 27 -6.87 -39.80 -40.81
N ASP C 28 -7.77 -40.48 -41.52
CA ASP C 28 -8.44 -41.64 -40.96
C ASP C 28 -7.51 -42.85 -41.04
N SER C 29 -7.99 -44.00 -40.55
CA SER C 29 -7.18 -45.20 -40.55
C SER C 29 -6.74 -45.61 -41.95
N HIS C 30 -7.49 -45.21 -42.98
CA HIS C 30 -7.13 -45.57 -44.35
C HIS C 30 -6.02 -44.68 -44.89
N GLY C 31 -6.03 -43.39 -44.53
CA GLY C 31 -5.07 -42.44 -45.05
C GLY C 31 -5.75 -41.31 -45.81
N ARG C 32 -7.08 -41.31 -45.78
CA ARG C 32 -7.86 -40.31 -46.49
C ARG C 32 -7.96 -39.04 -45.65
N VAL C 33 -7.45 -37.95 -46.19
CA VAL C 33 -7.38 -36.69 -45.44
C VAL C 33 -8.74 -36.02 -45.42
N ALA C 34 -9.10 -35.46 -44.26
CA ALA C 34 -10.30 -34.65 -44.12
C ALA C 34 -9.95 -33.38 -43.35
N ILE C 35 -10.95 -32.59 -42.96
CA ILE C 35 -10.73 -31.38 -42.18
C ILE C 35 -11.66 -31.41 -40.98
N VAL C 36 -11.10 -31.13 -39.80
CA VAL C 36 -11.87 -30.98 -38.57
C VAL C 36 -11.88 -29.50 -38.21
N VAL C 37 -13.07 -28.97 -37.94
CA VAL C 37 -13.26 -27.55 -37.67
C VAL C 37 -13.99 -27.41 -36.34
N GLY C 38 -13.52 -26.47 -35.52
CA GLY C 38 -14.17 -26.14 -34.26
C GLY C 38 -15.06 -24.93 -34.41
N ALA C 39 -16.19 -24.95 -33.70
CA ALA C 39 -17.21 -23.90 -33.77
C ALA C 39 -17.62 -23.56 -32.34
N PRO C 40 -16.83 -22.75 -31.64
CA PRO C 40 -16.99 -22.63 -30.18
C PRO C 40 -18.25 -21.93 -29.71
N ARG C 41 -19.09 -21.39 -30.60
CA ARG C 41 -20.34 -20.76 -30.18
C ARG C 41 -21.54 -21.44 -30.83
N THR C 42 -21.40 -22.71 -31.18
CA THR C 42 -22.51 -23.46 -31.75
C THR C 42 -23.53 -23.77 -30.67
N LEU C 43 -24.80 -23.50 -30.95
CA LEU C 43 -25.84 -23.80 -29.99
C LEU C 43 -25.86 -25.28 -29.67
N GLY C 44 -26.40 -25.61 -28.49
CA GLY C 44 -26.54 -26.98 -28.08
C GLY C 44 -28.00 -27.34 -27.90
N PRO C 45 -28.26 -28.55 -27.39
CA PRO C 45 -29.65 -28.94 -27.14
C PRO C 45 -30.34 -28.04 -26.13
N SER C 46 -29.59 -27.48 -25.19
CA SER C 46 -30.14 -26.58 -24.18
C SER C 46 -30.43 -25.19 -24.73
N GLN C 47 -30.27 -24.97 -26.04
CA GLN C 47 -30.53 -23.69 -26.68
C GLN C 47 -29.56 -22.60 -26.20
N GLU C 48 -28.41 -23.00 -25.66
CA GLU C 48 -27.37 -22.07 -25.26
C GLU C 48 -26.06 -22.44 -25.94
N GLU C 49 -25.19 -21.45 -26.06
CA GLU C 49 -23.89 -21.69 -26.68
C GLU C 49 -23.11 -22.73 -25.89
N THR C 50 -22.65 -23.77 -26.59
CA THR C 50 -21.80 -24.78 -25.99
C THR C 50 -20.54 -24.98 -26.82
N GLY C 51 -20.68 -24.83 -28.14
CA GLY C 51 -19.62 -25.15 -29.07
C GLY C 51 -19.88 -26.46 -29.78
N GLY C 52 -19.02 -26.76 -30.75
CA GLY C 52 -19.18 -27.97 -31.52
C GLY C 52 -17.96 -28.21 -32.38
N VAL C 53 -17.92 -29.41 -32.97
CA VAL C 53 -16.84 -29.82 -33.85
C VAL C 53 -17.46 -30.43 -35.10
N PHE C 54 -16.93 -30.05 -36.26
CA PHE C 54 -17.40 -30.54 -37.55
C PHE C 54 -16.24 -31.22 -38.26
N LEU C 55 -16.51 -32.40 -38.82
CA LEU C 55 -15.50 -33.19 -39.53
C LEU C 55 -15.81 -33.12 -41.01
N CYS C 56 -15.19 -32.16 -41.70
CA CYS C 56 -15.49 -31.89 -43.10
C CYS C 56 -14.71 -32.85 -44.00
N PRO C 57 -15.38 -33.67 -44.81
CA PRO C 57 -14.66 -34.47 -45.80
C PRO C 57 -14.21 -33.62 -46.98
N TRP C 58 -13.20 -34.12 -47.68
CA TRP C 58 -12.62 -33.37 -48.78
C TRP C 58 -13.54 -33.39 -49.99
N ARG C 59 -13.97 -32.20 -50.43
CA ARG C 59 -14.78 -32.05 -51.63
C ARG C 59 -14.39 -30.73 -52.28
N ALA C 60 -13.94 -30.79 -53.53
CA ALA C 60 -13.49 -29.57 -54.21
C ALA C 60 -14.55 -28.49 -54.24
N GLU C 61 -15.82 -28.86 -54.06
CA GLU C 61 -16.91 -27.88 -54.02
C GLU C 61 -17.29 -27.47 -52.60
N GLY C 62 -16.68 -28.08 -51.58
CA GLY C 62 -16.94 -27.67 -50.21
C GLY C 62 -18.36 -27.99 -49.78
N GLY C 63 -18.96 -27.09 -49.03
CA GLY C 63 -20.34 -27.23 -48.59
C GLY C 63 -20.44 -27.44 -47.09
N GLN C 64 -21.62 -27.91 -46.68
CA GLN C 64 -21.89 -28.19 -45.28
C GLN C 64 -21.10 -29.41 -44.81
N CYS C 65 -20.93 -29.51 -43.50
CA CYS C 65 -20.11 -30.56 -42.91
C CYS C 65 -20.89 -31.36 -41.88
N PRO C 66 -20.53 -32.63 -41.67
CA PRO C 66 -21.13 -33.40 -40.58
C PRO C 66 -20.70 -32.90 -39.22
N SER C 67 -21.55 -33.16 -38.23
CA SER C 67 -21.32 -32.71 -36.86
C SER C 67 -20.74 -33.86 -36.04
N LEU C 68 -19.52 -33.68 -35.53
CA LEU C 68 -18.90 -34.65 -34.65
C LEU C 68 -19.49 -34.49 -33.26
N LEU C 69 -20.33 -35.45 -32.86
CA LEU C 69 -21.17 -35.27 -31.68
C LEU C 69 -20.43 -35.64 -30.40
N PHE C 70 -20.62 -34.83 -29.36
CA PHE C 70 -20.10 -35.08 -28.03
C PHE C 70 -21.25 -34.94 -27.04
N ASP C 71 -21.03 -35.44 -25.83
CA ASP C 71 -22.02 -35.35 -24.76
C ASP C 71 -22.01 -33.93 -24.20
N LEU C 72 -23.15 -33.24 -24.34
CA LEU C 72 -23.28 -31.84 -23.94
C LEU C 72 -24.23 -31.68 -22.75
N ARG C 73 -24.19 -32.63 -21.82
CA ARG C 73 -25.05 -32.59 -20.64
C ARG C 73 -24.24 -32.14 -19.43
N ASP C 74 -24.89 -31.36 -18.56
CA ASP C 74 -24.29 -30.97 -17.29
C ASP C 74 -24.29 -32.17 -16.36
N GLU C 75 -23.11 -32.71 -16.08
CA GLU C 75 -22.99 -33.90 -15.27
C GLU C 75 -22.98 -33.54 -13.78
N THR C 76 -23.56 -34.45 -12.97
CA THR C 76 -23.63 -34.27 -11.53
C THR C 76 -23.43 -35.61 -10.85
N ARG C 77 -22.62 -35.62 -9.79
CA ARG C 77 -22.35 -36.84 -9.04
C ARG C 77 -22.21 -36.50 -7.56
N ASN C 78 -22.94 -37.24 -6.72
CA ASN C 78 -22.84 -37.13 -5.28
C ASN C 78 -21.99 -38.29 -4.77
N VAL C 79 -20.78 -37.99 -4.30
CA VAL C 79 -19.84 -39.01 -3.87
C VAL C 79 -18.97 -38.43 -2.76
N GLY C 80 -18.65 -39.27 -1.78
CA GLY C 80 -17.80 -38.84 -0.68
C GLY C 80 -18.39 -37.69 0.11
N SER C 81 -19.70 -37.69 0.30
CA SER C 81 -20.40 -36.60 0.98
C SER C 81 -20.20 -35.26 0.29
N GLN C 82 -19.75 -35.29 -0.97
CA GLN C 82 -19.58 -34.10 -1.80
C GLN C 82 -20.53 -34.18 -2.98
N THR C 83 -20.62 -33.08 -3.72
CA THR C 83 -21.44 -33.00 -4.92
C THR C 83 -20.59 -32.41 -6.03
N LEU C 84 -20.25 -33.23 -7.02
CA LEU C 84 -19.48 -32.79 -8.17
C LEU C 84 -20.39 -32.24 -9.25
N GLN C 85 -19.91 -31.22 -9.95
CA GLN C 85 -20.71 -30.52 -10.95
C GLN C 85 -19.85 -30.12 -12.14
N THR C 86 -20.42 -30.24 -13.34
CA THR C 86 -19.80 -29.77 -14.56
C THR C 86 -20.80 -28.89 -15.30
N PHE C 87 -20.33 -27.76 -15.80
CA PHE C 87 -21.16 -26.80 -16.53
C PHE C 87 -20.54 -26.56 -17.90
N LYS C 88 -21.31 -26.86 -18.95
CA LYS C 88 -20.83 -26.78 -20.32
C LYS C 88 -21.42 -25.60 -21.08
N ALA C 89 -22.30 -24.82 -20.46
CA ALA C 89 -22.82 -23.63 -21.10
C ALA C 89 -21.70 -22.64 -21.35
N ARG C 90 -21.58 -22.18 -22.59
CA ARG C 90 -20.54 -21.23 -22.97
C ARG C 90 -19.15 -21.78 -22.68
N GLN C 91 -18.98 -23.09 -22.86
CA GLN C 91 -17.69 -23.73 -22.62
C GLN C 91 -16.73 -23.52 -23.78
N GLY C 92 -17.22 -23.15 -24.95
CA GLY C 92 -16.35 -22.93 -26.09
C GLY C 92 -15.77 -24.19 -26.67
N LEU C 93 -16.57 -25.25 -26.77
CA LEU C 93 -16.11 -26.50 -27.36
C LEU C 93 -15.73 -26.27 -28.82
N GLY C 94 -14.45 -26.44 -29.13
CA GLY C 94 -13.93 -26.14 -30.44
C GLY C 94 -12.99 -24.96 -30.46
N ALA C 95 -12.76 -24.31 -29.31
CA ALA C 95 -11.79 -23.23 -29.25
C ALA C 95 -10.39 -23.68 -29.64
N SER C 96 -10.15 -24.98 -29.67
CA SER C 96 -8.88 -25.52 -30.15
C SER C 96 -9.07 -26.97 -30.51
N VAL C 97 -8.59 -27.37 -31.69
CA VAL C 97 -8.66 -28.75 -32.13
C VAL C 97 -7.30 -29.16 -32.66
N VAL C 98 -7.06 -30.47 -32.68
CA VAL C 98 -5.82 -31.04 -33.18
C VAL C 98 -6.05 -32.51 -33.43
N SER C 99 -5.30 -33.09 -34.36
CA SER C 99 -5.47 -34.47 -34.77
C SER C 99 -4.16 -35.24 -34.64
N TRP C 100 -4.29 -36.53 -34.36
CA TRP C 100 -3.14 -37.43 -34.26
C TRP C 100 -3.64 -38.84 -34.52
N SER C 101 -2.98 -39.55 -35.42
CA SER C 101 -3.40 -40.89 -35.84
C SER C 101 -4.85 -40.76 -36.32
N ASP C 102 -5.78 -41.60 -35.87
CA ASP C 102 -7.18 -41.50 -36.22
C ASP C 102 -8.02 -40.91 -35.09
N VAL C 103 -7.40 -40.07 -34.26
CA VAL C 103 -8.04 -39.54 -33.06
C VAL C 103 -8.09 -38.02 -33.17
N ILE C 104 -9.21 -37.44 -32.75
CA ILE C 104 -9.41 -36.00 -32.74
C ILE C 104 -9.52 -35.55 -31.28
N VAL C 105 -8.98 -34.38 -30.98
CA VAL C 105 -8.95 -33.84 -29.63
C VAL C 105 -9.52 -32.42 -29.69
N ALA C 106 -10.78 -32.26 -29.30
CA ALA C 106 -11.42 -30.95 -29.24
C ALA C 106 -11.54 -30.52 -27.78
N CYS C 107 -11.17 -29.28 -27.49
CA CYS C 107 -11.10 -28.78 -26.13
C CYS C 107 -12.11 -27.67 -25.91
N ALA C 108 -12.47 -27.48 -24.64
CA ALA C 108 -13.45 -26.49 -24.19
C ALA C 108 -12.84 -25.72 -23.03
N PRO C 109 -11.97 -24.74 -23.31
CA PRO C 109 -11.18 -24.13 -22.24
C PRO C 109 -11.99 -23.32 -21.23
N TRP C 110 -13.30 -23.15 -21.42
CA TRP C 110 -14.12 -22.40 -20.48
C TRP C 110 -15.22 -23.25 -19.88
N GLN C 111 -15.02 -24.57 -19.85
CA GLN C 111 -15.94 -25.45 -19.14
C GLN C 111 -15.74 -25.31 -17.64
N HIS C 112 -16.82 -25.03 -16.92
CA HIS C 112 -16.71 -24.74 -15.50
C HIS C 112 -16.87 -26.00 -14.66
N TRP C 113 -16.45 -25.89 -13.40
CA TRP C 113 -16.40 -27.02 -12.48
C TRP C 113 -16.61 -26.51 -11.07
N ASN C 114 -17.31 -27.29 -10.25
CA ASN C 114 -17.62 -26.87 -8.90
C ASN C 114 -17.87 -28.10 -8.03
N VAL C 115 -17.35 -28.06 -6.81
CA VAL C 115 -17.50 -29.13 -5.83
C VAL C 115 -18.17 -28.53 -4.60
N LEU C 116 -19.31 -29.08 -4.22
CA LEU C 116 -20.05 -28.62 -3.05
C LEU C 116 -19.83 -29.57 -1.87
N GLU C 117 -19.90 -29.01 -0.67
CA GLU C 117 -19.82 -29.79 0.56
C GLU C 117 -20.59 -29.02 1.63
N LYS C 118 -21.83 -29.43 1.89
CA LYS C 118 -22.70 -28.75 2.84
C LYS C 118 -22.91 -27.30 2.42
N THR C 119 -22.27 -26.36 3.12
CA THR C 119 -22.35 -24.95 2.77
C THR C 119 -21.11 -24.44 2.04
N GLU C 120 -19.97 -25.09 2.24
CA GLU C 120 -18.74 -24.69 1.57
C GLU C 120 -18.74 -25.15 0.12
N GLU C 121 -17.74 -24.69 -0.63
CA GLU C 121 -17.61 -25.08 -2.04
C GLU C 121 -16.17 -24.85 -2.47
N ALA C 122 -15.85 -25.37 -3.65
CA ALA C 122 -14.54 -25.19 -4.27
C ALA C 122 -14.55 -24.06 -5.30
N GLU C 123 -15.61 -23.25 -5.33
CA GLU C 123 -15.77 -22.17 -6.29
C GLU C 123 -16.09 -22.70 -7.69
N LYS C 124 -16.95 -21.98 -8.41
CA LYS C 124 -17.35 -22.34 -9.77
C LYS C 124 -16.41 -21.63 -10.73
N THR C 125 -15.45 -22.36 -11.29
CA THR C 125 -14.37 -21.75 -12.05
C THR C 125 -14.12 -22.52 -13.34
N PRO C 126 -13.55 -21.87 -14.35
CA PRO C 126 -13.26 -22.55 -15.62
C PRO C 126 -11.97 -23.35 -15.58
N VAL C 127 -12.08 -24.66 -15.36
CA VAL C 127 -10.91 -25.52 -15.33
C VAL C 127 -10.52 -26.01 -16.72
N GLY C 128 -11.44 -26.01 -17.67
CA GLY C 128 -11.16 -26.51 -19.00
C GLY C 128 -11.31 -28.01 -19.08
N SER C 129 -11.67 -28.51 -20.26
CA SER C 129 -11.86 -29.93 -20.47
C SER C 129 -11.72 -30.23 -21.95
N CYS C 130 -11.02 -31.31 -22.28
CA CYS C 130 -10.78 -31.70 -23.66
C CYS C 130 -11.53 -32.98 -23.98
N PHE C 131 -12.32 -32.94 -25.05
CA PHE C 131 -13.04 -34.12 -25.53
C PHE C 131 -12.19 -34.82 -26.57
N LEU C 132 -12.10 -36.15 -26.46
CA LEU C 132 -11.39 -36.97 -27.43
C LEU C 132 -12.37 -37.90 -28.13
N ALA C 133 -12.07 -38.22 -29.39
CA ALA C 133 -12.97 -39.03 -30.19
C ALA C 133 -12.17 -39.81 -31.23
N GLN C 134 -12.63 -41.03 -31.51
CA GLN C 134 -12.11 -41.87 -32.58
C GLN C 134 -13.27 -42.10 -33.56
N PRO C 135 -13.50 -41.17 -34.49
CA PRO C 135 -14.75 -41.18 -35.27
C PRO C 135 -15.11 -42.53 -35.88
N GLU C 136 -14.12 -43.28 -36.35
CA GLU C 136 -14.39 -44.56 -36.98
C GLU C 136 -14.98 -45.55 -35.96
N SER C 137 -14.26 -45.81 -34.87
CA SER C 137 -14.74 -46.74 -33.87
C SER C 137 -15.92 -46.17 -33.09
N GLY C 138 -16.04 -44.86 -33.02
CA GLY C 138 -17.06 -44.22 -32.22
C GLY C 138 -16.71 -44.01 -30.77
N ARG C 139 -15.54 -44.49 -30.35
CA ARG C 139 -15.14 -44.34 -28.96
C ARG C 139 -14.98 -42.87 -28.59
N ARG C 140 -15.33 -42.56 -27.34
CA ARG C 140 -15.21 -41.21 -26.81
C ARG C 140 -14.46 -41.24 -25.49
N ALA C 141 -13.95 -40.08 -25.10
CA ALA C 141 -13.20 -39.96 -23.84
C ALA C 141 -13.00 -38.49 -23.54
N GLU C 142 -12.90 -38.17 -22.25
CA GLU C 142 -12.68 -36.81 -21.78
C GLU C 142 -11.37 -36.74 -21.02
N TYR C 143 -10.96 -35.52 -20.68
CA TYR C 143 -9.70 -35.31 -19.97
C TYR C 143 -9.70 -33.89 -19.40
N SER C 144 -9.86 -33.79 -18.09
CA SER C 144 -9.87 -32.50 -17.39
C SER C 144 -8.89 -32.59 -16.23
N PRO C 145 -7.60 -32.33 -16.49
CA PRO C 145 -6.58 -32.55 -15.46
C PRO C 145 -6.55 -31.50 -14.36
N CYS C 146 -7.39 -30.47 -14.44
CA CYS C 146 -7.38 -29.40 -13.44
C CYS C 146 -8.62 -29.42 -12.56
N ARG C 147 -9.41 -30.49 -12.60
CA ARG C 147 -10.49 -30.67 -11.65
C ARG C 147 -9.94 -31.11 -10.30
N GLY C 148 -10.47 -30.49 -9.25
CA GLY C 148 -10.03 -30.81 -7.90
C GLY C 148 -11.21 -30.88 -6.95
N ASN C 149 -10.96 -31.46 -5.78
CA ASN C 149 -11.97 -31.59 -4.74
C ASN C 149 -11.68 -30.71 -3.53
N THR C 150 -10.63 -29.89 -3.58
CA THR C 150 -10.30 -29.02 -2.45
C THR C 150 -11.29 -27.87 -2.36
N LEU C 151 -11.66 -27.52 -1.14
CA LEU C 151 -12.63 -26.46 -0.91
C LEU C 151 -11.95 -25.09 -1.01
N SER C 152 -12.79 -24.04 -1.02
CA SER C 152 -12.28 -22.68 -1.12
C SER C 152 -11.50 -22.29 0.13
N ARG C 153 -12.04 -22.61 1.30
CA ARG C 153 -11.39 -22.26 2.56
C ARG C 153 -9.94 -22.75 2.61
N ILE C 154 -9.65 -23.87 1.95
CA ILE C 154 -8.33 -24.46 2.05
C ILE C 154 -7.29 -23.62 1.31
N TYR C 155 -7.59 -23.24 0.08
CA TYR C 155 -6.65 -22.46 -0.71
C TYR C 155 -6.23 -21.19 0.02
N VAL C 156 -7.16 -20.58 0.76
CA VAL C 156 -6.85 -19.36 1.48
C VAL C 156 -5.69 -19.60 2.45
N GLU C 157 -5.74 -20.70 3.18
CA GLU C 157 -4.75 -20.98 4.21
C GLU C 157 -3.35 -21.10 3.62
N ASN C 158 -3.24 -21.71 2.44
CA ASN C 158 -1.95 -22.05 1.86
C ASN C 158 -1.45 -21.01 0.87
N ASP C 159 -1.95 -19.77 0.95
CA ASP C 159 -1.51 -18.68 0.08
C ASP C 159 -1.79 -18.99 -1.38
N PHE C 160 -2.88 -19.69 -1.65
CA PHE C 160 -3.31 -20.01 -3.01
C PHE C 160 -2.20 -20.72 -3.79
N SER C 161 -1.45 -21.58 -3.11
CA SER C 161 -0.41 -22.35 -3.77
C SER C 161 -1.02 -23.54 -4.49
N TRP C 162 -0.55 -23.79 -5.72
CA TRP C 162 -1.04 -24.90 -6.54
C TRP C 162 -2.55 -24.80 -6.72
N ASP C 163 -2.99 -23.67 -7.27
CA ASP C 163 -4.40 -23.40 -7.53
C ASP C 163 -4.66 -23.63 -9.01
N LYS C 164 -5.27 -24.78 -9.32
CA LYS C 164 -5.58 -25.15 -10.70
C LYS C 164 -7.05 -24.88 -11.05
N ARG C 165 -7.77 -24.13 -10.22
CA ARG C 165 -9.19 -23.94 -10.44
C ARG C 165 -9.50 -23.10 -11.67
N TYR C 166 -8.52 -22.36 -12.20
CA TYR C 166 -8.73 -21.46 -13.33
C TYR C 166 -7.84 -21.84 -14.50
N CYS C 167 -7.47 -23.12 -14.60
CA CYS C 167 -6.55 -23.56 -15.64
C CYS C 167 -6.98 -23.10 -17.02
N GLU C 168 -8.23 -23.40 -17.39
CA GLU C 168 -8.67 -23.31 -18.78
C GLU C 168 -7.84 -24.24 -19.65
N ALA C 169 -7.73 -25.49 -19.22
CA ALA C 169 -6.97 -26.48 -19.98
C ALA C 169 -7.60 -26.67 -21.36
N GLY C 170 -6.74 -26.78 -22.37
CA GLY C 170 -7.19 -26.85 -23.75
C GLY C 170 -7.17 -25.52 -24.47
N PHE C 171 -6.91 -24.42 -23.76
CA PHE C 171 -6.72 -23.13 -24.40
C PHE C 171 -5.83 -23.25 -25.62
N SER C 172 -4.75 -24.02 -25.50
CA SER C 172 -3.94 -24.45 -26.63
C SER C 172 -3.71 -25.95 -26.50
N SER C 173 -3.15 -26.55 -27.54
CA SER C 173 -2.95 -27.99 -27.50
C SER C 173 -2.02 -28.41 -28.62
N VAL C 174 -1.46 -29.62 -28.46
CA VAL C 174 -0.54 -30.21 -29.42
C VAL C 174 -0.35 -31.67 -29.02
N VAL C 175 0.02 -32.52 -29.97
CA VAL C 175 0.26 -33.93 -29.70
C VAL C 175 1.60 -34.32 -30.31
N THR C 176 2.48 -34.88 -29.49
CA THR C 176 3.76 -35.37 -29.98
C THR C 176 3.54 -36.56 -30.92
N GLN C 177 4.54 -36.84 -31.75
CA GLN C 177 4.45 -37.99 -32.64
C GLN C 177 4.43 -39.30 -31.88
N ALA C 178 4.87 -39.29 -30.62
CA ALA C 178 4.79 -40.49 -29.79
C ALA C 178 3.36 -40.81 -29.41
N GLY C 179 2.53 -39.78 -29.23
CA GLY C 179 1.13 -39.97 -28.87
C GLY C 179 0.81 -39.35 -27.52
N GLU C 180 1.51 -38.28 -27.17
CA GLU C 180 1.39 -37.63 -25.88
C GLU C 180 0.65 -36.31 -26.04
N LEU C 181 -0.58 -36.26 -25.55
CA LEU C 181 -1.34 -35.01 -25.55
C LEU C 181 -0.72 -34.03 -24.57
N VAL C 182 -0.60 -32.77 -25.00
CA VAL C 182 -0.01 -31.71 -24.20
C VAL C 182 -0.93 -30.51 -24.27
N LEU C 183 -1.62 -30.22 -23.17
CA LEU C 183 -2.53 -29.08 -23.13
C LEU C 183 -1.82 -27.85 -22.56
N GLY C 184 -2.33 -26.69 -22.93
CA GLY C 184 -1.85 -25.44 -22.39
C GLY C 184 -2.93 -24.77 -21.56
N ALA C 185 -2.64 -24.48 -20.30
CA ALA C 185 -3.60 -23.90 -19.36
C ALA C 185 -3.07 -22.56 -18.89
N PRO C 186 -3.35 -21.47 -19.61
CA PRO C 186 -2.76 -20.18 -19.22
C PRO C 186 -3.26 -19.67 -17.89
N GLY C 187 -4.46 -20.05 -17.47
CA GLY C 187 -4.99 -19.63 -16.19
C GLY C 187 -4.62 -20.53 -15.03
N GLY C 188 -3.67 -21.44 -15.23
CA GLY C 188 -3.30 -22.37 -14.18
C GLY C 188 -2.41 -21.72 -13.14
N TYR C 189 -2.46 -22.28 -11.93
CA TYR C 189 -1.69 -21.79 -10.79
C TYR C 189 -1.92 -20.30 -10.60
N TYR C 190 -3.20 -19.94 -10.53
CA TYR C 190 -3.62 -18.54 -10.37
C TYR C 190 -3.01 -17.67 -11.46
N PHE C 191 -3.33 -18.03 -12.70
CA PHE C 191 -2.97 -17.24 -13.88
C PHE C 191 -1.47 -17.17 -14.10
N LEU C 192 -0.71 -18.08 -13.48
CA LEU C 192 0.69 -18.24 -13.84
C LEU C 192 0.86 -19.10 -15.07
N GLY C 193 -0.08 -20.00 -15.32
CA GLY C 193 -0.03 -20.86 -16.49
C GLY C 193 0.71 -22.16 -16.23
N LEU C 194 0.25 -23.22 -16.87
CA LEU C 194 0.84 -24.53 -16.69
C LEU C 194 0.54 -25.40 -17.90
N LEU C 195 1.26 -26.52 -17.99
CA LEU C 195 1.13 -27.48 -19.08
C LEU C 195 0.80 -28.85 -18.52
N ALA C 196 -0.33 -29.41 -18.96
CA ALA C 196 -0.74 -30.75 -18.58
C ALA C 196 -0.40 -31.73 -19.70
N GLN C 197 0.22 -32.85 -19.34
CA GLN C 197 0.62 -33.87 -20.30
C GLN C 197 0.00 -35.20 -19.91
N ALA C 198 -0.27 -36.03 -20.92
CA ALA C 198 -0.84 -37.35 -20.67
C ALA C 198 -0.92 -38.15 -21.97
N PRO C 199 -0.40 -39.37 -22.02
CA PRO C 199 -0.55 -40.19 -23.24
C PRO C 199 -2.01 -40.38 -23.60
N VAL C 200 -2.29 -40.31 -24.91
CA VAL C 200 -3.67 -40.45 -25.37
C VAL C 200 -4.21 -41.83 -25.02
N ALA C 201 -3.43 -42.87 -25.29
CA ALA C 201 -3.90 -44.23 -25.04
C ALA C 201 -4.32 -44.41 -23.58
N ASP C 202 -3.62 -43.74 -22.67
CA ASP C 202 -3.95 -43.88 -21.25
C ASP C 202 -5.19 -43.08 -20.87
N ILE C 203 -5.45 -41.96 -21.54
CA ILE C 203 -6.67 -41.20 -21.28
C ILE C 203 -7.90 -42.02 -21.63
N PHE C 204 -7.82 -42.80 -22.72
CA PHE C 204 -8.95 -43.61 -23.13
C PHE C 204 -9.16 -44.79 -22.19
N SER C 205 -8.08 -45.48 -21.83
CA SER C 205 -8.18 -46.66 -20.99
C SER C 205 -8.50 -46.32 -19.54
N SER C 206 -8.28 -45.06 -19.13
CA SER C 206 -8.47 -44.65 -17.75
C SER C 206 -9.69 -43.75 -17.57
N TYR C 207 -10.55 -43.65 -18.58
CA TYR C 207 -11.74 -42.82 -18.51
C TYR C 207 -12.98 -43.68 -18.51
N ARG C 208 -13.97 -43.30 -17.71
CA ARG C 208 -15.29 -43.92 -17.72
C ARG C 208 -16.33 -42.83 -17.48
N PRO C 209 -17.48 -42.92 -18.14
CA PRO C 209 -18.49 -41.86 -17.98
C PRO C 209 -19.13 -41.90 -16.60
N GLY C 210 -19.41 -40.72 -16.05
CA GLY C 210 -20.06 -40.59 -14.77
C GLY C 210 -19.12 -40.39 -13.60
N ILE C 211 -17.82 -40.58 -13.80
CA ILE C 211 -16.87 -40.43 -12.70
C ILE C 211 -16.57 -38.96 -12.45
N LEU C 212 -16.32 -38.20 -13.53
CA LEU C 212 -16.07 -36.77 -13.46
C LEU C 212 -14.71 -36.42 -12.85
N LEU C 213 -14.22 -37.23 -11.91
CA LEU C 213 -12.93 -36.98 -11.28
C LEU C 213 -12.23 -38.31 -11.13
N TRP C 214 -11.15 -38.52 -11.89
CA TRP C 214 -10.42 -39.79 -11.89
C TRP C 214 -8.93 -39.50 -11.96
N HIS C 215 -8.14 -40.53 -11.69
CA HIS C 215 -6.69 -40.42 -11.64
C HIS C 215 -6.08 -40.90 -12.95
N VAL C 216 -5.04 -40.20 -13.40
CA VAL C 216 -4.24 -40.60 -14.55
C VAL C 216 -2.80 -40.65 -14.07
N SER C 217 -2.31 -41.84 -13.73
CA SER C 217 -0.98 -41.97 -13.14
C SER C 217 0.10 -41.47 -14.08
N SER C 218 -0.06 -41.72 -15.38
CA SER C 218 0.98 -41.38 -16.36
C SER C 218 1.03 -39.90 -16.68
N GLN C 219 0.07 -39.10 -16.24
CA GLN C 219 0.05 -37.69 -16.58
C GLN C 219 1.19 -36.96 -15.87
N SER C 220 1.44 -35.73 -16.30
CA SER C 220 2.56 -34.95 -15.77
C SER C 220 2.27 -33.47 -16.00
N LEU C 221 2.13 -32.72 -14.92
CA LEU C 221 1.85 -31.29 -14.98
C LEU C 221 3.09 -30.50 -14.61
N SER C 222 3.17 -29.27 -15.11
CA SER C 222 4.25 -28.38 -14.73
C SER C 222 4.05 -27.88 -13.30
N PHE C 223 4.93 -26.98 -12.87
CA PHE C 223 5.01 -26.61 -11.47
C PHE C 223 4.74 -25.11 -11.29
N ASP C 224 4.44 -24.74 -10.04
CA ASP C 224 4.19 -23.34 -9.69
C ASP C 224 5.50 -22.57 -9.65
N SER C 225 5.43 -21.30 -9.24
CA SER C 225 6.63 -20.49 -9.17
C SER C 225 6.37 -19.29 -8.24
N SER C 226 7.32 -19.04 -7.35
CA SER C 226 7.30 -17.87 -6.49
C SER C 226 7.94 -16.65 -7.17
N ASN C 227 8.54 -16.83 -8.33
CA ASN C 227 9.15 -15.72 -9.06
C ASN C 227 8.06 -14.75 -9.50
N PRO C 228 8.12 -13.47 -9.10
CA PRO C 228 7.08 -12.53 -9.54
C PRO C 228 7.15 -12.17 -11.01
N GLU C 229 8.15 -12.66 -11.74
CA GLU C 229 8.18 -12.46 -13.18
C GLU C 229 7.07 -13.25 -13.86
N TYR C 230 6.87 -14.51 -13.45
CA TYR C 230 5.86 -15.37 -14.03
C TYR C 230 4.44 -15.00 -13.61
N PHE C 231 4.27 -14.02 -12.73
CA PHE C 231 2.94 -13.68 -12.25
C PHE C 231 2.10 -13.10 -13.40
N ASP C 232 0.97 -13.74 -13.68
CA ASP C 232 0.05 -13.29 -14.72
C ASP C 232 0.71 -13.30 -16.09
N GLY C 233 1.42 -14.39 -16.37
CA GLY C 233 2.15 -14.50 -17.62
C GLY C 233 1.41 -15.32 -18.67
N TYR C 234 0.33 -15.98 -18.27
CA TYR C 234 -0.45 -16.81 -19.18
C TYR C 234 0.44 -17.86 -19.85
N TRP C 235 1.23 -18.54 -19.03
CA TRP C 235 2.12 -19.60 -19.49
C TRP C 235 1.30 -20.74 -20.08
N GLY C 236 1.27 -20.85 -21.40
CA GLY C 236 0.48 -21.86 -22.07
C GLY C 236 -0.55 -21.27 -23.00
N TYR C 237 -0.42 -19.98 -23.30
CA TYR C 237 -1.30 -19.33 -24.26
C TYR C 237 -1.19 -20.00 -25.63
N SER C 238 0.02 -20.45 -25.99
CA SER C 238 0.27 -21.19 -27.21
C SER C 238 1.27 -22.30 -26.87
N VAL C 239 1.37 -23.29 -27.76
CA VAL C 239 2.20 -24.46 -27.46
C VAL C 239 2.58 -25.15 -28.76
N ALA C 240 3.75 -25.78 -28.76
CA ALA C 240 4.25 -26.54 -29.90
C ALA C 240 5.35 -27.47 -29.42
N VAL C 241 5.80 -28.36 -30.31
CA VAL C 241 6.81 -29.36 -29.99
C VAL C 241 7.89 -29.36 -31.08
N GLY C 242 8.97 -30.08 -30.81
CA GLY C 242 10.04 -30.21 -31.76
C GLY C 242 11.25 -30.86 -31.12
N GLU C 243 12.37 -30.80 -31.84
CA GLU C 243 13.65 -31.34 -31.36
C GLU C 243 14.67 -30.21 -31.34
N PHE C 244 15.17 -29.90 -30.15
CA PHE C 244 16.12 -28.81 -29.97
C PHE C 244 17.29 -29.16 -29.07
N ASP C 245 17.35 -30.39 -28.53
CA ASP C 245 18.41 -30.78 -27.61
C ASP C 245 19.33 -31.85 -28.19
N GLY C 246 19.22 -32.12 -29.49
CA GLY C 246 20.04 -33.17 -30.10
C GLY C 246 19.54 -34.57 -29.88
N ASP C 247 19.18 -34.91 -28.65
CA ASP C 247 18.70 -36.24 -28.34
C ASP C 247 17.34 -36.47 -29.03
N LEU C 248 17.31 -37.43 -29.96
CA LEU C 248 16.08 -37.73 -30.68
C LEU C 248 15.11 -38.53 -29.80
N ASN C 249 15.63 -39.30 -28.85
CA ASN C 249 14.76 -40.08 -27.97
C ASN C 249 13.85 -39.18 -27.15
N THR C 250 14.29 -37.96 -26.84
CA THR C 250 13.51 -37.02 -26.07
C THR C 250 12.74 -36.08 -26.99
N THR C 251 11.68 -35.48 -26.44
CA THR C 251 10.84 -34.54 -27.16
C THR C 251 10.74 -33.26 -26.36
N GLU C 252 11.19 -32.15 -26.95
CA GLU C 252 11.17 -30.86 -26.28
C GLU C 252 9.86 -30.14 -26.55
N TYR C 253 9.43 -29.32 -25.59
CA TYR C 253 8.20 -28.55 -25.68
C TYR C 253 8.50 -27.07 -25.82
N VAL C 254 7.60 -26.37 -26.51
CA VAL C 254 7.70 -24.92 -26.71
C VAL C 254 6.42 -24.29 -26.17
N VAL C 255 6.57 -23.33 -25.26
CA VAL C 255 5.44 -22.68 -24.61
C VAL C 255 5.56 -21.17 -24.77
N GLY C 256 4.43 -20.53 -25.02
CA GLY C 256 4.39 -19.08 -25.15
C GLY C 256 3.78 -18.45 -23.91
N ALA C 257 4.45 -17.41 -23.41
CA ALA C 257 3.98 -16.63 -22.27
C ALA C 257 3.90 -15.17 -22.70
N PRO C 258 2.76 -14.75 -23.26
CA PRO C 258 2.70 -13.41 -23.86
C PRO C 258 2.74 -12.27 -22.85
N THR C 259 2.46 -12.52 -21.58
CA THR C 259 2.44 -11.47 -20.57
C THR C 259 3.47 -11.73 -19.47
N TRP C 260 4.52 -12.48 -19.79
CA TRP C 260 5.56 -12.79 -18.83
C TRP C 260 6.40 -11.55 -18.52
N SER C 261 6.94 -11.50 -17.30
CA SER C 261 7.79 -10.40 -16.85
C SER C 261 7.09 -9.05 -17.07
N TRP C 262 5.88 -8.94 -16.55
CA TRP C 262 5.10 -7.70 -16.66
C TRP C 262 4.88 -7.33 -18.13
N THR C 263 4.04 -8.13 -18.79
CA THR C 263 3.60 -7.88 -20.16
C THR C 263 4.78 -7.71 -21.12
N LEU C 264 5.96 -8.21 -20.77
CA LEU C 264 7.08 -8.21 -21.71
C LEU C 264 6.97 -9.36 -22.69
N GLY C 265 6.33 -10.45 -22.30
CA GLY C 265 6.17 -11.59 -23.17
C GLY C 265 7.44 -12.39 -23.33
N ALA C 266 7.33 -13.71 -23.40
CA ALA C 266 8.50 -14.55 -23.58
C ALA C 266 8.07 -15.94 -23.99
N VAL C 267 9.04 -16.70 -24.50
CA VAL C 267 8.84 -18.07 -24.97
C VAL C 267 9.96 -18.93 -24.43
N GLU C 268 9.66 -20.18 -24.10
CA GLU C 268 10.62 -21.07 -23.46
C GLU C 268 10.57 -22.45 -24.10
N ILE C 269 11.76 -23.02 -24.34
CA ILE C 269 11.90 -24.39 -24.80
C ILE C 269 12.21 -25.26 -23.59
N LEU C 270 11.50 -26.39 -23.47
CA LEU C 270 11.60 -27.25 -22.30
C LEU C 270 11.89 -28.68 -22.74
N ASP C 271 11.98 -29.58 -21.76
CA ASP C 271 12.05 -31.01 -21.99
C ASP C 271 10.77 -31.66 -21.45
N SER C 272 10.72 -32.99 -21.52
CA SER C 272 9.54 -33.71 -21.08
C SER C 272 9.22 -33.45 -19.61
N TYR C 273 10.21 -33.06 -18.81
CA TYR C 273 10.03 -32.84 -17.38
C TYR C 273 9.92 -31.36 -17.04
N TYR C 274 9.66 -30.51 -18.04
CA TYR C 274 9.41 -29.08 -17.83
C TYR C 274 10.62 -28.35 -17.28
N GLN C 275 11.82 -28.77 -17.69
CA GLN C 275 13.06 -28.08 -17.31
C GLN C 275 13.42 -27.07 -18.40
N ARG C 276 13.50 -25.80 -18.01
CA ARG C 276 13.78 -24.75 -18.97
C ARG C 276 15.15 -24.96 -19.63
N LEU C 277 15.14 -25.14 -20.95
CA LEU C 277 16.38 -25.24 -21.72
C LEU C 277 16.82 -23.88 -22.25
N HIS C 278 15.91 -23.15 -22.88
CA HIS C 278 16.22 -21.82 -23.37
CA HIS C 278 16.19 -21.83 -23.43
C HIS C 278 15.02 -20.91 -23.11
N ARG C 279 15.29 -19.61 -23.14
CA ARG C 279 14.26 -18.61 -22.95
C ARG C 279 14.49 -17.46 -23.93
N LEU C 280 13.40 -17.01 -24.56
CA LEU C 280 13.44 -15.90 -25.50
C LEU C 280 12.55 -14.79 -24.97
N ARG C 281 13.14 -13.62 -24.77
CA ARG C 281 12.45 -12.48 -24.20
C ARG C 281 11.83 -11.62 -25.29
N GLY C 282 10.70 -10.98 -24.95
CA GLY C 282 10.06 -10.09 -25.89
C GLY C 282 10.88 -8.85 -26.14
N GLU C 283 10.60 -8.20 -27.27
CA GLU C 283 11.28 -6.97 -27.63
C GLU C 283 10.51 -5.73 -27.18
N GLN C 284 9.19 -5.81 -27.09
CA GLN C 284 8.37 -4.68 -26.71
C GLN C 284 7.26 -5.16 -25.77
N MET C 285 6.84 -4.27 -24.89
CA MET C 285 5.82 -4.60 -23.90
C MET C 285 4.43 -4.48 -24.52
N ALA C 286 3.52 -5.33 -24.06
CA ALA C 286 2.16 -5.43 -24.57
C ALA C 286 2.12 -5.87 -26.03
N SER C 287 3.26 -6.23 -26.61
CA SER C 287 3.31 -6.77 -27.96
C SER C 287 2.81 -8.21 -28.02
N TYR C 288 2.54 -8.83 -26.88
CA TYR C 288 2.05 -10.20 -26.82
C TYR C 288 3.03 -11.16 -27.48
N PHE C 289 4.33 -10.86 -27.37
CA PHE C 289 5.37 -11.75 -27.86
C PHE C 289 5.16 -13.16 -27.30
N GLY C 290 4.75 -14.08 -28.15
CA GLY C 290 4.41 -15.43 -27.73
C GLY C 290 2.96 -15.80 -28.00
N HIS C 291 2.19 -14.90 -28.59
CA HIS C 291 0.81 -15.19 -28.94
C HIS C 291 0.67 -16.38 -29.87
N SER C 292 1.73 -16.71 -30.62
CA SER C 292 1.70 -17.82 -31.56
C SER C 292 3.12 -18.31 -31.79
N VAL C 293 3.28 -19.64 -31.82
CA VAL C 293 4.58 -20.26 -32.01
C VAL C 293 4.46 -21.33 -33.09
N ALA C 294 5.58 -21.56 -33.80
CA ALA C 294 5.62 -22.56 -34.85
C ALA C 294 7.01 -23.16 -34.91
N VAL C 295 7.07 -24.44 -35.30
CA VAL C 295 8.33 -25.18 -35.35
C VAL C 295 8.44 -25.84 -36.72
N THR C 296 9.49 -25.50 -37.45
CA THR C 296 9.77 -26.13 -38.74
C THR C 296 11.18 -25.75 -39.17
N ASP C 297 11.76 -26.58 -40.04
CA ASP C 297 13.13 -26.40 -40.52
C ASP C 297 13.09 -25.60 -41.82
N VAL C 298 13.25 -24.29 -41.71
CA VAL C 298 13.12 -23.42 -42.89
C VAL C 298 14.37 -23.45 -43.76
N ASN C 299 15.55 -23.68 -43.16
CA ASN C 299 16.80 -23.59 -43.88
C ASN C 299 17.34 -24.97 -44.28
N GLY C 300 16.51 -26.00 -44.22
CA GLY C 300 16.88 -27.31 -44.72
C GLY C 300 18.17 -27.87 -44.15
N ASP C 301 18.53 -27.45 -42.94
CA ASP C 301 19.69 -28.00 -42.25
C ASP C 301 19.32 -29.16 -41.34
N GLY C 302 18.07 -29.61 -41.37
CA GLY C 302 17.62 -30.71 -40.54
C GLY C 302 17.24 -30.35 -39.13
N ARG C 303 17.56 -29.15 -38.68
CA ARG C 303 17.32 -28.73 -37.29
C ARG C 303 16.09 -27.83 -37.24
N HIS C 304 15.12 -28.22 -36.42
CA HIS C 304 13.90 -27.42 -36.27
C HIS C 304 14.24 -26.00 -35.82
N ASP C 305 13.64 -25.03 -36.49
CA ASP C 305 13.78 -23.63 -36.13
C ASP C 305 12.49 -23.15 -35.46
N LEU C 306 12.55 -21.95 -34.88
CA LEU C 306 11.45 -21.42 -34.10
C LEU C 306 10.96 -20.10 -34.68
N LEU C 307 9.65 -19.95 -34.74
CA LEU C 307 9.00 -18.73 -35.21
C LEU C 307 8.04 -18.25 -34.13
N VAL C 308 8.19 -16.99 -33.73
CA VAL C 308 7.41 -16.39 -32.67
C VAL C 308 6.72 -15.15 -33.21
N GLY C 309 5.44 -14.99 -32.87
CA GLY C 309 4.63 -13.89 -33.37
C GLY C 309 4.23 -12.94 -32.25
N ALA C 310 4.40 -11.64 -32.51
CA ALA C 310 4.02 -10.57 -31.58
C ALA C 310 2.95 -9.73 -32.25
N PRO C 311 1.69 -10.18 -32.24
CA PRO C 311 0.67 -9.56 -33.10
C PRO C 311 0.23 -8.17 -32.68
N LEU C 312 0.94 -7.53 -31.76
CA LEU C 312 0.63 -6.15 -31.40
C LEU C 312 1.89 -5.27 -31.38
N TYR C 313 3.02 -5.80 -31.83
CA TYR C 313 4.26 -5.04 -31.85
C TYR C 313 4.07 -3.74 -32.61
N MET C 314 4.51 -2.64 -32.02
CA MET C 314 4.40 -1.32 -32.63
C MET C 314 5.73 -0.95 -33.27
N GLU C 315 5.71 -0.75 -34.58
CA GLU C 315 6.92 -0.41 -35.32
C GLU C 315 7.22 1.08 -35.17
N SER C 316 8.51 1.41 -35.22
CA SER C 316 8.95 2.79 -35.03
C SER C 316 8.86 3.54 -36.34
N ARG C 317 7.87 4.41 -36.47
CA ARG C 317 7.70 5.24 -37.65
C ARG C 317 8.50 6.53 -37.49
N ALA C 318 8.36 7.42 -38.47
CA ALA C 318 9.09 8.68 -38.44
C ALA C 318 8.48 9.64 -37.42
N ASP C 319 9.28 10.60 -36.98
CA ASP C 319 8.85 11.62 -36.03
C ASP C 319 8.50 11.02 -34.68
N ARG C 320 9.25 10.00 -34.28
CA ARG C 320 9.02 9.31 -33.01
C ARG C 320 7.57 8.86 -32.88
N LYS C 321 7.06 8.24 -33.94
CA LYS C 321 5.71 7.70 -33.97
C LYS C 321 5.76 6.18 -33.83
N LEU C 322 4.62 5.60 -33.46
CA LEU C 322 4.50 4.16 -33.27
C LEU C 322 3.20 3.69 -33.92
N ALA C 323 3.28 2.60 -34.68
CA ALA C 323 2.14 2.07 -35.42
C ALA C 323 2.02 0.58 -35.13
N GLU C 324 0.86 0.17 -34.61
CA GLU C 324 0.60 -1.24 -34.31
C GLU C 324 0.43 -2.01 -35.61
N VAL C 325 1.37 -2.89 -35.92
CA VAL C 325 1.32 -3.68 -37.15
C VAL C 325 1.56 -5.15 -36.86
N GLY C 326 2.35 -5.44 -35.83
CA GLY C 326 2.73 -6.80 -35.52
C GLY C 326 4.09 -7.17 -36.10
N ARG C 327 4.60 -8.30 -35.65
CA ARG C 327 5.92 -8.74 -36.08
C ARG C 327 6.07 -10.23 -35.82
N VAL C 328 6.96 -10.86 -36.57
CA VAL C 328 7.29 -12.26 -36.42
C VAL C 328 8.80 -12.40 -36.33
N TYR C 329 9.28 -13.15 -35.34
CA TYR C 329 10.70 -13.35 -35.11
C TYR C 329 11.10 -14.76 -35.54
N LEU C 330 12.23 -14.86 -36.24
CA LEU C 330 12.77 -16.14 -36.67
C LEU C 330 14.02 -16.45 -35.86
N PHE C 331 14.08 -17.68 -35.33
CA PHE C 331 15.22 -18.15 -34.55
C PHE C 331 15.70 -19.46 -35.16
N LEU C 332 16.86 -19.41 -35.81
CA LEU C 332 17.46 -20.62 -36.38
C LEU C 332 18.25 -21.37 -35.33
N GLN C 333 18.15 -22.70 -35.36
CA GLN C 333 18.82 -23.53 -34.37
C GLN C 333 20.28 -23.71 -34.77
N PRO C 334 21.23 -23.33 -33.91
CA PRO C 334 22.65 -23.49 -34.27
C PRO C 334 23.10 -24.95 -34.15
N ARG C 335 24.26 -25.22 -34.72
CA ARG C 335 24.84 -26.56 -34.65
C ARG C 335 25.28 -26.85 -33.22
N GLY C 336 24.88 -28.02 -32.71
CA GLY C 336 25.29 -28.45 -31.40
C GLY C 336 24.35 -28.00 -30.30
N PRO C 337 24.80 -28.06 -29.05
CA PRO C 337 23.96 -27.67 -27.92
C PRO C 337 23.84 -26.17 -27.71
N HIS C 338 24.39 -25.36 -28.61
CA HIS C 338 24.43 -23.92 -28.40
C HIS C 338 23.03 -23.35 -28.23
N ALA C 339 22.92 -22.33 -27.40
CA ALA C 339 21.65 -21.69 -27.12
C ALA C 339 21.23 -20.79 -28.29
N LEU C 340 19.92 -20.66 -28.47
CA LEU C 340 19.37 -19.86 -29.55
C LEU C 340 19.67 -18.39 -29.31
N GLY C 341 20.45 -17.79 -30.20
CA GLY C 341 20.86 -16.41 -30.04
C GLY C 341 19.80 -15.41 -30.40
N ALA C 342 20.18 -14.36 -31.13
CA ALA C 342 19.26 -13.30 -31.50
C ALA C 342 18.48 -13.67 -32.76
N PRO C 343 17.38 -12.97 -33.04
CA PRO C 343 16.59 -13.29 -34.23
C PRO C 343 17.41 -13.20 -35.50
N SER C 344 17.27 -14.22 -36.35
CA SER C 344 17.91 -14.22 -37.65
C SER C 344 17.19 -13.34 -38.65
N LEU C 345 15.91 -13.05 -38.42
CA LEU C 345 15.12 -12.25 -39.35
C LEU C 345 13.90 -11.72 -38.61
N LEU C 346 13.48 -10.51 -38.98
CA LEU C 346 12.34 -9.84 -38.35
C LEU C 346 11.33 -9.44 -39.43
N LEU C 347 10.27 -10.23 -39.57
CA LEU C 347 9.19 -9.93 -40.49
C LEU C 347 8.18 -9.05 -39.78
N THR C 348 7.92 -7.86 -40.33
CA THR C 348 7.06 -6.87 -39.71
C THR C 348 5.88 -6.56 -40.61
N GLY C 349 4.70 -6.46 -40.01
CA GLY C 349 3.51 -6.12 -40.76
C GLY C 349 3.56 -4.70 -41.29
N THR C 350 2.55 -4.37 -42.10
CA THR C 350 2.44 -3.04 -42.70
C THR C 350 1.09 -2.38 -42.42
N GLN C 351 0.02 -3.15 -42.36
CA GLN C 351 -1.32 -2.59 -42.18
C GLN C 351 -1.57 -2.31 -40.70
N LEU C 352 -1.98 -1.08 -40.40
CA LEU C 352 -2.26 -0.70 -39.02
C LEU C 352 -3.35 -1.60 -38.43
N TYR C 353 -3.13 -2.04 -37.20
CA TYR C 353 -4.03 -2.94 -36.49
C TYR C 353 -4.19 -4.28 -37.22
N GLY C 354 -3.33 -4.55 -38.20
CA GLY C 354 -3.42 -5.79 -38.96
C GLY C 354 -3.11 -7.02 -38.15
N ARG C 355 -2.43 -6.87 -37.02
CA ARG C 355 -2.09 -7.99 -36.15
C ARG C 355 -1.25 -9.04 -36.90
N PHE C 356 -0.24 -8.55 -37.61
CA PHE C 356 0.64 -9.46 -38.32
C PHE C 356 1.40 -10.33 -37.34
N GLY C 357 1.17 -11.64 -37.42
CA GLY C 357 1.72 -12.59 -36.48
C GLY C 357 0.68 -13.30 -35.65
N SER C 358 -0.61 -12.99 -35.84
CA SER C 358 -1.66 -13.62 -35.05
C SER C 358 -1.71 -15.13 -35.25
N ALA C 359 -1.04 -15.66 -36.27
CA ALA C 359 -0.98 -17.10 -36.47
C ALA C 359 0.16 -17.41 -37.42
N ILE C 360 0.88 -18.49 -37.13
CA ILE C 360 1.99 -18.94 -37.95
C ILE C 360 1.80 -20.43 -38.21
N ALA C 361 1.87 -20.83 -39.48
CA ALA C 361 1.59 -22.20 -39.87
C ALA C 361 2.70 -22.70 -40.79
N PRO C 362 3.43 -23.75 -40.42
CA PRO C 362 4.36 -24.36 -41.37
C PRO C 362 3.62 -24.95 -42.56
N LEU C 363 4.17 -24.75 -43.75
CA LEU C 363 3.61 -25.28 -44.98
C LEU C 363 4.39 -26.46 -45.54
N GLY C 364 5.48 -26.85 -44.89
CA GLY C 364 6.36 -27.82 -45.51
C GLY C 364 7.05 -27.17 -46.70
N ASP C 365 7.52 -28.01 -47.61
CA ASP C 365 8.14 -27.53 -48.85
C ASP C 365 7.02 -27.32 -49.86
N LEU C 366 6.63 -26.06 -50.03
CA LEU C 366 5.47 -25.74 -50.85
C LEU C 366 5.77 -25.91 -52.33
N ASP C 367 6.88 -25.33 -52.80
CA ASP C 367 7.27 -25.42 -54.19
C ASP C 367 8.20 -26.60 -54.46
N ARG C 368 8.40 -27.48 -53.48
CA ARG C 368 9.26 -28.66 -53.63
C ARG C 368 10.62 -28.27 -54.22
N ASP C 369 11.21 -27.22 -53.64
CA ASP C 369 12.54 -26.77 -54.03
C ASP C 369 13.63 -27.34 -53.12
N GLY C 370 13.29 -27.63 -51.86
CA GLY C 370 14.25 -28.19 -50.94
C GLY C 370 14.11 -27.61 -49.54
N TYR C 371 13.49 -26.44 -49.44
CA TYR C 371 13.36 -25.73 -48.18
C TYR C 371 11.89 -25.62 -47.79
N ASN C 372 11.62 -25.76 -46.50
CA ASN C 372 10.27 -25.61 -45.99
C ASN C 372 9.86 -24.14 -45.95
N ASP C 373 8.56 -23.90 -46.10
CA ASP C 373 8.01 -22.55 -46.21
C ASP C 373 6.90 -22.38 -45.17
N ILE C 374 6.55 -21.12 -44.90
CA ILE C 374 5.60 -20.80 -43.83
C ILE C 374 4.54 -19.85 -44.35
N ALA C 375 3.48 -19.69 -43.54
CA ALA C 375 2.41 -18.74 -43.80
C ALA C 375 2.13 -17.97 -42.51
N VAL C 376 1.98 -16.65 -42.63
CA VAL C 376 1.77 -15.77 -41.50
C VAL C 376 0.47 -15.01 -41.72
N ALA C 377 -0.39 -15.00 -40.70
CA ALA C 377 -1.69 -14.36 -40.82
C ALA C 377 -1.63 -12.90 -40.39
N ALA C 378 -2.64 -12.15 -40.84
CA ALA C 378 -2.85 -10.77 -40.41
C ALA C 378 -4.35 -10.49 -40.45
N PRO C 379 -5.10 -11.08 -39.52
CA PRO C 379 -6.56 -11.18 -39.69
C PRO C 379 -7.29 -9.88 -39.98
N TYR C 380 -6.65 -8.74 -39.70
CA TYR C 380 -7.23 -7.44 -40.00
C TYR C 380 -6.29 -6.61 -40.86
N GLY C 381 -5.39 -7.26 -41.58
CA GLY C 381 -4.44 -6.60 -42.45
C GLY C 381 -4.96 -6.46 -43.87
N GLY C 382 -4.06 -6.06 -44.75
CA GLY C 382 -4.40 -5.80 -46.13
C GLY C 382 -4.91 -4.38 -46.31
N PRO C 383 -4.87 -3.87 -47.53
CA PRO C 383 -5.34 -2.49 -47.75
C PRO C 383 -6.78 -2.27 -47.32
N SER C 384 -7.62 -3.30 -47.43
CA SER C 384 -9.00 -3.21 -47.02
C SER C 384 -9.19 -3.47 -45.53
N GLY C 385 -8.20 -4.09 -44.88
CA GLY C 385 -8.37 -4.49 -43.50
C GLY C 385 -9.34 -5.64 -43.33
N ARG C 386 -9.50 -6.46 -44.37
CA ARG C 386 -10.40 -7.61 -44.33
C ARG C 386 -9.68 -8.92 -44.01
N GLY C 387 -8.35 -8.91 -43.99
CA GLY C 387 -7.59 -10.11 -43.72
C GLY C 387 -6.56 -10.31 -44.81
N GLN C 388 -5.47 -11.01 -44.45
CA GLN C 388 -4.40 -11.26 -45.39
C GLN C 388 -3.43 -12.31 -44.87
N VAL C 389 -3.13 -13.32 -45.69
CA VAL C 389 -2.16 -14.36 -45.36
C VAL C 389 -0.96 -14.18 -46.29
N LEU C 390 0.24 -14.23 -45.73
CA LEU C 390 1.47 -14.00 -46.46
C LEU C 390 2.34 -15.23 -46.38
N VAL C 391 2.79 -15.71 -47.54
CA VAL C 391 3.65 -16.89 -47.63
C VAL C 391 5.10 -16.45 -47.76
N PHE C 392 5.96 -17.01 -46.92
CA PHE C 392 7.40 -16.76 -46.96
C PHE C 392 8.12 -18.06 -47.26
N LEU C 393 9.01 -18.04 -48.26
CA LEU C 393 9.68 -19.24 -48.73
C LEU C 393 11.01 -19.43 -48.00
N GLY C 394 11.37 -20.70 -47.80
CA GLY C 394 12.61 -21.03 -47.14
C GLY C 394 13.82 -20.81 -48.04
N GLN C 395 14.98 -20.81 -47.41
CA GLN C 395 16.24 -20.60 -48.13
C GLN C 395 17.39 -21.04 -47.24
N SER C 396 18.56 -21.19 -47.86
CA SER C 396 19.75 -21.60 -47.12
C SER C 396 20.07 -20.64 -45.97
N GLU C 397 19.60 -19.40 -46.05
CA GLU C 397 19.87 -18.40 -45.02
C GLU C 397 18.67 -18.16 -44.12
N GLY C 398 17.63 -18.99 -44.22
CA GLY C 398 16.44 -18.84 -43.40
C GLY C 398 15.19 -18.64 -44.21
N LEU C 399 14.66 -17.42 -44.21
CA LEU C 399 13.46 -17.08 -44.95
C LEU C 399 13.72 -15.83 -45.80
N ARG C 400 12.81 -15.59 -46.74
CA ARG C 400 12.90 -14.40 -47.58
C ARG C 400 12.30 -13.21 -46.86
N SER C 401 12.91 -12.04 -47.05
CA SER C 401 12.41 -10.83 -46.41
C SER C 401 11.02 -10.47 -46.90
N ARG C 402 10.70 -10.81 -48.14
CA ARG C 402 9.42 -10.47 -48.75
C ARG C 402 8.64 -11.73 -49.08
N PRO C 403 7.31 -11.66 -49.11
CA PRO C 403 6.51 -12.85 -49.38
C PRO C 403 6.49 -13.18 -50.87
N SER C 404 6.49 -14.48 -51.16
CA SER C 404 6.33 -14.93 -52.54
C SER C 404 4.89 -14.86 -53.01
N GLN C 405 3.94 -14.79 -52.07
CA GLN C 405 2.53 -14.77 -52.42
C GLN C 405 1.75 -14.16 -51.26
N VAL C 406 0.63 -13.53 -51.59
CA VAL C 406 -0.24 -12.90 -50.59
C VAL C 406 -1.67 -13.28 -50.93
N LEU C 407 -2.40 -13.76 -49.92
CA LEU C 407 -3.78 -14.24 -50.11
C LEU C 407 -4.72 -13.29 -49.39
N ASP C 408 -5.32 -12.37 -50.14
CA ASP C 408 -6.29 -11.46 -49.56
C ASP C 408 -7.58 -12.21 -49.21
N SER C 409 -8.32 -11.64 -48.26
CA SER C 409 -9.47 -12.32 -47.70
C SER C 409 -10.65 -12.30 -48.68
N PRO C 410 -11.22 -13.45 -49.05
CA PRO C 410 -12.41 -13.45 -49.89
C PRO C 410 -13.71 -13.17 -49.15
N PHE C 411 -13.66 -13.00 -47.83
CA PHE C 411 -14.84 -12.82 -47.00
C PHE C 411 -15.06 -11.34 -46.71
N PRO C 412 -16.22 -10.99 -46.16
CA PRO C 412 -16.48 -9.57 -45.85
C PRO C 412 -15.59 -9.05 -44.72
N THR C 413 -15.83 -7.82 -44.31
CA THR C 413 -15.07 -7.23 -43.21
C THR C 413 -15.48 -7.89 -41.90
N GLY C 414 -14.51 -8.03 -41.00
CA GLY C 414 -14.78 -8.63 -39.70
C GLY C 414 -14.80 -10.13 -39.70
N SER C 415 -14.24 -10.77 -40.74
CA SER C 415 -14.22 -12.22 -40.80
C SER C 415 -13.06 -12.83 -40.02
N ALA C 416 -12.06 -12.04 -39.66
CA ALA C 416 -10.87 -12.54 -38.98
C ALA C 416 -10.15 -13.59 -39.83
N PHE C 417 -10.18 -13.38 -41.15
CA PHE C 417 -9.56 -14.30 -42.09
C PHE C 417 -8.07 -14.48 -41.78
N GLY C 418 -7.69 -15.67 -41.33
CA GLY C 418 -6.31 -15.97 -41.01
C GLY C 418 -6.07 -16.21 -39.53
N PHE C 419 -7.05 -15.93 -38.68
CA PHE C 419 -6.91 -16.18 -37.25
C PHE C 419 -6.44 -17.61 -36.98
N SER C 420 -6.83 -18.55 -37.84
CA SER C 420 -6.40 -19.94 -37.72
C SER C 420 -5.80 -20.39 -39.05
N LEU C 421 -4.67 -21.10 -38.97
CA LEU C 421 -3.96 -21.57 -40.14
C LEU C 421 -3.48 -22.99 -39.90
N ARG C 422 -3.31 -23.74 -40.99
CA ARG C 422 -2.75 -25.08 -40.92
C ARG C 422 -2.48 -25.56 -42.33
N GLY C 423 -1.33 -26.21 -42.53
CA GLY C 423 -0.93 -26.68 -43.85
C GLY C 423 -0.03 -27.88 -43.77
N ALA C 424 0.91 -27.96 -44.72
CA ALA C 424 1.88 -29.06 -44.79
C ALA C 424 1.20 -30.41 -44.99
N VAL C 425 0.02 -30.42 -45.60
CA VAL C 425 -0.71 -31.65 -45.88
C VAL C 425 -1.28 -31.59 -47.28
N ASP C 426 -1.14 -32.67 -48.04
CA ASP C 426 -1.67 -32.76 -49.40
C ASP C 426 -3.05 -33.40 -49.33
N ILE C 427 -4.09 -32.56 -49.31
CA ILE C 427 -5.45 -33.06 -49.13
C ILE C 427 -6.00 -33.63 -50.43
N ASP C 428 -5.55 -33.12 -51.58
CA ASP C 428 -6.02 -33.59 -52.87
C ASP C 428 -5.11 -34.63 -53.49
N ASP C 429 -4.02 -34.99 -52.82
CA ASP C 429 -3.15 -36.07 -53.26
C ASP C 429 -2.54 -35.77 -54.62
N ASN C 430 -2.10 -34.53 -54.81
CA ASN C 430 -1.41 -34.13 -56.03
C ASN C 430 0.09 -33.95 -55.80
N GLY C 431 0.62 -34.44 -54.68
CA GLY C 431 2.03 -34.35 -54.39
C GLY C 431 2.47 -33.05 -53.77
N TYR C 432 1.59 -32.04 -53.68
CA TYR C 432 1.97 -30.74 -53.16
C TYR C 432 1.18 -30.42 -51.88
N PRO C 433 1.81 -29.80 -50.89
CA PRO C 433 1.11 -29.48 -49.66
C PRO C 433 0.13 -28.34 -49.86
N ASP C 434 -0.97 -28.39 -49.09
CA ASP C 434 -2.06 -27.44 -49.25
C ASP C 434 -2.27 -26.68 -47.95
N LEU C 435 -3.15 -25.68 -48.01
CA LEU C 435 -3.34 -24.74 -46.91
C LEU C 435 -4.83 -24.51 -46.69
N ILE C 436 -5.25 -24.58 -45.42
CA ILE C 436 -6.61 -24.24 -45.01
C ILE C 436 -6.54 -23.00 -44.14
N VAL C 437 -7.53 -22.12 -44.29
CA VAL C 437 -7.59 -20.87 -43.55
C VAL C 437 -8.99 -20.73 -42.98
N GLY C 438 -9.07 -20.29 -41.73
CA GLY C 438 -10.35 -20.08 -41.08
C GLY C 438 -10.77 -18.63 -41.09
N ALA C 439 -12.06 -18.43 -40.84
CA ALA C 439 -12.61 -17.09 -40.70
C ALA C 439 -13.85 -17.15 -39.83
N TYR C 440 -13.66 -17.33 -38.52
CA TYR C 440 -14.79 -17.53 -37.62
C TYR C 440 -15.77 -16.37 -37.68
N GLY C 441 -15.29 -15.18 -38.03
CA GLY C 441 -16.19 -14.04 -38.12
C GLY C 441 -17.26 -14.23 -39.17
N ALA C 442 -16.94 -14.96 -40.25
CA ALA C 442 -17.89 -15.28 -41.30
C ALA C 442 -18.38 -16.71 -41.24
N ASN C 443 -17.88 -17.51 -40.29
CA ASN C 443 -18.33 -18.89 -40.11
C ASN C 443 -18.00 -19.74 -41.34
N GLN C 444 -16.77 -19.60 -41.83
CA GLN C 444 -16.36 -20.32 -43.03
C GLN C 444 -14.88 -20.64 -42.97
N VAL C 445 -14.47 -21.58 -43.82
CA VAL C 445 -13.09 -22.02 -43.95
C VAL C 445 -12.75 -22.09 -45.43
N ALA C 446 -11.64 -21.46 -45.82
CA ALA C 446 -11.18 -21.48 -47.20
C ALA C 446 -9.98 -22.40 -47.35
N VAL C 447 -9.97 -23.19 -48.42
CA VAL C 447 -8.90 -24.14 -48.69
C VAL C 447 -8.18 -23.71 -49.96
N TYR C 448 -6.85 -23.60 -49.88
CA TYR C 448 -6.02 -23.21 -51.01
C TYR C 448 -5.20 -24.41 -51.45
N ARG C 449 -5.33 -24.80 -52.71
CA ARG C 449 -4.62 -25.95 -53.26
C ARG C 449 -3.35 -25.50 -53.96
N ALA C 450 -2.24 -26.18 -53.66
CA ALA C 450 -0.96 -25.87 -54.27
C ALA C 450 -0.85 -26.57 -55.61
N GLN C 451 -0.75 -25.80 -56.68
CA GLN C 451 -0.66 -26.36 -58.02
C GLN C 451 0.80 -26.59 -58.40
N PRO C 452 1.06 -27.45 -59.37
CA PRO C 452 2.46 -27.73 -59.75
C PRO C 452 3.18 -26.47 -60.20
N VAL C 453 4.50 -26.48 -60.03
CA VAL C 453 5.34 -25.37 -60.45
C VAL C 453 6.00 -25.71 -61.78
N ASN D 1 28.53 32.47 -66.23
CA ASN D 1 27.83 31.85 -65.10
C ASN D 1 26.92 30.73 -65.60
N ILE D 2 26.26 30.05 -64.66
CA ILE D 2 25.48 28.86 -64.97
C ILE D 2 24.16 29.22 -65.63
N CYS D 3 23.90 30.51 -65.82
CA CYS D 3 22.66 30.93 -66.49
C CYS D 3 22.83 30.95 -68.00
N THR D 4 23.90 31.58 -68.51
CA THR D 4 24.11 31.68 -69.94
C THR D 4 24.64 30.38 -70.55
N THR D 5 25.36 29.59 -69.76
CA THR D 5 26.00 28.37 -70.27
C THR D 5 25.07 27.18 -70.26
N ARG D 6 23.79 27.39 -70.53
CA ARG D 6 22.82 26.31 -70.63
C ARG D 6 21.99 26.34 -71.90
N GLY D 7 21.93 27.48 -72.60
CA GLY D 7 21.15 27.58 -73.81
C GLY D 7 19.70 27.27 -73.58
N VAL D 8 19.12 27.85 -72.53
CA VAL D 8 17.74 27.57 -72.16
C VAL D 8 16.81 27.93 -73.32
N SER D 9 15.77 27.13 -73.49
CA SER D 9 14.82 27.33 -74.57
C SER D 9 13.70 28.30 -74.20
N SER D 10 13.32 28.37 -72.93
CA SER D 10 12.17 29.15 -72.50
C SER D 10 12.53 29.98 -71.27
N CYS D 11 11.62 30.90 -70.92
CA CYS D 11 11.76 31.65 -69.67
C CYS D 11 11.53 30.74 -68.46
N GLN D 12 10.55 29.85 -68.56
CA GLN D 12 10.31 28.88 -67.50
C GLN D 12 11.54 28.02 -67.26
N GLN D 13 12.22 27.63 -68.34
CA GLN D 13 13.41 26.81 -68.22
C GLN D 13 14.60 27.58 -67.64
N CYS D 14 14.58 28.92 -67.79
CA CYS D 14 15.68 29.74 -67.26
C CYS D 14 15.58 29.87 -65.75
N LEU D 15 14.39 30.20 -65.23
CA LEU D 15 14.21 30.31 -63.79
C LEU D 15 14.44 28.99 -63.08
N ALA D 16 14.24 27.86 -63.77
CA ALA D 16 14.47 26.56 -63.17
C ALA D 16 15.94 26.26 -62.99
N VAL D 17 16.83 27.02 -63.63
CA VAL D 17 18.27 26.79 -63.47
C VAL D 17 18.70 27.11 -62.04
N SER D 18 18.29 28.28 -61.54
CA SER D 18 18.69 28.70 -60.21
C SER D 18 17.85 29.88 -59.75
N PRO D 19 17.64 30.06 -58.45
CA PRO D 19 16.96 31.28 -57.98
C PRO D 19 17.74 32.54 -58.30
N MET D 20 19.01 32.41 -58.68
CA MET D 20 19.86 33.55 -58.97
C MET D 20 19.64 34.08 -60.39
N CYS D 21 19.20 33.23 -61.32
CA CYS D 21 19.08 33.62 -62.72
C CYS D 21 17.87 34.53 -62.93
N ALA D 22 17.84 35.16 -64.12
CA ALA D 22 16.74 36.02 -64.52
C ALA D 22 16.53 35.85 -66.02
N TRP D 23 15.50 36.52 -66.55
CA TRP D 23 15.16 36.42 -67.96
C TRP D 23 14.80 37.80 -68.50
N CYS D 24 15.16 38.06 -69.76
CA CYS D 24 14.84 39.30 -70.44
C CYS D 24 13.99 38.97 -71.65
N SER D 25 12.77 39.49 -71.69
CA SER D 25 11.83 39.25 -72.78
C SER D 25 11.77 40.42 -73.76
N ASP D 26 12.67 41.39 -73.64
CA ASP D 26 12.68 42.55 -74.53
C ASP D 26 13.01 42.10 -75.95
N GLU D 27 12.09 42.35 -76.88
CA GLU D 27 12.31 41.97 -78.27
C GLU D 27 13.52 42.69 -78.86
N ALA D 28 13.73 43.94 -78.46
CA ALA D 28 14.85 44.75 -78.95
C ALA D 28 16.08 44.43 -78.10
N LEU D 29 16.66 43.26 -78.36
CA LEU D 29 17.83 42.80 -77.61
C LEU D 29 18.94 42.41 -78.58
N PRO D 30 20.19 42.67 -78.24
CA PRO D 30 21.30 42.23 -79.10
C PRO D 30 21.23 40.73 -79.37
N LEU D 31 21.40 40.36 -80.64
CA LEU D 31 21.29 38.95 -81.02
C LEU D 31 22.37 38.11 -80.35
N GLY D 32 23.55 38.68 -80.10
CA GLY D 32 24.61 37.97 -79.44
C GLY D 32 24.53 37.93 -77.93
N SER D 33 23.50 38.56 -77.36
CA SER D 33 23.34 38.62 -75.92
C SER D 33 22.48 37.47 -75.41
N PRO D 34 22.87 36.80 -74.32
CA PRO D 34 22.03 35.74 -73.77
C PRO D 34 20.86 36.29 -73.00
N ARG D 35 19.72 35.60 -73.10
CA ARG D 35 18.50 36.03 -72.43
C ARG D 35 18.41 35.52 -70.99
N CYS D 36 19.29 34.61 -70.59
CA CYS D 36 19.26 34.01 -69.25
C CYS D 36 20.57 34.37 -68.54
N ASP D 37 20.51 35.34 -67.64
CA ASP D 37 21.69 35.82 -66.95
C ASP D 37 21.26 36.49 -65.65
N LEU D 38 22.24 37.00 -64.90
CA LEU D 38 21.96 37.73 -63.67
C LEU D 38 21.23 39.03 -63.99
N LYS D 39 20.43 39.49 -63.03
CA LYS D 39 19.67 40.72 -63.23
C LYS D 39 20.59 41.89 -63.52
N GLU D 40 21.81 41.88 -62.97
CA GLU D 40 22.77 42.95 -63.25
C GLU D 40 23.25 42.89 -64.69
N ASN D 41 23.73 41.73 -65.12
CA ASN D 41 24.28 41.60 -66.47
C ASN D 41 23.25 41.93 -67.53
N LEU D 42 21.97 41.67 -67.27
CA LEU D 42 20.93 41.96 -68.25
C LEU D 42 20.72 43.46 -68.41
N LEU D 43 20.74 44.20 -67.30
CA LEU D 43 20.58 45.65 -67.38
C LEU D 43 21.77 46.31 -68.05
N LYS D 44 22.95 45.68 -68.00
CA LYS D 44 24.11 46.22 -68.69
C LYS D 44 23.91 46.20 -70.20
N ASP D 45 23.12 45.25 -70.70
CA ASP D 45 22.80 45.17 -72.12
C ASP D 45 21.55 45.96 -72.49
N ASN D 46 21.23 47.00 -71.70
CA ASN D 46 20.12 47.90 -72.01
C ASN D 46 18.78 47.18 -72.07
N CYS D 47 18.63 46.07 -71.35
CA CYS D 47 17.36 45.38 -71.29
C CYS D 47 16.34 46.22 -70.53
N ALA D 48 15.16 46.38 -71.09
CA ALA D 48 14.12 47.20 -70.49
C ALA D 48 13.81 46.70 -69.08
N PRO D 49 13.98 47.53 -68.04
CA PRO D 49 13.72 47.04 -66.68
C PRO D 49 12.36 46.39 -66.51
N GLU D 50 11.31 46.95 -67.11
CA GLU D 50 9.97 46.40 -66.99
C GLU D 50 9.78 45.13 -67.82
N SER D 51 10.76 44.78 -68.66
CA SER D 51 10.71 43.55 -69.45
C SER D 51 11.52 42.42 -68.82
N ILE D 52 12.09 42.64 -67.63
CA ILE D 52 12.88 41.62 -66.95
C ILE D 52 11.96 40.81 -66.04
N GLU D 53 12.27 39.53 -65.89
CA GLU D 53 11.56 38.62 -65.01
C GLU D 53 12.53 38.09 -63.97
N PHE D 54 12.26 38.37 -62.70
CA PHE D 54 13.13 37.93 -61.61
C PHE D 54 12.31 37.79 -60.33
N PRO D 55 11.58 36.69 -60.19
CA PRO D 55 10.80 36.48 -58.95
C PRO D 55 11.71 36.35 -57.73
N VAL D 56 11.17 36.78 -56.58
CA VAL D 56 11.90 36.74 -55.32
C VAL D 56 11.03 36.02 -54.29
N SER D 57 11.62 35.04 -53.61
CA SER D 57 10.93 34.33 -52.55
C SER D 57 10.71 35.26 -51.35
N GLU D 58 9.45 35.52 -51.03
CA GLU D 58 9.10 36.44 -49.95
C GLU D 58 8.09 35.79 -49.02
N ALA D 59 8.23 36.07 -47.73
CA ALA D 59 7.33 35.56 -46.69
C ALA D 59 6.50 36.72 -46.16
N ARG D 60 5.25 36.80 -46.60
CA ARG D 60 4.35 37.87 -46.21
C ARG D 60 3.39 37.39 -45.13
N VAL D 61 3.15 38.24 -44.13
CA VAL D 61 2.28 37.91 -43.01
C VAL D 61 0.89 38.48 -43.30
N LEU D 62 -0.13 37.66 -43.09
CA LEU D 62 -1.51 38.07 -43.31
C LEU D 62 -2.22 38.32 -41.98
N GLU D 63 -2.60 37.24 -41.29
CA GLU D 63 -3.25 37.34 -39.99
C GLU D 63 -2.19 37.33 -38.90
N ASP D 64 -2.24 38.32 -38.00
CA ASP D 64 -1.20 38.45 -36.97
C ASP D 64 -1.83 39.10 -35.73
N ARG D 65 -2.53 38.27 -34.94
CA ARG D 65 -3.01 38.72 -33.65
C ARG D 65 -1.89 38.64 -32.61
N PRO D 66 -1.90 39.52 -31.61
CA PRO D 66 -0.91 39.40 -30.53
C PRO D 66 -1.26 38.22 -29.63
N LEU D 67 -0.23 37.71 -28.96
CA LEU D 67 -0.41 36.63 -27.99
C LEU D 67 -1.19 37.13 -26.79
N SER D 68 -2.36 36.53 -26.55
CA SER D 68 -3.19 36.97 -25.43
C SER D 68 -2.45 36.80 -24.11
N ASP D 69 -2.78 37.66 -23.15
CA ASP D 69 -2.13 37.62 -21.85
C ASP D 69 -2.78 36.62 -20.92
N LYS D 70 -4.11 36.56 -20.92
CA LYS D 70 -4.86 35.67 -20.05
C LYS D 70 -5.76 34.77 -20.89
N GLY D 71 -5.99 33.56 -20.39
CA GLY D 71 -6.84 32.61 -21.06
C GLY D 71 -8.29 32.62 -20.62
N SER D 72 -8.66 33.55 -19.75
CA SER D 72 -10.02 33.62 -19.23
C SER D 72 -10.91 34.39 -20.21
N GLY D 73 -12.15 34.66 -19.80
CA GLY D 73 -13.06 35.41 -20.63
C GLY D 73 -13.77 34.55 -21.66
N ASP D 74 -13.45 34.76 -22.93
CA ASP D 74 -14.05 34.03 -24.02
C ASP D 74 -12.98 33.23 -24.75
N SER D 75 -13.32 31.99 -25.11
CA SER D 75 -12.35 31.13 -25.78
C SER D 75 -12.02 31.65 -27.17
N SER D 76 -13.02 32.18 -27.88
CA SER D 76 -12.80 32.67 -29.23
C SER D 76 -11.77 33.81 -29.29
N GLN D 77 -11.50 34.46 -28.15
CA GLN D 77 -10.56 35.56 -28.10
C GLN D 77 -9.14 35.10 -27.80
N VAL D 78 -8.95 33.86 -27.36
CA VAL D 78 -7.63 33.39 -26.95
C VAL D 78 -6.75 33.22 -28.18
N THR D 79 -5.46 33.55 -28.03
CA THR D 79 -4.49 33.38 -29.10
C THR D 79 -3.20 32.86 -28.48
N GLN D 80 -2.86 31.61 -28.77
CA GLN D 80 -1.63 30.99 -28.29
C GLN D 80 -0.52 30.98 -29.33
N VAL D 81 -0.85 31.22 -30.60
CA VAL D 81 0.11 31.13 -31.70
C VAL D 81 0.17 32.48 -32.40
N SER D 82 1.37 32.89 -32.78
CA SER D 82 1.58 34.12 -33.53
C SER D 82 2.79 33.99 -34.46
N PRO D 83 2.61 34.25 -35.76
CA PRO D 83 1.37 34.63 -36.45
C PRO D 83 0.42 33.45 -36.65
N GLN D 84 -0.77 33.71 -37.16
CA GLN D 84 -1.74 32.66 -37.44
C GLN D 84 -1.79 32.26 -38.90
N ARG D 85 -1.49 33.18 -39.81
CA ARG D 85 -1.54 32.90 -41.24
C ARG D 85 -0.49 33.75 -41.94
N ILE D 86 0.29 33.13 -42.82
CA ILE D 86 1.31 33.83 -43.59
C ILE D 86 1.31 33.27 -45.01
N ALA D 87 1.52 34.15 -45.98
CA ALA D 87 1.68 33.75 -47.37
C ALA D 87 3.16 33.53 -47.67
N LEU D 88 3.46 32.46 -48.40
CA LEU D 88 4.83 32.09 -48.71
C LEU D 88 4.98 31.91 -50.22
N ARG D 89 6.00 32.54 -50.79
CA ARG D 89 6.30 32.42 -52.22
C ARG D 89 7.69 31.82 -52.37
N LEU D 90 7.80 30.81 -53.23
CA LEU D 90 9.06 30.13 -53.47
C LEU D 90 9.21 29.88 -54.97
N ARG D 91 10.46 29.85 -55.42
CA ARG D 91 10.77 29.53 -56.80
C ARG D 91 11.65 28.28 -56.84
N PRO D 92 11.73 27.61 -57.99
CA PRO D 92 12.39 26.30 -58.05
C PRO D 92 13.73 26.26 -57.36
N ASP D 93 13.90 25.29 -56.47
CA ASP D 93 15.17 25.06 -55.77
C ASP D 93 15.61 26.30 -54.99
N ASP D 94 14.67 26.92 -54.29
CA ASP D 94 14.94 28.09 -53.47
C ASP D 94 14.35 27.87 -52.08
N SER D 95 14.73 28.72 -51.14
CA SER D 95 14.29 28.57 -49.76
C SER D 95 14.16 29.93 -49.09
N LYS D 96 13.03 30.17 -48.43
CA LYS D 96 12.80 31.33 -47.60
C LYS D 96 12.50 30.87 -46.18
N ASN D 97 12.68 31.77 -45.21
CA ASN D 97 12.50 31.43 -43.80
C ASN D 97 11.53 32.40 -43.15
N PHE D 98 10.94 31.94 -42.06
CA PHE D 98 9.98 32.73 -41.29
C PHE D 98 10.09 32.32 -39.83
N SER D 99 9.16 32.81 -39.00
CA SER D 99 9.23 32.57 -37.56
C SER D 99 7.83 32.42 -36.98
N ILE D 100 7.77 31.78 -35.82
CA ILE D 100 6.51 31.55 -35.09
C ILE D 100 6.80 31.67 -33.60
N GLN D 101 5.79 32.12 -32.85
CA GLN D 101 5.85 32.21 -31.41
C GLN D 101 4.69 31.44 -30.78
N VAL D 102 4.99 30.71 -29.71
CA VAL D 102 4.00 29.93 -28.98
C VAL D 102 4.07 30.33 -27.51
N ARG D 103 2.92 30.34 -26.85
CA ARG D 103 2.83 30.75 -25.45
C ARG D 103 1.87 29.84 -24.69
N GLN D 104 2.28 29.43 -23.50
CA GLN D 104 1.38 28.73 -22.56
C GLN D 104 0.61 29.80 -21.80
N VAL D 105 -0.51 30.25 -22.39
CA VAL D 105 -1.27 31.35 -21.80
C VAL D 105 -1.72 30.96 -20.40
N GLU D 106 -1.49 31.86 -19.44
CA GLU D 106 -1.90 31.63 -18.06
C GLU D 106 -3.42 31.63 -17.96
N ASP D 107 -3.92 30.98 -16.90
CA ASP D 107 -5.35 30.99 -16.58
C ASP D 107 -6.17 30.43 -17.73
N TYR D 108 -5.73 29.29 -18.27
CA TYR D 108 -6.44 28.62 -19.35
C TYR D 108 -7.40 27.59 -18.76
N PRO D 109 -8.65 27.50 -19.25
CA PRO D 109 -9.61 26.54 -18.67
C PRO D 109 -9.05 25.13 -18.68
N VAL D 110 -9.40 24.36 -17.64
CA VAL D 110 -8.85 23.03 -17.43
C VAL D 110 -9.99 22.06 -17.10
N ASP D 111 -9.96 20.89 -17.71
CA ASP D 111 -10.86 19.79 -17.38
C ASP D 111 -10.05 18.66 -16.78
N ILE D 112 -10.58 18.04 -15.72
CA ILE D 112 -9.91 16.93 -15.04
C ILE D 112 -10.95 15.85 -14.81
N TYR D 113 -10.73 14.68 -15.40
CA TYR D 113 -11.61 13.53 -15.21
C TYR D 113 -10.87 12.52 -14.34
N TYR D 114 -11.45 12.21 -13.17
CA TYR D 114 -10.83 11.31 -12.22
C TYR D 114 -11.29 9.89 -12.53
N LEU D 115 -10.35 9.05 -12.96
CA LEU D 115 -10.62 7.64 -13.25
C LEU D 115 -9.98 6.82 -12.14
N MET D 116 -10.82 6.17 -11.33
CA MET D 116 -10.38 5.55 -10.09
C MET D 116 -10.62 4.04 -10.12
N ASP D 117 -9.59 3.29 -9.76
CA ASP D 117 -9.71 1.86 -9.55
C ASP D 117 -10.54 1.62 -8.29
N LEU D 118 -11.70 0.98 -8.44
CA LEU D 118 -12.57 0.66 -7.31
C LEU D 118 -12.68 -0.84 -7.12
N SER D 119 -11.58 -1.55 -7.33
CA SER D 119 -11.49 -2.94 -6.92
C SER D 119 -11.24 -2.98 -5.41
N TYR D 120 -11.20 -4.20 -4.84
CA TYR D 120 -11.07 -4.30 -3.39
C TYR D 120 -9.75 -3.74 -2.90
N SER D 121 -8.70 -3.82 -3.72
CA SER D 121 -7.39 -3.33 -3.30
C SER D 121 -7.36 -1.83 -3.07
N MET D 122 -8.43 -1.11 -3.43
CA MET D 122 -8.46 0.35 -3.32
C MET D 122 -9.50 0.82 -2.30
N LYS D 123 -9.81 -0.03 -1.32
CA LYS D 123 -10.85 0.32 -0.35
C LYS D 123 -10.39 1.46 0.55
N ASP D 124 -9.13 1.41 1.01
CA ASP D 124 -8.61 2.47 1.85
C ASP D 124 -8.55 3.79 1.09
N ASP D 125 -8.32 3.74 -0.21
CA ASP D 125 -8.11 4.95 -1.00
C ASP D 125 -9.36 5.82 -1.06
N LEU D 126 -10.54 5.23 -0.83
CA LEU D 126 -11.76 6.02 -0.87
C LEU D 126 -11.86 6.97 0.33
N TRP D 127 -11.28 6.60 1.46
CA TRP D 127 -11.31 7.46 2.65
C TRP D 127 -10.36 8.64 2.53
N SER D 128 -9.35 8.55 1.65
CA SER D 128 -8.38 9.61 1.50
C SER D 128 -8.84 10.72 0.56
N ILE D 129 -9.89 10.48 -0.23
CA ILE D 129 -10.37 11.44 -1.21
C ILE D 129 -11.82 11.85 -0.93
N GLN D 130 -12.28 11.67 0.31
CA GLN D 130 -13.65 12.04 0.64
C GLN D 130 -13.89 13.53 0.47
N ASN D 131 -12.84 14.34 0.45
CA ASN D 131 -12.95 15.78 0.24
C ASN D 131 -12.01 16.25 -0.86
N LEU D 132 -11.54 15.33 -1.71
CA LEU D 132 -10.59 15.69 -2.77
C LEU D 132 -11.18 16.73 -3.72
N GLY D 133 -12.50 16.69 -3.94
CA GLY D 133 -13.10 17.62 -4.88
C GLY D 133 -12.92 19.06 -4.47
N THR D 134 -13.25 19.38 -3.21
CA THR D 134 -13.12 20.76 -2.73
C THR D 134 -11.66 21.11 -2.50
N LYS D 135 -10.86 20.15 -2.00
CA LYS D 135 -9.46 20.43 -1.73
C LYS D 135 -8.69 20.64 -3.02
N LEU D 136 -8.92 19.79 -4.03
CA LEU D 136 -8.28 19.97 -5.32
C LEU D 136 -8.74 21.24 -6.01
N ALA D 137 -9.96 21.69 -5.72
CA ALA D 137 -10.51 22.87 -6.38
C ALA D 137 -9.74 24.13 -6.01
N THR D 138 -9.54 24.36 -4.71
CA THR D 138 -8.93 25.60 -4.26
C THR D 138 -7.50 25.73 -4.75
N GLN D 139 -6.78 24.62 -4.87
CA GLN D 139 -5.39 24.68 -5.34
C GLN D 139 -5.31 24.90 -6.85
N MET D 140 -6.34 24.47 -7.59
CA MET D 140 -6.42 24.76 -9.01
C MET D 140 -7.08 26.09 -9.29
N ARG D 141 -7.89 26.61 -8.36
CA ARG D 141 -8.42 27.96 -8.49
C ARG D 141 -7.29 28.98 -8.65
N LYS D 142 -6.12 28.69 -8.09
CA LYS D 142 -4.98 29.59 -8.22
C LYS D 142 -4.30 29.46 -9.58
N LEU D 143 -4.42 28.29 -10.22
CA LEU D 143 -3.85 28.08 -11.54
C LEU D 143 -4.80 28.45 -12.67
N THR D 144 -6.11 28.31 -12.46
CA THR D 144 -7.09 28.59 -13.51
C THR D 144 -8.39 29.06 -12.90
N SER D 145 -9.03 30.02 -13.57
CA SER D 145 -10.37 30.46 -13.16
C SER D 145 -11.41 29.41 -13.53
N ASN D 146 -11.47 29.05 -14.81
CA ASN D 146 -12.39 28.01 -15.28
C ASN D 146 -11.83 26.65 -14.93
N LEU D 147 -12.58 25.87 -14.15
CA LEU D 147 -12.18 24.54 -13.75
C LEU D 147 -13.40 23.64 -13.71
N ARG D 148 -13.23 22.40 -14.16
CA ARG D 148 -14.28 21.39 -14.13
C ARG D 148 -13.66 20.06 -13.74
N ILE D 149 -14.38 19.28 -12.94
CA ILE D 149 -13.90 17.98 -12.48
C ILE D 149 -15.03 16.97 -12.61
N GLY D 150 -14.68 15.74 -13.01
CA GLY D 150 -15.61 14.64 -13.07
C GLY D 150 -15.01 13.40 -12.45
N PHE D 151 -15.83 12.36 -12.33
CA PHE D 151 -15.41 11.15 -11.65
C PHE D 151 -15.93 9.92 -12.37
N GLY D 152 -15.06 8.91 -12.48
CA GLY D 152 -15.43 7.63 -13.05
C GLY D 152 -14.65 6.53 -12.40
N ALA D 153 -15.24 5.33 -12.37
CA ALA D 153 -14.68 4.20 -11.65
C ALA D 153 -14.67 2.96 -12.54
N PHE D 154 -13.79 2.03 -12.19
CA PHE D 154 -13.63 0.80 -12.97
C PHE D 154 -13.09 -0.31 -12.07
N VAL D 155 -13.33 -1.54 -12.48
CA VAL D 155 -12.76 -2.72 -11.81
C VAL D 155 -12.16 -3.65 -12.85
N ASP D 156 -13.01 -4.43 -13.50
CA ASP D 156 -12.59 -5.45 -14.46
C ASP D 156 -13.84 -5.92 -15.18
N LYS D 157 -13.63 -6.78 -16.18
CA LYS D 157 -14.75 -7.25 -17.00
C LYS D 157 -15.68 -8.15 -16.17
N PRO D 158 -16.95 -7.77 -15.99
CA PRO D 158 -17.84 -8.60 -15.16
C PRO D 158 -18.18 -9.93 -15.80
N VAL D 159 -17.21 -10.83 -15.86
CA VAL D 159 -17.42 -12.15 -16.47
C VAL D 159 -16.31 -13.07 -16.01
N SER D 160 -16.67 -14.32 -15.75
CA SER D 160 -15.69 -15.32 -15.31
C SER D 160 -14.55 -15.41 -16.32
N PRO D 161 -13.32 -15.67 -15.84
CA PRO D 161 -12.91 -15.93 -14.46
C PRO D 161 -12.60 -14.66 -13.67
N TYR D 162 -12.74 -13.49 -14.31
CA TYR D 162 -12.49 -12.24 -13.61
C TYR D 162 -13.50 -12.01 -12.49
N MET D 163 -14.69 -12.58 -12.60
CA MET D 163 -15.77 -12.33 -11.65
C MET D 163 -16.10 -13.61 -10.88
N TYR D 164 -16.32 -13.47 -9.59
CA TYR D 164 -16.81 -14.57 -8.78
C TYR D 164 -18.26 -14.86 -9.16
N ILE D 165 -18.51 -16.09 -9.63
CA ILE D 165 -19.83 -16.48 -10.11
C ILE D 165 -20.53 -17.42 -9.16
N SER D 166 -19.93 -17.73 -8.01
CA SER D 166 -20.56 -18.61 -7.04
C SER D 166 -20.11 -18.25 -5.62
N PRO D 167 -21.02 -18.39 -4.64
CA PRO D 167 -22.42 -18.82 -4.75
C PRO D 167 -23.32 -17.74 -5.36
N PRO D 168 -24.60 -18.06 -5.53
CA PRO D 168 -25.53 -17.08 -6.13
C PRO D 168 -25.50 -15.72 -5.44
N GLU D 169 -25.09 -15.72 -4.17
CA GLU D 169 -24.96 -14.46 -3.44
C GLU D 169 -23.73 -13.68 -3.84
N ALA D 170 -22.72 -14.34 -4.40
CA ALA D 170 -21.50 -13.66 -4.82
C ALA D 170 -21.73 -12.70 -5.96
N LEU D 171 -22.82 -12.86 -6.71
CA LEU D 171 -23.15 -11.92 -7.77
C LEU D 171 -23.81 -10.66 -7.21
N GLU D 172 -24.68 -10.83 -6.21
CA GLU D 172 -25.29 -9.70 -5.54
C GLU D 172 -24.33 -9.03 -4.57
N ASN D 173 -23.35 -9.77 -4.07
CA ASN D 173 -22.44 -9.25 -3.05
C ASN D 173 -21.14 -10.04 -3.12
N PRO D 174 -20.18 -9.58 -3.94
CA PRO D 174 -18.91 -10.30 -4.06
C PRO D 174 -18.22 -10.57 -2.72
N CYS D 175 -18.56 -9.77 -1.72
CA CYS D 175 -18.00 -9.92 -0.37
C CYS D 175 -18.86 -10.82 0.49
N TYR D 176 -19.34 -11.94 -0.08
CA TYR D 176 -20.20 -12.86 0.66
C TYR D 176 -19.39 -13.78 1.56
N ASP D 177 -18.37 -14.44 1.01
CA ASP D 177 -17.47 -15.23 1.85
C ASP D 177 -16.85 -14.35 2.93
N MET D 178 -16.65 -13.07 2.64
CA MET D 178 -16.22 -12.11 3.64
C MET D 178 -17.40 -11.70 4.51
N LYS D 179 -17.09 -11.12 5.66
CA LYS D 179 -18.11 -10.68 6.61
C LYS D 179 -18.46 -9.20 6.41
N THR D 180 -18.54 -8.75 5.16
CA THR D 180 -18.86 -7.37 4.84
C THR D 180 -19.78 -7.37 3.63
N THR D 181 -19.88 -6.22 2.95
CA THR D 181 -20.75 -6.08 1.79
C THR D 181 -20.14 -5.05 0.86
N CYS D 182 -20.21 -5.34 -0.44
CA CYS D 182 -19.66 -4.48 -1.48
C CYS D 182 -20.58 -4.52 -2.70
N LEU D 183 -20.36 -3.58 -3.62
CA LEU D 183 -21.22 -3.48 -4.79
C LEU D 183 -20.97 -4.65 -5.74
N PRO D 184 -21.98 -5.01 -6.54
CA PRO D 184 -21.74 -5.99 -7.62
C PRO D 184 -20.69 -5.48 -8.59
N MET D 185 -20.01 -6.43 -9.25
CA MET D 185 -18.90 -6.09 -10.11
C MET D 185 -19.37 -5.25 -11.30
N PHE D 186 -18.47 -4.42 -11.81
CA PHE D 186 -18.76 -3.56 -12.95
C PHE D 186 -17.48 -3.31 -13.72
N GLY D 187 -17.62 -3.17 -15.04
CA GLY D 187 -16.48 -2.92 -15.89
C GLY D 187 -16.05 -1.47 -15.89
N TYR D 188 -17.02 -0.56 -16.05
CA TYR D 188 -16.74 0.87 -15.99
C TYR D 188 -18.05 1.65 -15.97
N LYS D 189 -18.16 2.60 -15.04
CA LYS D 189 -19.37 3.40 -14.89
C LYS D 189 -19.01 4.87 -14.82
N HIS D 190 -19.69 5.68 -15.62
CA HIS D 190 -19.54 7.13 -15.58
C HIS D 190 -20.37 7.70 -14.44
N VAL D 191 -19.71 8.29 -13.45
CA VAL D 191 -20.39 8.79 -12.27
C VAL D 191 -20.80 10.25 -12.46
N LEU D 192 -19.81 11.14 -12.50
CA LEU D 192 -20.06 12.59 -12.51
C LEU D 192 -19.52 13.21 -13.79
N THR D 193 -20.40 13.87 -14.54
CA THR D 193 -19.97 14.64 -15.70
C THR D 193 -19.08 15.80 -15.25
N LEU D 194 -18.16 16.20 -16.13
CA LEU D 194 -17.32 17.35 -15.86
C LEU D 194 -18.18 18.56 -15.53
N THR D 195 -17.98 19.13 -14.35
CA THR D 195 -18.77 20.25 -13.89
C THR D 195 -17.90 21.18 -13.06
N ASP D 196 -18.26 22.45 -13.02
CA ASP D 196 -17.55 23.44 -12.22
C ASP D 196 -18.03 23.47 -10.78
N GLN D 197 -19.06 22.71 -10.43
CA GLN D 197 -19.55 22.63 -9.05
C GLN D 197 -18.76 21.56 -8.33
N VAL D 198 -17.65 21.96 -7.71
CA VAL D 198 -16.77 21.01 -7.05
C VAL D 198 -17.44 20.37 -5.83
N THR D 199 -18.54 20.95 -5.35
CA THR D 199 -19.27 20.32 -4.26
C THR D 199 -19.94 19.03 -4.72
N ARG D 200 -20.49 19.04 -5.93
CA ARG D 200 -21.12 17.84 -6.48
C ARG D 200 -20.14 16.68 -6.55
N PHE D 201 -18.84 16.99 -6.69
CA PHE D 201 -17.83 15.94 -6.68
C PHE D 201 -17.81 15.21 -5.35
N ASN D 202 -17.66 15.96 -4.25
CA ASN D 202 -17.62 15.34 -2.92
C ASN D 202 -18.91 14.60 -2.60
N GLU D 203 -20.04 15.09 -3.11
CA GLU D 203 -21.32 14.42 -2.84
C GLU D 203 -21.34 13.02 -3.42
N GLU D 204 -20.90 12.88 -4.68
CA GLU D 204 -20.96 11.58 -5.35
C GLU D 204 -19.90 10.62 -4.82
N VAL D 205 -18.70 11.13 -4.55
CA VAL D 205 -17.62 10.27 -4.07
C VAL D 205 -18.04 9.58 -2.77
N LYS D 206 -18.70 10.32 -1.88
CA LYS D 206 -19.11 9.74 -0.60
C LYS D 206 -20.13 8.61 -0.78
N LYS D 207 -20.75 8.52 -1.96
CA LYS D 207 -21.70 7.45 -2.26
C LYS D 207 -21.03 6.29 -3.00
N GLN D 208 -19.70 6.22 -2.98
CA GLN D 208 -18.97 5.21 -3.72
C GLN D 208 -18.41 4.15 -2.78
N SER D 209 -18.50 2.89 -3.21
CA SER D 209 -17.94 1.76 -2.48
C SER D 209 -17.30 0.80 -3.47
N VAL D 210 -16.13 0.27 -3.11
CA VAL D 210 -15.38 -0.59 -4.01
C VAL D 210 -16.13 -1.89 -4.28
N SER D 211 -15.62 -2.67 -5.22
CA SER D 211 -16.08 -4.03 -5.48
C SER D 211 -14.88 -4.97 -5.38
N ARG D 212 -15.09 -6.23 -5.79
CA ARG D 212 -14.07 -7.25 -5.61
C ARG D 212 -14.07 -8.19 -6.81
N ASN D 213 -12.89 -8.45 -7.35
CA ASN D 213 -12.71 -9.39 -8.45
C ASN D 213 -11.59 -10.36 -8.08
N ARG D 214 -11.25 -11.23 -9.03
CA ARG D 214 -10.34 -12.34 -8.76
C ARG D 214 -8.90 -12.02 -9.13
N ASP D 215 -8.64 -11.76 -10.40
CA ASP D 215 -7.26 -11.65 -10.88
C ASP D 215 -6.66 -10.28 -10.53
N ALA D 216 -5.37 -10.31 -10.19
CA ALA D 216 -4.69 -9.09 -9.74
C ALA D 216 -4.77 -7.96 -10.76
N PRO D 217 -4.53 -8.18 -12.05
CA PRO D 217 -4.63 -7.08 -13.00
C PRO D 217 -6.07 -6.60 -13.13
N GLU D 218 -6.22 -5.39 -13.68
CA GLU D 218 -7.52 -4.74 -13.75
C GLU D 218 -7.77 -4.19 -15.15
N GLY D 219 -9.03 -4.25 -15.56
CA GLY D 219 -9.44 -3.70 -16.84
C GLY D 219 -9.58 -2.19 -16.81
N GLY D 220 -8.47 -1.50 -16.55
CA GLY D 220 -8.50 -0.05 -16.50
C GLY D 220 -8.48 0.60 -17.87
N PHE D 221 -7.80 -0.02 -18.83
CA PHE D 221 -7.72 0.55 -20.16
C PHE D 221 -9.09 0.61 -20.82
N ASP D 222 -10.00 -0.30 -20.48
CA ASP D 222 -11.36 -0.20 -20.97
C ASP D 222 -12.02 1.09 -20.52
N ALA D 223 -11.65 1.58 -19.33
CA ALA D 223 -12.22 2.83 -18.83
C ALA D 223 -11.55 4.04 -19.44
N ILE D 224 -10.25 3.97 -19.72
CA ILE D 224 -9.57 5.05 -20.42
C ILE D 224 -10.17 5.24 -21.80
N MET D 225 -10.40 4.15 -22.52
CA MET D 225 -10.93 4.24 -23.87
C MET D 225 -12.29 4.91 -23.88
N GLN D 226 -13.19 4.49 -22.98
CA GLN D 226 -14.53 5.05 -22.95
C GLN D 226 -14.51 6.48 -22.46
N ALA D 227 -13.63 6.80 -21.51
CA ALA D 227 -13.52 8.16 -21.01
C ALA D 227 -12.98 9.12 -22.05
N THR D 228 -12.32 8.59 -23.09
CA THR D 228 -11.75 9.40 -24.15
C THR D 228 -12.74 9.64 -25.29
N VAL D 229 -13.45 8.59 -25.71
CA VAL D 229 -14.28 8.68 -26.92
C VAL D 229 -15.72 9.06 -26.64
N CYS D 230 -16.14 9.11 -25.39
CA CYS D 230 -17.51 9.50 -25.04
C CYS D 230 -17.48 10.99 -24.72
N ASP D 231 -17.61 11.81 -25.77
CA ASP D 231 -17.47 13.26 -25.62
C ASP D 231 -18.59 13.85 -24.78
N GLU D 232 -19.84 13.51 -25.10
CA GLU D 232 -20.98 14.12 -24.43
C GLU D 232 -21.04 13.71 -22.97
N LYS D 233 -21.08 12.39 -22.71
CA LYS D 233 -21.15 11.90 -21.34
C LYS D 233 -20.09 12.55 -20.46
N ILE D 234 -18.81 12.34 -20.80
CA ILE D 234 -17.73 12.94 -20.02
C ILE D 234 -17.87 14.46 -20.03
N GLY D 235 -18.21 15.02 -21.18
CA GLY D 235 -18.43 16.45 -21.27
C GLY D 235 -17.16 17.28 -21.38
N TRP D 236 -16.13 16.76 -22.03
CA TRP D 236 -14.94 17.55 -22.28
C TRP D 236 -15.31 18.85 -23.00
N ARG D 237 -14.52 19.89 -22.78
CA ARG D 237 -14.76 21.19 -23.38
C ARG D 237 -13.86 21.39 -24.59
N ASN D 238 -14.41 22.06 -25.62
CA ASN D 238 -13.67 22.27 -26.85
C ASN D 238 -12.43 23.13 -26.63
N ASP D 239 -12.50 24.10 -25.72
CA ASP D 239 -11.42 25.05 -25.46
C ASP D 239 -10.98 24.88 -24.01
N ALA D 240 -10.13 23.89 -23.76
CA ALA D 240 -9.61 23.65 -22.43
C ALA D 240 -8.57 22.54 -22.48
N SER D 241 -7.70 22.53 -21.48
CA SER D 241 -6.75 21.44 -21.33
C SER D 241 -7.44 20.24 -20.68
N HIS D 242 -7.19 19.06 -21.23
CA HIS D 242 -7.90 17.85 -20.81
C HIS D 242 -6.92 16.94 -20.10
N LEU D 243 -7.16 16.70 -18.81
CA LEU D 243 -6.36 15.80 -17.99
C LEU D 243 -7.18 14.57 -17.65
N LEU D 244 -6.56 13.41 -17.74
CA LEU D 244 -7.18 12.14 -17.37
C LEU D 244 -6.33 11.52 -16.27
N VAL D 245 -6.89 11.41 -15.08
CA VAL D 245 -6.18 10.88 -13.92
C VAL D 245 -6.51 9.39 -13.81
N PHE D 246 -5.50 8.55 -14.04
CA PHE D 246 -5.65 7.10 -13.95
C PHE D 246 -4.94 6.62 -12.69
N THR D 247 -5.71 6.16 -11.71
CA THR D 247 -5.18 5.69 -10.44
C THR D 247 -5.42 4.19 -10.31
N THR D 248 -4.37 3.46 -9.94
CA THR D 248 -4.49 2.04 -9.66
C THR D 248 -3.21 1.58 -8.96
N ASP D 249 -3.36 0.57 -8.10
CA ASP D 249 -2.25 -0.01 -7.37
C ASP D 249 -1.91 -1.41 -7.85
N ALA D 250 -2.18 -1.71 -9.12
CA ALA D 250 -1.96 -3.03 -9.67
C ALA D 250 -1.71 -2.91 -11.17
N LYS D 251 -1.11 -3.95 -11.73
CA LYS D 251 -0.88 -4.00 -13.17
C LYS D 251 -2.23 -3.98 -13.90
N THR D 252 -2.17 -3.86 -15.22
CA THR D 252 -3.35 -3.62 -16.03
C THR D 252 -3.50 -4.70 -17.09
N HIS D 253 -4.73 -4.84 -17.58
CA HIS D 253 -5.04 -5.75 -18.67
C HIS D 253 -4.82 -5.05 -20.01
N ILE D 254 -4.30 -5.81 -20.98
CA ILE D 254 -3.98 -5.27 -22.30
C ILE D 254 -4.77 -6.04 -23.35
N ALA D 255 -4.64 -5.64 -24.60
CA ALA D 255 -5.35 -6.29 -25.70
C ALA D 255 -4.95 -7.76 -25.79
N LEU D 256 -5.91 -8.59 -26.23
CA LEU D 256 -5.74 -10.03 -26.37
C LEU D 256 -5.76 -10.75 -25.03
N ASP D 257 -6.01 -10.04 -23.93
CA ASP D 257 -6.20 -10.69 -22.64
C ASP D 257 -7.62 -11.22 -22.48
N GLY D 258 -8.60 -10.58 -23.13
CA GLY D 258 -9.99 -10.98 -23.01
C GLY D 258 -10.28 -12.37 -23.53
N ARG D 259 -9.35 -12.99 -24.24
CA ARG D 259 -9.59 -14.34 -24.74
C ARG D 259 -9.77 -15.34 -23.61
N LEU D 260 -9.25 -15.04 -22.41
CA LEU D 260 -9.45 -15.91 -21.26
C LEU D 260 -10.91 -15.90 -20.80
N ALA D 261 -11.67 -14.86 -21.16
CA ALA D 261 -13.09 -14.79 -20.86
C ALA D 261 -13.95 -15.16 -22.06
N GLY D 262 -13.34 -15.65 -23.13
CA GLY D 262 -14.07 -15.92 -24.35
C GLY D 262 -14.35 -14.71 -25.19
N ILE D 263 -13.58 -13.64 -25.01
CA ILE D 263 -13.78 -12.39 -25.72
C ILE D 263 -12.62 -12.24 -26.71
N VAL D 264 -12.95 -12.28 -28.00
CA VAL D 264 -11.96 -12.17 -29.06
C VAL D 264 -12.14 -10.93 -29.92
N GLN D 265 -13.31 -10.31 -29.91
CA GLN D 265 -13.57 -9.16 -30.77
C GLN D 265 -12.63 -8.01 -30.43
N PRO D 266 -11.87 -7.48 -31.39
CA PRO D 266 -11.01 -6.32 -31.08
C PRO D 266 -11.83 -5.13 -30.61
N ASN D 267 -11.16 -4.23 -29.90
CA ASN D 267 -11.81 -3.01 -29.44
C ASN D 267 -12.07 -2.10 -30.64
N ASP D 268 -13.34 -1.70 -30.82
CA ASP D 268 -13.72 -0.86 -31.95
C ASP D 268 -13.42 0.61 -31.72
N GLY D 269 -13.00 0.99 -30.50
CA GLY D 269 -12.68 2.37 -30.22
C GLY D 269 -13.86 3.31 -30.22
N GLN D 270 -15.09 2.80 -30.20
CA GLN D 270 -16.28 3.62 -30.19
C GLN D 270 -16.88 3.66 -28.78
N CYS D 271 -17.75 4.65 -28.57
CA CYS D 271 -18.38 4.82 -27.27
C CYS D 271 -19.55 3.85 -27.11
N HIS D 272 -19.65 3.24 -25.93
CA HIS D 272 -20.68 2.26 -25.63
C HIS D 272 -21.21 2.45 -24.22
N VAL D 273 -21.44 3.70 -23.82
CA VAL D 273 -21.93 4.04 -22.49
C VAL D 273 -23.28 4.72 -22.70
N GLY D 274 -24.37 3.98 -22.48
CA GLY D 274 -25.70 4.50 -22.68
C GLY D 274 -26.21 5.29 -21.50
N SER D 275 -27.54 5.35 -21.40
CA SER D 275 -28.18 6.09 -20.31
C SER D 275 -27.83 5.48 -18.95
N ASP D 276 -27.65 4.17 -18.88
CA ASP D 276 -27.30 3.51 -17.64
C ASP D 276 -25.90 3.84 -17.16
N ASN D 277 -25.16 4.69 -17.88
CA ASN D 277 -23.84 5.16 -17.49
C ASN D 277 -22.83 4.03 -17.31
N HIS D 278 -23.15 2.82 -17.73
CA HIS D 278 -22.25 1.69 -17.61
C HIS D 278 -21.76 1.27 -18.99
N TYR D 279 -20.49 0.86 -19.04
CA TYR D 279 -19.87 0.38 -20.28
C TYR D 279 -20.48 -0.97 -20.64
N SER D 280 -21.35 -0.98 -21.65
CA SER D 280 -22.10 -2.18 -21.99
C SER D 280 -21.25 -3.20 -22.73
N ALA D 281 -20.33 -2.74 -23.58
CA ALA D 281 -19.49 -3.65 -24.34
C ALA D 281 -18.26 -4.09 -23.56
N SER D 282 -18.43 -4.38 -22.27
CA SER D 282 -17.33 -4.86 -21.44
C SER D 282 -17.15 -6.36 -21.52
N THR D 283 -18.24 -7.10 -21.68
CA THR D 283 -18.21 -8.55 -21.74
C THR D 283 -18.19 -9.08 -23.17
N THR D 284 -18.28 -8.21 -24.17
CA THR D 284 -18.37 -8.61 -25.57
C THR D 284 -17.25 -8.04 -26.42
N MET D 285 -16.27 -7.35 -25.82
CA MET D 285 -15.25 -6.66 -26.60
C MET D 285 -13.93 -6.66 -25.84
N ASP D 286 -12.88 -7.08 -26.52
CA ASP D 286 -11.57 -7.24 -25.91
C ASP D 286 -11.02 -5.90 -25.43
N TYR D 287 -9.87 -5.95 -24.77
CA TYR D 287 -9.24 -4.74 -24.25
C TYR D 287 -8.58 -3.95 -25.39
N PRO D 288 -8.57 -2.62 -25.30
CA PRO D 288 -7.91 -1.83 -26.33
C PRO D 288 -6.40 -1.98 -26.27
N SER D 289 -5.76 -1.85 -27.42
CA SER D 289 -4.32 -1.95 -27.51
C SER D 289 -3.67 -0.61 -27.17
N LEU D 290 -2.34 -0.62 -27.05
CA LEU D 290 -1.63 0.62 -26.78
C LEU D 290 -1.65 1.55 -27.98
N GLY D 291 -1.72 1.00 -29.20
CA GLY D 291 -1.81 1.83 -30.38
C GLY D 291 -3.17 2.49 -30.52
N LEU D 292 -4.24 1.74 -30.26
CA LEU D 292 -5.58 2.30 -30.36
C LEU D 292 -5.80 3.36 -29.29
N MET D 293 -5.24 3.16 -28.10
CA MET D 293 -5.35 4.17 -27.05
C MET D 293 -4.63 5.45 -27.44
N THR D 294 -3.41 5.32 -27.98
CA THR D 294 -2.66 6.49 -28.43
C THR D 294 -3.47 7.28 -29.43
N GLU D 295 -4.13 6.59 -30.37
CA GLU D 295 -4.91 7.27 -31.40
C GLU D 295 -6.02 8.11 -30.79
N LYS D 296 -6.89 7.49 -30.01
CA LYS D 296 -8.06 8.20 -29.48
C LYS D 296 -7.66 9.28 -28.48
N LEU D 297 -6.54 9.10 -27.77
CA LEU D 297 -6.06 10.16 -26.89
C LEU D 297 -5.57 11.36 -27.71
N SER D 298 -4.88 11.10 -28.81
CA SER D 298 -4.40 12.20 -29.65
C SER D 298 -5.53 12.86 -30.42
N GLN D 299 -6.55 12.10 -30.82
CA GLN D 299 -7.67 12.68 -31.55
C GLN D 299 -8.47 13.61 -30.67
N LYS D 300 -8.67 13.26 -29.40
CA LYS D 300 -9.46 14.04 -28.48
C LYS D 300 -8.63 15.01 -27.65
N ASN D 301 -7.31 15.03 -27.84
CA ASN D 301 -6.41 15.86 -27.05
C ASN D 301 -6.61 15.61 -25.55
N ILE D 302 -6.20 14.42 -25.13
CA ILE D 302 -6.30 13.99 -23.74
C ILE D 302 -4.89 13.73 -23.22
N ASN D 303 -4.60 14.23 -22.03
CA ASN D 303 -3.33 14.03 -21.36
C ASN D 303 -3.52 12.96 -20.29
N LEU D 304 -3.11 11.73 -20.61
CA LEU D 304 -3.24 10.62 -19.69
C LEU D 304 -2.16 10.70 -18.62
N ILE D 305 -2.57 10.57 -17.35
CA ILE D 305 -1.66 10.63 -16.21
C ILE D 305 -1.74 9.29 -15.49
N PHE D 306 -0.62 8.56 -15.47
CA PHE D 306 -0.55 7.28 -14.76
C PHE D 306 -0.15 7.56 -13.32
N ALA D 307 -1.14 7.54 -12.42
CA ALA D 307 -0.92 7.73 -10.99
C ALA D 307 -0.96 6.36 -10.35
N VAL D 308 0.19 5.67 -10.33
CA VAL D 308 0.29 4.31 -9.83
C VAL D 308 1.23 4.27 -8.64
N THR D 309 1.20 3.16 -7.91
CA THR D 309 1.95 2.99 -6.69
C THR D 309 3.31 2.34 -6.97
N GLU D 310 4.20 2.46 -5.98
CA GLU D 310 5.59 2.04 -6.11
C GLU D 310 5.74 0.73 -6.88
N ASN D 311 4.94 -0.28 -6.53
CA ASN D 311 5.15 -1.62 -7.06
C ASN D 311 5.00 -1.67 -8.58
N VAL D 312 4.35 -0.69 -9.19
CA VAL D 312 4.07 -0.73 -10.63
C VAL D 312 4.36 0.61 -11.28
N VAL D 313 5.28 1.40 -10.71
CA VAL D 313 5.70 2.62 -11.37
C VAL D 313 6.59 2.29 -12.56
N ASN D 314 7.51 1.34 -12.40
CA ASN D 314 8.34 0.91 -13.52
C ASN D 314 7.49 0.34 -14.65
N LEU D 315 6.32 -0.21 -14.32
CA LEU D 315 5.43 -0.73 -15.34
C LEU D 315 4.89 0.39 -16.21
N TYR D 316 4.14 1.32 -15.61
CA TYR D 316 3.51 2.39 -16.37
C TYR D 316 4.51 3.43 -16.86
N GLN D 317 5.72 3.46 -16.29
CA GLN D 317 6.75 4.33 -16.83
C GLN D 317 7.21 3.87 -18.21
N ASN D 318 6.99 2.59 -18.52
CA ASN D 318 7.36 2.05 -19.82
C ASN D 318 6.21 2.08 -20.81
N TYR D 319 4.98 1.92 -20.33
CA TYR D 319 3.82 2.24 -21.16
C TYR D 319 3.82 3.72 -21.53
N SER D 320 4.36 4.57 -20.65
CA SER D 320 4.40 6.01 -20.96
C SER D 320 5.34 6.30 -22.12
N GLU D 321 6.37 5.48 -22.31
CA GLU D 321 7.26 5.66 -23.45
C GLU D 321 6.67 5.11 -24.74
N LEU D 322 5.66 4.25 -24.64
CA LEU D 322 4.93 3.78 -25.81
C LEU D 322 3.75 4.68 -26.15
N ILE D 323 3.15 5.33 -25.16
CA ILE D 323 2.08 6.30 -25.38
C ILE D 323 2.66 7.70 -25.13
N PRO D 324 3.31 8.30 -26.12
CA PRO D 324 3.93 9.62 -25.88
C PRO D 324 2.91 10.66 -25.45
N GLY D 325 3.37 11.58 -24.60
CA GLY D 325 2.52 12.63 -24.07
C GLY D 325 1.90 12.32 -22.73
N THR D 326 2.14 11.15 -22.17
CA THR D 326 1.56 10.73 -20.90
C THR D 326 2.58 10.86 -19.79
N THR D 327 2.10 11.20 -18.59
CA THR D 327 2.94 11.44 -17.44
C THR D 327 2.72 10.35 -16.39
N VAL D 328 3.79 9.98 -15.69
CA VAL D 328 3.75 8.98 -14.63
C VAL D 328 4.19 9.63 -13.33
N GLY D 329 3.32 9.58 -12.33
CA GLY D 329 3.64 10.06 -10.99
C GLY D 329 3.41 8.96 -9.98
N VAL D 330 4.22 8.97 -8.92
CA VAL D 330 4.13 7.94 -7.90
C VAL D 330 2.96 8.23 -6.98
N LEU D 331 2.19 7.19 -6.65
CA LEU D 331 1.04 7.30 -5.79
C LEU D 331 1.26 6.49 -4.52
N SER D 332 0.74 7.00 -3.40
CA SER D 332 0.78 6.27 -2.15
C SER D 332 -0.28 5.18 -2.13
N MET D 333 0.00 4.12 -1.38
CA MET D 333 -0.93 2.99 -1.31
C MET D 333 -2.24 3.34 -0.63
N ASP D 334 -2.43 4.61 -0.23
CA ASP D 334 -3.69 5.10 0.28
C ASP D 334 -4.25 6.25 -0.56
N SER D 335 -3.57 6.62 -1.64
CA SER D 335 -4.02 7.68 -2.54
C SER D 335 -4.17 9.00 -1.79
N SER D 336 -3.20 9.30 -0.93
CA SER D 336 -3.21 10.54 -0.15
C SER D 336 -2.55 11.69 -0.91
N ASN D 337 -1.43 11.43 -1.56
CA ASN D 337 -0.68 12.44 -2.30
C ASN D 337 -1.23 12.67 -3.70
N VAL D 338 -2.48 12.29 -3.96
CA VAL D 338 -3.02 12.39 -5.31
C VAL D 338 -3.13 13.83 -5.75
N LEU D 339 -3.44 14.75 -4.82
CA LEU D 339 -3.57 16.15 -5.19
C LEU D 339 -2.24 16.71 -5.71
N GLN D 340 -1.16 16.48 -4.96
CA GLN D 340 0.16 16.90 -5.43
C GLN D 340 0.57 16.16 -6.70
N LEU D 341 0.11 14.92 -6.85
CA LEU D 341 0.41 14.16 -8.05
C LEU D 341 -0.20 14.82 -9.28
N ILE D 342 -1.43 15.32 -9.15
CA ILE D 342 -2.09 16.01 -10.26
C ILE D 342 -1.35 17.30 -10.60
N VAL D 343 -1.09 18.12 -9.59
CA VAL D 343 -0.50 19.44 -9.83
C VAL D 343 0.90 19.29 -10.43
N ASP D 344 1.73 18.45 -9.82
CA ASP D 344 3.09 18.27 -10.33
C ASP D 344 3.09 17.72 -11.75
N ALA D 345 2.12 16.86 -12.07
CA ALA D 345 2.03 16.32 -13.43
C ALA D 345 1.52 17.38 -14.40
N TYR D 346 0.50 18.15 -13.99
CA TYR D 346 -0.01 19.22 -14.83
C TYR D 346 1.06 20.25 -15.14
N GLY D 347 2.00 20.47 -14.22
CA GLY D 347 3.12 21.34 -14.51
C GLY D 347 4.09 20.72 -15.50
N LYS D 348 4.33 19.41 -15.36
CA LYS D 348 5.19 18.72 -16.32
C LYS D 348 4.49 18.59 -17.68
N ILE D 349 3.15 18.58 -17.70
CA ILE D 349 2.42 18.53 -18.95
C ILE D 349 2.59 19.83 -19.71
N ARG D 350 2.36 20.97 -19.05
CA ARG D 350 2.47 22.27 -19.69
C ARG D 350 3.89 22.83 -19.63
N SER D 351 4.90 21.98 -19.50
CA SER D 351 6.29 22.38 -19.60
C SER D 351 6.88 22.04 -20.96
N LYS D 352 6.08 21.53 -21.88
CA LYS D 352 6.56 21.06 -23.18
C LYS D 352 5.80 21.78 -24.29
N VAL D 353 6.54 22.20 -25.32
CA VAL D 353 5.98 22.80 -26.52
C VAL D 353 6.66 22.11 -27.69
N GLU D 354 6.02 21.10 -28.25
CA GLU D 354 6.54 20.34 -29.39
C GLU D 354 5.69 20.64 -30.62
N LEU D 355 6.36 20.84 -31.75
CA LEU D 355 5.70 21.21 -33.00
C LEU D 355 5.51 19.99 -33.88
N GLU D 356 4.39 19.96 -34.59
CA GLU D 356 4.09 18.93 -35.59
C GLU D 356 3.52 19.61 -36.82
N VAL D 357 3.95 19.15 -38.00
CA VAL D 357 3.55 19.72 -39.27
C VAL D 357 2.55 18.80 -39.94
N ARG D 358 1.44 19.36 -40.41
CA ARG D 358 0.38 18.59 -41.05
C ARG D 358 0.23 19.02 -42.50
N ASP D 359 0.11 18.03 -43.39
CA ASP D 359 -0.19 18.27 -44.80
C ASP D 359 1.00 18.91 -45.53
N LEU D 360 2.20 18.45 -45.22
CA LEU D 360 3.39 18.99 -45.89
C LEU D 360 3.53 18.39 -47.28
N PRO D 361 3.66 19.19 -48.34
CA PRO D 361 3.86 18.62 -49.67
C PRO D 361 5.11 17.76 -49.76
N GLU D 362 5.09 16.84 -50.73
CA GLU D 362 6.23 15.95 -50.94
C GLU D 362 7.51 16.71 -51.28
N GLU D 363 7.37 17.87 -51.93
CA GLU D 363 8.53 18.60 -52.41
C GLU D 363 9.11 19.55 -51.38
N LEU D 364 8.34 19.93 -50.36
CA LEU D 364 8.84 20.82 -49.32
C LEU D 364 9.54 20.03 -48.23
N SER D 365 10.55 20.66 -47.63
CA SER D 365 11.28 20.06 -46.52
C SER D 365 11.71 21.19 -45.58
N LEU D 366 11.39 21.05 -44.30
CA LEU D 366 11.58 22.11 -43.33
C LEU D 366 12.80 21.86 -42.44
N SER D 367 13.16 22.88 -41.68
CA SER D 367 14.26 22.82 -40.73
C SER D 367 14.01 23.86 -39.65
N PHE D 368 14.33 23.52 -38.40
CA PHE D 368 13.92 24.31 -37.25
C PHE D 368 15.11 24.69 -36.38
N ASN D 369 15.05 25.89 -35.80
CA ASN D 369 15.94 26.29 -34.73
C ASN D 369 15.10 26.79 -33.57
N ALA D 370 15.32 26.21 -32.41
CA ALA D 370 14.47 26.42 -31.25
C ALA D 370 15.21 27.30 -30.24
N THR D 371 14.57 28.40 -29.84
CA THR D 371 15.06 29.28 -28.79
C THR D 371 14.17 29.07 -27.58
N CYS D 372 14.57 28.14 -26.70
CA CYS D 372 13.76 27.80 -25.54
C CYS D 372 14.04 28.78 -24.40
N LEU D 373 14.65 28.29 -23.31
CA LEU D 373 14.93 29.15 -22.17
C LEU D 373 15.87 30.28 -22.56
N ASN D 374 15.57 31.48 -22.10
CA ASN D 374 16.33 32.66 -22.48
C ASN D 374 16.33 32.80 -24.01
N ASN D 375 17.33 33.46 -24.57
CA ASN D 375 17.47 33.64 -26.01
C ASN D 375 18.57 32.76 -26.57
N GLU D 376 18.61 31.50 -26.14
CA GLU D 376 19.66 30.56 -26.55
C GLU D 376 19.11 29.71 -27.71
N VAL D 377 19.64 29.95 -28.90
CA VAL D 377 19.21 29.21 -30.08
C VAL D 377 19.72 27.78 -30.00
N ILE D 378 18.90 26.83 -30.43
CA ILE D 378 19.26 25.41 -30.41
C ILE D 378 19.04 24.83 -31.80
N PRO D 379 20.09 24.57 -32.58
CA PRO D 379 19.89 24.11 -33.96
C PRO D 379 19.41 22.68 -34.03
N GLY D 380 18.61 22.41 -35.07
CA GLY D 380 18.12 21.07 -35.34
C GLY D 380 17.18 20.55 -34.27
N LEU D 381 16.18 21.34 -33.92
CA LEU D 381 15.24 20.96 -32.86
C LEU D 381 13.93 21.69 -33.08
N LYS D 382 12.83 20.98 -32.87
CA LYS D 382 11.48 21.52 -33.05
C LYS D 382 10.65 21.34 -31.78
N SER D 383 11.30 21.43 -30.62
CA SER D 383 10.61 21.20 -29.36
C SER D 383 11.38 21.86 -28.23
N CYS D 384 10.66 22.18 -27.16
CA CYS D 384 11.24 22.76 -25.95
C CYS D 384 10.80 21.96 -24.74
N MET D 385 11.64 21.97 -23.71
CA MET D 385 11.37 21.26 -22.47
C MET D 385 11.91 22.06 -21.29
N GLY D 386 11.21 21.96 -20.17
CA GLY D 386 11.57 22.71 -18.98
C GLY D 386 11.01 24.12 -19.01
N LEU D 387 9.73 24.25 -19.34
CA LEU D 387 9.07 25.53 -19.47
C LEU D 387 8.06 25.73 -18.33
N LYS D 388 7.72 26.99 -18.10
CA LYS D 388 6.75 27.37 -17.08
C LYS D 388 5.53 27.99 -17.73
N ILE D 389 4.40 27.92 -17.03
CA ILE D 389 3.17 28.52 -17.55
C ILE D 389 3.37 30.02 -17.68
N GLY D 390 3.07 30.55 -18.85
CA GLY D 390 3.24 31.96 -19.15
C GLY D 390 4.48 32.28 -19.96
N ASP D 391 5.42 31.35 -20.06
CA ASP D 391 6.61 31.55 -20.86
C ASP D 391 6.27 31.54 -22.35
N THR D 392 7.10 32.20 -23.15
CA THR D 392 6.93 32.25 -24.59
C THR D 392 8.22 31.77 -25.25
N VAL D 393 8.07 30.89 -26.25
CA VAL D 393 9.18 30.38 -27.02
C VAL D 393 8.97 30.74 -28.49
N SER D 394 10.02 30.52 -29.29
CA SER D 394 9.96 30.87 -30.70
C SER D 394 10.82 29.89 -31.49
N PHE D 395 10.44 29.70 -32.76
CA PHE D 395 11.16 28.81 -33.67
C PHE D 395 11.41 29.53 -34.98
N SER D 396 12.63 29.44 -35.49
CA SER D 396 12.96 29.93 -36.83
C SER D 396 12.86 28.77 -37.81
N ILE D 397 12.09 28.96 -38.87
CA ILE D 397 11.76 27.89 -39.81
C ILE D 397 12.24 28.28 -41.20
N GLU D 398 12.71 27.29 -41.96
CA GLU D 398 13.17 27.49 -43.33
C GLU D 398 12.55 26.41 -44.21
N ALA D 399 11.82 26.83 -45.25
CA ALA D 399 11.15 25.92 -46.16
C ALA D 399 11.95 25.84 -47.46
N LYS D 400 12.39 24.63 -47.82
CA LYS D 400 13.18 24.40 -49.03
C LYS D 400 12.37 23.52 -49.98
N VAL D 401 12.02 24.06 -51.13
CA VAL D 401 11.31 23.32 -52.17
C VAL D 401 12.33 22.70 -53.12
N ARG D 402 12.04 21.48 -53.58
CA ARG D 402 12.94 20.74 -54.47
C ARG D 402 12.22 20.55 -55.80
N GLY D 403 12.58 21.35 -56.79
CA GLY D 403 11.97 21.28 -58.10
C GLY D 403 10.80 22.23 -58.25
N CYS D 404 10.03 22.01 -59.32
CA CYS D 404 8.80 22.77 -59.54
C CYS D 404 7.62 21.83 -59.45
N PRO D 405 6.76 21.97 -58.44
CA PRO D 405 5.61 21.05 -58.32
C PRO D 405 4.56 21.30 -59.38
N GLN D 406 3.71 20.29 -59.58
CA GLN D 406 2.59 20.43 -60.51
C GLN D 406 1.61 21.48 -60.00
N GLU D 407 1.06 21.26 -58.81
CA GLU D 407 0.14 22.23 -58.22
C GLU D 407 0.92 23.46 -57.78
N LYS D 408 0.52 24.63 -58.28
CA LYS D 408 1.19 25.87 -57.95
C LYS D 408 0.66 26.53 -56.69
N GLU D 409 -0.26 25.87 -55.97
CA GLU D 409 -0.81 26.43 -54.74
C GLU D 409 -1.19 25.31 -53.80
N LYS D 410 -0.46 25.21 -52.67
CA LYS D 410 -0.79 24.29 -51.59
C LYS D 410 -0.66 25.03 -50.27
N SER D 411 -1.20 24.43 -49.21
CA SER D 411 -1.14 25.04 -47.89
C SER D 411 -1.10 23.96 -46.82
N PHE D 412 -0.18 24.12 -45.87
CA PHE D 412 -0.02 23.19 -44.75
C PHE D 412 -0.24 23.93 -43.44
N THR D 413 -0.05 23.20 -42.33
CA THR D 413 -0.32 23.73 -41.00
C THR D 413 0.83 23.38 -40.06
N ILE D 414 1.13 24.29 -39.15
CA ILE D 414 2.10 24.07 -38.07
C ILE D 414 1.35 24.30 -36.77
N LYS D 415 0.99 23.20 -36.09
CA LYS D 415 0.28 23.28 -34.82
C LYS D 415 1.15 22.72 -33.71
N PRO D 416 1.25 23.39 -32.55
CA PRO D 416 1.93 22.78 -31.41
C PRO D 416 1.10 21.65 -30.82
N VAL D 417 1.79 20.58 -30.39
CA VAL D 417 1.11 19.40 -29.88
C VAL D 417 0.20 19.81 -28.72
N GLY D 418 -1.08 19.48 -28.84
CA GLY D 418 -2.06 19.76 -27.81
C GLY D 418 -2.80 21.08 -27.98
N PHE D 419 -2.16 22.06 -28.61
CA PHE D 419 -2.76 23.38 -28.73
C PHE D 419 -3.91 23.36 -29.73
N LYS D 420 -4.75 24.39 -29.64
CA LYS D 420 -5.85 24.58 -30.57
C LYS D 420 -5.45 25.44 -31.76
N ASP D 421 -4.91 26.62 -31.49
CA ASP D 421 -4.51 27.54 -32.55
C ASP D 421 -3.31 26.97 -33.30
N SER D 422 -3.16 27.40 -34.55
CA SER D 422 -2.11 26.89 -35.41
C SER D 422 -1.73 27.94 -36.44
N LEU D 423 -0.60 27.71 -37.12
CA LEU D 423 -0.11 28.58 -38.17
C LEU D 423 -0.40 27.93 -39.53
N ILE D 424 -1.29 28.55 -40.30
CA ILE D 424 -1.61 28.08 -41.64
C ILE D 424 -0.70 28.79 -42.63
N VAL D 425 0.16 28.02 -43.30
CA VAL D 425 1.10 28.55 -44.29
C VAL D 425 0.48 28.34 -45.67
N GLN D 426 0.31 29.43 -46.41
CA GLN D 426 -0.24 29.37 -47.77
C GLN D 426 0.92 29.54 -48.75
N VAL D 427 1.37 28.42 -49.31
CA VAL D 427 2.52 28.41 -50.22
C VAL D 427 2.04 28.68 -51.63
N THR D 428 2.87 29.37 -52.40
CA THR D 428 2.62 29.63 -53.82
C THR D 428 3.94 29.50 -54.56
N PHE D 429 4.04 28.48 -55.42
CA PHE D 429 5.27 28.21 -56.15
C PHE D 429 5.34 29.08 -57.40
N ASP D 430 6.42 29.85 -57.52
CA ASP D 430 6.61 30.76 -58.64
C ASP D 430 7.50 30.07 -59.68
N CYS D 431 6.87 29.34 -60.60
CA CYS D 431 7.58 28.67 -61.68
C CYS D 431 7.46 29.40 -63.01
N ASP D 432 6.36 30.09 -63.26
CA ASP D 432 6.08 30.72 -64.54
C ASP D 432 6.45 32.21 -64.51
N CYS D 433 6.66 32.76 -65.69
CA CYS D 433 6.98 34.16 -65.87
C CYS D 433 5.71 34.96 -66.18
N ALA D 434 5.74 36.25 -65.84
CA ALA D 434 4.57 37.09 -66.07
C ALA D 434 4.30 37.30 -67.55
N CYS D 435 5.34 37.24 -68.39
CA CYS D 435 5.19 37.40 -69.82
C CYS D 435 4.49 36.22 -70.48
N GLN D 436 4.32 35.11 -69.77
CA GLN D 436 3.64 33.96 -70.35
C GLN D 436 2.15 34.24 -70.55
N ALA D 437 1.57 35.11 -69.72
CA ALA D 437 0.17 35.49 -69.90
C ALA D 437 -0.03 36.33 -71.15
N GLN D 438 1.01 36.98 -71.64
CA GLN D 438 0.97 37.73 -72.88
C GLN D 438 1.46 36.91 -74.06
N ALA D 439 1.45 35.59 -73.94
CA ALA D 439 1.91 34.72 -75.01
C ALA D 439 0.99 34.86 -76.23
N GLU D 440 1.50 34.42 -77.37
CA GLU D 440 0.78 34.54 -78.65
C GLU D 440 0.86 33.21 -79.39
N PRO D 441 -0.16 32.36 -79.28
CA PRO D 441 -0.13 31.09 -80.01
C PRO D 441 -0.32 31.28 -81.50
N ASN D 442 0.30 30.39 -82.27
CA ASN D 442 0.25 30.43 -83.73
C ASN D 442 0.72 31.78 -84.26
N SER D 443 1.77 32.31 -83.63
CA SER D 443 2.28 33.62 -84.02
C SER D 443 2.95 33.54 -85.39
N HIS D 444 2.70 34.57 -86.21
CA HIS D 444 3.36 34.66 -87.51
C HIS D 444 4.87 34.76 -87.39
N ARG D 445 5.37 35.25 -86.26
CA ARG D 445 6.81 35.42 -86.08
C ARG D 445 7.56 34.10 -86.02
N CYS D 446 6.86 32.99 -85.78
CA CYS D 446 7.49 31.69 -85.60
C CYS D 446 6.98 30.74 -86.68
N ASN D 447 7.81 30.51 -87.70
CA ASN D 447 7.50 29.54 -88.77
C ASN D 447 6.19 29.86 -89.48
N ASN D 448 5.78 31.12 -89.44
CA ASN D 448 4.56 31.57 -90.15
C ASN D 448 3.32 30.89 -89.58
N GLY D 449 3.31 30.66 -88.28
CA GLY D 449 2.16 30.13 -87.59
C GLY D 449 2.25 28.69 -87.13
N ASN D 450 3.44 28.11 -87.06
CA ASN D 450 3.63 26.75 -86.55
C ASN D 450 4.18 26.73 -85.13
N GLY D 451 4.45 27.90 -84.53
CA GLY D 451 5.01 27.98 -83.21
C GLY D 451 4.29 29.02 -82.37
N THR D 452 4.79 29.21 -81.15
CA THR D 452 4.21 30.13 -80.19
C THR D 452 5.26 31.14 -79.76
N PHE D 453 4.91 32.42 -79.82
CA PHE D 453 5.80 33.49 -79.39
C PHE D 453 5.57 33.74 -77.90
N GLU D 454 6.52 33.29 -77.09
CA GLU D 454 6.40 33.36 -75.63
C GLU D 454 7.63 34.06 -75.07
N CYS D 455 7.42 35.24 -74.49
CA CYS D 455 8.47 35.94 -73.75
C CYS D 455 9.68 36.23 -74.64
N GLY D 456 9.41 36.72 -75.85
CA GLY D 456 10.46 37.16 -76.73
C GLY D 456 11.11 36.10 -77.58
N VAL D 457 10.77 34.82 -77.38
CA VAL D 457 11.35 33.73 -78.14
C VAL D 457 10.24 32.84 -78.67
N CYS D 458 10.61 31.96 -79.61
CA CYS D 458 9.67 31.08 -80.30
C CYS D 458 9.73 29.69 -79.67
N ARG D 459 8.62 29.27 -79.06
CA ARG D 459 8.49 27.92 -78.53
C ARG D 459 7.79 27.02 -79.53
N CYS D 460 8.24 25.77 -79.63
CA CYS D 460 7.57 24.81 -80.51
C CYS D 460 6.21 24.47 -79.92
N GLY D 461 5.16 24.61 -80.74
CA GLY D 461 3.81 24.57 -80.27
C GLY D 461 3.41 23.18 -79.76
N PRO D 462 2.14 23.06 -79.37
CA PRO D 462 1.65 21.78 -78.86
C PRO D 462 1.39 20.78 -79.98
N GLY D 463 1.71 19.52 -79.72
CA GLY D 463 1.58 18.48 -80.71
C GLY D 463 2.84 18.22 -81.50
N TRP D 464 3.77 19.16 -81.54
CA TRP D 464 5.04 18.99 -82.21
C TRP D 464 6.05 18.35 -81.27
N LEU D 465 7.09 17.77 -81.86
CA LEU D 465 8.18 17.16 -81.11
C LEU D 465 9.51 17.67 -81.65
N GLY D 466 10.55 17.52 -80.83
CA GLY D 466 11.87 18.01 -81.17
C GLY D 466 12.12 19.41 -80.65
N SER D 467 13.39 19.80 -80.70
CA SER D 467 13.78 21.12 -80.22
C SER D 467 13.26 22.21 -81.14
N GLN D 468 13.44 22.05 -82.45
CA GLN D 468 13.02 23.03 -83.44
C GLN D 468 11.98 22.43 -84.39
N CYS D 469 11.06 21.65 -83.82
CA CYS D 469 9.95 21.11 -84.58
C CYS D 469 10.46 20.33 -85.79
N GLU E 1 4.36 -51.32 -11.73
CA GLU E 1 3.27 -52.12 -11.09
C GLU E 1 2.89 -51.52 -9.74
N VAL E 2 1.58 -51.35 -9.52
CA VAL E 2 1.08 -50.82 -8.26
C VAL E 2 1.08 -51.94 -7.23
N GLN E 3 1.55 -51.66 -6.03
CA GLN E 3 1.61 -52.67 -4.99
C GLN E 3 1.87 -51.98 -3.65
N LEU E 4 1.03 -52.26 -2.66
CA LEU E 4 1.14 -51.69 -1.32
C LEU E 4 1.83 -52.68 -0.40
N GLN E 5 2.97 -52.29 0.14
CA GLN E 5 3.78 -53.13 1.03
C GLN E 5 3.70 -52.55 2.43
N GLN E 6 2.98 -53.24 3.32
CA GLN E 6 2.80 -52.81 4.70
C GLN E 6 3.90 -53.38 5.59
N SER E 7 3.75 -53.17 6.90
CA SER E 7 4.70 -53.67 7.88
C SER E 7 4.37 -55.12 8.25
N GLY E 8 5.22 -55.70 9.12
CA GLY E 8 4.99 -57.04 9.60
C GLY E 8 4.05 -57.08 10.79
N ALA E 9 3.71 -58.30 11.19
CA ALA E 9 2.79 -58.49 12.32
C ALA E 9 3.36 -57.86 13.58
N GLU E 10 2.45 -57.43 14.46
CA GLU E 10 2.82 -56.76 15.71
C GLU E 10 2.10 -57.44 16.87
N LEU E 11 2.79 -57.50 18.01
CA LEU E 11 2.21 -58.03 19.24
C LEU E 11 2.63 -57.14 20.39
N VAL E 12 1.64 -56.66 21.15
CA VAL E 12 1.85 -55.70 22.21
C VAL E 12 0.87 -55.97 23.34
N LYS E 13 1.09 -55.29 24.50
CA LYS E 13 0.22 -55.40 25.65
C LYS E 13 -0.82 -54.29 25.66
N PRO E 14 -1.97 -54.51 26.28
CA PRO E 14 -3.00 -53.45 26.34
C PRO E 14 -2.45 -52.17 26.94
N GLY E 15 -2.96 -51.04 26.45
CA GLY E 15 -2.52 -49.74 26.88
C GLY E 15 -1.37 -49.16 26.08
N ALA E 16 -0.63 -49.99 25.35
CA ALA E 16 0.51 -49.53 24.57
C ALA E 16 0.02 -48.84 23.30
N SER E 17 0.93 -48.60 22.36
CA SER E 17 0.60 -47.94 21.10
C SER E 17 1.54 -48.46 20.01
N VAL E 18 1.00 -48.63 18.81
CA VAL E 18 1.74 -49.19 17.68
C VAL E 18 1.53 -48.31 16.46
N LYS E 19 2.59 -48.16 15.67
CA LYS E 19 2.54 -47.46 14.39
C LYS E 19 2.71 -48.48 13.27
N LEU E 20 1.70 -48.59 12.41
CA LEU E 20 1.75 -49.48 11.27
C LEU E 20 2.15 -48.71 10.01
N SER E 21 3.04 -49.31 9.23
CA SER E 21 3.57 -48.69 8.02
C SER E 21 2.86 -49.23 6.78
N CYS E 22 2.82 -48.40 5.72
CA CYS E 22 2.25 -48.77 4.42
C CYS E 22 3.09 -48.08 3.35
N THR E 23 4.22 -48.67 3.02
CA THR E 23 5.13 -48.10 2.01
C THR E 23 4.59 -48.39 0.62
N ALA E 24 4.59 -47.36 -0.23
CA ALA E 24 4.17 -47.50 -1.62
C ALA E 24 5.35 -47.96 -2.48
N SER E 25 5.06 -48.81 -3.45
CA SER E 25 6.08 -49.37 -4.32
C SER E 25 5.57 -49.37 -5.75
N GLY E 26 6.28 -48.69 -6.64
CA GLY E 26 5.89 -48.58 -8.03
C GLY E 26 5.18 -47.29 -8.38
N PHE E 27 5.05 -46.36 -7.43
CA PHE E 27 4.35 -45.10 -7.67
C PHE E 27 4.63 -44.18 -6.49
N ASN E 28 4.15 -42.95 -6.60
CA ASN E 28 4.29 -41.97 -5.53
C ASN E 28 3.05 -41.98 -4.65
N ILE E 29 3.26 -42.05 -3.33
CA ILE E 29 2.15 -42.05 -2.40
C ILE E 29 1.30 -40.80 -2.58
N LYS E 30 1.93 -39.70 -3.01
CA LYS E 30 1.23 -38.42 -3.15
C LYS E 30 0.11 -38.45 -4.17
N ASP E 31 0.05 -39.51 -5.00
CA ASP E 31 -0.90 -39.52 -6.12
C ASP E 31 -2.34 -39.50 -5.64
N THR E 32 -2.71 -40.46 -4.80
CA THR E 32 -4.11 -40.73 -4.49
C THR E 32 -4.37 -40.66 -2.99
N TYR E 33 -5.66 -40.70 -2.64
CA TYR E 33 -6.07 -40.92 -1.28
C TYR E 33 -5.54 -42.25 -0.77
N VAL E 34 -5.40 -42.36 0.54
CA VAL E 34 -5.01 -43.61 1.19
C VAL E 34 -5.95 -43.86 2.36
N HIS E 35 -6.68 -44.97 2.30
CA HIS E 35 -7.61 -45.36 3.35
C HIS E 35 -7.02 -46.49 4.18
N TRP E 36 -7.45 -46.57 5.43
CA TRP E 36 -7.14 -47.69 6.31
C TRP E 36 -8.43 -48.40 6.67
N VAL E 37 -8.40 -49.74 6.64
CA VAL E 37 -9.59 -50.55 6.86
C VAL E 37 -9.28 -51.61 7.90
N LYS E 38 -10.20 -51.78 8.85
CA LYS E 38 -10.08 -52.77 9.91
C LYS E 38 -10.99 -53.96 9.60
N GLN E 39 -10.52 -55.16 9.92
CA GLN E 39 -11.27 -56.38 9.63
C GLN E 39 -11.25 -57.31 10.84
N ARG E 40 -12.42 -57.75 11.27
CA ARG E 40 -12.55 -58.74 12.33
C ARG E 40 -13.51 -59.84 11.89
N PRO E 41 -13.27 -61.08 12.33
CA PRO E 41 -14.13 -62.18 11.86
C PRO E 41 -15.61 -61.98 12.13
N GLU E 42 -15.98 -61.66 13.37
CA GLU E 42 -17.39 -61.55 13.73
C GLU E 42 -17.97 -60.22 13.31
N GLN E 43 -17.27 -59.12 13.61
CA GLN E 43 -17.80 -57.79 13.35
C GLN E 43 -17.77 -57.47 11.86
N GLY E 44 -16.69 -57.85 11.18
CA GLY E 44 -16.57 -57.62 9.75
C GLY E 44 -15.64 -56.46 9.43
N LEU E 45 -15.82 -55.93 8.22
CA LEU E 45 -14.98 -54.85 7.72
C LEU E 45 -15.49 -53.51 8.23
N GLU E 46 -14.54 -52.64 8.59
CA GLU E 46 -14.86 -51.31 9.12
C GLU E 46 -13.86 -50.31 8.57
N TRP E 47 -14.39 -49.20 8.04
CA TRP E 47 -13.53 -48.13 7.51
C TRP E 47 -13.04 -47.26 8.65
N ILE E 48 -11.72 -47.11 8.77
CA ILE E 48 -11.12 -46.30 9.82
C ILE E 48 -11.15 -44.84 9.41
N GLY E 49 -10.33 -44.48 8.42
CA GLY E 49 -10.23 -43.10 8.00
C GLY E 49 -9.62 -42.97 6.62
N ARG E 50 -9.06 -41.79 6.36
CA ARG E 50 -8.52 -41.47 5.05
C ARG E 50 -7.48 -40.36 5.22
N ILE E 51 -6.56 -40.28 4.27
CA ILE E 51 -5.54 -39.24 4.27
C ILE E 51 -5.17 -38.91 2.83
N ASP E 52 -4.80 -37.65 2.60
CA ASP E 52 -4.28 -37.20 1.31
C ASP E 52 -2.79 -36.90 1.48
N PRO E 53 -1.90 -37.83 1.11
CA PRO E 53 -0.46 -37.63 1.40
C PRO E 53 0.13 -36.36 0.81
N ALA E 54 -0.58 -35.66 -0.07
CA ALA E 54 -0.03 -34.44 -0.67
C ALA E 54 -0.08 -33.26 0.30
N ASN E 55 -1.11 -33.21 1.15
CA ASN E 55 -1.30 -32.10 2.07
C ASN E 55 -1.48 -32.54 3.52
N GLY E 56 -1.67 -33.83 3.78
CA GLY E 56 -1.79 -34.33 5.13
C GLY E 56 -3.17 -34.25 5.74
N TYR E 57 -4.14 -33.67 5.06
CA TYR E 57 -5.49 -33.60 5.58
C TYR E 57 -6.08 -35.01 5.68
N THR E 58 -7.00 -35.18 6.65
CA THR E 58 -7.51 -36.51 6.97
C THR E 58 -9.01 -36.46 7.22
N LYS E 59 -9.62 -37.63 7.19
CA LYS E 59 -11.04 -37.82 7.47
C LYS E 59 -11.21 -39.14 8.19
N TYR E 60 -11.80 -39.10 9.39
CA TYR E 60 -11.91 -40.28 10.25
C TYR E 60 -13.37 -40.64 10.48
N ASP E 61 -13.59 -41.92 10.76
CA ASP E 61 -14.90 -42.36 11.23
C ASP E 61 -15.08 -41.93 12.68
N PRO E 62 -16.20 -41.32 13.04
CA PRO E 62 -16.37 -40.84 14.43
C PRO E 62 -16.20 -41.93 15.48
N LYS E 63 -16.20 -43.21 15.09
CA LYS E 63 -15.99 -44.28 16.06
C LYS E 63 -14.53 -44.38 16.45
N PHE E 64 -13.62 -44.23 15.49
CA PHE E 64 -12.19 -44.34 15.73
C PHE E 64 -11.56 -43.01 16.11
N GLN E 65 -12.30 -42.11 16.76
CA GLN E 65 -11.78 -40.82 17.16
C GLN E 65 -10.92 -40.98 18.41
N GLY E 66 -9.77 -40.30 18.41
CA GLY E 66 -8.84 -40.33 19.51
C GLY E 66 -7.88 -41.51 19.47
N LYS E 67 -8.38 -42.68 19.06
CA LYS E 67 -7.55 -43.88 18.99
C LYS E 67 -6.67 -43.88 17.74
N ALA E 68 -7.30 -43.87 16.57
CA ALA E 68 -6.57 -43.96 15.32
C ALA E 68 -6.04 -42.59 14.91
N THR E 69 -4.83 -42.58 14.33
CA THR E 69 -4.19 -41.35 13.89
C THR E 69 -3.37 -41.68 12.64
N ILE E 70 -3.84 -41.25 11.48
CA ILE E 70 -3.17 -41.52 10.21
C ILE E 70 -2.26 -40.35 9.87
N THR E 71 -1.04 -40.67 9.43
CA THR E 71 -0.08 -39.67 9.02
C THR E 71 0.61 -40.13 7.75
N ALA E 72 1.44 -39.26 7.17
CA ALA E 72 2.10 -39.54 5.91
C ALA E 72 3.51 -38.96 5.92
N ASP E 73 4.29 -39.33 4.90
CA ASP E 73 5.68 -38.88 4.79
C ASP E 73 6.13 -39.14 3.35
N THR E 74 6.13 -38.08 2.54
CA THR E 74 6.53 -38.22 1.14
C THR E 74 8.00 -38.58 1.00
N SER E 75 8.84 -38.13 1.93
CA SER E 75 10.27 -38.44 1.86
C SER E 75 10.49 -39.95 1.85
N SER E 76 9.97 -40.63 2.88
CA SER E 76 10.02 -42.09 2.93
C SER E 76 9.00 -42.75 2.01
N ASN E 77 8.06 -41.98 1.46
CA ASN E 77 7.02 -42.51 0.58
C ASN E 77 6.21 -43.58 1.31
N THR E 78 5.60 -43.16 2.42
CA THR E 78 4.92 -44.11 3.30
C THR E 78 3.79 -43.39 4.04
N ALA E 79 2.72 -44.14 4.29
CA ALA E 79 1.59 -43.67 5.08
C ALA E 79 1.47 -44.53 6.33
N TYR E 80 1.32 -43.90 7.49
CA TYR E 80 1.33 -44.57 8.77
C TYR E 80 -0.04 -44.53 9.44
N LEU E 81 -0.28 -45.50 10.31
CA LEU E 81 -1.48 -45.57 11.13
C LEU E 81 -1.06 -45.85 12.57
N GLN E 82 -1.17 -44.84 13.44
CA GLN E 82 -0.78 -44.98 14.83
C GLN E 82 -2.02 -45.21 15.68
N LEU E 83 -2.10 -46.38 16.30
CA LEU E 83 -3.18 -46.72 17.22
C LEU E 83 -2.71 -46.54 18.66
N SER E 84 -3.60 -46.02 19.50
CA SER E 84 -3.28 -45.72 20.88
C SER E 84 -4.34 -46.32 21.80
N SER E 85 -3.94 -46.60 23.04
CA SER E 85 -4.83 -47.18 24.04
C SER E 85 -5.45 -48.48 23.52
N LEU E 86 -4.58 -49.46 23.25
CA LEU E 86 -5.01 -50.69 22.61
C LEU E 86 -5.76 -51.58 23.59
N THR E 87 -6.63 -52.43 23.03
CA THR E 87 -7.41 -53.38 23.82
C THR E 87 -7.53 -54.68 23.05
N SER E 88 -8.26 -55.64 23.62
CA SER E 88 -8.62 -56.84 22.88
C SER E 88 -9.67 -56.56 21.83
N GLU E 89 -10.40 -55.45 21.97
CA GLU E 89 -11.33 -55.02 20.92
C GLU E 89 -10.60 -54.54 19.68
N ASP E 90 -9.35 -54.10 19.83
CA ASP E 90 -8.55 -53.63 18.70
C ASP E 90 -7.75 -54.75 18.04
N THR E 91 -7.85 -55.98 18.52
CA THR E 91 -7.21 -57.13 17.87
C THR E 91 -7.89 -57.38 16.53
N ALA E 92 -7.20 -57.10 15.44
CA ALA E 92 -7.80 -57.21 14.12
C ALA E 92 -6.70 -57.14 13.07
N VAL E 93 -7.10 -57.27 11.80
CA VAL E 93 -6.21 -57.15 10.65
C VAL E 93 -6.48 -55.81 9.99
N TYR E 94 -5.42 -55.08 9.68
CA TYR E 94 -5.53 -53.71 9.17
C TYR E 94 -4.87 -53.63 7.80
N TYR E 95 -5.62 -53.08 6.83
CA TYR E 95 -5.16 -52.92 5.46
C TYR E 95 -5.10 -51.44 5.11
N CYS E 96 -4.19 -51.09 4.20
CA CYS E 96 -4.17 -49.77 3.59
C CYS E 96 -4.62 -49.87 2.14
N VAL E 97 -5.48 -48.94 1.73
CA VAL E 97 -6.19 -49.04 0.46
C VAL E 97 -6.07 -47.73 -0.30
N ARG E 98 -6.00 -47.82 -1.62
CA ARG E 98 -6.06 -46.66 -2.50
C ARG E 98 -6.89 -47.03 -3.73
N PRO E 99 -7.47 -46.05 -4.41
CA PRO E 99 -8.25 -46.33 -5.61
C PRO E 99 -7.38 -46.62 -6.81
N LEU E 100 -8.03 -47.06 -7.89
CA LEU E 100 -7.37 -47.27 -9.19
C LEU E 100 -7.51 -46.02 -10.06
N TYR E 101 -8.73 -45.77 -10.52
CA TYR E 101 -9.04 -44.57 -11.29
C TYR E 101 -9.96 -43.63 -10.52
N ASP E 102 -11.16 -44.11 -10.17
CA ASP E 102 -12.12 -43.28 -9.46
C ASP E 102 -11.52 -42.77 -8.16
N TYR E 103 -11.51 -41.44 -8.01
CA TYR E 103 -10.91 -40.81 -6.83
C TYR E 103 -11.37 -41.46 -5.53
N TYR E 104 -12.62 -41.93 -5.48
CA TYR E 104 -13.24 -42.35 -4.23
C TYR E 104 -13.39 -43.86 -4.10
N ALA E 105 -12.85 -44.64 -5.03
CA ALA E 105 -13.06 -46.07 -5.02
C ALA E 105 -12.06 -46.76 -4.08
N MET E 106 -12.28 -48.06 -3.88
CA MET E 106 -11.42 -48.90 -3.05
C MET E 106 -11.06 -50.12 -3.90
N ASP E 107 -9.89 -50.09 -4.53
CA ASP E 107 -9.52 -51.10 -5.52
C ASP E 107 -8.21 -51.79 -5.18
N TYR E 108 -7.17 -51.03 -4.83
CA TYR E 108 -5.86 -51.60 -4.54
C TYR E 108 -5.68 -51.72 -3.03
N TRP E 109 -5.34 -52.93 -2.58
CA TRP E 109 -5.20 -53.24 -1.16
C TRP E 109 -3.82 -53.81 -0.88
N GLY E 110 -3.37 -53.62 0.35
CA GLY E 110 -2.12 -54.20 0.79
C GLY E 110 -2.30 -55.64 1.25
N GLN E 111 -1.19 -56.24 1.68
CA GLN E 111 -1.25 -57.61 2.17
C GLN E 111 -1.84 -57.70 3.57
N GLY E 112 -1.84 -56.60 4.32
CA GLY E 112 -2.43 -56.56 5.64
C GLY E 112 -1.41 -56.75 6.74
N THR E 113 -1.77 -56.31 7.94
CA THR E 113 -0.92 -56.44 9.12
C THR E 113 -1.79 -56.86 10.29
N SER E 114 -1.52 -58.05 10.83
CA SER E 114 -2.28 -58.57 11.95
C SER E 114 -1.74 -57.99 13.25
N VAL E 115 -2.61 -57.37 14.04
CA VAL E 115 -2.25 -56.81 15.34
C VAL E 115 -2.92 -57.64 16.41
N THR E 116 -2.12 -58.21 17.31
CA THR E 116 -2.61 -59.04 18.40
C THR E 116 -2.27 -58.36 19.72
N VAL E 117 -3.29 -58.14 20.55
CA VAL E 117 -3.14 -57.47 21.84
C VAL E 117 -3.47 -58.47 22.94
N SER E 118 -2.55 -58.62 23.89
CA SER E 118 -2.77 -59.51 25.02
C SER E 118 -1.68 -59.25 26.06
N SER E 119 -1.99 -59.60 27.31
CA SER E 119 -1.05 -59.45 28.42
C SER E 119 -0.17 -60.67 28.62
N ALA E 120 -0.51 -61.80 27.99
CA ALA E 120 0.21 -63.04 28.24
C ALA E 120 1.68 -62.90 27.87
N LYS E 121 2.52 -63.67 28.57
CA LYS E 121 3.95 -63.73 28.29
C LYS E 121 4.21 -64.79 27.22
N THR E 122 5.44 -64.80 26.71
CA THR E 122 5.85 -65.81 25.74
C THR E 122 5.82 -67.18 26.40
N THR E 123 4.79 -67.98 26.10
CA THR E 123 4.56 -69.25 26.76
C THR E 123 4.64 -70.39 25.76
N ALA E 124 5.31 -71.49 26.17
CA ALA E 124 5.43 -72.67 25.33
C ALA E 124 4.23 -73.59 25.52
N PRO E 125 3.89 -74.39 24.50
CA PRO E 125 2.70 -75.24 24.59
C PRO E 125 2.94 -76.52 25.35
N SER E 126 1.87 -77.01 25.98
CA SER E 126 1.86 -78.30 26.67
C SER E 126 1.16 -79.30 25.77
N VAL E 127 1.93 -80.15 25.10
CA VAL E 127 1.38 -81.11 24.15
C VAL E 127 0.88 -82.34 24.92
N TYR E 128 -0.33 -82.78 24.58
CA TYR E 128 -0.93 -83.95 25.20
C TYR E 128 -1.39 -84.93 24.12
N PRO E 129 -1.02 -86.20 24.22
CA PRO E 129 -1.51 -87.18 23.23
C PRO E 129 -2.92 -87.64 23.54
N LEU E 130 -3.69 -87.90 22.49
CA LEU E 130 -5.09 -88.30 22.61
C LEU E 130 -5.29 -89.62 21.87
N ALA E 131 -5.31 -90.72 22.63
CA ALA E 131 -5.56 -92.04 22.11
C ALA E 131 -7.03 -92.42 22.29
N PRO E 132 -7.54 -93.37 21.51
CA PRO E 132 -8.93 -93.81 21.70
C PRO E 132 -9.14 -94.38 23.09
N VAL E 133 -10.42 -94.56 23.43
CA VAL E 133 -10.79 -94.96 24.79
C VAL E 133 -10.43 -96.42 25.01
N CYS E 134 -11.30 -97.33 24.58
CA CYS E 134 -11.13 -98.76 24.82
C CYS E 134 -11.95 -99.54 23.80
N THR E 138 -11.74 -102.90 15.86
CA THR E 138 -12.84 -101.96 16.09
C THR E 138 -12.89 -100.93 14.98
N GLY E 139 -13.48 -101.32 13.85
CA GLY E 139 -13.62 -100.44 12.71
C GLY E 139 -12.49 -100.60 11.70
N SER E 140 -12.73 -100.07 10.50
CA SER E 140 -11.72 -100.13 9.45
C SER E 140 -10.59 -99.13 9.68
N SER E 141 -10.82 -98.10 10.48
CA SER E 141 -9.82 -97.06 10.72
C SER E 141 -9.87 -96.65 12.20
N VAL E 142 -8.98 -95.73 12.56
CA VAL E 142 -8.90 -95.22 13.93
C VAL E 142 -8.48 -93.76 13.88
N THR E 143 -9.00 -92.97 14.81
CA THR E 143 -8.72 -91.54 14.87
C THR E 143 -7.90 -91.24 16.12
N LEU E 144 -6.74 -90.60 15.94
CA LEU E 144 -5.91 -90.13 17.02
C LEU E 144 -5.98 -88.61 17.11
N GLY E 145 -5.41 -88.06 18.18
CA GLY E 145 -5.45 -86.63 18.41
C GLY E 145 -4.20 -86.14 19.11
N CYS E 146 -4.06 -84.81 19.15
CA CYS E 146 -2.90 -84.17 19.76
C CYS E 146 -3.33 -82.78 20.22
N LEU E 147 -3.60 -82.64 21.51
CA LEU E 147 -4.08 -81.39 22.07
C LEU E 147 -2.92 -80.48 22.45
N VAL E 148 -2.84 -79.32 21.81
CA VAL E 148 -1.84 -78.30 22.14
C VAL E 148 -2.56 -77.19 22.90
N LYS E 149 -2.16 -76.97 24.14
CA LYS E 149 -2.85 -76.02 25.00
C LYS E 149 -1.85 -75.19 25.78
N GLY E 150 -2.27 -73.98 26.16
CA GLY E 150 -1.49 -73.11 26.99
C GLY E 150 -0.20 -72.61 26.34
N TYR E 151 -0.35 -71.82 25.28
CA TYR E 151 0.81 -71.22 24.63
C TYR E 151 0.44 -69.83 24.13
N PHE E 152 1.48 -69.02 23.91
CA PHE E 152 1.31 -67.68 23.40
C PHE E 152 2.66 -67.13 22.94
N PRO E 153 2.69 -66.39 21.82
CA PRO E 153 1.61 -66.08 20.88
C PRO E 153 1.55 -67.03 19.70
N GLU E 154 0.75 -66.68 18.69
CA GLU E 154 0.69 -67.42 17.44
C GLU E 154 1.95 -67.17 16.62
N PRO E 155 2.23 -68.03 15.62
CA PRO E 155 1.54 -69.26 15.26
C PRO E 155 2.28 -70.52 15.71
N VAL E 156 1.72 -71.68 15.40
CA VAL E 156 2.37 -72.97 15.66
C VAL E 156 2.28 -73.82 14.40
N THR E 157 3.21 -74.76 14.26
CA THR E 157 3.29 -75.63 13.09
C THR E 157 3.27 -77.07 13.57
N LEU E 158 2.08 -77.68 13.55
CA LEU E 158 1.94 -79.08 13.94
C LEU E 158 2.10 -79.98 12.72
N THR E 159 2.78 -81.10 12.92
CA THR E 159 2.97 -82.09 11.87
C THR E 159 2.94 -83.48 12.49
N TRP E 160 2.61 -84.47 11.66
CA TRP E 160 2.54 -85.86 12.08
C TRP E 160 3.69 -86.63 11.44
N ASN E 161 4.53 -87.25 12.26
CA ASN E 161 5.70 -87.99 11.78
C ASN E 161 6.59 -87.09 10.93
N SER E 162 6.77 -85.85 11.36
CA SER E 162 7.62 -84.88 10.67
C SER E 162 7.12 -84.61 9.26
N GLY E 163 5.82 -84.68 9.04
CA GLY E 163 5.22 -84.36 7.77
C GLY E 163 4.99 -85.52 6.84
N SER E 164 5.48 -86.72 7.18
CA SER E 164 5.27 -87.87 6.31
C SER E 164 3.80 -88.26 6.27
N LEU E 165 3.03 -87.93 7.31
CA LEU E 165 1.58 -88.16 7.32
C LEU E 165 0.90 -86.90 6.79
N SER E 166 0.88 -86.79 5.46
CA SER E 166 0.27 -85.63 4.83
C SER E 166 -1.24 -85.76 4.70
N SER E 167 -1.75 -86.99 4.60
CA SER E 167 -3.16 -87.23 4.36
C SER E 167 -3.87 -87.63 5.66
N GLY E 168 -5.19 -87.46 5.66
CA GLY E 168 -6.01 -87.81 6.80
C GLY E 168 -5.87 -86.90 7.99
N VAL E 169 -5.27 -85.72 7.82
CA VAL E 169 -5.01 -84.79 8.92
C VAL E 169 -6.03 -83.67 8.88
N HIS E 170 -6.49 -83.26 10.07
CA HIS E 170 -7.45 -82.15 10.22
C HIS E 170 -6.97 -81.27 11.38
N THR E 171 -6.05 -80.36 11.09
CA THR E 171 -5.58 -79.41 12.09
C THR E 171 -6.57 -78.25 12.20
N PHE E 172 -7.14 -78.08 13.38
CA PHE E 172 -8.16 -77.06 13.59
C PHE E 172 -7.53 -75.71 13.95
N PRO E 173 -8.20 -74.61 13.67
CA PRO E 173 -7.66 -73.30 14.04
C PRO E 173 -7.50 -73.17 15.55
N ALA E 174 -6.69 -72.19 15.95
CA ALA E 174 -6.43 -71.91 17.35
C ALA E 174 -7.47 -70.93 17.89
N VAL E 175 -7.86 -71.15 19.15
CA VAL E 175 -8.85 -70.32 19.82
C VAL E 175 -8.21 -69.71 21.05
N LEU E 176 -8.30 -68.39 21.18
CA LEU E 176 -7.71 -67.67 22.30
C LEU E 176 -8.63 -67.80 23.51
N GLN E 177 -8.21 -68.59 24.50
CA GLN E 177 -8.97 -68.81 25.72
C GLN E 177 -8.25 -68.10 26.88
N SER E 178 -8.74 -66.92 27.24
CA SER E 178 -8.21 -66.17 28.37
C SER E 178 -6.70 -66.00 28.26
N ASP E 179 -6.25 -65.12 27.37
CA ASP E 179 -4.84 -64.75 27.27
C ASP E 179 -3.97 -65.86 26.67
N LEU E 180 -4.52 -67.07 26.53
CA LEU E 180 -3.75 -68.20 26.03
C LEU E 180 -4.54 -68.93 24.96
N TYR E 181 -3.81 -69.47 23.98
CA TYR E 181 -4.40 -70.16 22.85
C TYR E 181 -4.59 -71.65 23.16
N THR E 182 -5.48 -72.28 22.40
CA THR E 182 -5.72 -73.72 22.49
C THR E 182 -5.99 -74.25 21.09
N LEU E 183 -5.17 -75.22 20.66
CA LEU E 183 -5.26 -75.79 19.33
C LEU E 183 -5.29 -77.31 19.43
N SER E 184 -5.84 -77.94 18.39
CA SER E 184 -5.94 -79.39 18.36
C SER E 184 -5.94 -79.88 16.92
N SER E 185 -5.47 -81.11 16.72
CA SER E 185 -5.40 -81.74 15.41
C SER E 185 -5.75 -83.22 15.55
N SER E 186 -6.17 -83.82 14.44
CA SER E 186 -6.58 -85.22 14.44
C SER E 186 -6.11 -85.89 13.15
N VAL E 187 -5.56 -87.09 13.29
CA VAL E 187 -5.09 -87.88 12.16
C VAL E 187 -5.83 -89.21 12.15
N THR E 188 -6.17 -89.68 10.95
CA THR E 188 -6.93 -90.92 10.77
C THR E 188 -6.16 -91.86 9.87
N VAL E 189 -5.97 -93.10 10.33
CA VAL E 189 -5.27 -94.13 9.56
C VAL E 189 -6.04 -95.44 9.71
N THR E 190 -5.63 -96.44 8.93
CA THR E 190 -6.25 -97.76 9.00
C THR E 190 -5.92 -98.43 10.33
N SER E 191 -6.81 -99.34 10.74
CA SER E 191 -6.62 -100.04 12.01
C SER E 191 -5.41 -100.94 12.00
N SER E 192 -4.92 -101.33 10.81
CA SER E 192 -3.74 -102.18 10.71
C SER E 192 -2.44 -101.39 10.86
N THR E 193 -2.49 -100.07 10.70
CA THR E 193 -1.29 -99.25 10.86
C THR E 193 -0.96 -99.03 12.33
N TRP E 194 -1.94 -98.56 13.10
CA TRP E 194 -1.73 -98.22 14.49
C TRP E 194 -2.44 -99.23 15.39
N PRO E 195 -1.83 -99.61 16.53
CA PRO E 195 -0.54 -99.18 17.08
C PRO E 195 0.65 -99.98 16.54
N SER E 196 0.42 -100.78 15.51
CA SER E 196 1.50 -101.58 14.93
C SER E 196 2.64 -100.72 14.40
N GLN E 197 2.37 -99.45 14.10
CA GLN E 197 3.38 -98.53 13.58
C GLN E 197 3.37 -97.25 14.41
N SER E 198 4.52 -96.58 14.43
CA SER E 198 4.69 -95.40 15.27
C SER E 198 4.11 -94.17 14.60
N ILE E 199 3.34 -93.40 15.38
CA ILE E 199 2.76 -92.13 14.93
C ILE E 199 3.08 -91.08 15.98
N THR E 200 3.81 -90.04 15.58
CA THR E 200 4.26 -89.00 16.50
C THR E 200 3.65 -87.66 16.11
N CYS E 201 3.37 -86.85 17.11
CA CYS E 201 2.82 -85.50 16.94
C CYS E 201 3.93 -84.50 17.22
N ASN E 202 4.46 -83.90 16.16
CA ASN E 202 5.54 -82.91 16.27
C ASN E 202 4.94 -81.51 16.26
N VAL E 203 5.30 -80.72 17.27
CA VAL E 203 4.82 -79.34 17.41
C VAL E 203 6.03 -78.43 17.59
N ALA E 204 5.96 -77.25 16.98
CA ALA E 204 7.04 -76.27 17.07
C ALA E 204 6.44 -74.89 17.32
N HIS E 205 6.98 -74.19 18.31
CA HIS E 205 6.53 -72.84 18.68
C HIS E 205 7.69 -71.87 18.50
N PRO E 206 7.80 -71.22 17.34
CA PRO E 206 8.94 -70.32 17.10
C PRO E 206 9.14 -69.26 18.16
N ALA E 207 8.06 -68.69 18.69
CA ALA E 207 8.19 -67.57 19.62
C ALA E 207 8.96 -67.99 20.87
N SER E 208 8.75 -69.22 21.34
CA SER E 208 9.47 -69.74 22.50
C SER E 208 10.65 -70.62 22.13
N SER E 209 10.84 -70.92 20.84
CA SER E 209 11.95 -71.76 20.37
C SER E 209 11.92 -73.13 21.05
N THR E 210 10.86 -73.88 20.78
CA THR E 210 10.67 -75.20 21.36
C THR E 210 10.16 -76.16 20.30
N LYS E 211 10.47 -77.45 20.49
CA LYS E 211 10.03 -78.50 19.59
C LYS E 211 9.75 -79.75 20.42
N VAL E 212 8.46 -80.11 20.55
CA VAL E 212 8.03 -81.20 21.40
C VAL E 212 7.47 -82.32 20.53
N ASP E 213 7.82 -83.56 20.89
CA ASP E 213 7.29 -84.76 20.25
C ASP E 213 6.58 -85.60 21.30
N LYS E 214 5.37 -86.06 20.97
CA LYS E 214 4.56 -86.88 21.87
C LYS E 214 4.00 -88.06 21.08
N LYS E 215 4.69 -89.20 21.17
CA LYS E 215 4.23 -90.41 20.50
C LYS E 215 2.91 -90.89 21.11
N ILE E 216 1.92 -91.13 20.25
CA ILE E 216 0.61 -91.55 20.72
C ILE E 216 0.71 -92.98 21.22
N GLU E 217 0.41 -93.19 22.52
CA GLU E 217 0.46 -94.50 23.13
C GLU E 217 -0.93 -94.98 23.50
N PRO E 218 -1.26 -96.26 23.29
CA PRO E 218 -2.58 -96.75 23.70
C PRO E 218 -2.80 -96.62 25.19
N ARG E 219 -4.05 -96.76 25.59
CA ARG E 219 -4.44 -96.68 26.99
C ARG E 219 -4.52 -98.07 27.62
N ASP F 1 -24.86 -42.64 8.90
CA ASP F 1 -24.11 -43.79 8.33
C ASP F 1 -25.04 -44.70 7.54
N ILE F 2 -24.55 -45.22 6.42
CA ILE F 2 -25.34 -46.05 5.53
C ILE F 2 -25.17 -47.52 5.90
N LEU F 3 -26.25 -48.28 5.82
CA LEU F 3 -26.23 -49.71 6.07
C LEU F 3 -26.26 -50.45 4.74
N MET F 4 -25.40 -51.46 4.62
CA MET F 4 -25.27 -52.25 3.38
C MET F 4 -25.70 -53.69 3.68
N THR F 5 -26.97 -53.99 3.43
CA THR F 5 -27.50 -55.33 3.62
C THR F 5 -27.09 -56.19 2.43
N GLN F 6 -26.02 -56.96 2.60
CA GLN F 6 -25.54 -57.86 1.56
C GLN F 6 -26.12 -59.24 1.78
N SER F 7 -26.79 -59.79 0.77
CA SER F 7 -27.39 -61.10 0.86
C SER F 7 -27.10 -61.94 -0.40
N PRO F 8 -27.07 -63.27 -0.27
CA PRO F 8 -27.27 -64.02 0.98
C PRO F 8 -26.00 -64.10 1.81
N SER F 9 -26.13 -64.55 3.07
CA SER F 9 -24.96 -64.70 3.92
C SER F 9 -23.98 -65.72 3.35
N SER F 10 -24.49 -66.71 2.62
CA SER F 10 -23.65 -67.75 2.02
C SER F 10 -24.51 -68.57 1.08
N MET F 11 -23.87 -69.15 0.07
CA MET F 11 -24.57 -69.98 -0.91
C MET F 11 -23.68 -71.15 -1.31
N SER F 12 -24.28 -72.34 -1.37
CA SER F 12 -23.59 -73.55 -1.81
C SER F 12 -23.96 -73.79 -3.27
N VAL F 13 -22.98 -73.67 -4.16
CA VAL F 13 -23.21 -73.76 -5.60
C VAL F 13 -22.15 -74.67 -6.22
N SER F 14 -22.35 -75.00 -7.49
CA SER F 14 -21.49 -75.91 -8.22
C SER F 14 -20.59 -75.14 -9.20
N LEU F 15 -19.57 -75.83 -9.69
CA LEU F 15 -18.62 -75.24 -10.62
C LEU F 15 -19.25 -75.14 -12.00
N GLY F 16 -19.12 -73.97 -12.62
CA GLY F 16 -19.73 -73.72 -13.91
C GLY F 16 -21.11 -73.13 -13.86
N ASP F 17 -21.59 -72.77 -12.67
CA ASP F 17 -22.92 -72.19 -12.51
C ASP F 17 -22.85 -70.67 -12.54
N THR F 18 -24.01 -70.06 -12.78
CA THR F 18 -24.15 -68.61 -12.81
C THR F 18 -24.89 -68.17 -11.56
N VAL F 19 -24.26 -67.28 -10.77
CA VAL F 19 -24.79 -66.83 -9.51
C VAL F 19 -24.92 -65.31 -9.55
N SER F 20 -25.60 -64.76 -8.54
CA SER F 20 -25.81 -63.32 -8.44
C SER F 20 -25.91 -62.93 -6.97
N ILE F 21 -24.96 -62.12 -6.52
CA ILE F 21 -24.93 -61.61 -5.15
C ILE F 21 -25.56 -60.22 -5.15
N THR F 22 -26.64 -60.05 -4.40
CA THR F 22 -27.30 -58.76 -4.28
C THR F 22 -26.72 -57.96 -3.12
N CYS F 23 -27.03 -56.66 -3.10
CA CYS F 23 -26.55 -55.76 -2.05
C CYS F 23 -27.55 -54.60 -1.96
N HIS F 24 -28.18 -54.45 -0.80
CA HIS F 24 -29.20 -53.43 -0.57
C HIS F 24 -28.67 -52.35 0.37
N ALA F 25 -28.88 -51.09 0.00
CA ALA F 25 -28.49 -49.95 0.81
C ALA F 25 -29.72 -49.29 1.42
N SER F 26 -29.53 -48.72 2.62
CA SER F 26 -30.63 -48.05 3.29
C SER F 26 -31.12 -46.81 2.54
N GLN F 27 -30.35 -46.34 1.56
CA GLN F 27 -30.75 -45.17 0.78
C GLN F 27 -30.04 -45.24 -0.57
N GLY F 28 -30.53 -44.42 -1.51
CA GLY F 28 -29.93 -44.40 -2.82
C GLY F 28 -28.49 -43.92 -2.77
N ILE F 29 -27.63 -44.55 -3.57
CA ILE F 29 -26.21 -44.22 -3.63
C ILE F 29 -25.75 -43.89 -5.04
N SER F 30 -26.62 -44.02 -6.04
CA SER F 30 -26.31 -43.60 -7.42
C SER F 30 -25.05 -44.26 -7.94
N SER F 31 -25.06 -45.58 -7.95
CA SER F 31 -24.01 -46.40 -8.55
C SER F 31 -22.65 -46.20 -7.90
N ASN F 32 -22.58 -45.51 -6.76
CA ASN F 32 -21.32 -45.30 -6.05
C ASN F 32 -21.06 -46.50 -5.13
N ILE F 33 -20.67 -47.62 -5.75
CA ILE F 33 -20.48 -48.87 -5.03
C ILE F 33 -19.33 -49.63 -5.67
N GLY F 34 -18.63 -50.40 -4.85
CA GLY F 34 -17.57 -51.26 -5.34
C GLY F 34 -17.74 -52.67 -4.79
N TRP F 35 -17.16 -53.62 -5.51
CA TRP F 35 -17.20 -55.03 -5.12
C TRP F 35 -15.78 -55.54 -4.93
N LEU F 36 -15.60 -56.42 -3.94
CA LEU F 36 -14.29 -56.90 -3.54
C LEU F 36 -14.30 -58.41 -3.43
N GLN F 37 -13.10 -59.00 -3.47
CA GLN F 37 -12.92 -60.45 -3.37
C GLN F 37 -11.76 -60.73 -2.43
N GLN F 38 -11.91 -61.78 -1.62
CA GLN F 38 -10.87 -62.21 -0.67
C GLN F 38 -10.72 -63.72 -0.77
N LYS F 39 -9.70 -64.17 -1.50
CA LYS F 39 -9.45 -65.59 -1.60
C LYS F 39 -9.01 -66.15 -0.25
N PRO F 40 -9.18 -67.47 -0.04
CA PRO F 40 -8.86 -68.06 1.27
C PRO F 40 -7.45 -67.75 1.74
N GLY F 41 -7.35 -67.04 2.87
CA GLY F 41 -6.06 -66.70 3.45
C GLY F 41 -5.36 -65.52 2.81
N LYS F 42 -5.74 -65.14 1.60
CA LYS F 42 -5.10 -64.05 0.88
C LYS F 42 -5.79 -62.73 1.20
N SER F 43 -5.27 -61.65 0.63
CA SER F 43 -5.78 -60.30 0.89
C SER F 43 -6.94 -60.01 -0.07
N PHE F 44 -7.21 -58.73 -0.31
CA PHE F 44 -8.34 -58.30 -1.13
C PHE F 44 -7.88 -57.91 -2.52
N MET F 45 -8.78 -58.10 -3.49
CA MET F 45 -8.57 -57.70 -4.86
C MET F 45 -9.82 -57.00 -5.37
N GLY F 46 -9.63 -55.93 -6.13
CA GLY F 46 -10.75 -55.17 -6.65
C GLY F 46 -11.42 -55.87 -7.82
N LEU F 47 -12.76 -55.89 -7.78
CA LEU F 47 -13.57 -56.43 -8.87
C LEU F 47 -14.31 -55.33 -9.64
N ILE F 48 -15.05 -54.49 -8.93
CA ILE F 48 -15.89 -53.47 -9.54
C ILE F 48 -15.63 -52.14 -8.85
N TYR F 49 -15.83 -51.05 -9.59
CA TYR F 49 -15.85 -49.72 -9.03
C TYR F 49 -16.89 -48.89 -9.76
N TYR F 50 -17.64 -48.10 -9.01
CA TYR F 50 -18.73 -47.29 -9.56
C TYR F 50 -19.78 -48.17 -10.24
N GLY F 51 -20.13 -49.28 -9.60
CA GLY F 51 -21.26 -50.08 -10.02
C GLY F 51 -21.03 -51.14 -11.08
N THR F 52 -20.45 -50.75 -12.22
CA THR F 52 -20.39 -51.64 -13.37
C THR F 52 -18.98 -51.83 -13.90
N ASN F 53 -18.12 -50.83 -13.75
CA ASN F 53 -16.81 -50.86 -14.38
C ASN F 53 -15.90 -51.89 -13.71
N LEU F 54 -15.30 -52.74 -14.54
CA LEU F 54 -14.36 -53.75 -14.05
C LEU F 54 -13.01 -53.12 -13.71
N VAL F 55 -12.35 -53.68 -12.71
CA VAL F 55 -10.99 -53.27 -12.37
C VAL F 55 -10.02 -53.94 -13.34
N ASP F 56 -8.98 -53.21 -13.73
CA ASP F 56 -8.02 -53.73 -14.70
C ASP F 56 -7.39 -55.01 -14.19
N GLY F 57 -7.51 -56.08 -14.98
CA GLY F 57 -6.99 -57.38 -14.62
C GLY F 57 -8.05 -58.40 -14.28
N VAL F 58 -9.31 -57.98 -14.10
CA VAL F 58 -10.39 -58.87 -13.70
C VAL F 58 -10.98 -59.54 -14.93
N PRO F 59 -11.18 -60.87 -14.94
CA PRO F 59 -11.85 -61.52 -16.07
C PRO F 59 -13.20 -60.89 -16.39
N SER F 60 -13.65 -61.06 -17.64
CA SER F 60 -14.90 -60.48 -18.10
C SER F 60 -16.12 -61.26 -17.64
N ARG F 61 -15.94 -62.41 -16.97
CA ARG F 61 -17.08 -63.16 -16.48
C ARG F 61 -17.76 -62.48 -15.30
N PHE F 62 -17.07 -61.55 -14.64
CA PHE F 62 -17.68 -60.74 -13.60
C PHE F 62 -18.44 -59.58 -14.22
N SER F 63 -19.48 -59.13 -13.53
CA SER F 63 -20.29 -58.03 -14.04
C SER F 63 -21.16 -57.47 -12.93
N GLY F 64 -21.23 -56.14 -12.85
CA GLY F 64 -22.09 -55.48 -11.88
C GLY F 64 -23.29 -54.83 -12.54
N SER F 65 -24.32 -54.53 -11.76
CA SER F 65 -25.54 -53.95 -12.30
C SER F 65 -26.38 -53.41 -11.14
N GLY F 66 -27.40 -52.65 -11.49
CA GLY F 66 -28.34 -52.10 -10.53
C GLY F 66 -28.34 -50.59 -10.55
N SER F 67 -29.23 -50.02 -9.74
CA SER F 67 -29.36 -48.57 -9.63
C SER F 67 -30.17 -48.25 -8.38
N GLY F 68 -30.03 -47.00 -7.94
CA GLY F 68 -30.73 -46.55 -6.74
C GLY F 68 -30.15 -47.14 -5.48
N ALA F 69 -30.87 -48.08 -4.87
CA ALA F 69 -30.45 -48.72 -3.63
C ALA F 69 -30.48 -50.24 -3.75
N ASP F 70 -30.29 -50.76 -4.96
CA ASP F 70 -30.29 -52.20 -5.18
C ASP F 70 -29.31 -52.52 -6.29
N TYR F 71 -28.28 -53.31 -5.97
CA TYR F 71 -27.23 -53.65 -6.92
C TYR F 71 -26.92 -55.14 -6.80
N SER F 72 -26.27 -55.68 -7.83
CA SER F 72 -26.03 -57.12 -7.89
C SER F 72 -24.72 -57.41 -8.62
N LEU F 73 -23.89 -58.25 -8.01
CA LEU F 73 -22.69 -58.77 -8.65
C LEU F 73 -23.01 -60.15 -9.23
N THR F 74 -22.63 -60.35 -10.49
CA THR F 74 -22.95 -61.58 -11.22
C THR F 74 -21.68 -62.21 -11.75
N ILE F 75 -21.50 -63.51 -11.47
CA ILE F 75 -20.39 -64.29 -11.98
C ILE F 75 -20.95 -65.34 -12.92
N SER F 76 -20.48 -65.34 -14.16
CA SER F 76 -20.92 -66.30 -15.18
C SER F 76 -19.92 -67.44 -15.27
N SER F 77 -20.40 -68.67 -15.11
CA SER F 77 -19.55 -69.86 -15.17
C SER F 77 -18.44 -69.77 -14.14
N LEU F 78 -18.72 -70.21 -12.92
CA LEU F 78 -17.77 -70.11 -11.83
C LEU F 78 -16.50 -70.90 -12.13
N ASP F 79 -15.43 -70.53 -11.43
CA ASP F 79 -14.14 -71.20 -11.53
C ASP F 79 -13.64 -71.53 -10.13
N SER F 80 -12.67 -72.46 -10.06
CA SER F 80 -12.10 -72.84 -8.77
C SER F 80 -11.56 -71.63 -8.02
N GLU F 81 -11.13 -70.60 -8.74
CA GLU F 81 -10.62 -69.39 -8.09
C GLU F 81 -11.76 -68.60 -7.43
N ASP F 82 -12.92 -68.57 -8.07
CA ASP F 82 -14.01 -67.71 -7.61
C ASP F 82 -14.54 -68.12 -6.24
N PHE F 83 -14.26 -69.35 -5.80
CA PHE F 83 -14.71 -69.81 -4.49
C PHE F 83 -13.96 -69.03 -3.42
N ALA F 84 -14.59 -67.98 -2.90
CA ALA F 84 -13.95 -67.09 -1.94
C ALA F 84 -15.03 -66.20 -1.33
N ASP F 85 -14.60 -65.19 -0.58
CA ASP F 85 -15.49 -64.24 0.07
C ASP F 85 -15.63 -62.98 -0.78
N TYR F 86 -16.83 -62.39 -0.76
CA TYR F 86 -17.13 -61.20 -1.54
C TYR F 86 -17.82 -60.17 -0.65
N TYR F 87 -17.47 -58.90 -0.85
CA TYR F 87 -18.01 -57.81 -0.04
C TYR F 87 -18.34 -56.63 -0.95
N CYS F 88 -19.50 -56.00 -0.71
CA CYS F 88 -19.86 -54.76 -1.37
C CYS F 88 -19.56 -53.58 -0.44
N VAL F 89 -19.02 -52.51 -1.00
CA VAL F 89 -18.63 -51.33 -0.25
C VAL F 89 -19.20 -50.10 -0.96
N GLN F 90 -19.82 -49.21 -0.19
CA GLN F 90 -20.33 -47.94 -0.71
C GLN F 90 -19.40 -46.82 -0.28
N TYR F 91 -19.23 -45.84 -1.17
CA TYR F 91 -18.47 -44.63 -0.87
C TYR F 91 -19.23 -43.39 -1.33
N ALA F 92 -20.56 -43.47 -1.32
CA ALA F 92 -21.37 -42.29 -1.64
C ALA F 92 -21.31 -41.27 -0.52
N GLN F 93 -21.23 -41.73 0.72
CA GLN F 93 -21.15 -40.86 1.89
C GLN F 93 -19.99 -41.31 2.77
N LEU F 94 -19.62 -40.43 3.70
CA LEU F 94 -18.66 -40.77 4.73
C LEU F 94 -19.40 -40.97 6.06
N PRO F 95 -18.99 -41.97 6.86
CA PRO F 95 -17.88 -42.91 6.61
C PRO F 95 -18.25 -44.02 5.63
N TYR F 96 -17.25 -44.58 4.96
CA TYR F 96 -17.50 -45.73 4.09
C TYR F 96 -17.99 -46.90 4.93
N THR F 97 -18.92 -47.67 4.36
CA THR F 97 -19.52 -48.79 5.07
C THR F 97 -19.56 -50.00 4.15
N PHE F 98 -19.07 -51.14 4.65
CA PHE F 98 -19.03 -52.38 3.89
C PHE F 98 -20.31 -53.17 4.13
N GLY F 99 -20.42 -54.30 3.43
CA GLY F 99 -21.55 -55.19 3.58
C GLY F 99 -21.23 -56.38 4.47
N GLY F 100 -22.28 -57.15 4.78
CA GLY F 100 -22.11 -58.32 5.63
C GLY F 100 -21.19 -59.37 5.02
N GLY F 101 -21.18 -59.45 3.70
CA GLY F 101 -20.32 -60.40 3.00
C GLY F 101 -21.09 -61.64 2.56
N THR F 102 -20.44 -62.40 1.67
CA THR F 102 -21.01 -63.63 1.15
C THR F 102 -19.87 -64.63 0.94
N LYS F 103 -20.14 -65.89 1.24
CA LYS F 103 -19.15 -66.96 1.15
C LYS F 103 -19.67 -68.02 0.17
N LEU F 104 -19.05 -68.10 -1.00
CA LEU F 104 -19.41 -69.09 -2.00
C LEU F 104 -18.79 -70.44 -1.63
N GLU F 105 -19.65 -71.43 -1.36
CA GLU F 105 -19.22 -72.76 -0.97
C GLU F 105 -19.52 -73.76 -2.08
N ILE F 106 -18.79 -74.86 -2.09
CA ILE F 106 -18.99 -75.91 -3.07
C ILE F 106 -20.18 -76.76 -2.65
N LYS F 107 -21.00 -77.15 -3.61
CA LYS F 107 -22.15 -77.99 -3.37
C LYS F 107 -21.78 -79.46 -3.53
N ARG F 108 -22.41 -80.32 -2.74
CA ARG F 108 -22.13 -81.75 -2.80
C ARG F 108 -23.26 -82.49 -2.09
N ALA F 109 -23.19 -83.82 -2.14
CA ALA F 109 -24.15 -84.65 -1.44
C ALA F 109 -23.94 -84.56 0.07
N ASP F 110 -25.04 -84.61 0.82
CA ASP F 110 -24.96 -84.52 2.27
C ASP F 110 -24.17 -85.69 2.83
N ALA F 111 -23.59 -85.48 4.02
CA ALA F 111 -22.76 -86.50 4.66
C ALA F 111 -22.85 -86.34 6.16
N ALA F 112 -23.05 -87.46 6.86
CA ALA F 112 -23.14 -87.46 8.32
C ALA F 112 -21.74 -87.41 8.94
N PRO F 113 -21.60 -86.81 10.11
CA PRO F 113 -20.28 -86.65 10.72
C PRO F 113 -19.78 -87.94 11.36
N THR F 114 -18.46 -87.99 11.56
CA THR F 114 -17.78 -89.11 12.19
C THR F 114 -17.36 -88.67 13.59
N VAL F 115 -18.24 -88.91 14.56
CA VAL F 115 -17.99 -88.47 15.93
C VAL F 115 -16.97 -89.38 16.59
N SER F 116 -16.10 -88.80 17.42
CA SER F 116 -15.09 -89.56 18.14
C SER F 116 -14.76 -88.82 19.43
N ILE F 117 -15.06 -89.45 20.57
CA ILE F 117 -14.84 -88.83 21.88
C ILE F 117 -13.53 -89.35 22.45
N PHE F 118 -12.86 -88.49 23.24
CA PHE F 118 -11.58 -88.83 23.84
C PHE F 118 -11.50 -88.31 25.28
N PRO F 119 -11.30 -89.18 26.27
CA PRO F 119 -11.18 -88.71 27.65
C PRO F 119 -9.82 -88.06 27.90
N PRO F 120 -9.66 -87.40 29.03
CA PRO F 120 -8.37 -86.74 29.33
C PRO F 120 -7.22 -87.74 29.34
N SER F 121 -6.07 -87.29 28.86
CA SER F 121 -4.88 -88.12 28.84
C SER F 121 -4.23 -88.19 30.21
N SER F 122 -3.36 -89.18 30.39
CA SER F 122 -2.65 -89.34 31.66
C SER F 122 -1.70 -88.17 31.92
N GLU F 123 -1.12 -87.60 30.86
CA GLU F 123 -0.17 -86.51 31.03
C GLU F 123 -0.85 -85.24 31.52
N GLN F 124 -2.12 -85.06 31.19
CA GLN F 124 -2.85 -83.86 31.59
C GLN F 124 -3.48 -83.98 32.97
N LEU F 125 -4.01 -85.17 33.29
CA LEU F 125 -4.64 -85.36 34.60
C LEU F 125 -3.63 -85.14 35.73
N THR F 126 -2.36 -85.43 35.49
CA THR F 126 -1.35 -85.23 36.53
C THR F 126 -1.11 -83.75 36.81
N SER F 127 -1.34 -82.90 35.81
CA SER F 127 -1.15 -81.45 35.95
C SER F 127 -2.38 -80.76 36.51
N GLY F 128 -3.36 -81.51 36.99
CA GLY F 128 -4.57 -80.92 37.53
C GLY F 128 -5.58 -80.48 36.49
N GLY F 129 -5.33 -80.76 35.21
CA GLY F 129 -6.26 -80.39 34.16
C GLY F 129 -7.02 -81.59 33.61
N ALA F 130 -8.14 -81.33 32.93
CA ALA F 130 -8.96 -82.40 32.39
C ALA F 130 -9.75 -81.86 31.22
N SER F 131 -9.41 -82.29 30.00
CA SER F 131 -10.07 -81.84 28.79
C SER F 131 -10.67 -83.03 28.05
N VAL F 132 -11.95 -82.94 27.71
CA VAL F 132 -12.67 -83.98 27.00
C VAL F 132 -12.88 -83.49 25.57
N VAL F 133 -12.19 -84.10 24.62
CA VAL F 133 -12.24 -83.71 23.22
C VAL F 133 -13.28 -84.55 22.50
N CYS F 134 -13.93 -83.95 21.51
CA CYS F 134 -14.93 -84.63 20.70
C CYS F 134 -14.82 -84.14 19.26
N PHE F 135 -14.26 -84.96 18.39
CA PHE F 135 -14.06 -84.60 16.99
C PHE F 135 -15.26 -85.03 16.15
N LEU F 136 -15.68 -84.13 15.25
CA LEU F 136 -16.77 -84.40 14.30
C LEU F 136 -16.22 -84.12 12.90
N ASN F 137 -15.72 -85.15 12.23
CA ASN F 137 -14.97 -85.00 10.99
C ASN F 137 -15.83 -85.30 9.77
N ASN F 138 -15.63 -84.52 8.71
CA ASN F 138 -16.21 -84.79 7.40
C ASN F 138 -17.73 -84.88 7.44
N PHE F 139 -18.40 -83.74 7.28
CA PHE F 139 -19.84 -83.70 7.19
C PHE F 139 -20.25 -82.54 6.30
N TYR F 140 -21.51 -82.57 5.85
CA TYR F 140 -22.04 -81.53 4.97
C TYR F 140 -23.57 -81.50 5.05
N PRO F 141 -24.17 -80.30 5.13
CA PRO F 141 -23.56 -78.96 5.14
C PRO F 141 -22.87 -78.61 6.46
N LYS F 142 -22.36 -77.36 6.55
CA LYS F 142 -21.60 -76.94 7.70
C LYS F 142 -22.47 -76.77 8.94
N ASP F 143 -23.76 -76.50 8.76
CA ASP F 143 -24.64 -76.24 9.89
C ASP F 143 -24.75 -77.46 10.79
N ILE F 144 -24.41 -77.28 12.07
CA ILE F 144 -24.45 -78.39 13.03
C ILE F 144 -24.42 -77.80 14.44
N ASN F 145 -24.96 -78.54 15.40
CA ASN F 145 -24.98 -78.14 16.79
C ASN F 145 -24.51 -79.30 17.66
N VAL F 146 -23.65 -78.98 18.64
CA VAL F 146 -23.10 -79.96 19.57
C VAL F 146 -23.65 -79.67 20.96
N LYS F 147 -23.77 -80.72 21.77
CA LYS F 147 -24.31 -80.61 23.11
C LYS F 147 -23.58 -81.57 24.04
N TRP F 148 -23.11 -81.05 25.18
CA TRP F 148 -22.42 -81.85 26.18
C TRP F 148 -23.37 -82.18 27.33
N LYS F 149 -23.37 -83.43 27.75
CA LYS F 149 -24.23 -83.89 28.85
C LYS F 149 -23.37 -84.63 29.86
N ILE F 150 -23.36 -84.11 31.10
CA ILE F 150 -22.70 -84.76 32.22
C ILE F 150 -23.76 -85.45 33.06
N ASP F 151 -23.70 -86.77 33.13
CA ASP F 151 -24.69 -87.56 33.87
C ASP F 151 -26.10 -87.26 33.37
N GLY F 152 -26.23 -87.03 32.07
CA GLY F 152 -27.50 -86.72 31.46
C GLY F 152 -27.85 -85.25 31.42
N SER F 153 -27.31 -84.46 32.35
CA SER F 153 -27.61 -83.04 32.43
C SER F 153 -26.69 -82.25 31.51
N GLU F 154 -27.28 -81.30 30.79
CA GLU F 154 -26.54 -80.50 29.83
C GLU F 154 -25.46 -79.66 30.53
N ARG F 155 -24.43 -79.31 29.77
CA ARG F 155 -23.34 -78.48 30.28
C ARG F 155 -22.94 -77.49 29.20
N GLN F 156 -22.85 -76.20 29.58
CA GLN F 156 -22.59 -75.13 28.63
C GLN F 156 -21.50 -74.19 29.13
N ASN F 157 -20.59 -74.69 29.97
CA ASN F 157 -19.51 -73.87 30.51
C ASN F 157 -18.17 -74.55 30.26
N GLY F 158 -17.17 -73.76 29.90
CA GLY F 158 -15.87 -74.30 29.56
C GLY F 158 -15.80 -74.97 28.21
N VAL F 159 -16.79 -74.76 27.36
CA VAL F 159 -16.84 -75.39 26.04
C VAL F 159 -16.15 -74.48 25.03
N LEU F 160 -15.15 -75.02 24.33
CA LEU F 160 -14.43 -74.30 23.30
C LEU F 160 -14.53 -75.08 21.99
N ASN F 161 -15.14 -74.46 20.98
CA ASN F 161 -15.37 -75.08 19.69
C ASN F 161 -14.45 -74.46 18.63
N SER F 162 -14.25 -75.20 17.55
CA SER F 162 -13.40 -74.73 16.46
C SER F 162 -13.77 -75.49 15.19
N TRP F 163 -13.94 -74.76 14.09
CA TRP F 163 -14.33 -75.32 12.81
C TRP F 163 -13.20 -75.20 11.80
N THR F 164 -13.15 -76.14 10.86
CA THR F 164 -12.22 -76.09 9.75
C THR F 164 -12.93 -75.55 8.51
N ASP F 165 -12.17 -74.89 7.64
CA ASP F 165 -12.70 -74.45 6.37
C ASP F 165 -13.04 -75.67 5.51
N GLN F 166 -13.89 -75.44 4.51
CA GLN F 166 -14.32 -76.53 3.63
C GLN F 166 -13.12 -77.24 3.03
N ASP F 167 -12.98 -78.53 3.36
CA ASP F 167 -11.81 -79.29 2.95
C ASP F 167 -11.65 -79.25 1.44
N SER F 168 -10.40 -79.03 1.00
CA SER F 168 -10.13 -78.87 -0.43
C SER F 168 -10.43 -80.15 -1.21
N LYS F 169 -10.24 -81.32 -0.58
CA LYS F 169 -10.36 -82.58 -1.31
C LYS F 169 -11.83 -82.97 -1.51
N ASP F 170 -12.51 -83.34 -0.42
CA ASP F 170 -13.87 -83.84 -0.48
C ASP F 170 -14.91 -82.77 -0.23
N SER F 171 -14.50 -81.53 0.00
CA SER F 171 -15.43 -80.41 0.20
C SER F 171 -16.34 -80.67 1.40
N THR F 172 -15.81 -81.31 2.44
CA THR F 172 -16.53 -81.55 3.68
C THR F 172 -15.94 -80.70 4.79
N TYR F 173 -16.70 -80.59 5.89
CA TYR F 173 -16.30 -79.78 7.04
C TYR F 173 -15.94 -80.69 8.22
N SER F 174 -15.29 -80.07 9.21
CA SER F 174 -14.91 -80.78 10.43
C SER F 174 -14.99 -79.81 11.60
N MET F 175 -15.25 -80.35 12.79
CA MET F 175 -15.45 -79.55 13.99
C MET F 175 -14.68 -80.18 15.15
N SER F 176 -14.40 -79.36 16.16
CA SER F 176 -13.62 -79.81 17.32
C SER F 176 -14.10 -79.08 18.56
N SER F 177 -14.74 -79.80 19.48
CA SER F 177 -15.20 -79.26 20.74
C SER F 177 -14.32 -79.77 21.87
N THR F 178 -14.06 -78.92 22.86
CA THR F 178 -13.20 -79.27 23.99
C THR F 178 -13.84 -78.77 25.28
N LEU F 179 -14.33 -79.71 26.09
CA LEU F 179 -14.91 -79.39 27.39
C LEU F 179 -13.82 -79.49 28.45
N THR F 180 -13.32 -78.35 28.90
CA THR F 180 -12.22 -78.30 29.86
C THR F 180 -12.79 -78.21 31.27
N LEU F 181 -12.42 -79.15 32.12
CA LEU F 181 -12.81 -79.18 33.52
C LEU F 181 -11.57 -79.31 34.39
N THR F 182 -11.74 -79.05 35.69
CA THR F 182 -10.69 -79.30 36.65
C THR F 182 -10.70 -80.76 37.08
N LYS F 183 -9.53 -81.25 37.51
CA LYS F 183 -9.44 -82.63 37.99
C LYS F 183 -10.40 -82.87 39.13
N ASP F 184 -10.71 -81.84 39.93
CA ASP F 184 -11.62 -82.00 41.04
C ASP F 184 -13.04 -82.31 40.57
N GLU F 185 -13.54 -81.52 39.62
CA GLU F 185 -14.92 -81.68 39.17
C GLU F 185 -15.08 -82.90 38.25
N TYR F 186 -14.03 -83.26 37.51
CA TYR F 186 -14.13 -84.42 36.62
C TYR F 186 -14.44 -85.69 37.39
N GLU F 187 -14.01 -85.78 38.65
CA GLU F 187 -14.24 -86.95 39.47
C GLU F 187 -15.54 -86.89 40.25
N ARG F 188 -16.25 -85.76 40.22
CA ARG F 188 -17.56 -85.64 40.85
C ARG F 188 -18.68 -86.05 39.91
N HIS F 189 -18.36 -86.65 38.77
CA HIS F 189 -19.36 -87.14 37.83
C HIS F 189 -18.82 -88.41 37.18
N ASN F 190 -19.69 -89.11 36.46
CA ASN F 190 -19.34 -90.40 35.88
C ASN F 190 -19.44 -90.39 34.35
N SER F 191 -20.66 -90.51 33.83
CA SER F 191 -20.87 -90.66 32.40
C SER F 191 -20.82 -89.31 31.70
N TYR F 192 -20.05 -89.25 30.61
CA TYR F 192 -19.93 -88.06 29.78
C TYR F 192 -20.38 -88.39 28.36
N THR F 193 -21.11 -87.46 27.75
CA THR F 193 -21.72 -87.67 26.44
C THR F 193 -21.43 -86.49 25.53
N CYS F 194 -21.36 -86.76 24.23
CA CYS F 194 -21.14 -85.74 23.19
C CYS F 194 -22.18 -85.94 22.08
N GLU F 195 -23.32 -85.28 22.20
CA GLU F 195 -24.37 -85.37 21.20
C GLU F 195 -24.11 -84.40 20.05
N ALA F 196 -24.73 -84.70 18.91
CA ALA F 196 -24.57 -83.87 17.71
C ALA F 196 -25.82 -83.99 16.85
N THR F 197 -26.47 -82.85 16.57
CA THR F 197 -27.66 -82.80 15.75
C THR F 197 -27.31 -82.30 14.35
N HIS F 198 -27.75 -83.02 13.34
CA HIS F 198 -27.48 -82.68 11.95
C HIS F 198 -28.72 -82.97 11.11
N LYS F 199 -28.73 -82.47 9.88
CA LYS F 199 -29.88 -82.66 9.01
C LYS F 199 -29.94 -84.08 8.45
N THR F 200 -28.79 -84.75 8.33
CA THR F 200 -28.77 -86.10 7.78
C THR F 200 -29.45 -87.11 8.70
N SER F 201 -29.63 -86.79 9.98
CA SER F 201 -30.18 -87.72 10.95
C SER F 201 -31.26 -87.02 11.78
N THR F 202 -32.37 -87.73 11.98
CA THR F 202 -33.41 -87.21 12.86
C THR F 202 -32.97 -87.24 14.32
N SER F 203 -32.33 -88.33 14.74
CA SER F 203 -31.84 -88.46 16.11
C SER F 203 -30.40 -87.99 16.20
N PRO F 204 -29.99 -87.39 17.32
CA PRO F 204 -28.60 -86.94 17.44
C PRO F 204 -27.63 -88.12 17.48
N ILE F 205 -26.46 -87.93 16.86
CA ILE F 205 -25.40 -88.92 16.97
C ILE F 205 -24.77 -88.82 18.35
N VAL F 206 -24.71 -89.95 19.06
CA VAL F 206 -24.27 -89.97 20.44
C VAL F 206 -23.01 -90.82 20.55
N LYS F 207 -22.04 -90.33 21.33
CA LYS F 207 -20.85 -91.07 21.69
C LYS F 207 -20.50 -90.77 23.13
N SER F 208 -20.48 -91.80 23.98
CA SER F 208 -20.32 -91.62 25.41
C SER F 208 -19.27 -92.56 25.96
N PHE F 209 -18.75 -92.20 27.13
CA PHE F 209 -17.83 -93.06 27.88
C PHE F 209 -18.08 -92.83 29.36
N ASN F 210 -17.85 -93.88 30.16
CA ASN F 210 -18.04 -93.81 31.60
C ASN F 210 -16.68 -93.73 32.28
N ARG F 211 -16.54 -92.78 33.21
CA ARG F 211 -15.30 -92.61 33.94
C ARG F 211 -14.94 -93.90 34.69
N ASN F 212 -13.66 -94.02 35.03
CA ASN F 212 -13.14 -95.21 35.70
C ASN F 212 -13.27 -96.45 34.80
N GLU F 213 -14.49 -96.79 34.41
CA GLU F 213 -14.73 -97.94 33.55
C GLU F 213 -13.96 -97.81 32.24
N CYS F 214 -13.49 -98.95 31.73
CA CYS F 214 -12.87 -99.03 30.39
C CYS F 214 -13.30 -100.29 29.67
N GLU G 1 23.35 40.10 0.89
CA GLU G 1 22.77 41.46 1.02
C GLU G 1 21.48 41.58 0.21
N VAL G 2 20.52 42.32 0.76
CA VAL G 2 19.22 42.49 0.12
C VAL G 2 19.32 43.61 -0.91
N GLN G 3 18.98 43.30 -2.15
CA GLN G 3 18.91 44.28 -3.22
C GLN G 3 17.70 43.98 -4.10
N LEU G 4 17.05 45.03 -4.57
CA LEU G 4 15.84 44.92 -5.39
C LEU G 4 16.14 45.53 -6.75
N GLN G 5 16.49 44.69 -7.72
CA GLN G 5 16.77 45.14 -9.08
C GLN G 5 15.45 45.33 -9.82
N GLN G 6 15.05 46.58 -10.01
CA GLN G 6 13.87 46.88 -10.80
C GLN G 6 14.22 46.97 -12.28
N SER G 7 13.19 46.92 -13.12
CA SER G 7 13.39 46.94 -14.55
C SER G 7 13.82 48.32 -15.03
N GLY G 8 14.33 48.38 -16.25
CA GLY G 8 14.76 49.62 -16.84
C GLY G 8 13.59 50.56 -17.12
N ALA G 9 13.94 51.79 -17.47
CA ALA G 9 12.94 52.81 -17.73
C ALA G 9 12.04 52.40 -18.90
N GLU G 10 10.77 52.76 -18.82
CA GLU G 10 9.78 52.44 -19.83
C GLU G 10 9.28 53.70 -20.50
N LEU G 11 9.01 53.62 -21.79
CA LEU G 11 8.45 54.74 -22.55
C LEU G 11 7.35 54.18 -23.44
N VAL G 12 6.10 54.54 -23.15
CA VAL G 12 4.93 53.99 -23.83
C VAL G 12 4.01 55.14 -24.22
N LYS G 13 2.93 54.78 -24.92
CA LYS G 13 1.94 55.72 -25.40
C LYS G 13 0.65 55.66 -24.58
N PRO G 14 -0.11 56.75 -24.50
CA PRO G 14 -1.33 56.74 -23.69
C PRO G 14 -2.32 55.70 -24.19
N GLY G 15 -2.95 54.99 -23.25
CA GLY G 15 -3.88 53.93 -23.57
C GLY G 15 -3.27 52.55 -23.62
N ALA G 16 -1.95 52.45 -23.59
CA ALA G 16 -1.26 51.16 -23.63
C ALA G 16 -1.14 50.58 -22.23
N SER G 17 -0.48 49.43 -22.13
CA SER G 17 -0.28 48.75 -20.87
C SER G 17 1.21 48.45 -20.69
N VAL G 18 1.70 48.67 -19.47
CA VAL G 18 3.10 48.44 -19.13
C VAL G 18 3.16 47.51 -17.93
N LYS G 19 4.26 46.76 -17.82
CA LYS G 19 4.43 45.80 -16.73
C LYS G 19 5.85 45.92 -16.20
N LEU G 20 6.00 46.53 -15.02
CA LEU G 20 7.29 46.66 -14.36
C LEU G 20 7.61 45.41 -13.56
N SER G 21 8.89 45.22 -13.26
CA SER G 21 9.36 44.06 -12.51
C SER G 21 10.24 44.52 -11.35
N CYS G 22 10.51 43.59 -10.42
CA CYS G 22 11.31 43.87 -9.23
C CYS G 22 11.96 42.55 -8.78
N THR G 23 13.07 42.21 -9.42
CA THR G 23 13.77 40.97 -9.11
C THR G 23 14.53 41.10 -7.80
N ALA G 24 14.49 40.04 -7.00
CA ALA G 24 15.15 40.00 -5.70
C ALA G 24 16.52 39.34 -5.83
N SER G 25 17.50 39.88 -5.11
CA SER G 25 18.87 39.39 -5.15
C SER G 25 19.40 39.28 -3.73
N GLY G 26 19.92 38.11 -3.38
CA GLY G 26 20.44 37.86 -2.05
C GLY G 26 19.43 37.32 -1.07
N PHE G 27 18.21 37.03 -1.51
CA PHE G 27 17.16 36.53 -0.64
C PHE G 27 16.01 36.03 -1.52
N ASN G 28 15.06 35.36 -0.89
CA ASN G 28 13.89 34.85 -1.58
C ASN G 28 12.76 35.87 -1.53
N ILE G 29 12.20 36.19 -2.70
CA ILE G 29 11.09 37.14 -2.76
C ILE G 29 9.96 36.70 -1.85
N LYS G 30 9.80 35.39 -1.66
CA LYS G 30 8.69 34.83 -0.90
C LYS G 30 8.76 35.15 0.58
N ASP G 31 9.87 35.74 1.05
CA ASP G 31 10.06 35.93 2.48
C ASP G 31 9.05 36.92 3.07
N THR G 32 8.90 38.08 2.44
CA THR G 32 8.16 39.19 3.05
C THR G 32 7.14 39.77 2.09
N TYR G 33 6.32 40.67 2.63
CA TYR G 33 5.44 41.48 1.80
C TYR G 33 6.27 42.25 0.77
N VAL G 34 5.61 42.64 -0.32
CA VAL G 34 6.21 43.46 -1.36
C VAL G 34 5.22 44.56 -1.72
N HIS G 35 5.62 45.81 -1.48
CA HIS G 35 4.78 46.96 -1.76
C HIS G 35 5.28 47.68 -3.01
N TRP G 36 4.41 48.49 -3.59
CA TRP G 36 4.74 49.34 -4.74
C TRP G 36 4.34 50.77 -4.41
N VAL G 37 5.24 51.72 -4.68
CA VAL G 37 5.03 53.11 -4.32
C VAL G 37 5.25 53.97 -5.55
N LYS G 38 4.34 54.91 -5.77
CA LYS G 38 4.40 55.85 -6.89
C LYS G 38 4.91 57.19 -6.37
N GLN G 39 5.87 57.79 -7.08
CA GLN G 39 6.46 59.06 -6.68
C GLN G 39 6.35 60.06 -7.82
N ARG G 40 5.83 61.24 -7.51
CA ARG G 40 5.79 62.36 -8.43
C ARG G 40 6.36 63.60 -7.78
N PRO G 41 6.96 64.51 -8.55
CA PRO G 41 7.57 65.69 -7.93
C PRO G 41 6.60 66.55 -7.14
N GLU G 42 5.44 66.87 -7.72
CA GLU G 42 4.49 67.75 -7.05
C GLU G 42 3.61 66.97 -6.09
N GLN G 43 2.98 65.90 -6.56
CA GLN G 43 2.05 65.14 -5.73
C GLN G 43 2.78 64.48 -4.56
N GLY G 44 3.99 63.98 -4.80
CA GLY G 44 4.76 63.32 -3.76
C GLY G 44 4.65 61.81 -3.84
N LEU G 45 4.65 61.16 -2.68
CA LEU G 45 4.64 59.70 -2.61
C LEU G 45 3.24 59.18 -2.39
N GLU G 46 2.90 58.10 -3.11
CA GLU G 46 1.59 57.47 -3.02
C GLU G 46 1.80 55.96 -2.95
N TRP G 47 1.10 55.32 -2.03
CA TRP G 47 1.17 53.87 -1.87
C TRP G 47 0.16 53.23 -2.81
N ILE G 48 0.65 52.38 -3.71
CA ILE G 48 -0.21 51.69 -4.67
C ILE G 48 -0.87 50.51 -3.98
N GLY G 49 -0.08 49.50 -3.65
CA GLY G 49 -0.61 48.29 -3.03
C GLY G 49 0.52 47.37 -2.66
N ARG G 50 0.15 46.20 -2.16
CA ARG G 50 1.13 45.22 -1.70
C ARG G 50 0.72 43.84 -2.20
N ILE G 51 1.61 42.87 -1.95
CA ILE G 51 1.35 41.47 -2.30
C ILE G 51 2.18 40.59 -1.39
N ASP G 52 1.61 39.45 -1.01
CA ASP G 52 2.35 38.41 -0.29
C ASP G 52 2.75 37.35 -1.30
N PRO G 53 3.98 37.37 -1.82
CA PRO G 53 4.32 36.46 -2.92
C PRO G 53 4.14 34.98 -2.59
N ALA G 54 4.12 34.62 -1.31
CA ALA G 54 3.99 33.20 -0.94
C ALA G 54 2.64 32.66 -1.37
N ASN G 55 1.57 33.43 -1.11
CA ASN G 55 0.20 32.99 -1.39
C ASN G 55 -0.47 33.77 -2.51
N GLY G 56 0.03 34.96 -2.83
CA GLY G 56 -0.51 35.74 -3.92
C GLY G 56 -1.59 36.74 -3.53
N TYR G 57 -2.02 36.75 -2.27
CA TYR G 57 -3.03 37.71 -1.85
C TYR G 57 -2.48 39.13 -1.91
N THR G 58 -3.36 40.09 -2.18
CA THR G 58 -2.94 41.45 -2.45
C THR G 58 -3.86 42.44 -1.76
N LYS G 59 -3.36 43.68 -1.66
CA LYS G 59 -4.13 44.82 -1.15
C LYS G 59 -3.77 46.03 -1.98
N TYR G 60 -4.74 46.91 -2.23
CA TYR G 60 -4.54 48.07 -3.06
C TYR G 60 -5.13 49.31 -2.40
N ASP G 61 -4.58 50.46 -2.75
CA ASP G 61 -5.20 51.74 -2.41
C ASP G 61 -6.39 51.97 -3.34
N PRO G 62 -7.57 52.29 -2.80
CA PRO G 62 -8.75 52.44 -3.68
C PRO G 62 -8.58 53.47 -4.79
N LYS G 63 -7.49 54.24 -4.79
CA LYS G 63 -7.23 55.16 -5.89
C LYS G 63 -6.71 54.43 -7.12
N PHE G 64 -6.02 53.31 -6.94
CA PHE G 64 -5.40 52.58 -8.04
C PHE G 64 -6.15 51.29 -8.39
N GLN G 65 -7.32 51.07 -7.80
CA GLN G 65 -8.07 49.85 -8.11
C GLN G 65 -8.52 49.86 -9.56
N GLY G 66 -8.17 48.81 -10.29
CA GLY G 66 -8.45 48.73 -11.71
C GLY G 66 -7.25 49.14 -12.53
N LYS G 67 -6.59 50.23 -12.13
CA LYS G 67 -5.39 50.68 -12.82
C LYS G 67 -4.21 49.77 -12.53
N ALA G 68 -3.87 49.63 -11.25
CA ALA G 68 -2.70 48.85 -10.85
C ALA G 68 -3.06 47.40 -10.61
N THR G 69 -2.16 46.50 -10.97
CA THR G 69 -2.34 45.06 -10.78
C THR G 69 -0.99 44.46 -10.42
N ILE G 70 -0.83 44.04 -9.16
CA ILE G 70 0.43 43.52 -8.65
C ILE G 70 0.38 42.00 -8.64
N THR G 71 1.48 41.37 -9.08
CA THR G 71 1.60 39.92 -9.11
C THR G 71 3.02 39.54 -8.71
N ALA G 72 3.29 38.24 -8.63
CA ALA G 72 4.60 37.77 -8.20
C ALA G 72 4.77 36.31 -8.59
N ASP G 73 5.97 35.96 -9.04
CA ASP G 73 6.31 34.60 -9.44
C ASP G 73 7.51 34.14 -8.62
N THR G 74 7.27 33.23 -7.67
CA THR G 74 8.35 32.75 -6.82
C THR G 74 9.44 32.05 -7.62
N SER G 75 9.11 31.49 -8.78
CA SER G 75 10.10 30.80 -9.59
C SER G 75 11.21 31.75 -10.02
N SER G 76 10.86 32.78 -10.79
CA SER G 76 11.85 33.77 -11.21
C SER G 76 12.27 34.69 -10.07
N ASN G 77 11.64 34.57 -8.89
CA ASN G 77 12.00 35.38 -7.73
C ASN G 77 11.80 36.86 -8.02
N THR G 78 10.69 37.19 -8.67
CA THR G 78 10.43 38.55 -9.12
C THR G 78 8.97 38.91 -8.88
N ALA G 79 8.74 40.19 -8.60
CA ALA G 79 7.40 40.74 -8.42
C ALA G 79 7.13 41.79 -9.49
N TYR G 80 5.88 41.89 -9.92
CA TYR G 80 5.51 42.69 -11.07
C TYR G 80 4.40 43.68 -10.71
N LEU G 81 4.36 44.77 -11.48
CA LEU G 81 3.32 45.79 -11.35
C LEU G 81 2.87 46.19 -12.75
N GLN G 82 1.60 45.91 -13.07
CA GLN G 82 1.04 46.22 -14.37
C GLN G 82 0.09 47.41 -14.27
N LEU G 83 0.20 48.34 -15.20
CA LEU G 83 -0.62 49.54 -15.24
C LEU G 83 -1.33 49.60 -16.59
N SER G 84 -2.67 49.56 -16.55
CA SER G 84 -3.48 49.52 -17.76
C SER G 84 -4.14 50.87 -18.01
N SER G 85 -4.42 51.14 -19.29
CA SER G 85 -5.07 52.38 -19.72
C SER G 85 -4.30 53.59 -19.20
N LEU G 86 -3.04 53.67 -19.61
CA LEU G 86 -2.14 54.69 -19.11
C LEU G 86 -2.56 56.08 -19.56
N THR G 87 -2.11 57.09 -18.82
CA THR G 87 -2.41 58.49 -19.13
C THR G 87 -1.17 59.31 -18.81
N SER G 88 -1.35 60.64 -18.76
CA SER G 88 -0.25 61.53 -18.42
C SER G 88 0.01 61.54 -16.92
N GLU G 89 -1.05 61.45 -16.11
CA GLU G 89 -0.87 61.41 -14.67
C GLU G 89 -0.11 60.16 -14.22
N ASP G 90 -0.15 59.10 -15.02
CA ASP G 90 0.62 57.90 -14.72
C ASP G 90 2.10 58.05 -15.02
N THR G 91 2.54 59.27 -15.37
CA THR G 91 3.97 59.56 -15.53
C THR G 91 4.57 59.75 -14.14
N ALA G 92 5.34 58.76 -13.68
CA ALA G 92 5.90 58.81 -12.34
C ALA G 92 6.95 57.72 -12.21
N VAL G 93 7.77 57.84 -11.16
CA VAL G 93 8.76 56.82 -10.82
C VAL G 93 8.12 55.85 -9.84
N TYR G 94 8.34 54.56 -10.08
CA TYR G 94 7.72 53.51 -9.28
C TYR G 94 8.79 52.70 -8.57
N TYR G 95 8.59 52.49 -7.26
CA TYR G 95 9.53 51.76 -6.42
C TYR G 95 8.86 50.52 -5.85
N CYS G 96 9.63 49.45 -5.72
CA CYS G 96 9.19 48.27 -4.97
C CYS G 96 9.89 48.25 -3.63
N VAL G 97 9.11 47.93 -2.58
CA VAL G 97 9.56 48.09 -1.21
C VAL G 97 9.24 46.83 -0.41
N ARG G 98 10.12 46.48 0.51
CA ARG G 98 9.90 45.41 1.46
C ARG G 98 10.46 45.82 2.81
N PRO G 99 9.96 45.24 3.89
CA PRO G 99 10.47 45.58 5.23
C PRO G 99 11.77 44.85 5.56
N LEU G 100 12.39 45.29 6.64
CA LEU G 100 13.62 44.66 7.14
C LEU G 100 13.27 43.52 8.11
N TYR G 101 12.78 43.89 9.31
CA TYR G 101 12.32 42.93 10.29
C TYR G 101 10.81 43.03 10.50
N ASP G 102 10.33 44.20 10.88
CA ASP G 102 8.91 44.41 11.10
C ASP G 102 8.10 43.92 9.92
N TYR G 103 7.03 43.18 10.19
CA TYR G 103 6.20 42.64 9.11
C TYR G 103 5.60 43.75 8.25
N TYR G 104 5.29 44.90 8.85
CA TYR G 104 4.50 45.94 8.19
C TYR G 104 5.30 47.18 7.83
N ALA G 105 6.63 47.09 7.80
CA ALA G 105 7.47 48.26 7.61
C ALA G 105 7.84 48.45 6.14
N MET G 106 8.57 49.53 5.88
CA MET G 106 8.99 49.92 4.53
C MET G 106 10.44 50.39 4.64
N ASP G 107 11.38 49.44 4.56
CA ASP G 107 12.78 49.72 4.84
C ASP G 107 13.67 49.61 3.61
N TYR G 108 13.58 48.51 2.87
CA TYR G 108 14.42 48.32 1.69
C TYR G 108 13.68 48.78 0.43
N TRP G 109 14.40 49.52 -0.42
CA TRP G 109 13.83 50.10 -1.63
C TRP G 109 14.69 49.76 -2.83
N GLY G 110 14.04 49.50 -3.96
CA GLY G 110 14.73 49.34 -5.22
C GLY G 110 15.21 50.67 -5.76
N GLN G 111 15.93 50.61 -6.88
CA GLN G 111 16.46 51.84 -7.47
C GLN G 111 15.37 52.66 -8.14
N GLY G 112 14.26 52.06 -8.51
CA GLY G 112 13.14 52.79 -9.10
C GLY G 112 13.10 52.64 -10.60
N THR G 113 11.88 52.66 -11.14
CA THR G 113 11.65 52.56 -12.58
C THR G 113 10.92 53.82 -13.03
N SER G 114 11.49 54.51 -14.01
CA SER G 114 10.91 55.73 -14.55
C SER G 114 9.99 55.39 -15.71
N VAL G 115 8.77 55.92 -15.68
CA VAL G 115 7.77 55.67 -16.70
C VAL G 115 7.30 57.01 -17.27
N THR G 116 7.28 57.10 -18.60
CA THR G 116 6.82 58.29 -19.29
C THR G 116 5.75 57.90 -20.30
N VAL G 117 4.62 58.60 -20.26
CA VAL G 117 3.49 58.34 -21.16
C VAL G 117 3.34 59.55 -22.07
N SER G 118 3.42 59.31 -23.38
CA SER G 118 3.29 60.40 -24.34
C SER G 118 3.14 59.81 -25.74
N SER G 119 2.28 60.42 -26.55
CA SER G 119 2.19 60.08 -27.96
C SER G 119 3.35 60.61 -28.78
N ALA G 120 4.19 61.45 -28.19
CA ALA G 120 5.29 62.08 -28.92
C ALA G 120 6.20 61.03 -29.54
N LYS G 121 6.41 61.15 -30.85
CA LYS G 121 7.37 60.31 -31.54
C LYS G 121 8.77 60.90 -31.44
N THR G 122 9.77 60.06 -31.70
CA THR G 122 11.15 60.49 -31.58
C THR G 122 11.41 61.71 -32.45
N THR G 123 11.97 62.75 -31.86
CA THR G 123 12.23 64.01 -32.56
C THR G 123 13.62 64.50 -32.19
N ALA G 124 14.34 65.01 -33.20
CA ALA G 124 15.69 65.50 -32.98
C ALA G 124 15.66 66.92 -32.43
N PRO G 125 16.67 67.31 -31.64
CA PRO G 125 16.68 68.64 -31.06
C PRO G 125 17.15 69.72 -32.03
N SER G 126 16.58 70.91 -31.88
CA SER G 126 16.98 72.08 -32.65
C SER G 126 17.83 72.97 -31.77
N VAL G 127 19.15 72.90 -31.96
CA VAL G 127 20.08 73.64 -31.12
C VAL G 127 20.22 75.06 -31.65
N TYR G 128 20.26 76.04 -30.75
CA TYR G 128 20.36 77.44 -31.13
C TYR G 128 21.44 78.12 -30.28
N PRO G 129 22.30 78.94 -30.87
CA PRO G 129 23.29 79.67 -30.07
C PRO G 129 22.69 80.95 -29.50
N LEU G 130 23.17 81.31 -28.31
CA LEU G 130 22.68 82.49 -27.58
C LEU G 130 23.88 83.40 -27.28
N ALA G 131 24.02 84.47 -28.08
CA ALA G 131 25.06 85.46 -27.85
C ALA G 131 24.49 86.69 -27.17
N PRO G 132 25.30 87.41 -26.39
CA PRO G 132 24.78 88.57 -25.65
C PRO G 132 24.38 89.72 -26.57
N VAL G 133 23.92 90.83 -25.99
CA VAL G 133 23.44 91.98 -26.76
C VAL G 133 24.55 93.00 -26.87
N CYS G 134 24.65 93.65 -28.02
CA CYS G 134 25.67 94.69 -28.20
C CYS G 134 25.48 95.78 -27.15
N THR G 138 30.33 93.87 -22.49
CA THR G 138 30.53 95.25 -22.06
C THR G 138 31.07 95.31 -20.64
N GLY G 139 30.71 94.31 -19.83
CA GLY G 139 31.16 94.22 -18.46
C GLY G 139 32.51 93.54 -18.35
N SER G 140 32.87 93.20 -17.11
CA SER G 140 34.14 92.52 -16.86
C SER G 140 34.07 91.06 -17.27
N SER G 141 32.92 90.42 -17.08
CA SER G 141 32.72 89.02 -17.41
C SER G 141 31.49 88.88 -18.30
N VAL G 142 31.56 87.97 -19.26
CA VAL G 142 30.48 87.75 -20.23
C VAL G 142 29.86 86.39 -19.97
N THR G 143 28.59 86.25 -20.35
CA THR G 143 27.85 85.02 -20.19
C THR G 143 27.18 84.64 -21.51
N LEU G 144 27.45 83.43 -21.98
CA LEU G 144 26.86 82.90 -23.20
C LEU G 144 25.84 81.82 -22.84
N GLY G 145 25.23 81.24 -23.87
CA GLY G 145 24.22 80.23 -23.62
C GLY G 145 23.92 79.41 -24.87
N CYS G 146 23.19 78.32 -24.64
CA CYS G 146 22.79 77.39 -25.70
C CYS G 146 21.40 76.88 -25.39
N LEU G 147 20.59 76.70 -26.44
CA LEU G 147 19.18 76.37 -26.29
C LEU G 147 18.86 75.13 -27.11
N VAL G 148 18.52 74.04 -26.42
CA VAL G 148 18.09 72.81 -27.06
C VAL G 148 16.57 72.75 -26.95
N LYS G 149 15.88 72.90 -28.07
CA LYS G 149 14.43 73.04 -28.07
C LYS G 149 13.79 71.97 -28.96
N GLY G 150 12.64 71.47 -28.52
CA GLY G 150 11.87 70.52 -29.29
C GLY G 150 12.57 69.21 -29.55
N TYR G 151 12.58 68.33 -28.55
CA TYR G 151 13.17 67.00 -28.72
C TYR G 151 12.43 66.02 -27.83
N PHE G 152 12.52 64.74 -28.21
CA PHE G 152 11.85 63.68 -27.47
C PHE G 152 12.39 62.31 -27.91
N PRO G 153 12.60 61.39 -26.96
CA PRO G 153 12.49 61.51 -25.50
C PRO G 153 13.80 61.98 -24.86
N GLU G 154 13.86 61.96 -23.53
CA GLU G 154 15.08 62.30 -22.82
C GLU G 154 16.04 61.11 -22.81
N PRO G 155 17.31 61.35 -22.45
CA PRO G 155 17.96 62.62 -22.10
C PRO G 155 18.89 63.13 -23.20
N VAL G 156 19.57 64.24 -22.94
CA VAL G 156 20.52 64.82 -23.89
C VAL G 156 21.74 65.27 -23.10
N THR G 157 22.92 64.86 -23.55
CA THR G 157 24.17 65.24 -22.91
C THR G 157 24.71 66.51 -23.55
N LEU G 158 24.80 67.59 -22.78
CA LEU G 158 25.27 68.87 -23.26
C LEU G 158 26.66 69.14 -22.69
N THR G 159 27.56 69.63 -23.54
CA THR G 159 28.91 69.98 -23.14
C THR G 159 29.37 71.19 -23.94
N TRP G 160 30.42 71.84 -23.45
CA TRP G 160 31.01 73.01 -24.09
C TRP G 160 32.40 72.68 -24.57
N ASN G 161 32.68 72.99 -25.84
CA ASN G 161 33.98 72.70 -26.45
C ASN G 161 34.32 71.21 -26.31
N SER G 162 33.31 70.36 -26.47
CA SER G 162 33.50 68.92 -26.41
C SER G 162 34.04 68.49 -25.04
N GLY G 163 33.43 69.04 -23.99
CA GLY G 163 33.85 68.73 -22.64
C GLY G 163 35.07 69.47 -22.15
N SER G 164 35.74 70.23 -23.02
CA SER G 164 36.90 70.99 -22.59
C SER G 164 36.55 71.98 -21.50
N LEU G 165 35.48 72.75 -21.71
CA LEU G 165 35.03 73.74 -20.74
C LEU G 165 34.01 73.09 -19.81
N SER G 166 34.41 72.88 -18.55
CA SER G 166 33.58 72.19 -17.57
C SER G 166 33.14 73.11 -16.44
N SER G 167 34.09 73.72 -15.73
CA SER G 167 33.75 74.57 -14.60
C SER G 167 33.17 75.89 -15.06
N GLY G 168 32.34 76.48 -14.20
CA GLY G 168 31.68 77.72 -14.54
C GLY G 168 30.53 77.56 -15.51
N VAL G 169 29.78 76.46 -15.40
CA VAL G 169 28.73 76.12 -16.34
C VAL G 169 27.49 75.71 -15.56
N HIS G 170 26.31 76.06 -16.09
CA HIS G 170 25.04 75.70 -15.48
C HIS G 170 24.13 75.12 -16.56
N THR G 171 23.89 73.81 -16.50
CA THR G 171 22.97 73.14 -17.40
C THR G 171 21.66 72.88 -16.65
N PHE G 172 20.57 73.47 -17.16
CA PHE G 172 19.30 73.42 -16.44
C PHE G 172 18.51 72.16 -16.79
N PRO G 173 17.68 71.67 -15.87
CA PRO G 173 16.87 70.49 -16.16
C PRO G 173 15.93 70.72 -17.34
N ALA G 174 15.60 69.62 -18.01
CA ALA G 174 14.69 69.68 -19.15
C ALA G 174 13.25 69.86 -18.69
N VAL G 175 12.45 70.47 -19.55
CA VAL G 175 11.04 70.74 -19.27
C VAL G 175 10.21 70.34 -20.49
N LEU G 176 9.01 69.84 -20.23
CA LEU G 176 8.14 69.31 -21.27
C LEU G 176 7.28 70.44 -21.84
N GLN G 177 7.52 70.79 -23.11
CA GLN G 177 6.75 71.80 -23.81
C GLN G 177 5.81 71.09 -24.79
N SER G 178 4.62 70.75 -24.32
CA SER G 178 3.58 70.13 -25.13
C SER G 178 4.13 68.92 -25.89
N ASP G 179 4.40 67.87 -25.12
CA ASP G 179 4.86 66.59 -25.66
C ASP G 179 6.22 66.70 -26.33
N LEU G 180 7.02 67.69 -25.95
CA LEU G 180 8.37 67.83 -26.46
C LEU G 180 9.21 68.56 -25.42
N TYR G 181 10.45 68.10 -25.25
CA TYR G 181 11.32 68.61 -24.20
C TYR G 181 12.09 69.85 -24.66
N THR G 182 12.46 70.68 -23.68
CA THR G 182 13.26 71.88 -23.92
C THR G 182 14.31 72.00 -22.82
N LEU G 183 15.51 72.43 -23.20
CA LEU G 183 16.62 72.51 -22.27
C LEU G 183 17.52 73.68 -22.64
N SER G 184 18.21 74.22 -21.64
CA SER G 184 19.10 75.36 -21.83
C SER G 184 20.32 75.20 -20.94
N SER G 185 21.42 75.86 -21.33
CA SER G 185 22.66 75.82 -20.58
C SER G 185 23.39 77.14 -20.74
N SER G 186 24.04 77.59 -19.67
CA SER G 186 24.74 78.86 -19.66
C SER G 186 26.15 78.68 -19.11
N VAL G 187 27.05 79.58 -19.54
CA VAL G 187 28.45 79.53 -19.13
C VAL G 187 28.98 80.94 -19.04
N THR G 188 29.84 81.19 -18.05
CA THR G 188 30.40 82.50 -17.78
C THR G 188 31.92 82.45 -17.82
N VAL G 189 32.53 83.42 -18.50
CA VAL G 189 33.98 83.57 -18.56
C VAL G 189 34.30 85.06 -18.48
N THR G 190 35.60 85.38 -18.51
CA THR G 190 36.03 86.76 -18.52
C THR G 190 35.87 87.35 -19.92
N SER G 191 35.89 88.69 -19.98
CA SER G 191 35.72 89.37 -21.25
C SER G 191 36.88 89.12 -22.21
N SER G 192 38.06 88.79 -21.69
CA SER G 192 39.24 88.53 -22.52
C SER G 192 39.21 87.14 -23.14
N THR G 193 38.22 86.32 -22.81
CA THR G 193 38.13 84.97 -23.35
C THR G 193 37.25 84.89 -24.59
N TRP G 194 36.27 85.78 -24.71
CA TRP G 194 35.33 85.75 -25.82
C TRP G 194 35.16 87.16 -26.39
N PRO G 195 35.04 87.29 -27.73
CA PRO G 195 35.06 86.25 -28.76
C PRO G 195 36.47 85.81 -29.17
N SER G 196 37.47 86.10 -28.33
CA SER G 196 38.84 85.68 -28.65
C SER G 196 38.93 84.15 -28.71
N GLN G 197 38.67 83.49 -27.59
CA GLN G 197 38.67 82.03 -27.56
C GLN G 197 37.31 81.52 -28.03
N SER G 198 37.33 80.67 -29.07
CA SER G 198 36.09 80.16 -29.63
C SER G 198 35.41 79.20 -28.66
N ILE G 199 34.09 79.31 -28.57
CA ILE G 199 33.27 78.46 -27.70
C ILE G 199 32.19 77.80 -28.55
N THR G 200 32.02 76.49 -28.37
CA THR G 200 31.06 75.71 -29.13
C THR G 200 30.12 74.97 -28.19
N CYS G 201 28.84 74.90 -28.58
CA CYS G 201 27.84 74.15 -27.83
C CYS G 201 27.72 72.76 -28.43
N ASN G 202 27.99 71.74 -27.61
CA ASN G 202 27.98 70.35 -28.06
C ASN G 202 26.82 69.62 -27.38
N VAL G 203 25.82 69.24 -28.17
CA VAL G 203 24.65 68.52 -27.68
C VAL G 203 24.52 67.22 -28.45
N ALA G 204 24.15 66.15 -27.75
CA ALA G 204 23.99 64.83 -28.34
C ALA G 204 22.65 64.25 -27.93
N HIS G 205 21.90 63.73 -28.91
CA HIS G 205 20.61 63.07 -28.67
C HIS G 205 20.73 61.62 -29.12
N PRO G 206 21.10 60.70 -28.23
CA PRO G 206 21.26 59.29 -28.63
C PRO G 206 20.03 58.70 -29.32
N ALA G 207 18.83 59.12 -28.94
CA ALA G 207 17.62 58.55 -29.52
C ALA G 207 17.62 58.70 -31.04
N SER G 208 17.59 59.95 -31.52
CA SER G 208 17.67 60.21 -32.95
C SER G 208 19.07 59.98 -33.50
N SER G 209 20.04 59.69 -32.65
CA SER G 209 21.43 59.46 -33.09
C SER G 209 21.98 60.70 -33.78
N THR G 210 21.69 61.88 -33.24
CA THR G 210 22.15 63.14 -33.78
C THR G 210 22.99 63.88 -32.75
N LYS G 211 24.10 64.46 -33.20
CA LYS G 211 25.01 65.21 -32.32
C LYS G 211 25.43 66.48 -33.07
N VAL G 212 24.58 67.49 -33.01
CA VAL G 212 24.82 68.77 -33.68
C VAL G 212 25.66 69.65 -32.77
N ASP G 213 26.46 70.53 -33.38
CA ASP G 213 27.28 71.48 -32.66
C ASP G 213 27.14 72.85 -33.30
N LYS G 214 27.03 73.89 -32.48
CA LYS G 214 26.84 75.26 -32.93
C LYS G 214 27.83 76.17 -32.21
N LYS G 215 28.60 76.94 -32.98
CA LYS G 215 29.53 77.91 -32.42
C LYS G 215 28.82 79.22 -32.14
N ILE G 216 29.12 79.82 -30.99
CA ILE G 216 28.47 81.05 -30.56
C ILE G 216 29.09 82.21 -31.32
N GLU G 217 28.26 82.92 -32.11
CA GLU G 217 28.72 84.05 -32.89
C GLU G 217 28.24 85.35 -32.27
N PRO G 218 29.09 86.37 -32.15
CA PRO G 218 28.61 87.66 -31.64
C PRO G 218 27.69 88.34 -32.64
N ARG G 219 27.14 89.47 -32.22
CA ARG G 219 26.20 90.22 -33.04
C ARG G 219 26.82 91.54 -33.51
N ASP H 1 -8.46 57.23 5.06
CA ASP H 1 -6.98 57.36 4.94
C ASP H 1 -6.42 58.32 5.98
N ILE H 2 -5.23 57.99 6.50
CA ILE H 2 -4.57 58.83 7.49
C ILE H 2 -3.71 59.86 6.77
N LEU H 3 -3.84 61.12 7.17
CA LEU H 3 -3.05 62.19 6.60
C LEU H 3 -1.80 62.43 7.44
N MET H 4 -0.68 62.67 6.76
CA MET H 4 0.62 62.86 7.40
C MET H 4 1.13 64.26 7.09
N THR H 5 0.96 65.17 8.04
CA THR H 5 1.44 66.55 7.90
C THR H 5 2.90 66.60 8.33
N GLN H 6 3.80 66.63 7.36
CA GLN H 6 5.24 66.67 7.63
C GLN H 6 5.73 68.10 7.48
N SER H 7 6.32 68.64 8.55
CA SER H 7 6.85 69.99 8.54
C SER H 7 8.21 70.03 9.26
N PRO H 8 9.08 70.99 8.87
CA PRO H 8 8.89 71.97 7.80
C PRO H 8 9.15 71.39 6.42
N SER H 9 8.69 72.08 5.38
CA SER H 9 8.91 71.62 4.02
C SER H 9 10.38 71.75 3.60
N SER H 10 11.13 72.63 4.25
CA SER H 10 12.53 72.83 3.92
C SER H 10 13.18 73.68 5.01
N MET H 11 14.48 73.51 5.19
CA MET H 11 15.24 74.29 6.14
C MET H 11 16.67 74.40 5.67
N SER H 12 17.25 75.60 5.83
CA SER H 12 18.64 75.86 5.47
C SER H 12 19.49 75.85 6.72
N VAL H 13 20.45 74.93 6.79
CA VAL H 13 21.29 74.74 7.96
C VAL H 13 22.72 74.43 7.50
N SER H 14 23.62 74.37 8.48
CA SER H 14 25.03 74.14 8.24
C SER H 14 25.48 72.84 8.89
N LEU H 15 26.72 72.45 8.60
CA LEU H 15 27.27 71.21 9.13
C LEU H 15 27.46 71.31 10.64
N GLY H 16 27.36 70.16 11.30
CA GLY H 16 27.48 70.10 12.74
C GLY H 16 26.24 70.52 13.51
N ASP H 17 25.23 71.06 12.83
CA ASP H 17 24.01 71.49 13.49
C ASP H 17 23.20 70.28 13.96
N THR H 18 22.18 70.55 14.76
CA THR H 18 21.25 69.53 15.25
C THR H 18 19.84 70.00 14.90
N VAL H 19 19.20 69.29 13.97
CA VAL H 19 17.88 69.66 13.47
C VAL H 19 16.89 68.57 13.84
N SER H 20 15.60 68.93 13.82
CA SER H 20 14.53 68.00 14.17
C SER H 20 13.36 68.20 13.23
N ILE H 21 13.04 67.16 12.46
CA ILE H 21 11.85 67.13 11.61
C ILE H 21 10.70 66.55 12.42
N THR H 22 9.49 67.01 12.12
CA THR H 22 8.29 66.55 12.79
C THR H 22 7.32 65.94 11.78
N CYS H 23 6.41 65.13 12.31
CA CYS H 23 5.41 64.46 11.49
C CYS H 23 4.14 64.33 12.31
N HIS H 24 3.02 64.88 11.81
CA HIS H 24 1.74 64.88 12.52
C HIS H 24 0.74 64.03 11.76
N ALA H 25 0.03 63.17 12.49
CA ALA H 25 -0.95 62.27 11.90
C ALA H 25 -2.36 62.74 12.23
N SER H 26 -3.30 62.39 11.35
CA SER H 26 -4.71 62.73 11.57
C SER H 26 -5.32 61.94 12.72
N GLN H 27 -4.60 60.99 13.29
CA GLN H 27 -5.10 60.18 14.40
C GLN H 27 -3.91 59.43 14.99
N GLY H 28 -4.17 58.73 16.10
CA GLY H 28 -3.10 57.96 16.73
C GLY H 28 -2.65 56.80 15.87
N ILE H 29 -1.35 56.52 15.94
CA ILE H 29 -0.77 55.44 15.15
C ILE H 29 0.18 54.60 15.99
N SER H 30 0.30 54.93 17.27
CA SER H 30 1.10 54.16 18.23
C SER H 30 2.44 53.72 17.65
N SER H 31 3.32 54.68 17.37
CA SER H 31 4.71 54.42 17.00
C SER H 31 4.86 53.61 15.72
N ASN H 32 3.78 53.38 14.98
CA ASN H 32 3.85 52.67 13.71
C ASN H 32 4.22 53.66 12.60
N ILE H 33 5.47 54.10 12.64
CA ILE H 33 5.95 55.12 11.71
C ILE H 33 7.37 54.77 11.27
N GLY H 34 7.68 55.12 10.03
CA GLY H 34 9.01 54.91 9.48
C GLY H 34 9.52 56.16 8.81
N TRP H 35 10.85 56.32 8.87
CA TRP H 35 11.52 57.48 8.31
C TRP H 35 12.43 57.06 7.16
N LEU H 36 12.44 57.85 6.10
CA LEU H 36 13.14 57.51 4.87
C LEU H 36 14.05 58.65 4.47
N GLN H 37 15.09 58.31 3.69
CA GLN H 37 16.03 59.27 3.15
C GLN H 37 16.18 59.04 1.65
N GLN H 38 16.26 60.12 0.89
CA GLN H 38 16.47 60.04 -0.55
C GLN H 38 17.51 61.08 -0.95
N LYS H 39 18.74 60.64 -1.13
CA LYS H 39 19.79 61.53 -1.58
C LYS H 39 19.48 61.98 -3.01
N PRO H 40 19.86 63.22 -3.35
CA PRO H 40 19.43 63.79 -4.64
C PRO H 40 19.86 62.91 -5.82
N GLY H 41 18.91 62.63 -6.69
CA GLY H 41 19.18 61.81 -7.86
C GLY H 41 19.49 60.37 -7.53
N LYS H 42 18.89 59.84 -6.46
CA LYS H 42 19.14 58.48 -6.03
C LYS H 42 17.87 57.91 -5.42
N SER H 43 17.92 56.63 -5.10
CA SER H 43 16.76 55.93 -4.58
C SER H 43 16.60 56.24 -3.09
N PHE H 44 15.72 55.49 -2.43
CA PHE H 44 15.43 55.69 -1.02
C PHE H 44 16.27 54.78 -0.15
N MET H 45 16.37 55.14 1.13
CA MET H 45 17.06 54.35 2.13
C MET H 45 16.27 54.41 3.42
N GLY H 46 16.16 53.27 4.09
CA GLY H 46 15.43 53.21 5.35
C GLY H 46 16.27 53.73 6.50
N LEU H 47 15.68 54.59 7.32
CA LEU H 47 16.33 55.13 8.51
C LEU H 47 15.76 54.53 9.79
N ILE H 48 14.45 54.66 10.00
CA ILE H 48 13.81 54.28 11.25
C ILE H 48 12.61 53.40 10.94
N TYR H 49 12.28 52.52 11.87
CA TYR H 49 11.06 51.74 11.80
C TYR H 49 10.49 51.56 13.21
N TYR H 50 9.17 51.50 13.27
CA TYR H 50 8.44 51.40 14.54
C TYR H 50 8.89 52.50 15.51
N GLY H 51 8.88 53.73 15.02
CA GLY H 51 9.08 54.88 15.88
C GLY H 51 10.52 55.24 16.14
N THR H 52 11.27 54.32 16.77
CA THR H 52 12.60 54.63 17.28
C THR H 52 13.70 53.68 16.84
N ASN H 53 13.36 52.53 16.26
CA ASN H 53 14.36 51.52 15.96
C ASN H 53 15.09 51.88 14.66
N LEU H 54 16.42 51.94 14.73
CA LEU H 54 17.24 52.24 13.56
C LEU H 54 17.34 51.04 12.65
N VAL H 55 17.38 51.30 11.34
CA VAL H 55 17.65 50.25 10.36
C VAL H 55 19.14 49.91 10.39
N ASP H 56 19.45 48.64 10.14
CA ASP H 56 20.84 48.21 10.19
C ASP H 56 21.69 49.01 9.23
N GLY H 57 22.88 49.41 9.68
CA GLY H 57 23.80 50.17 8.88
C GLY H 57 23.62 51.67 8.95
N VAL H 58 22.69 52.16 9.77
CA VAL H 58 22.40 53.59 9.86
C VAL H 58 23.22 54.19 11.00
N PRO H 59 23.85 55.35 10.79
CA PRO H 59 24.60 55.99 11.88
C PRO H 59 23.73 56.24 13.10
N SER H 60 24.38 56.30 14.26
CA SER H 60 23.68 56.51 15.52
C SER H 60 23.26 57.96 15.75
N ARG H 61 23.77 58.89 14.94
CA ARG H 61 23.35 60.28 15.08
C ARG H 61 21.89 60.47 14.71
N PHE H 62 21.30 59.55 13.97
CA PHE H 62 19.87 59.56 13.71
C PHE H 62 19.12 58.98 14.90
N SER H 63 17.91 59.50 15.14
CA SER H 63 17.13 59.06 16.28
C SER H 63 15.68 59.50 16.12
N GLY H 64 14.76 58.53 16.19
CA GLY H 64 13.35 58.81 16.15
C GLY H 64 12.75 58.84 17.55
N SER H 65 11.57 59.45 17.65
CA SER H 65 10.92 59.62 18.94
C SER H 65 9.47 60.04 18.71
N GLY H 66 8.75 60.24 19.80
CA GLY H 66 7.37 60.68 19.76
C GLY H 66 6.39 59.55 20.04
N SER H 67 5.12 59.94 20.14
CA SER H 67 4.06 58.97 20.42
C SER H 67 2.73 59.58 19.95
N GLY H 68 1.67 58.79 20.12
CA GLY H 68 0.34 59.24 19.73
C GLY H 68 0.24 59.59 18.27
N ALA H 69 0.18 60.88 17.97
CA ALA H 69 0.07 61.37 16.60
C ALA H 69 1.21 62.30 16.20
N ASP H 70 2.13 62.60 17.11
CA ASP H 70 3.22 63.54 16.86
C ASP H 70 4.54 62.81 17.05
N TYR H 71 5.35 62.76 15.99
CA TYR H 71 6.63 62.09 16.02
C TYR H 71 7.69 63.01 15.42
N SER H 72 8.96 62.66 15.62
CA SER H 72 10.04 63.54 15.22
C SER H 72 11.30 62.75 14.91
N LEU H 73 11.96 63.11 13.82
CA LEU H 73 13.28 62.60 13.48
C LEU H 73 14.33 63.67 13.80
N THR H 74 15.42 63.25 14.43
CA THR H 74 16.45 64.16 14.90
C THR H 74 17.81 63.70 14.41
N ILE H 75 18.56 64.62 13.81
CA ILE H 75 19.91 64.36 13.33
C ILE H 75 20.86 65.22 14.15
N SER H 76 21.72 64.58 14.93
CA SER H 76 22.72 65.29 15.73
C SER H 76 24.01 65.42 14.94
N SER H 77 24.58 66.62 14.93
CA SER H 77 25.82 66.88 14.20
C SER H 77 25.68 66.52 12.73
N LEU H 78 25.06 67.40 11.95
CA LEU H 78 24.81 67.12 10.55
C LEU H 78 26.12 66.87 9.80
N ASP H 79 26.04 66.00 8.80
CA ASP H 79 27.16 65.68 7.93
C ASP H 79 26.83 66.12 6.50
N SER H 80 27.85 66.12 5.64
CA SER H 80 27.67 66.58 4.27
C SER H 80 26.66 65.71 3.52
N GLU H 81 26.65 64.41 3.80
CA GLU H 81 25.70 63.52 3.12
C GLU H 81 24.27 63.70 3.60
N ASP H 82 24.09 64.22 4.82
CA ASP H 82 22.76 64.33 5.40
C ASP H 82 21.88 65.36 4.68
N PHE H 83 22.44 66.15 3.77
CA PHE H 83 21.68 67.13 3.01
C PHE H 83 20.93 66.41 1.90
N ALA H 84 19.65 66.14 2.11
CA ALA H 84 18.86 65.39 1.14
C ALA H 84 17.39 65.48 1.53
N ASP H 85 16.55 64.69 0.86
CA ASP H 85 15.12 64.63 1.12
C ASP H 85 14.83 63.62 2.24
N TYR H 86 13.75 63.88 2.98
CA TYR H 86 13.34 63.01 4.08
C TYR H 86 11.82 62.94 4.14
N TYR H 87 11.29 61.73 4.28
CA TYR H 87 9.85 61.49 4.31
C TYR H 87 9.50 60.60 5.50
N CYS H 88 8.29 60.80 6.04
CA CYS H 88 7.73 59.90 7.04
C CYS H 88 6.60 59.08 6.40
N VAL H 89 6.39 57.88 6.93
CA VAL H 89 5.40 56.96 6.40
C VAL H 89 4.76 56.20 7.55
N GLN H 90 3.43 56.24 7.62
CA GLN H 90 2.69 55.48 8.62
C GLN H 90 2.21 54.16 8.02
N TYR H 91 2.25 53.11 8.85
CA TYR H 91 1.68 51.82 8.48
C TYR H 91 0.77 51.29 9.58
N ALA H 92 0.18 52.20 10.36
CA ALA H 92 -0.82 51.79 11.34
C ALA H 92 -2.09 51.28 10.68
N GLN H 93 -2.43 51.83 9.52
CA GLN H 93 -3.64 51.46 8.80
C GLN H 93 -3.35 51.41 7.30
N LEU H 94 -4.15 50.62 6.60
CA LEU H 94 -4.12 50.61 5.15
C LEU H 94 -5.15 51.60 4.62
N PRO H 95 -4.80 52.36 3.56
CA PRO H 95 -3.53 52.34 2.83
C PRO H 95 -2.42 53.11 3.54
N TYR H 96 -1.17 52.69 3.34
CA TYR H 96 -0.05 53.46 3.85
C TYR H 96 -0.04 54.84 3.21
N THR H 97 0.34 55.85 3.98
CA THR H 97 0.38 57.22 3.49
C THR H 97 1.69 57.87 3.94
N PHE H 98 2.26 58.67 3.06
CA PHE H 98 3.54 59.32 3.30
C PHE H 98 3.34 60.78 3.68
N GLY H 99 4.45 61.43 4.04
CA GLY H 99 4.43 62.84 4.36
C GLY H 99 4.81 63.69 3.16
N GLY H 100 4.58 64.99 3.29
CA GLY H 100 4.88 65.91 2.21
C GLY H 100 6.34 65.88 1.79
N GLY H 101 7.23 65.67 2.74
CA GLY H 101 8.65 65.65 2.46
C GLY H 101 9.36 66.87 3.04
N THR H 102 10.68 66.70 3.23
CA THR H 102 11.50 67.77 3.78
C THR H 102 12.87 67.71 3.14
N LYS H 103 13.34 68.85 2.64
CA LYS H 103 14.63 68.94 1.95
C LYS H 103 15.61 69.73 2.82
N LEU H 104 16.73 69.11 3.14
CA LEU H 104 17.77 69.75 3.94
C LEU H 104 18.74 70.46 2.99
N GLU H 105 18.70 71.79 2.99
CA GLU H 105 19.52 72.60 2.11
C GLU H 105 20.68 73.21 2.89
N ILE H 106 21.77 73.47 2.18
CA ILE H 106 22.94 74.11 2.78
C ILE H 106 22.67 75.59 2.93
N LYS H 107 23.07 76.15 4.07
CA LYS H 107 22.89 77.57 4.35
C LYS H 107 24.17 78.34 4.04
N ARG H 108 24.00 79.61 3.70
CA ARG H 108 25.13 80.48 3.39
C ARG H 108 24.64 81.92 3.39
N ALA H 109 25.57 82.84 3.12
CA ALA H 109 25.22 84.25 3.02
C ALA H 109 24.44 84.53 1.74
N ASP H 110 23.58 85.53 1.81
CA ASP H 110 22.75 85.87 0.66
C ASP H 110 23.62 86.36 -0.50
N ALA H 111 23.06 86.29 -1.71
CA ALA H 111 23.78 86.67 -2.91
C ALA H 111 22.80 87.01 -4.01
N ALA H 112 23.03 88.14 -4.69
CA ALA H 112 22.17 88.56 -5.78
C ALA H 112 22.46 87.77 -7.04
N PRO H 113 21.50 87.69 -7.97
CA PRO H 113 21.70 86.91 -9.18
C PRO H 113 22.31 87.71 -10.33
N THR H 114 23.04 86.98 -11.18
CA THR H 114 23.67 87.58 -12.36
C THR H 114 22.75 87.36 -13.55
N VAL H 115 21.90 88.37 -13.81
CA VAL H 115 20.92 88.28 -14.89
C VAL H 115 21.62 88.45 -16.23
N SER H 116 21.11 87.74 -17.24
CA SER H 116 21.64 87.83 -18.59
C SER H 116 20.53 87.48 -19.57
N ILE H 117 20.17 88.43 -20.43
CA ILE H 117 19.10 88.24 -21.41
C ILE H 117 19.73 87.95 -22.76
N PHE H 118 19.01 87.16 -23.57
CA PHE H 118 19.51 86.73 -24.88
C PHE H 118 18.40 86.76 -25.93
N PRO H 119 18.52 87.56 -26.98
CA PRO H 119 17.48 87.58 -28.02
C PRO H 119 17.47 86.30 -28.84
N PRO H 120 16.47 86.12 -29.70
CA PRO H 120 16.42 84.91 -30.52
C PRO H 120 17.66 84.77 -31.40
N SER H 121 17.88 83.55 -31.86
CA SER H 121 19.00 83.25 -32.74
C SER H 121 18.61 83.44 -34.20
N SER H 122 19.63 83.55 -35.06
CA SER H 122 19.38 83.66 -36.49
C SER H 122 18.74 82.38 -37.03
N GLU H 123 19.22 81.22 -36.58
CA GLU H 123 18.67 79.95 -37.05
C GLU H 123 17.21 79.81 -36.65
N GLN H 124 16.87 80.18 -35.42
CA GLN H 124 15.51 80.01 -34.94
C GLN H 124 14.55 80.96 -35.65
N LEU H 125 14.95 82.22 -35.82
CA LEU H 125 14.08 83.19 -36.48
C LEU H 125 13.77 82.78 -37.91
N THR H 126 14.75 82.23 -38.61
CA THR H 126 14.53 81.74 -39.97
C THR H 126 13.66 80.48 -40.00
N SER H 127 13.44 79.85 -38.85
CA SER H 127 12.59 78.67 -38.77
C SER H 127 11.12 79.03 -38.57
N GLY H 128 10.84 80.18 -37.99
CA GLY H 128 9.47 80.63 -37.80
C GLY H 128 9.10 80.79 -36.33
N GLY H 129 10.11 80.82 -35.45
CA GLY H 129 9.87 80.97 -34.04
C GLY H 129 10.86 81.96 -33.43
N ALA H 130 10.55 82.39 -32.22
CA ALA H 130 11.37 83.37 -31.51
C ALA H 130 11.32 83.08 -30.02
N SER H 131 12.48 82.77 -29.43
CA SER H 131 12.59 82.45 -28.01
C SER H 131 13.59 83.38 -27.36
N VAL H 132 13.16 84.07 -26.31
CA VAL H 132 14.03 84.93 -25.51
C VAL H 132 14.38 84.20 -24.22
N VAL H 133 15.66 84.18 -23.87
CA VAL H 133 16.16 83.46 -22.71
C VAL H 133 16.72 84.45 -21.70
N CYS H 134 16.48 84.19 -20.42
CA CYS H 134 16.91 85.07 -19.34
C CYS H 134 17.47 84.18 -18.23
N PHE H 135 18.80 84.15 -18.09
CA PHE H 135 19.46 83.32 -17.10
C PHE H 135 19.69 84.09 -15.81
N LEU H 136 19.36 83.47 -14.68
CA LEU H 136 19.51 84.06 -13.36
C LEU H 136 20.39 83.12 -12.53
N ASN H 137 21.71 83.34 -12.58
CA ASN H 137 22.67 82.42 -11.98
C ASN H 137 23.10 82.86 -10.59
N ASN H 138 23.60 81.88 -9.83
CA ASN H 138 24.33 82.10 -8.59
C ASN H 138 23.63 83.08 -7.66
N PHE H 139 22.63 82.60 -6.92
CA PHE H 139 21.93 83.43 -5.96
C PHE H 139 21.51 82.59 -4.77
N TYR H 140 21.20 83.28 -3.67
CA TYR H 140 20.71 82.64 -2.45
C TYR H 140 19.96 83.68 -1.63
N PRO H 141 18.81 83.30 -1.02
CA PRO H 141 18.16 81.98 -1.02
C PRO H 141 17.51 81.61 -2.34
N LYS H 142 16.82 80.47 -2.36
CA LYS H 142 16.23 79.96 -3.59
C LYS H 142 15.01 80.76 -4.01
N ASP H 143 14.32 81.39 -3.06
CA ASP H 143 13.10 82.12 -3.37
C ASP H 143 13.38 83.26 -4.33
N ILE H 144 12.77 83.22 -5.52
CA ILE H 144 13.00 84.23 -6.54
C ILE H 144 11.79 84.25 -7.47
N ASN H 145 11.57 85.39 -8.13
CA ASN H 145 10.42 85.59 -9.00
C ASN H 145 10.86 86.33 -10.26
N VAL H 146 10.44 85.82 -11.42
CA VAL H 146 10.78 86.42 -12.71
C VAL H 146 9.50 86.99 -13.32
N LYS H 147 9.66 88.03 -14.14
CA LYS H 147 8.52 88.68 -14.78
C LYS H 147 8.97 89.19 -16.14
N TRP H 148 8.34 88.68 -17.20
CA TRP H 148 8.62 89.12 -18.56
C TRP H 148 7.77 90.34 -18.91
N LYS H 149 8.29 91.16 -19.81
CA LYS H 149 7.58 92.36 -20.25
C LYS H 149 7.86 92.60 -21.73
N ILE H 150 6.79 92.87 -22.48
CA ILE H 150 6.87 93.22 -23.89
C ILE H 150 6.33 94.63 -24.04
N ASP H 151 7.17 95.54 -24.52
CA ASP H 151 6.80 96.96 -24.63
C ASP H 151 6.32 97.49 -23.27
N GLY H 152 7.00 97.05 -22.22
CA GLY H 152 6.72 97.51 -20.87
C GLY H 152 5.59 96.80 -20.17
N SER H 153 4.73 96.08 -20.89
CA SER H 153 3.58 95.42 -20.31
C SER H 153 3.89 93.96 -20.01
N GLU H 154 3.32 93.45 -18.92
CA GLU H 154 3.62 92.10 -18.47
C GLU H 154 3.10 91.07 -19.47
N ARG H 155 3.83 89.96 -19.57
CA ARG H 155 3.44 88.84 -20.42
C ARG H 155 3.64 87.55 -19.64
N GLN H 156 2.61 86.72 -19.60
CA GLN H 156 2.63 85.48 -18.83
C GLN H 156 2.43 84.23 -19.66
N ASN H 157 1.85 84.34 -20.85
CA ASN H 157 1.52 83.18 -21.68
C ASN H 157 2.72 82.81 -22.53
N GLY H 158 3.19 81.57 -22.39
CA GLY H 158 4.31 81.08 -23.15
C GLY H 158 5.66 81.16 -22.46
N VAL H 159 5.69 80.99 -21.14
CA VAL H 159 6.92 81.08 -20.36
C VAL H 159 7.20 79.71 -19.75
N LEU H 160 8.45 79.26 -19.87
CA LEU H 160 8.89 77.97 -19.32
C LEU H 160 10.11 78.21 -18.45
N ASN H 161 9.95 78.05 -17.14
CA ASN H 161 11.03 78.22 -16.18
C ASN H 161 11.68 76.88 -15.85
N SER H 162 12.90 76.94 -15.34
CA SER H 162 13.63 75.74 -14.96
C SER H 162 14.71 76.11 -13.97
N TRP H 163 14.63 75.54 -12.77
CA TRP H 163 15.57 75.82 -11.69
C TRP H 163 16.57 74.68 -11.56
N THR H 164 17.66 74.96 -10.86
CA THR H 164 18.71 73.97 -10.59
C THR H 164 18.74 73.64 -9.11
N ASP H 165 19.17 72.42 -8.80
CA ASP H 165 19.43 72.05 -7.43
C ASP H 165 20.62 72.83 -6.89
N GLN H 166 20.71 72.92 -5.57
CA GLN H 166 21.77 73.70 -4.94
C GLN H 166 23.12 73.23 -5.42
N ASP H 167 23.84 74.14 -6.09
CA ASP H 167 25.16 73.80 -6.62
C ASP H 167 26.08 73.34 -5.49
N SER H 168 27.06 72.52 -5.86
CA SER H 168 27.89 71.81 -4.89
C SER H 168 28.81 72.73 -4.10
N LYS H 169 29.81 73.31 -4.77
CA LYS H 169 30.93 73.94 -4.08
C LYS H 169 30.73 75.43 -3.82
N ASP H 170 29.60 76.00 -4.22
CA ASP H 170 29.25 77.36 -3.84
C ASP H 170 27.90 77.47 -3.17
N SER H 171 27.08 76.43 -3.21
CA SER H 171 25.81 76.39 -2.49
C SER H 171 24.88 77.51 -2.97
N THR H 172 24.83 77.72 -4.28
CA THR H 172 23.95 78.70 -4.88
C THR H 172 22.99 78.02 -5.85
N TYR H 173 21.90 78.71 -6.15
CA TYR H 173 20.89 78.23 -7.08
C TYR H 173 20.94 79.03 -8.38
N SER H 174 20.25 78.53 -9.39
CA SER H 174 20.20 79.18 -10.69
C SER H 174 18.84 78.91 -11.33
N MET H 175 18.51 79.69 -12.35
CA MET H 175 17.21 79.62 -12.98
C MET H 175 17.33 79.97 -14.46
N SER H 176 16.37 79.48 -15.25
CA SER H 176 16.36 79.69 -16.69
C SER H 176 14.92 79.90 -17.15
N SER H 177 14.59 81.14 -17.50
CA SER H 177 13.27 81.49 -18.01
C SER H 177 13.33 81.65 -19.52
N THR H 178 12.32 81.12 -20.21
CA THR H 178 12.30 81.11 -21.68
C THR H 178 10.93 81.55 -22.16
N LEU H 179 10.86 82.73 -22.76
CA LEU H 179 9.63 83.23 -23.39
C LEU H 179 9.65 82.86 -24.86
N THR H 180 8.63 82.14 -25.31
CA THR H 180 8.55 81.65 -26.68
C THR H 180 7.35 82.28 -27.38
N LEU H 181 7.63 82.94 -28.50
CA LEU H 181 6.61 83.55 -29.35
C LEU H 181 6.77 83.05 -30.77
N THR H 182 5.83 83.44 -31.63
CA THR H 182 5.99 83.20 -33.06
C THR H 182 6.85 84.31 -33.67
N LYS H 183 7.45 84.00 -34.81
CA LYS H 183 8.26 85.01 -35.50
C LYS H 183 7.43 86.24 -35.82
N ASP H 184 6.18 86.05 -36.22
CA ASP H 184 5.31 87.18 -36.52
C ASP H 184 5.04 88.01 -35.26
N GLU H 185 4.62 87.34 -34.19
CA GLU H 185 4.28 88.05 -32.96
C GLU H 185 5.51 88.69 -32.32
N TYR H 186 6.70 88.12 -32.55
CA TYR H 186 7.91 88.68 -31.99
C TYR H 186 8.26 90.02 -32.62
N GLU H 187 7.85 90.23 -33.87
CA GLU H 187 8.19 91.45 -34.60
C GLU H 187 7.13 92.54 -34.46
N ARG H 188 5.97 92.23 -33.87
CA ARG H 188 4.98 93.26 -33.58
C ARG H 188 5.44 94.23 -32.52
N HIS H 189 6.47 93.86 -31.74
CA HIS H 189 6.94 94.66 -30.62
C HIS H 189 8.44 94.87 -30.74
N ASN H 190 8.95 95.82 -29.96
CA ASN H 190 10.35 96.23 -30.04
C ASN H 190 11.13 95.95 -28.76
N SER H 191 10.57 96.23 -27.59
CA SER H 191 11.26 96.10 -26.32
C SER H 191 10.93 94.78 -25.64
N TYR H 192 11.95 94.17 -25.03
CA TYR H 192 11.79 92.92 -24.29
C TYR H 192 12.60 92.98 -23.01
N THR H 193 12.01 92.50 -21.91
CA THR H 193 12.60 92.67 -20.60
C THR H 193 12.24 91.50 -19.70
N CYS H 194 13.14 91.17 -18.76
CA CYS H 194 12.86 90.22 -17.70
C CYS H 194 13.32 90.83 -16.38
N GLU H 195 12.38 90.97 -15.44
CA GLU H 195 12.65 91.56 -14.13
C GLU H 195 12.80 90.46 -13.08
N ALA H 196 13.83 90.58 -12.26
CA ALA H 196 14.12 89.60 -11.21
C ALA H 196 13.87 90.24 -9.85
N THR H 197 13.17 89.50 -8.97
CA THR H 197 12.85 89.97 -7.63
C THR H 197 13.42 89.00 -6.62
N HIS H 198 14.34 89.50 -5.79
CA HIS H 198 14.99 88.71 -4.75
C HIS H 198 15.02 89.51 -3.46
N LYS H 199 15.14 88.82 -2.33
CA LYS H 199 15.22 89.51 -1.06
C LYS H 199 16.45 90.38 -0.96
N THR H 200 17.44 90.16 -1.83
CA THR H 200 18.66 90.97 -1.80
C THR H 200 18.35 92.44 -2.03
N SER H 201 17.69 92.75 -3.15
CA SER H 201 17.41 94.12 -3.55
C SER H 201 15.92 94.39 -3.49
N THR H 202 15.53 95.46 -2.80
CA THR H 202 14.13 95.86 -2.78
C THR H 202 13.64 96.20 -4.17
N SER H 203 14.48 96.87 -4.96
CA SER H 203 14.12 97.19 -6.34
C SER H 203 14.52 96.04 -7.26
N PRO H 204 13.66 95.63 -8.19
CA PRO H 204 13.98 94.45 -9.01
C PRO H 204 15.11 94.73 -9.99
N ILE H 205 15.97 93.73 -10.18
CA ILE H 205 17.02 93.80 -11.19
C ILE H 205 16.38 93.61 -12.56
N VAL H 206 16.79 94.45 -13.52
CA VAL H 206 16.18 94.48 -14.83
C VAL H 206 17.27 94.40 -15.89
N LYS H 207 16.98 93.68 -16.98
CA LYS H 207 17.84 93.64 -18.16
C LYS H 207 16.95 93.52 -19.39
N SER H 208 17.17 94.40 -20.37
CA SER H 208 16.32 94.49 -21.55
C SER H 208 17.18 94.58 -22.82
N PHE H 209 16.49 94.62 -23.95
CA PHE H 209 17.11 94.84 -25.24
C PHE H 209 16.02 95.28 -26.21
N ASN H 210 16.43 95.87 -27.34
CA ASN H 210 15.50 96.37 -28.33
C ASN H 210 15.71 95.65 -29.66
N ARG H 211 14.62 95.17 -30.24
CA ARG H 211 14.68 94.55 -31.56
C ARG H 211 14.97 95.60 -32.63
N ASN H 212 15.50 95.14 -33.76
CA ASN H 212 15.92 96.03 -34.85
C ASN H 212 16.92 97.07 -34.34
N GLU H 213 17.80 96.66 -33.43
CA GLU H 213 18.73 97.57 -32.81
C GLU H 213 19.84 96.79 -32.13
N CYS H 214 21.04 97.37 -32.11
CA CYS H 214 22.15 96.84 -31.32
C CYS H 214 22.78 98.00 -30.54
N ALA I 1 -8.36 19.26 8.85
CA ALA I 1 -9.64 18.58 8.95
C ALA I 1 -10.19 18.70 10.36
N GLY I 2 -9.66 17.88 11.28
CA GLY I 2 -10.09 17.97 12.66
C GLY I 2 -11.35 17.18 12.92
N ASP I 3 -12.29 17.80 13.63
CA ASP I 3 -13.49 17.12 14.10
C ASP I 3 -14.56 17.15 13.00
N VAL I 4 -14.37 16.29 12.01
CA VAL I 4 -15.31 16.18 10.90
C VAL I 4 -15.46 14.71 10.48
N ALA J 1 -2.12 -14.14 -4.31
CA ALA J 1 -2.64 -12.79 -4.11
C ALA J 1 -3.95 -12.61 -4.88
N GLY J 2 -4.05 -11.54 -5.65
CA GLY J 2 -5.28 -11.24 -6.37
C GLY J 2 -5.69 -9.79 -6.18
N ASP J 3 -6.99 -9.55 -6.07
CA ASP J 3 -7.53 -8.20 -5.94
C ASP J 3 -7.39 -7.74 -4.49
N VAL J 4 -6.15 -7.54 -4.07
CA VAL J 4 -5.84 -7.09 -2.72
C VAL J 4 -4.59 -6.22 -2.72
C1 NAG K . -2.49 -2.87 13.30
C2 NAG K . -1.72 -1.86 12.44
C3 NAG K . -1.20 -2.52 11.17
C4 NAG K . -0.44 -3.79 11.46
C5 NAG K . -1.26 -4.72 12.34
C6 NAG K . -0.51 -5.95 12.80
C7 NAG K . -3.09 0.10 13.01
C8 NAG K . -3.90 1.24 12.47
N2 NAG K . -2.54 -0.71 12.11
O3 NAG K . -0.35 -1.59 10.49
O4 NAG K . -0.16 -4.47 10.23
O5 NAG K . -1.67 -4.02 13.53
O6 NAG K . 0.86 -5.64 13.03
O7 NAG K . -2.94 -0.07 14.22
H1 NAG K . -3.30 -3.15 12.83
H2 NAG K . -0.94 -1.55 12.96
H3 NAG K . -1.95 -2.72 10.59
H4 NAG K . 0.41 -3.58 11.92
H5 NAG K . -2.05 -5.00 11.84
H61 NAG K . -0.90 -6.26 13.63
H62 NAG K . -0.58 -6.63 12.13
H81 NAG K . -4.25 1.77 13.21
H82 NAG K . -3.33 1.80 11.91
H83 NAG K . -4.64 0.89 11.94
HN2 NAG K . -2.68 -0.53 11.23
HO3 NAG K . -0.10 -1.93 9.71
HO6 NAG K . 1.07 -5.81 13.88
C1 NAG K . 1.25 -4.48 9.92
C2 NAG K . 1.47 -5.49 8.80
C3 NAG K . 2.94 -5.55 8.43
C4 NAG K . 3.47 -4.15 8.12
C5 NAG K . 3.10 -3.15 9.20
C6 NAG K . 3.41 -1.72 8.81
C7 NAG K . -0.26 -7.22 9.00
C8 NAG K . -0.57 -8.61 9.44
N2 NAG K . 0.99 -6.81 9.19
O3 NAG K . 3.13 -6.40 7.31
O4 NAG K . 4.89 -4.21 8.02
O5 NAG K . 1.69 -3.20 9.49
O6 NAG K . 2.69 -1.33 7.65
O7 NAG K . -1.11 -6.50 8.49
H1 NAG K . 1.75 -4.75 10.71
H2 NAG K . 0.98 -5.20 8.02
H3 NAG K . 3.45 -5.91 9.19
H4 NAG K . 3.10 -3.85 7.27
H5 NAG K . 3.60 -3.36 10.03
H61 NAG K . 3.17 -1.12 9.55
H62 NAG K . 4.36 -1.64 8.63
H81 NAG K . -0.41 -8.69 10.41
H82 NAG K . -1.51 -8.81 9.27
H83 NAG K . -0.01 -9.25 8.97
HN2 NAG K . 1.59 -7.39 9.57
HO3 NAG K . 3.85 -6.89 7.43
HO6 NAG K . 1.87 -1.69 7.68
C1 BMA K . 5.33 -4.43 6.65
C2 BMA K . 6.73 -3.86 6.52
C3 BMA K . 7.09 -3.89 5.05
C4 BMA K . 6.90 -5.29 4.43
C5 BMA K . 5.56 -5.97 4.87
C6 BMA K . 5.56 -7.45 4.51
O2 BMA K . 7.68 -4.67 7.18
O3 BMA K . 8.43 -3.47 4.82
O4 BMA K . 6.92 -5.19 3.02
O5 BMA K . 5.35 -5.80 6.29
O6 BMA K . 4.80 -8.19 5.45
H1 BMA K . 4.64 -3.88 5.97
H2 BMA K . 6.74 -2.83 6.90
H3 BMA K . 6.45 -3.19 4.49
H4 BMA K . 7.72 -5.93 4.79
H5 BMA K . 4.72 -5.49 4.32
H61 BMA K . 5.14 -7.56 3.49
H62 BMA K . 6.60 -7.78 4.48
HO2 BMA K . 7.25 -5.53 7.32
HO4 BMA K . 7.48 -4.42 2.82
C1 MAN K . 8.56 -2.09 4.39
C2 MAN K . 9.82 -2.03 3.53
C3 MAN K . 11.05 -2.26 4.43
C4 MAN K . 11.04 -1.30 5.61
C5 MAN K . 9.72 -1.45 6.40
C6 MAN K . 9.60 -0.46 7.55
O2 MAN K . 10.00 -0.73 2.97
O3 MAN K . 12.26 -2.13 3.70
O4 MAN K . 12.13 -1.58 6.47
O5 MAN K . 8.62 -1.22 5.51
O6 MAN K . 10.07 0.81 7.10
H1 MAN K . 7.66 -1.78 3.82
H2 MAN K . 9.78 -2.80 2.76
H3 MAN K . 11.02 -3.28 4.81
H4 MAN K . 11.09 -0.26 5.23
H5 MAN K . 9.67 -2.46 6.82
H61 MAN K . 8.55 -0.41 7.86
H62 MAN K . 10.19 -0.85 8.39
HO2 MAN K . 10.94 -0.59 2.79
HO3 MAN K . 12.89 -2.69 4.17
HO4 MAN K . 12.88 -1.11 6.07
HO6 MAN K . 9.51 1.10 6.39
C1 MAN K . 4.45 -9.45 4.80
C2 MAN K . 3.00 -9.27 4.24
C3 MAN K . 1.97 -9.40 5.35
C4 MAN K . 2.19 -10.69 6.14
C5 MAN K . 3.59 -10.69 6.75
C6 MAN K . 3.90 -11.96 7.50
O2 MAN K . 2.69 -10.31 3.31
O3 MAN K . 0.63 -9.34 4.84
O4 MAN K . 1.23 -10.80 7.17
O5 MAN K . 4.57 -10.56 5.70
O6 MAN K . 5.30 -12.25 7.33
H1 MAN K . 5.16 -9.66 3.98
H2 MAN K . 2.92 -8.29 3.76
H3 MAN K . 2.08 -8.55 6.03
H4 MAN K . 2.11 -11.53 5.44
H5 MAN K . 3.68 -9.84 7.44
H61 MAN K . 3.28 -12.78 7.09
H62 MAN K . 3.64 -11.81 8.55
HO2 MAN K . 3.27 -11.07 3.47
HO3 MAN K . 0.09 -9.77 5.52
HO4 MAN K . 0.66 -11.54 6.92
HO6 MAN K . 5.76 -11.40 7.28
C1 NAG L . -3.86 -35.21 31.18
C2 NAG L . -3.75 -36.04 32.46
C3 NAG L . -2.44 -36.83 32.48
C4 NAG L . -2.23 -37.58 31.18
C5 NAG L . -2.41 -36.66 29.99
C6 NAG L . -2.35 -37.38 28.66
C7 NAG L . -4.99 -34.66 34.07
C8 NAG L . -4.89 -33.79 35.30
N2 NAG L . -3.84 -35.17 33.63
O3 NAG L . -2.49 -37.75 33.57
O4 NAG L . -0.90 -38.10 31.14
O5 NAG L . -3.70 -36.04 30.06
O6 NAG L . -2.05 -36.49 27.60
O7 NAG L . -6.06 -34.89 33.53
H1 NAG L . -3.16 -34.53 31.17
H2 NAG L . -4.50 -36.66 32.48
H3 NAG L . -1.70 -36.21 32.63
H4 NAG L . -2.87 -38.33 31.12
H5 NAG L . -1.72 -35.97 30.01
H61 NAG L . -1.67 -38.07 28.69
H62 NAG L . -3.22 -37.79 28.48
H81 NAG L . -4.53 -34.31 36.04
H82 NAG L . -4.31 -33.03 35.11
H83 NAG L . -5.78 -33.46 35.53
HN2 NAG L . -3.07 -34.97 34.08
HO3 NAG L . -1.71 -38.17 33.63
HO6 NAG L . -2.02 -36.93 26.83
C1 NAG L . -0.91 -39.53 31.31
C2 NAG L . 0.51 -40.02 31.09
C3 NAG L . 0.59 -41.53 31.32
C4 NAG L . 0.03 -41.89 32.69
C5 NAG L . -1.36 -41.30 32.87
C6 NAG L . -1.91 -41.49 34.26
C7 NAG L . 1.85 -38.69 29.51
C8 NAG L . 2.22 -38.49 28.07
N2 NAG L . 0.98 -39.68 29.75
O3 NAG L . 1.94 -41.95 31.22
O4 NAG L . -0.02 -43.30 32.83
O5 NAG L . -1.33 -39.88 32.63
O6 NAG L . -2.59 -42.74 34.39
O7 NAG L . 2.33 -38.01 30.40
H1 NAG L . -1.50 -39.93 30.66
H2 NAG L . 1.10 -39.59 31.74
H3 NAG L . 0.06 -41.98 30.63
H4 NAG L . 0.62 -41.52 33.38
H5 NAG L . -1.97 -41.72 32.23
H61 NAG L . -1.17 -41.47 34.90
H62 NAG L . -2.53 -40.77 34.46
H81 NAG L . 1.41 -38.27 27.56
H82 NAG L . 2.86 -37.75 28.00
H83 NAG L . 2.62 -39.31 27.71
HN2 NAG L . 0.66 -40.16 29.05
HO3 NAG L . 2.06 -42.69 31.69
HO4 NAG L . -0.17 -43.51 33.68
HO6 NAG L . -2.89 -42.84 35.21
C1 NAG M . 11.00 -0.56 -18.02
C2 NAG M . 11.22 -1.89 -17.31
C3 NAG M . 12.62 -1.95 -16.70
C4 NAG M . 13.68 -1.57 -17.74
C5 NAG M . 13.32 -0.26 -18.42
C6 NAG M . 14.24 0.09 -19.56
C7 NAG M . 9.50 -3.19 -16.12
C8 NAG M . 8.50 -3.18 -14.99
N2 NAG M . 10.21 -2.06 -16.27
O3 NAG M . 12.86 -3.28 -16.24
O4 NAG M . 14.96 -1.38 -17.13
O5 NAG M . 12.00 -0.36 -18.98
O6 NAG M . 14.16 -0.87 -20.59
O7 NAG M . 9.64 -4.16 -16.84
H1 NAG M . 11.04 0.16 -17.36
H2 NAG M . 11.13 -2.60 -17.95
H3 NAG M . 12.67 -1.34 -15.95
H4 NAG M . 13.74 -2.28 -18.41
H5 NAG M . 13.33 0.46 -17.75
H61 NAG M . 14.00 0.97 -19.91
H62 NAG M . 15.15 0.12 -19.23
H81 NAG M . 8.97 -3.04 -14.14
H82 NAG M . 7.86 -2.47 -15.13
H83 NAG M . 8.04 -4.05 -14.96
HN2 NAG M . 10.05 -1.38 -15.69
HO3 NAG M . 13.55 -3.28 -15.70
HO6 NAG M . 13.30 -1.08 -20.73
C1 NAG M . 15.88 -2.29 -17.76
C2 NAG M . 17.31 -1.98 -17.32
C3 NAG M . 18.27 -3.01 -17.89
C4 NAG M . 17.80 -4.42 -17.56
C5 NAG M . 16.35 -4.62 -17.97
C6 NAG M . 15.78 -5.94 -17.51
C7 NAG M . 17.99 0.35 -16.90
C8 NAG M . 18.40 1.66 -17.51
N2 NAG M . 17.70 -0.64 -17.75
O3 NAG M . 19.56 -2.80 -17.34
O4 NAG M . 18.63 -5.35 -18.25
O5 NAG M . 15.54 -3.61 -17.37
O6 NAG M . 15.69 -5.96 -16.09
O7 NAG M . 17.94 0.19 -15.68
H1 NAG M . 15.81 -2.21 -18.73
H2 NAG M . 17.35 -2.02 -16.35
H3 NAG M . 18.31 -2.90 -18.86
H4 NAG M . 17.89 -4.56 -16.60
H5 NAG M . 16.28 -4.56 -18.95
H61 NAG M . 14.90 -6.06 -17.89
H62 NAG M . 16.38 -6.66 -17.80
H81 NAG M . 17.67 1.99 -18.07
H82 NAG M . 18.58 2.30 -16.82
H83 NAG M . 19.19 1.52 -18.06
HN2 NAG M . 17.76 -0.47 -18.64
HO3 NAG M . 19.65 -3.29 -16.60
HO6 NAG M . 15.34 -6.74 -15.83
C1 BMA M . 19.77 -5.77 -17.47
C2 BMA M . 20.07 -7.23 -17.86
C3 BMA M . 21.19 -7.74 -16.99
C4 BMA M . 22.41 -6.80 -17.02
C5 BMA M . 22.00 -5.31 -16.78
C6 BMA M . 23.15 -4.35 -16.99
O2 BMA M . 20.51 -7.33 -19.21
O3 BMA M . 21.58 -9.08 -17.34
O4 BMA M . 23.33 -7.18 -16.01
O5 BMA M . 20.92 -4.96 -17.67
O6 BMA M . 22.84 -3.14 -16.31
H1 BMA M . 19.49 -5.74 -16.40
H2 BMA M . 19.16 -7.84 -17.71
H3 BMA M . 20.85 -7.80 -15.94
H4 BMA M . 22.87 -6.86 -18.02
H5 BMA M . 21.66 -5.20 -15.73
H61 BMA M . 24.07 -4.82 -16.61
H62 BMA M . 23.27 -4.21 -18.08
HO2 BMA M . 21.13 -6.59 -19.34
HO4 BMA M . 23.49 -8.12 -16.15
HO6 BMA M . 22.01 -2.80 -16.67
C1 MAN M . 20.64 -10.07 -16.85
C2 MAN M . 21.42 -11.42 -16.75
C3 MAN M . 21.69 -11.95 -18.15
C4 MAN M . 20.40 -12.03 -18.96
C5 MAN M . 19.73 -10.65 -19.02
C6 MAN M . 18.39 -10.68 -19.73
O2 MAN M . 20.63 -12.41 -16.10
O3 MAN M . 22.33 -13.22 -18.11
O4 MAN M . 20.67 -12.49 -20.27
O5 MAN M . 19.50 -10.16 -17.69
O6 MAN M . 17.84 -9.37 -19.68
H1 MAN M . 20.25 -9.78 -15.87
H2 MAN M . 22.36 -11.24 -16.23
H3 MAN M . 22.37 -11.27 -18.67
H4 MAN M . 19.70 -12.72 -18.44
H5 MAN M . 20.39 -9.96 -19.57
H61 MAN M . 18.55 -11.01 -20.78
H62 MAN M . 17.75 -11.42 -19.23
HO2 MAN M . 20.86 -13.27 -16.46
HO3 MAN M . 22.13 -13.63 -18.97
HO4 MAN M . 19.95 -13.08 -20.50
HO6 MAN M . 17.70 -9.15 -18.75
C1 NAG N . 19.21 27.60 -38.04
C2 NAG N . 18.92 28.80 -38.92
C3 NAG N . 19.93 28.89 -40.08
C4 NAG N . 21.36 28.75 -39.56
C5 NAG N . 21.46 27.48 -38.74
C6 NAG N . 22.84 27.25 -38.16
C7 NAG N . 16.74 29.77 -39.45
C8 NAG N . 15.36 29.50 -39.99
N2 NAG N . 17.57 28.73 -39.43
O3 NAG N . 19.77 30.17 -40.68
O4 NAG N . 22.27 28.68 -40.64
O5 NAG N . 20.56 27.60 -37.63
O6 NAG N . 23.39 28.45 -37.65
O7 NAG N . 17.08 30.88 -39.04
H1 NAG N . 19.02 26.77 -38.54
H2 NAG N . 19.01 29.61 -38.38
H3 NAG N . 19.74 28.19 -40.72
H4 NAG N . 21.57 29.51 -39.00
H5 NAG N . 21.21 26.71 -39.28
H61 NAG N . 22.78 26.59 -37.44
H62 NAG N . 23.42 26.90 -38.86
H81 NAG N . 15.43 29.20 -40.92
H82 NAG N . 14.93 28.81 -39.45
H83 NAG N . 14.84 30.33 -39.96
HN2 NAG N . 17.26 27.93 -39.74
HO3 NAG N . 19.73 30.08 -41.57
HO6 NAG N . 23.79 28.90 -38.31
C1 NAG N . 22.88 29.96 -40.78
C2 NAG N . 24.01 29.76 -41.79
C3 NAG N . 24.66 31.10 -42.16
C4 NAG N . 23.60 32.11 -42.55
C5 NAG N . 22.55 32.21 -41.46
C6 NAG N . 21.42 33.17 -41.78
C7 NAG N . 25.26 27.64 -41.73
C8 NAG N . 26.31 26.84 -41.02
N2 NAG N . 25.01 28.85 -41.23
O3 NAG N . 25.56 30.88 -43.24
O4 NAG N . 24.20 33.38 -42.77
O5 NAG N . 21.96 30.92 -41.27
O6 NAG N . 20.30 32.96 -40.95
O7 NAG N . 24.67 27.20 -42.72
H1 NAG N . 23.25 30.26 -39.92
H2 NAG N . 23.64 29.36 -42.59
H3 NAG N . 25.15 31.43 -41.38
H4 NAG N . 23.17 31.83 -43.38
H5 NAG N . 22.98 32.49 -40.63
H61 NAG N . 21.74 34.09 -41.66
H62 NAG N . 21.16 33.05 -42.71
H81 NAG N . 26.04 26.71 -40.10
H82 NAG N . 26.42 25.98 -41.46
H83 NAG N . 27.15 27.33 -41.04
HN2 NAG N . 25.47 29.12 -40.49
HO3 NAG N . 25.79 31.66 -43.59
HO4 NAG N . 24.02 33.67 -43.59
HO6 NAG N . 20.47 32.28 -40.38
S SO4 O . 6.44 9.73 52.45
O1 SO4 O . 5.78 9.20 53.64
O2 SO4 O . 7.29 10.85 52.83
O3 SO4 O . 7.26 8.68 51.83
O4 SO4 O . 5.43 10.18 51.49
CA CA P . 26.83 15.73 10.22
CA CA Q . 29.00 4.80 19.47
CA CA R . 31.80 5.23 32.23
CA CA S . 31.67 16.96 39.97
MN MN T . -14.76 13.68 16.35
MN MN U . -18.79 10.66 11.58
MN MN V . -10.52 15.91 19.78
C1 NAG W . -8.19 -38.96 39.07
C2 NAG W . -9.69 -38.69 39.16
C3 NAG W . -10.50 -39.93 38.77
C4 NAG W . -10.03 -40.47 37.43
C5 NAG W . -8.53 -40.71 37.45
C6 NAG W . -7.96 -41.09 36.11
C7 NAG W . -11.07 -37.41 40.75
C8 NAG W . -11.29 -37.06 42.20
N2 NAG W . -10.05 -38.25 40.50
O3 NAG W . -11.87 -39.58 38.71
O4 NAG W . -10.69 -41.69 37.12
O5 NAG W . -7.87 -39.48 37.80
O6 NAG W . -6.97 -40.17 35.68
O7 NAG W . -11.76 -36.94 39.86
H1 NAG W . -7.93 -39.61 39.75
H2 NAG W . -9.91 -37.98 38.53
H3 NAG W . -10.36 -40.62 39.45
H4 NAG W . -10.24 -39.82 36.73
H5 NAG W . -8.31 -41.38 38.12
H61 NAG W . -7.55 -41.98 36.19
H62 NAG W . -8.67 -41.14 35.45
H81 NAG W . -10.49 -36.65 42.57
H82 NAG W . -12.04 -36.46 42.28
H83 NAG W . -11.49 -37.88 42.69
HN2 NAG W . -9.57 -38.57 41.21
HO3 NAG W . -11.97 -38.90 38.14
HO4 NAG W . -10.67 -41.84 36.25
HO6 NAG W . -6.35 -40.08 36.31
S SO4 X . -21.39 -19.79 -17.22
O1 SO4 X . -22.52 -19.65 -16.31
O2 SO4 X . -20.15 -19.53 -16.49
O3 SO4 X . -21.36 -21.15 -17.76
O4 SO4 X . -21.52 -18.84 -18.32
CL CL Y . -17.62 -16.82 -50.57
CA CA Z . 14.75 -34.25 -27.86
CA CA AA . 16.91 -25.15 -39.11
CA CA BA . 10.00 -24.31 -50.35
CA CA CA . -2.06 -30.58 -52.69
MN MN DA . -7.50 -4.32 -7.48
MN MN EA . -4.22 -1.37 -2.26
MN MN FA . -8.59 -8.11 -11.95
C1 NAG GA . 14.71 34.97 -42.12
C2 NAG GA . 14.12 36.06 -41.22
C3 NAG GA . 15.05 37.27 -41.16
C4 NAG GA . 16.46 36.83 -40.76
C5 NAG GA . 16.95 35.71 -41.67
C6 NAG GA . 18.27 35.13 -41.24
C7 NAG GA . 11.71 36.44 -40.93
C8 NAG GA . 10.44 36.92 -41.57
N2 NAG GA . 12.81 36.47 -41.70
O3 NAG GA . 14.55 38.21 -40.23
O4 NAG GA . 17.36 37.94 -40.85
O5 NAG GA . 16.01 34.63 -41.67
O6 NAG GA . 18.21 33.71 -41.18
O7 NAG GA . 11.74 36.06 -39.76
H1 NAG GA . 14.76 35.30 -43.04
H2 NAG GA . 14.03 35.70 -40.32
H3 NAG GA . 15.10 37.67 -42.05
H4 NAG GA . 16.44 36.51 -39.84
H5 NAG GA . 17.04 36.06 -42.59
H61 NAG GA . 18.97 35.40 -41.88
H62 NAG GA . 18.50 35.48 -40.35
H81 NAG GA . 10.24 36.36 -42.35
H82 NAG GA . 9.71 36.86 -40.93
H83 NAG GA . 10.55 37.85 -41.87
HN2 NAG GA . 12.73 36.77 -42.56
HO3 NAG GA . 15.04 38.96 -40.27
HO4 NAG GA . 18.13 37.71 -40.50
HO6 NAG GA . 18.27 33.44 -40.34
S SO4 HA . 0.90 55.55 21.71
O1 SO4 HA . 0.73 56.22 22.99
O2 SO4 HA . 0.74 54.10 21.89
O3 SO4 HA . 2.22 55.83 21.17
O4 SO4 HA . -0.12 56.02 20.77
#